data_1TTE
#
_entry.id   1TTE
#
_entity_poly.entity_id   1
_entity_poly.type   'polypeptide(L)'
_entity_poly.pdbx_seq_one_letter_code
;SSRAKRIMKEIQAVKDDPAAHITLEFVSESDIHHLKGTFLGPPGTPYEGGKFVVDIEVPMEYPFKPPKMQFDTKVYHPNI
SSVTGAICLDILRNAWSPVITLKSALISLQALLQSPEPNDPQDAEVAQHYLRDRESFNKTAALWTRLYASETSNGQKGNV
EESDLYGIDHDLIDEFESQGFEKDKIVEVLRRLGVKSLDPNDNNTANRIIEELLK
;
_entity_poly.pdbx_strand_id   A
#
# COMPACT_ATOMS: atom_id res chain seq x y z
N SER A 1 -7.11 26.87 -14.02
CA SER A 1 -8.47 27.15 -14.56
C SER A 1 -9.41 27.66 -13.45
N SER A 2 -10.59 28.11 -13.85
CA SER A 2 -11.57 28.61 -12.88
C SER A 2 -12.10 27.48 -12.00
N ARG A 3 -12.71 26.48 -12.64
CA ARG A 3 -13.26 25.35 -11.90
C ARG A 3 -12.15 24.56 -11.20
N ALA A 4 -10.97 24.54 -11.81
CA ALA A 4 -9.84 23.82 -11.25
C ALA A 4 -9.42 24.43 -9.91
N LYS A 5 -9.67 25.73 -9.76
CA LYS A 5 -9.32 26.43 -8.52
C LYS A 5 -9.97 25.78 -7.31
N ARG A 6 -11.14 25.16 -7.54
CA ARG A 6 -11.87 24.50 -6.46
C ARG A 6 -11.03 23.40 -5.82
N ILE A 7 -10.43 22.55 -6.65
CA ILE A 7 -9.60 21.46 -6.17
C ILE A 7 -8.21 21.96 -5.77
N MET A 8 -7.73 22.97 -6.48
CA MET A 8 -6.41 23.55 -6.20
C MET A 8 -6.33 24.04 -4.77
N LYS A 9 -7.42 24.65 -4.29
CA LYS A 9 -7.46 25.18 -2.93
C LYS A 9 -7.26 24.07 -1.92
N GLU A 10 -7.78 22.88 -2.22
CA GLU A 10 -7.66 21.74 -1.32
C GLU A 10 -6.22 21.22 -1.29
N ILE A 11 -5.55 21.29 -2.43
CA ILE A 11 -4.18 20.83 -2.54
C ILE A 11 -3.22 21.83 -1.88
N GLN A 12 -3.62 23.09 -1.86
CA GLN A 12 -2.79 24.14 -1.27
C GLN A 12 -2.51 23.85 0.20
N ALA A 13 -3.48 23.27 0.89
CA ALA A 13 -3.32 22.95 2.30
C ALA A 13 -2.18 21.98 2.51
N VAL A 14 -2.14 20.92 1.70
CA VAL A 14 -1.09 19.91 1.80
C VAL A 14 0.25 20.48 1.31
N LYS A 15 0.19 21.37 0.33
CA LYS A 15 1.39 21.97 -0.23
C LYS A 15 2.01 22.96 0.76
N ASP A 16 1.22 23.41 1.73
CA ASP A 16 1.70 24.35 2.73
C ASP A 16 2.79 23.73 3.60
N ASP A 17 3.99 23.66 3.07
CA ASP A 17 5.12 23.09 3.80
C ASP A 17 4.87 21.61 4.11
N PRO A 18 5.94 20.79 4.09
CA PRO A 18 5.84 19.35 4.38
C PRO A 18 5.16 19.08 5.72
N ALA A 19 3.83 19.01 5.72
CA ALA A 19 3.09 18.76 6.94
C ALA A 19 1.80 18.00 6.65
N ALA A 20 1.27 17.34 7.67
CA ALA A 20 0.04 16.55 7.55
C ALA A 20 0.29 15.19 6.90
N HIS A 21 1.53 14.96 6.45
CA HIS A 21 1.87 13.69 5.81
C HIS A 21 0.96 13.39 4.63
N ILE A 22 0.45 14.46 4.01
CA ILE A 22 -0.44 14.30 2.86
C ILE A 22 0.30 14.56 1.55
N THR A 23 -0.27 14.08 0.44
CA THR A 23 0.33 14.27 -0.87
C THR A 23 -0.74 14.40 -1.94
N LEU A 24 -0.58 15.40 -2.81
CA LEU A 24 -1.54 15.63 -3.89
C LEU A 24 -0.83 16.13 -5.14
N GLU A 25 -0.69 15.24 -6.12
CA GLU A 25 -0.04 15.59 -7.38
C GLU A 25 -0.95 15.31 -8.56
N PHE A 26 -1.38 16.37 -9.23
CA PHE A 26 -2.27 16.25 -10.38
C PHE A 26 -1.46 15.96 -11.65
N VAL A 27 -1.85 14.89 -12.36
CA VAL A 27 -1.17 14.51 -13.59
C VAL A 27 -2.03 14.82 -14.81
N SER A 28 -2.02 16.08 -15.24
CA SER A 28 -2.80 16.50 -16.40
C SER A 28 -2.32 17.87 -16.90
N GLU A 29 -2.56 18.13 -18.18
CA GLU A 29 -2.17 19.39 -18.79
C GLU A 29 -2.81 20.57 -18.06
N SER A 30 -2.78 21.74 -18.69
CA SER A 30 -3.35 22.95 -18.10
C SER A 30 -4.75 22.68 -17.56
N ASP A 31 -5.45 21.73 -18.18
CA ASP A 31 -6.80 21.37 -17.75
C ASP A 31 -6.77 20.19 -16.79
N ILE A 32 -6.41 20.46 -15.54
CA ILE A 32 -6.34 19.42 -14.52
C ILE A 32 -7.67 18.69 -14.38
N HIS A 33 -7.73 17.47 -14.89
CA HIS A 33 -8.95 16.66 -14.82
C HIS A 33 -8.73 15.41 -13.96
N HIS A 34 -7.53 14.86 -14.06
CA HIS A 34 -7.19 13.66 -13.30
C HIS A 34 -6.26 14.00 -12.13
N LEU A 35 -6.72 13.73 -10.91
CA LEU A 35 -5.94 14.00 -9.72
C LEU A 35 -5.37 12.72 -9.13
N LYS A 36 -4.25 12.85 -8.42
CA LYS A 36 -3.61 11.69 -7.80
C LYS A 36 -3.09 12.04 -6.41
N GLY A 37 -3.80 11.58 -5.38
CA GLY A 37 -3.40 11.86 -4.01
C GLY A 37 -2.73 10.66 -3.35
N THR A 38 -1.49 10.86 -2.91
CA THR A 38 -0.74 9.79 -2.25
C THR A 38 -0.47 10.14 -0.79
N PHE A 39 -0.05 9.13 -0.02
CA PHE A 39 0.25 9.34 1.39
C PHE A 39 1.41 8.47 1.83
N LEU A 40 2.44 9.09 2.41
CA LEU A 40 3.62 8.37 2.88
C LEU A 40 3.48 8.00 4.34
N GLY A 41 3.75 6.74 4.66
CA GLY A 41 3.64 6.27 6.04
C GLY A 41 4.63 5.16 6.35
N PRO A 42 5.15 5.10 7.58
CA PRO A 42 6.10 4.07 7.99
C PRO A 42 5.43 2.70 8.16
N PRO A 43 6.22 1.64 8.35
CA PRO A 43 5.70 0.28 8.51
C PRO A 43 5.04 0.08 9.87
N GLY A 44 4.92 -1.18 10.28
CA GLY A 44 4.30 -1.49 11.56
C GLY A 44 2.98 -2.22 11.38
N THR A 45 2.72 -2.66 10.14
CA THR A 45 1.49 -3.36 9.82
C THR A 45 1.48 -3.79 8.35
N PRO A 46 0.90 -4.97 8.05
CA PRO A 46 0.84 -5.48 6.68
C PRO A 46 -0.07 -4.65 5.76
N TYR A 47 -0.81 -3.71 6.35
CA TYR A 47 -1.71 -2.87 5.58
C TYR A 47 -1.10 -1.49 5.32
N GLU A 48 -0.07 -1.15 6.08
CA GLU A 48 0.59 0.14 5.93
C GLU A 48 2.10 0.01 6.06
N GLY A 49 2.84 0.72 5.21
CA GLY A 49 4.29 0.67 5.25
C GLY A 49 4.92 0.94 3.91
N GLY A 50 4.77 2.17 3.43
CA GLY A 50 5.35 2.53 2.14
C GLY A 50 4.63 3.70 1.49
N LYS A 51 4.32 3.56 0.21
CA LYS A 51 3.63 4.63 -0.53
C LYS A 51 2.34 4.09 -1.16
N PHE A 52 1.36 4.98 -1.33
CA PHE A 52 0.09 4.61 -1.92
C PHE A 52 -0.37 5.63 -2.96
N VAL A 53 -0.65 5.18 -4.17
CA VAL A 53 -1.09 6.06 -5.24
C VAL A 53 -2.55 5.81 -5.59
N VAL A 54 -3.42 6.72 -5.19
CA VAL A 54 -4.85 6.60 -5.48
C VAL A 54 -5.23 7.43 -6.70
N ASP A 55 -5.60 6.75 -7.78
CA ASP A 55 -6.00 7.44 -9.01
C ASP A 55 -7.33 8.17 -8.80
N ILE A 56 -7.27 9.50 -8.78
CA ILE A 56 -8.47 10.31 -8.58
C ILE A 56 -8.88 11.01 -9.87
N GLU A 57 -10.19 11.09 -10.09
CA GLU A 57 -10.73 11.76 -11.26
C GLU A 57 -11.70 12.86 -10.85
N VAL A 58 -11.24 14.11 -10.96
CA VAL A 58 -12.07 15.26 -10.58
C VAL A 58 -12.61 15.98 -11.81
N PRO A 59 -13.93 15.91 -12.04
CA PRO A 59 -14.57 16.57 -13.18
C PRO A 59 -14.72 18.07 -12.97
N MET A 60 -15.52 18.71 -13.83
CA MET A 60 -15.74 20.14 -13.74
C MET A 60 -17.20 20.45 -13.38
N GLU A 61 -17.69 19.80 -12.34
CA GLU A 61 -19.06 19.99 -11.88
C GLU A 61 -19.11 20.46 -10.43
N TYR A 62 -19.96 21.42 -10.15
CA TYR A 62 -20.10 21.96 -8.80
C TYR A 62 -21.18 21.20 -8.01
N PRO A 63 -22.38 21.06 -8.59
CA PRO A 63 -23.48 20.35 -7.93
C PRO A 63 -23.24 18.85 -7.86
N PHE A 64 -23.04 18.35 -6.64
CA PHE A 64 -22.79 16.92 -6.43
C PHE A 64 -21.58 16.45 -7.22
N LYS A 65 -20.39 16.73 -6.70
CA LYS A 65 -19.15 16.34 -7.37
C LYS A 65 -18.46 15.20 -6.62
N PRO A 66 -18.90 13.94 -6.85
CA PRO A 66 -18.33 12.77 -6.20
C PRO A 66 -16.95 12.41 -6.75
N PRO A 67 -15.88 12.61 -5.95
CA PRO A 67 -14.52 12.31 -6.38
C PRO A 67 -14.28 10.81 -6.53
N LYS A 68 -13.95 10.39 -7.75
CA LYS A 68 -13.71 8.98 -8.04
C LYS A 68 -12.32 8.57 -7.57
N MET A 69 -12.22 7.35 -7.04
CA MET A 69 -10.95 6.83 -6.55
C MET A 69 -10.85 5.33 -6.83
N GLN A 70 -9.73 4.90 -7.40
CA GLN A 70 -9.52 3.49 -7.71
C GLN A 70 -8.04 3.13 -7.71
N PHE A 71 -7.77 1.85 -7.95
CA PHE A 71 -6.40 1.35 -8.00
C PHE A 71 -5.71 1.49 -6.64
N ASP A 72 -5.02 2.62 -6.43
CA ASP A 72 -4.30 2.89 -5.18
C ASP A 72 -3.57 1.66 -4.68
N THR A 73 -2.31 1.57 -5.06
CA THR A 73 -1.44 0.46 -4.67
C THR A 73 -2.13 -0.90 -4.84
N LYS A 74 -3.14 -0.96 -5.71
CA LYS A 74 -3.87 -2.19 -5.96
C LYS A 74 -4.03 -3.04 -4.69
N VAL A 75 -4.20 -2.36 -3.57
CA VAL A 75 -4.35 -3.05 -2.28
C VAL A 75 -5.47 -4.07 -2.32
N TYR A 76 -5.20 -5.28 -1.82
CA TYR A 76 -6.18 -6.35 -1.80
C TYR A 76 -6.98 -6.33 -0.50
N HIS A 77 -8.04 -5.53 -0.48
CA HIS A 77 -8.88 -5.42 0.70
C HIS A 77 -10.36 -5.50 0.33
N PRO A 78 -11.20 -6.10 1.19
CA PRO A 78 -12.63 -6.24 0.95
C PRO A 78 -13.26 -4.94 0.45
N ASN A 79 -12.66 -3.82 0.81
CA ASN A 79 -13.17 -2.51 0.38
C ASN A 79 -12.45 -2.02 -0.87
N ILE A 80 -11.13 -2.07 -0.84
CA ILE A 80 -10.31 -1.62 -1.96
C ILE A 80 -9.91 -2.78 -2.87
N SER A 81 -10.05 -2.57 -4.18
CA SER A 81 -9.70 -3.60 -5.15
C SER A 81 -10.69 -4.75 -5.12
N SER A 82 -11.83 -4.56 -5.80
CA SER A 82 -12.87 -5.58 -5.84
C SER A 82 -12.78 -6.38 -7.14
N VAL A 83 -12.56 -5.69 -8.24
CA VAL A 83 -12.46 -6.33 -9.55
C VAL A 83 -11.43 -5.63 -10.44
N THR A 84 -11.49 -4.31 -10.48
CA THR A 84 -10.56 -3.52 -11.28
C THR A 84 -10.16 -2.24 -10.57
N GLY A 85 -10.14 -2.30 -9.24
CA GLY A 85 -9.77 -1.13 -8.46
C GLY A 85 -10.96 -0.26 -8.12
N ALA A 86 -11.49 -0.41 -6.91
CA ALA A 86 -12.63 0.35 -6.46
C ALA A 86 -12.79 0.28 -4.94
N ILE A 87 -13.03 1.43 -4.33
CA ILE A 87 -13.20 1.49 -2.88
C ILE A 87 -14.63 1.80 -2.49
N CYS A 88 -14.94 1.59 -1.21
CA CYS A 88 -16.28 1.87 -0.70
C CYS A 88 -16.18 2.76 0.53
N LEU A 89 -16.34 4.07 0.33
CA LEU A 89 -16.24 5.01 1.44
C LEU A 89 -17.10 6.25 1.18
N ASP A 90 -18.32 6.23 1.72
CA ASP A 90 -19.24 7.35 1.57
C ASP A 90 -19.49 7.70 0.11
N ILE A 91 -18.60 8.49 -0.49
CA ILE A 91 -18.73 8.91 -1.88
C ILE A 91 -18.14 7.88 -2.84
N LEU A 92 -18.77 6.71 -2.90
CA LEU A 92 -18.31 5.64 -3.79
C LEU A 92 -19.49 4.86 -4.35
N ARG A 93 -20.35 4.37 -3.46
CA ARG A 93 -21.52 3.60 -3.86
C ARG A 93 -22.82 4.31 -3.46
N ASN A 94 -22.76 5.06 -2.36
CA ASN A 94 -23.93 5.80 -1.88
C ASN A 94 -23.54 6.80 -0.81
N ALA A 95 -23.11 7.98 -1.25
CA ALA A 95 -22.70 9.04 -0.33
C ALA A 95 -23.91 9.62 0.41
N TRP A 96 -23.71 9.96 1.68
CA TRP A 96 -24.78 10.53 2.49
C TRP A 96 -24.43 11.94 2.96
N SER A 97 -23.63 12.64 2.17
CA SER A 97 -23.22 13.99 2.50
C SER A 97 -22.33 14.59 1.41
N PRO A 98 -22.75 15.71 0.80
CA PRO A 98 -21.98 16.36 -0.27
C PRO A 98 -20.83 17.21 0.27
N VAL A 99 -20.64 17.19 1.58
CA VAL A 99 -19.56 17.95 2.21
C VAL A 99 -18.28 17.13 2.31
N ILE A 100 -18.43 15.81 2.26
CA ILE A 100 -17.27 14.92 2.33
C ILE A 100 -16.25 15.25 1.26
N THR A 101 -15.29 16.11 1.61
CA THR A 101 -14.25 16.52 0.67
C THR A 101 -13.39 15.33 0.26
N LEU A 102 -12.46 15.56 -0.65
CA LEU A 102 -11.57 14.50 -1.13
C LEU A 102 -10.59 14.08 -0.04
N LYS A 103 -10.20 15.03 0.80
CA LYS A 103 -9.27 14.75 1.89
C LYS A 103 -9.83 13.69 2.83
N SER A 104 -11.15 13.71 3.02
CA SER A 104 -11.80 12.75 3.90
C SER A 104 -11.75 11.35 3.30
N ALA A 105 -11.92 11.26 1.98
CA ALA A 105 -11.90 9.98 1.29
C ALA A 105 -10.52 9.34 1.37
N LEU A 106 -9.48 10.17 1.26
CA LEU A 106 -8.10 9.69 1.32
C LEU A 106 -7.73 9.26 2.73
N ILE A 107 -7.97 10.14 3.70
CA ILE A 107 -7.66 9.85 5.09
C ILE A 107 -8.45 8.64 5.59
N SER A 108 -9.63 8.44 5.02
CA SER A 108 -10.49 7.32 5.41
C SER A 108 -9.87 5.99 4.99
N LEU A 109 -9.15 6.01 3.87
CA LEU A 109 -8.50 4.81 3.37
C LEU A 109 -7.40 4.33 4.31
N GLN A 110 -6.65 5.29 4.87
CA GLN A 110 -5.58 4.96 5.81
C GLN A 110 -6.10 4.17 7.00
N ALA A 111 -7.11 4.70 7.66
CA ALA A 111 -7.70 4.04 8.82
C ALA A 111 -8.43 2.76 8.40
N LEU A 112 -8.97 2.77 7.19
CA LEU A 112 -9.69 1.61 6.68
C LEU A 112 -8.74 0.45 6.41
N LEU A 113 -7.55 0.76 5.92
CA LEU A 113 -6.55 -0.25 5.62
C LEU A 113 -6.17 -1.02 6.88
N GLN A 114 -6.07 -0.31 8.00
CA GLN A 114 -5.72 -0.92 9.28
C GLN A 114 -6.96 -1.21 10.10
N SER A 115 -8.06 -1.51 9.42
CA SER A 115 -9.33 -1.81 10.09
C SER A 115 -10.11 -2.87 9.31
N PRO A 116 -9.99 -4.15 9.69
CA PRO A 116 -10.71 -5.24 9.01
C PRO A 116 -12.22 -5.16 9.21
N GLU A 117 -12.96 -5.09 8.11
CA GLU A 117 -14.41 -5.01 8.16
C GLU A 117 -15.05 -6.02 7.21
N PRO A 118 -14.91 -7.33 7.52
CA PRO A 118 -15.47 -8.39 6.69
C PRO A 118 -16.94 -8.68 7.01
N ASN A 119 -17.58 -7.79 7.75
CA ASN A 119 -18.98 -7.96 8.11
C ASN A 119 -19.87 -7.86 6.88
N ASP A 120 -19.90 -6.69 6.26
CA ASP A 120 -20.72 -6.47 5.07
C ASP A 120 -19.97 -5.64 4.03
N PRO A 121 -18.86 -6.17 3.48
CA PRO A 121 -18.05 -5.49 2.48
C PRO A 121 -18.67 -5.57 1.08
N GLN A 122 -17.84 -5.38 0.06
CA GLN A 122 -18.30 -5.44 -1.32
C GLN A 122 -17.88 -6.75 -1.97
N ASP A 123 -16.68 -7.21 -1.64
CA ASP A 123 -16.15 -8.46 -2.18
C ASP A 123 -16.44 -9.63 -1.25
N ALA A 124 -17.33 -10.51 -1.68
CA ALA A 124 -17.70 -11.67 -0.88
C ALA A 124 -16.60 -12.73 -0.91
N GLU A 125 -15.99 -12.91 -2.07
CA GLU A 125 -14.92 -13.89 -2.24
C GLU A 125 -13.76 -13.60 -1.30
N VAL A 126 -13.38 -12.32 -1.22
CA VAL A 126 -12.29 -11.91 -0.35
C VAL A 126 -12.64 -12.11 1.13
N ALA A 127 -13.82 -11.66 1.52
CA ALA A 127 -14.27 -11.79 2.90
C ALA A 127 -14.28 -13.26 3.34
N GLN A 128 -14.83 -14.11 2.48
CA GLN A 128 -14.91 -15.54 2.79
C GLN A 128 -13.52 -16.16 2.86
N HIS A 129 -12.65 -15.75 1.94
CA HIS A 129 -11.29 -16.27 1.90
C HIS A 129 -10.49 -15.80 3.11
N TYR A 130 -10.65 -14.53 3.47
CA TYR A 130 -9.94 -13.96 4.60
C TYR A 130 -10.45 -14.54 5.91
N LEU A 131 -11.74 -14.85 5.95
CA LEU A 131 -12.35 -15.42 7.16
C LEU A 131 -11.70 -16.74 7.53
N ARG A 132 -11.36 -17.54 6.52
CA ARG A 132 -10.73 -18.84 6.75
C ARG A 132 -9.23 -18.68 6.93
N ASP A 133 -8.54 -18.29 5.86
CA ASP A 133 -7.10 -18.11 5.90
C ASP A 133 -6.74 -16.63 6.00
N ARG A 134 -6.77 -16.09 7.22
CA ARG A 134 -6.46 -14.70 7.46
C ARG A 134 -4.95 -14.49 7.61
N GLU A 135 -4.29 -15.50 8.19
CA GLU A 135 -2.85 -15.43 8.40
C GLU A 135 -2.09 -15.61 7.08
N SER A 136 -2.69 -16.34 6.15
CA SER A 136 -2.07 -16.59 4.86
C SER A 136 -2.17 -15.36 3.96
N PHE A 137 -3.27 -14.62 4.10
CA PHE A 137 -3.49 -13.41 3.31
C PHE A 137 -2.79 -12.21 3.92
N ASN A 138 -2.59 -12.25 5.23
CA ASN A 138 -1.92 -11.16 5.94
C ASN A 138 -0.51 -10.94 5.39
N LYS A 139 0.28 -12.01 5.38
CA LYS A 139 1.65 -11.94 4.89
C LYS A 139 1.68 -11.55 3.42
N THR A 140 0.85 -12.19 2.62
CA THR A 140 0.77 -11.91 1.19
C THR A 140 0.37 -10.46 0.94
N ALA A 141 -0.46 -9.92 1.82
CA ALA A 141 -0.93 -8.55 1.70
C ALA A 141 0.22 -7.56 1.88
N ALA A 142 1.02 -7.77 2.91
CA ALA A 142 2.15 -6.89 3.21
C ALA A 142 3.18 -6.94 2.10
N LEU A 143 3.35 -8.12 1.50
CA LEU A 143 4.31 -8.29 0.40
C LEU A 143 3.90 -7.50 -0.82
N TRP A 144 2.62 -7.62 -1.20
CA TRP A 144 2.10 -6.93 -2.38
C TRP A 144 2.27 -5.42 -2.23
N THR A 145 1.88 -4.89 -1.07
CA THR A 145 1.99 -3.46 -0.82
C THR A 145 3.44 -3.02 -0.74
N ARG A 146 4.28 -3.89 -0.19
CA ARG A 146 5.71 -3.59 -0.05
C ARG A 146 6.38 -3.52 -1.42
N LEU A 147 5.85 -4.28 -2.38
CA LEU A 147 6.41 -4.30 -3.73
C LEU A 147 5.72 -3.28 -4.63
N TYR A 148 4.41 -3.10 -4.42
CA TYR A 148 3.64 -2.16 -5.22
C TYR A 148 3.51 -0.81 -4.52
N ALA A 149 4.43 -0.54 -3.59
CA ALA A 149 4.41 0.73 -2.86
C ALA A 149 4.74 1.90 -3.78
N SER A 150 5.55 1.64 -4.80
CA SER A 150 5.95 2.67 -5.74
C SER A 150 6.49 2.05 -7.03
N GLU A 151 6.58 2.86 -8.08
CA GLU A 151 7.08 2.38 -9.37
C GLU A 151 7.61 3.54 -10.20
N THR A 152 8.81 3.36 -10.76
CA THR A 152 9.43 4.40 -11.58
C THR A 152 9.13 4.17 -13.07
N SER A 153 8.82 5.25 -13.78
CA SER A 153 8.52 5.15 -15.20
C SER A 153 7.30 4.27 -15.44
N ASN A 154 6.95 4.09 -16.71
CA ASN A 154 5.80 3.26 -17.08
C ASN A 154 6.17 1.79 -17.07
N GLY A 155 5.21 0.94 -17.43
CA GLY A 155 5.46 -0.49 -17.45
C GLY A 155 4.69 -1.19 -18.55
N GLN A 156 5.18 -2.35 -18.98
CA GLN A 156 4.54 -3.12 -20.04
C GLN A 156 3.57 -4.14 -19.45
N LYS A 157 4.08 -4.98 -18.54
CA LYS A 157 3.25 -6.00 -17.91
C LYS A 157 3.44 -5.98 -16.39
N GLY A 158 4.68 -6.14 -15.95
CA GLY A 158 4.97 -6.14 -14.52
C GLY A 158 6.45 -6.10 -14.24
N ASN A 159 6.90 -5.03 -13.60
CA ASN A 159 8.32 -4.87 -13.27
C ASN A 159 8.51 -4.81 -11.75
N VAL A 160 8.74 -5.97 -11.15
CA VAL A 160 8.95 -6.05 -9.70
C VAL A 160 10.39 -6.42 -9.37
N GLU A 161 10.95 -5.73 -8.38
CA GLU A 161 12.33 -5.98 -7.97
C GLU A 161 13.30 -5.71 -9.11
N GLU A 162 14.58 -5.97 -8.87
CA GLU A 162 15.61 -5.75 -9.88
C GLU A 162 15.68 -4.28 -10.27
N SER A 163 15.89 -3.42 -9.28
CA SER A 163 15.97 -1.98 -9.53
C SER A 163 16.99 -1.33 -8.60
N ASP A 164 16.91 -1.65 -7.32
CA ASP A 164 17.83 -1.10 -6.33
C ASP A 164 19.10 -1.92 -6.25
N LEU A 165 19.87 -1.72 -5.18
CA LEU A 165 21.12 -2.45 -4.98
C LEU A 165 20.87 -3.96 -4.96
N TYR A 166 21.53 -4.67 -5.87
CA TYR A 166 21.38 -6.12 -5.97
C TYR A 166 22.19 -6.81 -4.87
N GLY A 167 21.59 -7.83 -4.25
CA GLY A 167 22.27 -8.56 -3.20
C GLY A 167 22.73 -9.93 -3.66
N ILE A 168 23.05 -10.04 -4.94
CA ILE A 168 23.52 -11.31 -5.51
C ILE A 168 24.94 -11.17 -6.05
N ASP A 169 25.92 -11.34 -5.17
CA ASP A 169 27.32 -11.24 -5.57
C ASP A 169 28.22 -12.03 -4.63
N HIS A 170 28.61 -11.39 -3.53
CA HIS A 170 29.48 -12.02 -2.55
C HIS A 170 28.68 -12.86 -1.54
N ASP A 171 27.39 -12.60 -1.44
CA ASP A 171 26.54 -13.35 -0.51
C ASP A 171 26.38 -14.78 -1.00
N LEU A 172 26.02 -14.91 -2.28
CA LEU A 172 25.86 -16.22 -2.90
C LEU A 172 27.24 -16.87 -3.08
N ILE A 173 28.24 -16.03 -3.26
CA ILE A 173 29.59 -16.48 -3.46
C ILE A 173 30.18 -17.02 -2.15
N ASP A 174 29.98 -16.28 -1.07
CA ASP A 174 30.48 -16.67 0.24
C ASP A 174 30.04 -18.08 0.61
N GLU A 175 28.86 -18.47 0.14
CA GLU A 175 28.32 -19.80 0.43
C GLU A 175 29.17 -20.90 -0.24
N PHE A 176 29.34 -20.80 -1.55
CA PHE A 176 30.12 -21.80 -2.29
C PHE A 176 31.60 -21.67 -2.00
N GLU A 177 32.05 -20.44 -1.76
CA GLU A 177 33.46 -20.22 -1.51
C GLU A 177 33.95 -21.00 -0.30
N SER A 178 33.41 -20.67 0.86
CA SER A 178 33.79 -21.34 2.11
C SER A 178 33.54 -22.85 2.00
N GLN A 179 32.56 -23.23 1.20
CA GLN A 179 32.23 -24.64 1.02
C GLN A 179 33.45 -25.44 0.57
N GLY A 180 34.20 -24.87 -0.36
CA GLY A 180 35.38 -25.52 -0.87
C GLY A 180 35.67 -25.11 -2.30
N PHE A 181 34.63 -24.64 -2.98
CA PHE A 181 34.75 -24.19 -4.35
C PHE A 181 35.38 -22.79 -4.40
N GLU A 182 36.00 -22.47 -5.52
CA GLU A 182 36.64 -21.18 -5.70
C GLU A 182 35.70 -20.18 -6.38
N LYS A 183 35.99 -18.90 -6.21
CA LYS A 183 35.17 -17.84 -6.81
C LYS A 183 34.83 -18.17 -8.26
N ASP A 184 35.83 -18.59 -9.02
CA ASP A 184 35.64 -18.93 -10.43
C ASP A 184 34.49 -19.90 -10.62
N LYS A 185 34.22 -20.70 -9.59
CA LYS A 185 33.13 -21.68 -9.64
C LYS A 185 31.78 -20.99 -9.54
N ILE A 186 31.61 -20.19 -8.48
CA ILE A 186 30.35 -19.48 -8.25
C ILE A 186 30.01 -18.57 -9.43
N VAL A 187 30.97 -17.75 -9.85
CA VAL A 187 30.75 -16.83 -10.97
C VAL A 187 30.16 -17.56 -12.17
N GLU A 188 30.77 -18.68 -12.53
CA GLU A 188 30.34 -19.48 -13.66
C GLU A 188 28.89 -19.93 -13.50
N VAL A 189 28.50 -20.27 -12.29
CA VAL A 189 27.14 -20.75 -12.02
C VAL A 189 26.17 -19.61 -11.74
N LEU A 190 26.70 -18.51 -11.20
CA LEU A 190 25.85 -17.35 -10.89
C LEU A 190 25.47 -16.60 -12.16
N ARG A 191 26.46 -16.29 -12.98
CA ARG A 191 26.23 -15.55 -14.21
C ARG A 191 25.16 -16.21 -15.09
N ARG A 192 25.28 -17.52 -15.30
CA ARG A 192 24.29 -18.21 -16.12
C ARG A 192 22.91 -18.11 -15.50
N LEU A 193 22.78 -18.51 -14.24
CA LEU A 193 21.49 -18.46 -13.55
C LEU A 193 21.16 -17.03 -13.12
N GLY A 194 21.74 -16.58 -12.03
CA GLY A 194 21.50 -15.24 -11.54
C GLY A 194 20.23 -15.15 -10.71
N VAL A 195 20.11 -16.02 -9.71
CA VAL A 195 18.94 -16.04 -8.85
C VAL A 195 18.96 -14.85 -7.89
N LYS A 196 17.80 -14.56 -7.29
CA LYS A 196 17.68 -13.46 -6.35
C LYS A 196 17.15 -13.94 -5.01
N SER A 197 16.10 -14.76 -5.06
CA SER A 197 15.50 -15.30 -3.84
C SER A 197 16.12 -16.65 -3.48
N LEU A 198 17.42 -16.64 -3.19
CA LEU A 198 18.12 -17.86 -2.83
C LEU A 198 18.01 -18.14 -1.33
N ASP A 199 17.92 -19.42 -0.98
CA ASP A 199 17.80 -19.83 0.41
C ASP A 199 19.13 -20.40 0.92
N PRO A 200 19.39 -20.26 2.23
CA PRO A 200 20.63 -20.76 2.85
C PRO A 200 20.75 -22.27 2.74
N ASN A 201 19.71 -22.98 3.18
CA ASN A 201 19.70 -24.43 3.14
C ASN A 201 18.33 -24.97 2.73
N ASP A 202 17.76 -24.36 1.69
CA ASP A 202 16.45 -24.78 1.20
C ASP A 202 16.17 -24.19 -0.19
N ASN A 203 17.05 -24.50 -1.13
CA ASN A 203 16.90 -24.01 -2.50
C ASN A 203 17.22 -25.10 -3.52
N ASN A 204 16.33 -25.27 -4.49
CA ASN A 204 16.51 -26.29 -5.52
C ASN A 204 17.66 -25.90 -6.45
N THR A 205 17.69 -24.63 -6.84
CA THR A 205 18.74 -24.14 -7.74
C THR A 205 20.11 -24.40 -7.16
N ALA A 206 20.24 -24.27 -5.85
CA ALA A 206 21.52 -24.49 -5.19
C ALA A 206 22.09 -25.86 -5.54
N ASN A 207 21.33 -26.92 -5.29
CA ASN A 207 21.78 -28.27 -5.59
C ASN A 207 22.31 -28.36 -7.01
N ARG A 208 21.59 -27.77 -7.96
CA ARG A 208 22.00 -27.77 -9.35
C ARG A 208 23.28 -26.96 -9.53
N ILE A 209 23.41 -25.89 -8.75
CA ILE A 209 24.59 -25.04 -8.82
C ILE A 209 25.83 -25.80 -8.37
N ILE A 210 25.79 -26.33 -7.15
CA ILE A 210 26.91 -27.07 -6.60
C ILE A 210 27.29 -28.21 -7.54
N GLU A 211 26.29 -28.74 -8.23
CA GLU A 211 26.52 -29.83 -9.18
C GLU A 211 27.67 -29.48 -10.11
N GLU A 212 27.61 -28.30 -10.71
CA GLU A 212 28.66 -27.83 -11.61
C GLU A 212 29.84 -27.27 -10.81
N LEU A 213 29.55 -26.69 -9.65
CA LEU A 213 30.58 -26.10 -8.79
C LEU A 213 31.78 -27.04 -8.65
N LEU A 214 31.52 -28.34 -8.59
CA LEU A 214 32.59 -29.33 -8.44
C LEU A 214 33.20 -29.72 -9.78
N LYS A 215 33.29 -28.78 -10.71
CA LYS A 215 33.87 -29.05 -12.03
C LYS A 215 33.85 -27.80 -12.90
N SER A 1 -12.63 30.57 -14.30
CA SER A 1 -11.25 30.28 -13.81
C SER A 1 -11.27 29.83 -12.36
N SER A 2 -12.14 30.45 -11.56
CA SER A 2 -12.25 30.11 -10.14
C SER A 2 -12.78 28.69 -9.96
N ARG A 3 -13.56 28.23 -10.93
CA ARG A 3 -14.15 26.89 -10.87
C ARG A 3 -13.06 25.83 -10.71
N ALA A 4 -12.06 25.86 -11.59
CA ALA A 4 -10.96 24.91 -11.54
C ALA A 4 -9.97 25.27 -10.44
N LYS A 5 -9.84 26.57 -10.17
CA LYS A 5 -8.92 27.05 -9.14
C LYS A 5 -9.35 26.56 -7.76
N ARG A 6 -10.65 26.33 -7.58
CA ARG A 6 -11.18 25.87 -6.31
C ARG A 6 -10.51 24.57 -5.88
N ILE A 7 -10.17 23.73 -6.84
CA ILE A 7 -9.52 22.46 -6.55
C ILE A 7 -8.07 22.67 -6.10
N MET A 8 -7.40 23.63 -6.71
CA MET A 8 -6.01 23.94 -6.37
C MET A 8 -5.89 24.33 -4.91
N LYS A 9 -6.95 24.93 -4.37
CA LYS A 9 -6.96 25.37 -2.98
C LYS A 9 -6.76 24.18 -2.04
N GLU A 10 -7.42 23.07 -2.35
CA GLU A 10 -7.31 21.86 -1.53
C GLU A 10 -5.86 21.37 -1.49
N ILE A 11 -5.16 21.52 -2.61
CA ILE A 11 -3.78 21.09 -2.69
C ILE A 11 -2.86 22.00 -1.88
N GLN A 12 -3.26 23.25 -1.72
CA GLN A 12 -2.49 24.22 -0.97
C GLN A 12 -2.67 24.01 0.53
N ALA A 13 -3.88 23.60 0.92
CA ALA A 13 -4.18 23.36 2.33
C ALA A 13 -3.61 22.03 2.81
N VAL A 14 -3.78 21.00 1.98
CA VAL A 14 -3.28 19.67 2.32
C VAL A 14 -1.77 19.69 2.55
N LYS A 15 -1.08 20.59 1.86
CA LYS A 15 0.37 20.72 1.99
C LYS A 15 0.73 21.51 3.24
N ASP A 16 -0.13 22.45 3.62
CA ASP A 16 0.11 23.27 4.80
C ASP A 16 -0.49 22.63 6.04
N ASP A 17 -0.57 21.31 6.04
CA ASP A 17 -1.12 20.57 7.18
C ASP A 17 -0.19 19.43 7.60
N PRO A 18 0.96 19.77 8.22
CA PRO A 18 1.94 18.77 8.67
C PRO A 18 1.38 17.88 9.78
N ALA A 19 0.44 17.03 9.42
CA ALA A 19 -0.18 16.12 10.38
C ALA A 19 -0.70 14.86 9.71
N ALA A 20 -1.72 15.03 8.87
CA ALA A 20 -2.31 13.91 8.15
C ALA A 20 -1.31 13.27 7.20
N HIS A 21 -0.39 14.07 6.69
CA HIS A 21 0.64 13.58 5.77
C HIS A 21 0.00 13.04 4.49
N ILE A 22 -0.17 13.92 3.51
CA ILE A 22 -0.76 13.52 2.23
C ILE A 22 0.00 14.13 1.06
N THR A 23 -0.27 13.63 -0.14
CA THR A 23 0.40 14.13 -1.34
C THR A 23 -0.59 14.27 -2.50
N LEU A 24 -0.60 15.44 -3.12
CA LEU A 24 -1.50 15.69 -4.25
C LEU A 24 -0.72 16.18 -5.46
N GLU A 25 -0.50 15.28 -6.41
CA GLU A 25 0.24 15.62 -7.62
C GLU A 25 -0.68 15.61 -8.84
N PHE A 26 -0.44 16.53 -9.77
CA PHE A 26 -1.24 16.63 -10.98
C PHE A 26 -0.72 15.67 -12.05
N VAL A 27 -1.56 15.38 -13.04
CA VAL A 27 -1.19 14.47 -14.12
C VAL A 27 -0.26 15.16 -15.12
N SER A 28 -0.46 16.46 -15.30
CA SER A 28 0.36 17.24 -16.23
C SER A 28 -0.16 18.67 -16.35
N GLU A 29 -1.22 18.86 -17.13
CA GLU A 29 -1.81 20.17 -17.32
C GLU A 29 -2.42 20.69 -16.02
N SER A 30 -2.97 21.90 -16.08
CA SER A 30 -3.60 22.51 -14.91
C SER A 30 -5.11 22.33 -14.93
N ASP A 31 -5.56 21.23 -15.54
CA ASP A 31 -6.99 20.95 -15.63
C ASP A 31 -7.42 19.97 -14.54
N ILE A 32 -8.43 20.35 -13.77
CA ILE A 32 -8.93 19.50 -12.70
C ILE A 32 -9.94 18.49 -13.22
N HIS A 33 -9.42 17.41 -13.81
CA HIS A 33 -10.28 16.36 -14.36
C HIS A 33 -9.83 14.99 -13.85
N HIS A 34 -8.53 14.74 -13.91
CA HIS A 34 -7.97 13.48 -13.46
C HIS A 34 -6.78 13.70 -12.53
N LEU A 35 -7.05 13.70 -11.22
CA LEU A 35 -6.01 13.91 -10.23
C LEU A 35 -5.62 12.59 -9.56
N LYS A 36 -4.45 12.58 -8.92
CA LYS A 36 -3.97 11.38 -8.24
C LYS A 36 -3.28 11.75 -6.93
N GLY A 37 -3.98 11.52 -5.82
CA GLY A 37 -3.42 11.83 -4.52
C GLY A 37 -2.84 10.60 -3.83
N THR A 38 -1.70 10.79 -3.18
CA THR A 38 -1.04 9.69 -2.46
C THR A 38 -0.70 10.10 -1.04
N PHE A 39 -1.10 9.26 -0.08
CA PHE A 39 -0.83 9.54 1.33
C PHE A 39 0.35 8.71 1.83
N LEU A 40 0.96 9.17 2.92
CA LEU A 40 2.11 8.49 3.50
C LEU A 40 1.86 8.14 4.96
N GLY A 41 2.51 7.09 5.45
CA GLY A 41 2.34 6.67 6.82
C GLY A 41 2.56 5.18 7.00
N PRO A 42 3.67 4.77 7.66
CA PRO A 42 3.97 3.36 7.89
C PRO A 42 3.14 2.76 9.01
N PRO A 43 2.17 1.89 8.67
CA PRO A 43 1.29 1.24 9.65
C PRO A 43 2.01 0.16 10.44
N GLY A 44 2.83 -0.62 9.75
CA GLY A 44 3.55 -1.70 10.41
C GLY A 44 2.75 -2.99 10.42
N THR A 45 1.43 -2.86 10.33
CA THR A 45 0.54 -4.01 10.32
C THR A 45 0.51 -4.66 8.94
N PRO A 46 -0.05 -5.88 8.83
CA PRO A 46 -0.15 -6.59 7.56
C PRO A 46 -0.69 -5.71 6.44
N TYR A 47 -1.49 -4.71 6.82
CA TYR A 47 -2.08 -3.79 5.83
C TYR A 47 -1.20 -2.56 5.68
N GLU A 48 0.09 -2.78 5.42
CA GLU A 48 1.03 -1.69 5.26
C GLU A 48 0.53 -0.66 4.24
N GLY A 49 1.10 0.54 4.28
CA GLY A 49 0.69 1.59 3.36
C GLY A 49 1.87 2.22 2.66
N GLY A 50 2.71 2.92 3.43
CA GLY A 50 3.87 3.56 2.85
C GLY A 50 3.51 4.71 1.93
N LYS A 51 3.11 4.38 0.71
CA LYS A 51 2.73 5.38 -0.28
C LYS A 51 1.71 4.82 -1.27
N PHE A 52 0.43 4.91 -0.92
CA PHE A 52 -0.64 4.41 -1.77
C PHE A 52 -1.12 5.49 -2.73
N VAL A 53 -1.22 5.14 -4.01
CA VAL A 53 -1.68 6.08 -5.03
C VAL A 53 -3.17 5.92 -5.27
N VAL A 54 -3.91 7.02 -5.17
CA VAL A 54 -5.35 6.99 -5.37
C VAL A 54 -5.75 7.71 -6.66
N ASP A 55 -6.20 6.95 -7.65
CA ASP A 55 -6.63 7.54 -8.91
C ASP A 55 -7.91 8.33 -8.72
N ILE A 56 -7.82 9.65 -8.80
CA ILE A 56 -8.97 10.53 -8.62
C ILE A 56 -9.46 11.09 -9.95
N GLU A 57 -10.78 11.31 -10.01
CA GLU A 57 -11.40 11.87 -11.21
C GLU A 57 -12.46 12.89 -10.82
N VAL A 58 -12.14 14.17 -10.98
CA VAL A 58 -13.07 15.24 -10.63
C VAL A 58 -13.70 15.86 -11.87
N PRO A 59 -14.97 15.52 -12.16
CA PRO A 59 -15.69 16.04 -13.32
C PRO A 59 -16.01 17.53 -13.17
N MET A 60 -17.03 17.98 -13.90
CA MET A 60 -17.43 19.38 -13.85
C MET A 60 -18.73 19.57 -13.07
N GLU A 61 -19.38 18.45 -12.73
CA GLU A 61 -20.64 18.50 -11.98
C GLU A 61 -20.37 18.60 -10.48
N TYR A 62 -21.10 19.49 -9.80
CA TYR A 62 -20.94 19.66 -8.37
C TYR A 62 -22.28 19.84 -7.67
N PRO A 63 -23.32 19.07 -8.05
CA PRO A 63 -24.64 19.17 -7.44
C PRO A 63 -24.72 18.37 -6.14
N PHE A 64 -24.15 17.16 -6.17
CA PHE A 64 -24.15 16.29 -5.00
C PHE A 64 -23.38 15.00 -5.30
N LYS A 65 -22.32 15.13 -6.08
CA LYS A 65 -21.50 13.97 -6.45
C LYS A 65 -20.05 14.16 -5.99
N PRO A 66 -19.72 13.69 -4.77
CA PRO A 66 -18.36 13.81 -4.23
C PRO A 66 -17.29 13.33 -5.21
N PRO A 67 -16.02 13.64 -4.93
CA PRO A 67 -14.91 13.23 -5.80
C PRO A 67 -14.81 11.72 -5.96
N LYS A 68 -14.38 11.28 -7.13
CA LYS A 68 -14.25 9.86 -7.41
C LYS A 68 -12.90 9.32 -6.92
N MET A 69 -12.89 8.06 -6.51
CA MET A 69 -11.67 7.43 -6.03
C MET A 69 -11.50 6.03 -6.61
N GLN A 70 -10.31 5.75 -7.14
CA GLN A 70 -10.03 4.45 -7.73
C GLN A 70 -8.77 3.84 -7.13
N PHE A 71 -8.51 2.58 -7.46
CA PHE A 71 -7.33 1.88 -6.95
C PHE A 71 -6.20 1.90 -7.98
N ASP A 72 -5.06 2.46 -7.59
CA ASP A 72 -3.91 2.53 -8.49
C ASP A 72 -2.82 1.56 -8.05
N THR A 73 -2.44 1.65 -6.77
CA THR A 73 -1.40 0.79 -6.22
C THR A 73 -1.98 -0.57 -5.81
N LYS A 74 -3.27 -0.77 -6.01
CA LYS A 74 -3.93 -2.01 -5.65
C LYS A 74 -3.86 -2.25 -4.14
N VAL A 75 -4.92 -2.84 -3.59
CA VAL A 75 -4.98 -3.14 -2.17
C VAL A 75 -6.00 -4.22 -1.87
N TYR A 76 -5.57 -5.25 -1.15
CA TYR A 76 -6.46 -6.37 -0.80
C TYR A 76 -7.32 -6.01 0.39
N HIS A 77 -8.34 -5.21 0.17
CA HIS A 77 -9.25 -4.79 1.23
C HIS A 77 -10.71 -4.97 0.81
N PRO A 78 -11.55 -5.50 1.72
CA PRO A 78 -12.97 -5.72 1.42
C PRO A 78 -13.70 -4.43 1.05
N ASN A 79 -13.09 -3.29 1.38
CA ASN A 79 -13.67 -1.99 1.06
C ASN A 79 -13.34 -1.56 -0.36
N ILE A 80 -12.06 -1.63 -0.70
CA ILE A 80 -11.61 -1.23 -2.03
C ILE A 80 -11.45 -2.43 -2.95
N SER A 81 -11.75 -2.24 -4.24
CA SER A 81 -11.65 -3.30 -5.22
C SER A 81 -12.66 -4.40 -4.93
N SER A 82 -13.63 -4.56 -5.83
CA SER A 82 -14.66 -5.58 -5.66
C SER A 82 -15.33 -5.90 -7.00
N VAL A 83 -15.79 -4.86 -7.69
CA VAL A 83 -16.44 -5.04 -8.98
C VAL A 83 -15.94 -4.03 -10.01
N THR A 84 -15.85 -2.76 -9.61
CA THR A 84 -15.38 -1.70 -10.49
C THR A 84 -14.02 -1.18 -10.04
N GLY A 85 -13.78 -1.20 -8.74
CA GLY A 85 -12.51 -0.73 -8.22
C GLY A 85 -12.67 0.53 -7.38
N ALA A 86 -13.87 0.74 -6.85
CA ALA A 86 -14.14 1.92 -6.03
C ALA A 86 -14.25 1.55 -4.56
N ILE A 87 -14.14 2.55 -3.69
CA ILE A 87 -14.22 2.33 -2.25
C ILE A 87 -15.62 2.64 -1.72
N CYS A 88 -16.02 1.92 -0.68
CA CYS A 88 -17.33 2.14 -0.07
C CYS A 88 -17.14 2.96 1.20
N LEU A 89 -17.33 4.26 1.09
CA LEU A 89 -17.17 5.17 2.21
C LEU A 89 -18.31 6.18 2.26
N ASP A 90 -18.10 7.29 2.97
CA ASP A 90 -19.12 8.33 3.10
C ASP A 90 -18.95 9.41 2.03
N ILE A 91 -18.36 9.03 0.89
CA ILE A 91 -18.15 9.98 -0.20
C ILE A 91 -18.20 9.28 -1.57
N LEU A 92 -18.77 8.07 -1.60
CA LEU A 92 -18.88 7.31 -2.84
C LEU A 92 -20.19 6.54 -2.89
N ARG A 93 -21.13 7.02 -3.70
CA ARG A 93 -22.43 6.36 -3.84
C ARG A 93 -23.08 6.13 -2.48
N ASN A 94 -22.76 6.98 -1.51
CA ASN A 94 -23.31 6.86 -0.16
C ASN A 94 -22.74 7.96 0.74
N ALA A 95 -22.62 9.16 0.19
CA ALA A 95 -22.10 10.29 0.94
C ALA A 95 -23.21 10.99 1.73
N TRP A 96 -22.80 11.86 2.65
CA TRP A 96 -23.75 12.61 3.47
C TRP A 96 -23.58 14.11 3.29
N SER A 97 -22.33 14.55 3.21
CA SER A 97 -22.03 15.97 3.03
C SER A 97 -21.93 16.32 1.55
N PRO A 98 -22.55 17.43 1.12
CA PRO A 98 -22.53 17.87 -0.28
C PRO A 98 -21.11 17.98 -0.84
N VAL A 99 -20.13 18.13 0.05
CA VAL A 99 -18.74 18.26 -0.37
C VAL A 99 -17.87 17.16 0.23
N ILE A 100 -17.45 17.35 1.49
CA ILE A 100 -16.60 16.38 2.19
C ILE A 100 -15.12 16.59 1.87
N THR A 101 -14.83 17.23 0.74
CA THR A 101 -13.46 17.49 0.33
C THR A 101 -12.68 16.17 0.17
N LEU A 102 -11.61 16.23 -0.61
CA LEU A 102 -10.78 15.05 -0.84
C LEU A 102 -9.96 14.70 0.39
N LYS A 103 -9.68 15.70 1.21
CA LYS A 103 -8.89 15.50 2.43
C LYS A 103 -9.48 14.37 3.29
N SER A 104 -10.79 14.40 3.46
CA SER A 104 -11.47 13.37 4.25
C SER A 104 -11.55 12.06 3.50
N ALA A 105 -11.74 12.13 2.19
CA ALA A 105 -11.83 10.94 1.36
C ALA A 105 -10.48 10.22 1.28
N LEU A 106 -9.41 10.99 1.20
CA LEU A 106 -8.07 10.43 1.11
C LEU A 106 -7.65 9.81 2.44
N ILE A 107 -7.76 10.58 3.51
CA ILE A 107 -7.40 10.11 4.85
C ILE A 107 -8.28 8.95 5.28
N SER A 108 -9.52 8.94 4.79
CA SER A 108 -10.47 7.89 5.13
C SER A 108 -9.95 6.52 4.70
N LEU A 109 -9.39 6.47 3.49
CA LEU A 109 -8.85 5.23 2.96
C LEU A 109 -7.69 4.71 3.81
N GLN A 110 -6.89 5.63 4.31
CA GLN A 110 -5.74 5.27 5.15
C GLN A 110 -6.20 4.52 6.40
N ALA A 111 -7.09 5.14 7.16
CA ALA A 111 -7.61 4.54 8.38
C ALA A 111 -8.36 3.24 8.08
N LEU A 112 -8.97 3.19 6.90
CA LEU A 112 -9.72 2.00 6.50
C LEU A 112 -8.79 0.80 6.32
N LEU A 113 -7.63 1.04 5.71
CA LEU A 113 -6.66 -0.02 5.47
C LEU A 113 -6.24 -0.68 6.79
N GLN A 114 -6.16 0.13 7.85
CA GLN A 114 -5.77 -0.37 9.16
C GLN A 114 -6.99 -0.60 10.04
N SER A 115 -8.07 -1.06 9.44
CA SER A 115 -9.30 -1.32 10.18
C SER A 115 -10.24 -2.23 9.37
N PRO A 116 -9.79 -3.45 9.05
CA PRO A 116 -10.58 -4.42 8.29
C PRO A 116 -11.79 -4.93 9.07
N GLU A 117 -12.92 -5.06 8.39
CA GLU A 117 -14.14 -5.53 9.02
C GLU A 117 -14.97 -6.36 8.04
N PRO A 118 -14.70 -7.67 7.94
CA PRO A 118 -15.43 -8.56 7.04
C PRO A 118 -16.88 -8.76 7.46
N ASN A 119 -17.65 -7.68 7.42
CA ASN A 119 -19.07 -7.74 7.79
C ASN A 119 -19.95 -7.85 6.55
N ASP A 120 -20.09 -6.74 5.84
CA ASP A 120 -20.91 -6.70 4.63
C ASP A 120 -20.28 -5.79 3.57
N PRO A 121 -19.08 -6.13 3.08
CA PRO A 121 -18.37 -5.35 2.09
C PRO A 121 -18.79 -5.72 0.66
N GLN A 122 -17.95 -5.36 -0.31
CA GLN A 122 -18.23 -5.64 -1.71
C GLN A 122 -17.37 -6.81 -2.20
N ASP A 123 -16.18 -6.95 -1.61
CA ASP A 123 -15.26 -8.01 -1.99
C ASP A 123 -15.51 -9.25 -1.13
N ALA A 124 -16.47 -10.07 -1.56
CA ALA A 124 -16.82 -11.29 -0.83
C ALA A 124 -15.77 -12.38 -1.05
N GLU A 125 -15.20 -12.43 -2.25
CA GLU A 125 -14.20 -13.43 -2.59
C GLU A 125 -13.02 -13.39 -1.61
N VAL A 126 -12.54 -12.18 -1.33
CA VAL A 126 -11.41 -12.01 -0.42
C VAL A 126 -11.83 -12.30 1.02
N ALA A 127 -13.09 -12.04 1.33
CA ALA A 127 -13.61 -12.26 2.67
C ALA A 127 -13.67 -13.75 2.99
N GLN A 128 -13.86 -14.57 1.96
CA GLN A 128 -13.93 -16.02 2.13
C GLN A 128 -12.56 -16.59 2.48
N HIS A 129 -11.53 -16.10 1.81
CA HIS A 129 -10.17 -16.56 2.03
C HIS A 129 -9.68 -16.16 3.42
N TYR A 130 -10.13 -15.00 3.89
CA TYR A 130 -9.74 -14.50 5.19
C TYR A 130 -10.52 -15.20 6.31
N LEU A 131 -11.70 -15.69 5.98
CA LEU A 131 -12.55 -16.38 6.94
C LEU A 131 -11.97 -17.76 7.29
N ARG A 132 -11.31 -18.39 6.32
CA ARG A 132 -10.73 -19.71 6.52
C ARG A 132 -9.20 -19.62 6.58
N ASP A 133 -8.61 -18.92 5.62
CA ASP A 133 -7.16 -18.78 5.56
C ASP A 133 -6.75 -17.32 5.81
N ARG A 134 -6.72 -16.92 7.08
CA ARG A 134 -6.34 -15.56 7.44
C ARG A 134 -4.83 -15.43 7.54
N GLU A 135 -4.22 -16.33 8.31
CA GLU A 135 -2.77 -16.31 8.50
C GLU A 135 -2.04 -16.57 7.19
N SER A 136 -2.68 -17.33 6.30
CA SER A 136 -2.09 -17.66 5.01
C SER A 136 -2.11 -16.45 4.09
N PHE A 137 -3.17 -15.64 4.18
CA PHE A 137 -3.32 -14.46 3.36
C PHE A 137 -2.54 -13.28 3.94
N ASN A 138 -2.40 -13.27 5.26
CA ASN A 138 -1.68 -12.20 5.94
C ASN A 138 -0.24 -12.10 5.46
N LYS A 139 0.36 -13.26 5.20
CA LYS A 139 1.74 -13.30 4.73
C LYS A 139 1.85 -12.78 3.30
N THR A 140 0.82 -13.03 2.51
CA THR A 140 0.80 -12.58 1.12
C THR A 140 0.50 -11.09 1.02
N ALA A 141 -0.55 -10.66 1.71
CA ALA A 141 -0.95 -9.25 1.69
C ALA A 141 0.17 -8.36 2.23
N ALA A 142 0.78 -8.77 3.34
CA ALA A 142 1.85 -8.00 3.95
C ALA A 142 3.02 -7.83 2.98
N LEU A 143 3.36 -8.90 2.27
CA LEU A 143 4.46 -8.88 1.31
C LEU A 143 4.03 -8.18 0.02
N TRP A 144 2.75 -8.26 -0.29
CA TRP A 144 2.22 -7.63 -1.50
C TRP A 144 2.48 -6.13 -1.50
N THR A 145 2.15 -5.47 -0.39
CA THR A 145 2.35 -4.04 -0.27
C THR A 145 3.83 -3.68 -0.22
N ARG A 146 4.63 -4.56 0.38
CA ARG A 146 6.07 -4.34 0.49
C ARG A 146 6.71 -4.18 -0.89
N LEU A 147 6.10 -4.81 -1.90
CA LEU A 147 6.63 -4.74 -3.26
C LEU A 147 5.83 -3.77 -4.10
N TYR A 148 4.50 -3.90 -4.08
CA TYR A 148 3.63 -3.03 -4.86
C TYR A 148 3.75 -1.58 -4.40
N ALA A 149 3.55 -1.36 -3.10
CA ALA A 149 3.63 -0.01 -2.53
C ALA A 149 4.99 0.62 -2.81
N SER A 150 6.04 0.01 -2.30
CA SER A 150 7.40 0.52 -2.49
C SER A 150 7.74 0.59 -3.98
N GLU A 151 8.86 1.23 -4.29
CA GLU A 151 9.31 1.37 -5.68
C GLU A 151 10.50 0.45 -5.96
N THR A 152 10.60 0.00 -7.21
CA THR A 152 11.69 -0.88 -7.61
C THR A 152 11.71 -2.16 -6.77
N SER A 153 11.06 -3.20 -7.28
CA SER A 153 11.00 -4.48 -6.58
C SER A 153 11.15 -5.63 -7.55
N ASN A 154 12.00 -5.45 -8.56
CA ASN A 154 12.24 -6.49 -9.56
C ASN A 154 13.59 -7.16 -9.33
N GLY A 155 14.66 -6.39 -9.51
CA GLY A 155 16.00 -6.93 -9.32
C GLY A 155 16.68 -6.37 -8.08
N GLN A 156 15.87 -5.99 -7.09
CA GLN A 156 16.41 -5.44 -5.85
C GLN A 156 16.38 -6.48 -4.73
N LYS A 157 17.56 -6.84 -4.23
CA LYS A 157 17.67 -7.82 -3.16
C LYS A 157 18.55 -7.31 -2.04
N GLY A 158 18.18 -7.61 -0.81
CA GLY A 158 18.95 -7.17 0.34
C GLY A 158 18.15 -7.22 1.63
N ASN A 159 17.17 -6.33 1.75
CA ASN A 159 16.33 -6.26 2.94
C ASN A 159 14.98 -6.92 2.68
N VAL A 160 14.98 -7.95 1.84
CA VAL A 160 13.75 -8.66 1.52
C VAL A 160 13.77 -10.09 2.06
N GLU A 161 12.66 -10.50 2.68
CA GLU A 161 12.52 -11.84 3.26
C GLU A 161 13.84 -12.35 3.85
N GLU A 162 14.62 -13.06 3.04
CA GLU A 162 15.90 -13.59 3.50
C GLU A 162 15.69 -14.63 4.61
N SER A 163 15.73 -15.90 4.24
CA SER A 163 15.54 -16.97 5.22
C SER A 163 16.89 -17.49 5.72
N ASP A 164 17.78 -16.56 6.03
CA ASP A 164 19.12 -16.92 6.52
C ASP A 164 19.78 -15.74 7.22
N LEU A 165 19.98 -15.86 8.53
CA LEU A 165 20.61 -14.80 9.31
C LEU A 165 22.01 -15.21 9.76
N TYR A 166 22.96 -15.07 8.84
CA TYR A 166 24.35 -15.42 9.13
C TYR A 166 24.94 -14.52 10.22
N GLY A 167 24.95 -15.01 11.45
CA GLY A 167 25.48 -14.23 12.55
C GLY A 167 26.81 -14.77 13.05
N ILE A 168 26.73 -15.79 13.91
CA ILE A 168 27.93 -16.43 14.47
C ILE A 168 28.45 -15.68 15.70
N ASP A 169 28.19 -14.38 15.74
CA ASP A 169 28.64 -13.55 16.86
C ASP A 169 27.57 -13.44 17.93
N HIS A 170 26.65 -12.51 17.76
CA HIS A 170 25.58 -12.29 18.72
C HIS A 170 24.62 -13.49 18.76
N ASP A 171 24.59 -14.28 17.69
CA ASP A 171 23.73 -15.46 17.63
C ASP A 171 24.25 -16.51 18.60
N LEU A 172 25.54 -16.79 18.50
CA LEU A 172 26.19 -17.75 19.38
C LEU A 172 26.29 -17.17 20.78
N ILE A 173 26.40 -15.85 20.84
CA ILE A 173 26.51 -15.14 22.09
C ILE A 173 25.18 -15.16 22.85
N ASP A 174 24.10 -14.86 22.13
CA ASP A 174 22.77 -14.83 22.72
C ASP A 174 22.45 -16.14 23.44
N GLU A 175 23.00 -17.25 22.95
CA GLU A 175 22.76 -18.54 23.56
C GLU A 175 23.38 -18.63 24.95
N PHE A 176 24.68 -18.36 25.05
CA PHE A 176 25.37 -18.42 26.33
C PHE A 176 24.93 -17.29 27.25
N GLU A 177 24.65 -16.13 26.66
CA GLU A 177 24.25 -14.97 27.44
C GLU A 177 23.01 -15.26 28.27
N SER A 178 21.89 -15.49 27.58
CA SER A 178 20.63 -15.77 28.25
C SER A 178 20.74 -16.98 29.16
N GLN A 179 21.63 -17.91 28.80
CA GLN A 179 21.84 -19.12 29.60
C GLN A 179 22.17 -18.77 31.05
N GLY A 180 23.03 -17.77 31.21
CA GLY A 180 23.44 -17.35 32.54
C GLY A 180 24.81 -16.75 32.52
N PHE A 181 25.60 -17.13 31.52
CA PHE A 181 26.95 -16.62 31.35
C PHE A 181 26.92 -15.22 30.75
N GLU A 182 27.99 -14.48 30.94
CA GLU A 182 28.08 -13.12 30.41
C GLU A 182 28.82 -13.08 29.08
N LYS A 183 28.67 -11.97 28.36
CA LYS A 183 29.32 -11.79 27.07
C LYS A 183 30.81 -12.12 27.15
N ASP A 184 31.47 -11.60 28.18
CA ASP A 184 32.90 -11.84 28.37
C ASP A 184 33.23 -13.33 28.30
N LYS A 185 32.26 -14.16 28.67
CA LYS A 185 32.44 -15.61 28.65
C LYS A 185 32.49 -16.11 27.21
N ILE A 186 31.46 -15.79 26.44
CA ILE A 186 31.37 -16.21 25.03
C ILE A 186 32.58 -15.73 24.24
N VAL A 187 32.89 -14.44 24.34
CA VAL A 187 34.02 -13.87 23.61
C VAL A 187 35.30 -14.66 23.84
N GLU A 188 35.62 -14.90 25.11
CA GLU A 188 36.83 -15.65 25.47
C GLU A 188 36.86 -17.02 24.80
N VAL A 189 35.70 -17.64 24.66
CA VAL A 189 35.62 -18.97 24.06
C VAL A 189 35.50 -18.90 22.54
N LEU A 190 34.86 -17.83 22.05
CA LEU A 190 34.68 -17.67 20.61
C LEU A 190 36.00 -17.29 19.94
N ARG A 191 36.66 -16.27 20.50
CA ARG A 191 37.92 -15.79 19.94
C ARG A 191 38.95 -16.91 19.82
N ARG A 192 39.13 -17.69 20.88
CA ARG A 192 40.11 -18.77 20.86
C ARG A 192 39.93 -19.64 19.62
N LEU A 193 38.72 -20.15 19.42
CA LEU A 193 38.44 -21.00 18.26
C LEU A 193 37.97 -20.18 17.07
N GLY A 194 36.74 -19.70 17.13
CA GLY A 194 36.18 -18.91 16.05
C GLY A 194 35.35 -19.73 15.09
N VAL A 195 34.86 -20.87 15.56
CA VAL A 195 34.05 -21.75 14.73
C VAL A 195 32.80 -21.04 14.23
N LYS A 196 32.78 -20.73 12.93
CA LYS A 196 31.64 -20.05 12.32
C LYS A 196 30.70 -21.04 11.65
N SER A 197 31.27 -22.10 11.09
CA SER A 197 30.49 -23.12 10.41
C SER A 197 30.00 -24.17 11.41
N LEU A 198 28.92 -23.85 12.12
CA LEU A 198 28.34 -24.76 13.10
C LEU A 198 27.40 -25.77 12.43
N ASP A 199 27.53 -27.04 12.81
CA ASP A 199 26.69 -28.08 12.25
C ASP A 199 25.58 -28.48 13.22
N PRO A 200 24.30 -28.37 12.80
CA PRO A 200 23.16 -28.71 13.65
C PRO A 200 23.26 -30.14 14.20
N ASN A 201 23.88 -31.03 13.43
CA ASN A 201 24.04 -32.42 13.84
C ASN A 201 25.25 -32.56 14.76
N ASP A 202 26.35 -31.92 14.40
CA ASP A 202 27.57 -31.98 15.20
C ASP A 202 27.34 -31.46 16.61
N ASN A 203 27.16 -30.14 16.73
CA ASN A 203 26.92 -29.51 18.02
C ASN A 203 28.03 -29.86 19.01
N ASN A 204 29.24 -30.09 18.49
CA ASN A 204 30.37 -30.43 19.34
C ASN A 204 31.14 -29.18 19.75
N THR A 205 31.13 -28.16 18.90
CA THR A 205 31.83 -26.92 19.19
C THR A 205 31.35 -26.31 20.50
N ALA A 206 30.03 -26.17 20.64
CA ALA A 206 29.45 -25.59 21.84
C ALA A 206 29.92 -26.33 23.09
N ASN A 207 29.88 -27.67 23.04
CA ASN A 207 30.30 -28.48 24.17
C ASN A 207 31.65 -28.00 24.70
N ARG A 208 32.66 -27.99 23.83
CA ARG A 208 33.98 -27.54 24.22
C ARG A 208 33.95 -26.07 24.65
N ILE A 209 33.01 -25.32 24.10
CA ILE A 209 32.87 -23.91 24.43
C ILE A 209 32.32 -23.73 25.85
N ILE A 210 31.16 -24.32 26.12
CA ILE A 210 30.56 -24.21 27.42
C ILE A 210 31.53 -24.63 28.51
N GLU A 211 32.42 -25.53 28.15
CA GLU A 211 33.43 -26.01 29.07
C GLU A 211 34.23 -24.83 29.62
N GLU A 212 34.67 -23.97 28.70
CA GLU A 212 35.43 -22.79 29.07
C GLU A 212 34.49 -21.68 29.54
N LEU A 213 33.26 -21.68 29.01
CA LEU A 213 32.27 -20.68 29.39
C LEU A 213 32.17 -20.53 30.91
N LEU A 214 32.03 -21.67 31.59
CA LEU A 214 31.91 -21.67 33.04
C LEU A 214 33.29 -21.79 33.70
N LYS A 215 34.24 -20.98 33.24
CA LYS A 215 35.59 -21.00 33.79
C LYS A 215 35.60 -20.46 35.22
N SER A 1 -8.44 26.30 -14.94
CA SER A 1 -7.76 27.31 -14.10
C SER A 1 -8.75 28.05 -13.22
N SER A 2 -9.76 28.65 -13.84
CA SER A 2 -10.78 29.39 -13.10
C SER A 2 -11.49 28.49 -12.10
N ARG A 3 -12.25 27.52 -12.61
CA ARG A 3 -12.98 26.60 -11.76
C ARG A 3 -12.03 25.66 -11.03
N ALA A 4 -10.91 25.35 -11.66
CA ALA A 4 -9.91 24.47 -11.07
C ALA A 4 -9.38 25.04 -9.76
N LYS A 5 -9.48 26.36 -9.60
CA LYS A 5 -9.00 27.02 -8.39
C LYS A 5 -9.63 26.41 -7.14
N ARG A 6 -10.86 25.93 -7.28
CA ARG A 6 -11.57 25.31 -6.17
C ARG A 6 -10.82 24.08 -5.65
N ILE A 7 -10.35 23.26 -6.57
CA ILE A 7 -9.62 22.05 -6.22
C ILE A 7 -8.14 22.35 -5.98
N MET A 8 -7.61 23.26 -6.79
CA MET A 8 -6.20 23.64 -6.67
C MET A 8 -5.91 24.22 -5.29
N LYS A 9 -6.91 24.88 -4.71
CA LYS A 9 -6.75 25.48 -3.39
C LYS A 9 -6.41 24.42 -2.35
N GLU A 10 -7.15 23.32 -2.36
CA GLU A 10 -6.92 22.23 -1.41
C GLU A 10 -5.53 21.64 -1.59
N ILE A 11 -5.00 21.71 -2.81
CA ILE A 11 -3.68 21.18 -3.10
C ILE A 11 -2.59 22.03 -2.43
N GLN A 12 -2.87 23.32 -2.27
CA GLN A 12 -1.90 24.23 -1.64
C GLN A 12 -1.88 24.03 -0.12
N ALA A 13 -3.04 23.68 0.43
CA ALA A 13 -3.15 23.48 1.88
C ALA A 13 -2.52 22.15 2.28
N VAL A 14 -2.58 21.16 1.40
CA VAL A 14 -2.02 19.84 1.68
C VAL A 14 -0.52 19.83 1.45
N LYS A 15 -0.06 20.60 0.46
CA LYS A 15 1.36 20.67 0.14
C LYS A 15 2.11 21.49 1.19
N ASP A 16 1.45 22.54 1.69
CA ASP A 16 2.07 23.40 2.70
C ASP A 16 2.16 22.69 4.05
N ASP A 17 1.56 21.51 4.16
CA ASP A 17 1.59 20.73 5.39
C ASP A 17 2.63 19.63 5.32
N PRO A 18 3.85 19.88 5.85
CA PRO A 18 4.93 18.89 5.84
C PRO A 18 4.65 17.72 6.77
N ALA A 19 3.86 17.97 7.82
CA ALA A 19 3.50 16.93 8.79
C ALA A 19 2.85 15.74 8.10
N ALA A 20 1.71 15.98 7.46
CA ALA A 20 0.98 14.93 6.76
C ALA A 20 1.67 14.56 5.45
N HIS A 21 2.17 13.33 5.38
CA HIS A 21 2.85 12.85 4.18
C HIS A 21 1.86 12.62 3.04
N ILE A 22 1.36 13.72 2.47
CA ILE A 22 0.40 13.63 1.38
C ILE A 22 1.00 14.14 0.08
N THR A 23 0.48 13.65 -1.04
CA THR A 23 0.96 14.06 -2.36
C THR A 23 -0.11 13.85 -3.42
N LEU A 24 -0.55 14.95 -4.04
CA LEU A 24 -1.57 14.87 -5.08
C LEU A 24 -1.21 15.78 -6.25
N GLU A 25 -1.41 15.26 -7.46
CA GLU A 25 -1.10 16.02 -8.67
C GLU A 25 -2.21 15.85 -9.71
N PHE A 26 -2.63 16.96 -10.30
CA PHE A 26 -3.69 16.94 -11.31
C PHE A 26 -3.13 16.46 -12.66
N VAL A 27 -3.77 15.43 -13.22
CA VAL A 27 -3.34 14.88 -14.50
C VAL A 27 -4.39 15.11 -15.57
N SER A 28 -4.25 16.20 -16.32
CA SER A 28 -5.19 16.54 -17.38
C SER A 28 -4.50 17.31 -18.49
N GLU A 29 -5.03 17.20 -19.71
CA GLU A 29 -4.47 17.89 -20.87
C GLU A 29 -4.90 19.36 -20.89
N SER A 30 -6.11 19.62 -20.37
CA SER A 30 -6.63 20.97 -20.34
C SER A 30 -7.40 21.22 -19.05
N ASP A 31 -8.60 20.64 -18.94
CA ASP A 31 -9.43 20.81 -17.76
C ASP A 31 -9.13 19.71 -16.73
N ILE A 32 -8.94 20.12 -15.48
CA ILE A 32 -8.65 19.18 -14.40
C ILE A 32 -9.86 18.31 -14.09
N HIS A 33 -9.63 17.01 -13.94
CA HIS A 33 -10.71 16.08 -13.65
C HIS A 33 -10.19 14.86 -12.91
N HIS A 34 -9.06 14.32 -13.37
CA HIS A 34 -8.47 13.14 -12.75
C HIS A 34 -7.38 13.55 -11.75
N LEU A 35 -7.52 13.08 -10.51
CA LEU A 35 -6.56 13.39 -9.47
C LEU A 35 -5.96 12.12 -8.89
N LYS A 36 -4.70 12.20 -8.46
CA LYS A 36 -4.01 11.05 -7.89
C LYS A 36 -3.33 11.42 -6.59
N GLY A 37 -3.94 11.03 -5.47
CA GLY A 37 -3.38 11.34 -4.17
C GLY A 37 -2.70 10.14 -3.54
N THR A 38 -1.42 10.30 -3.21
CA THR A 38 -0.64 9.23 -2.60
C THR A 38 -0.25 9.59 -1.17
N PHE A 39 -0.17 8.58 -0.31
CA PHE A 39 0.20 8.80 1.09
C PHE A 39 1.01 7.63 1.62
N LEU A 40 1.70 7.86 2.73
CA LEU A 40 2.53 6.82 3.36
C LEU A 40 1.75 6.13 4.46
N GLY A 41 1.45 4.85 4.25
CA GLY A 41 0.71 4.08 5.23
C GLY A 41 1.54 3.75 6.46
N PRO A 42 1.17 4.29 7.64
CA PRO A 42 1.92 4.03 8.89
C PRO A 42 1.81 2.57 9.32
N PRO A 43 2.87 2.02 9.95
CA PRO A 43 2.88 0.62 10.40
C PRO A 43 1.78 0.34 11.43
N GLY A 44 2.09 -0.54 12.38
CA GLY A 44 1.12 -0.91 13.39
C GLY A 44 0.16 -1.97 12.89
N THR A 45 0.46 -2.51 11.70
CA THR A 45 -0.38 -3.54 11.10
C THR A 45 0.30 -4.15 9.88
N PRO A 46 -0.23 -5.29 9.38
CA PRO A 46 0.32 -5.97 8.20
C PRO A 46 0.70 -5.00 7.09
N TYR A 47 0.02 -3.85 7.05
CA TYR A 47 0.29 -2.83 6.05
C TYR A 47 1.41 -1.91 6.51
N GLU A 48 2.52 -2.50 6.94
CA GLU A 48 3.67 -1.74 7.41
C GLU A 48 4.00 -0.58 6.49
N GLY A 49 4.94 0.26 6.92
CA GLY A 49 5.34 1.42 6.13
C GLY A 49 5.53 1.10 4.67
N GLY A 50 4.64 1.64 3.83
CA GLY A 50 4.73 1.40 2.40
C GLY A 50 4.07 2.49 1.58
N LYS A 51 4.46 2.60 0.32
CA LYS A 51 3.91 3.61 -0.58
C LYS A 51 2.55 3.16 -1.11
N PHE A 52 1.64 4.12 -1.28
CA PHE A 52 0.30 3.81 -1.78
C PHE A 52 -0.18 4.87 -2.77
N VAL A 53 -1.02 4.43 -3.71
CA VAL A 53 -1.56 5.33 -4.73
C VAL A 53 -3.07 5.14 -4.86
N VAL A 54 -3.80 6.24 -4.96
CA VAL A 54 -5.25 6.19 -5.09
C VAL A 54 -5.74 6.97 -6.29
N ASP A 55 -6.36 6.28 -7.23
CA ASP A 55 -6.89 6.92 -8.44
C ASP A 55 -8.14 7.72 -8.09
N ILE A 56 -8.02 9.04 -8.14
CA ILE A 56 -9.15 9.91 -7.81
C ILE A 56 -9.71 10.61 -9.05
N GLU A 57 -11.00 10.91 -9.00
CA GLU A 57 -11.67 11.60 -10.09
C GLU A 57 -12.63 12.64 -9.55
N VAL A 58 -12.24 13.91 -9.64
CA VAL A 58 -13.06 15.01 -9.13
C VAL A 58 -13.80 15.74 -10.26
N PRO A 59 -15.09 15.40 -10.47
CA PRO A 59 -15.89 16.04 -11.51
C PRO A 59 -16.45 17.39 -11.07
N MET A 60 -16.88 17.46 -9.82
CA MET A 60 -17.44 18.68 -9.27
C MET A 60 -17.83 18.49 -7.80
N GLU A 61 -17.00 19.01 -6.90
CA GLU A 61 -17.26 18.89 -5.47
C GLU A 61 -17.88 20.16 -4.91
N TYR A 62 -19.17 20.10 -4.60
CA TYR A 62 -19.88 21.25 -4.05
C TYR A 62 -21.36 20.92 -3.83
N PRO A 63 -22.10 20.60 -4.91
CA PRO A 63 -23.52 20.26 -4.82
C PRO A 63 -23.77 18.99 -3.99
N PHE A 64 -23.42 17.85 -4.57
CA PHE A 64 -23.60 16.56 -3.88
C PHE A 64 -23.06 15.42 -4.73
N LYS A 65 -21.95 15.68 -5.43
CA LYS A 65 -21.33 14.68 -6.28
C LYS A 65 -20.18 13.98 -5.56
N PRO A 66 -20.40 12.76 -5.06
CA PRO A 66 -19.35 11.99 -4.35
C PRO A 66 -18.23 11.54 -5.28
N PRO A 67 -17.02 12.11 -5.11
CA PRO A 67 -15.87 11.75 -5.94
C PRO A 67 -15.66 10.24 -6.05
N LYS A 68 -14.77 9.83 -6.94
CA LYS A 68 -14.48 8.41 -7.14
C LYS A 68 -13.12 8.05 -6.55
N MET A 69 -13.09 6.93 -5.83
CA MET A 69 -11.84 6.46 -5.22
C MET A 69 -11.53 5.03 -5.66
N GLN A 70 -10.41 4.86 -6.35
CA GLN A 70 -10.01 3.54 -6.82
C GLN A 70 -8.55 3.26 -6.47
N PHE A 71 -8.35 2.34 -5.53
CA PHE A 71 -7.01 1.98 -5.10
C PHE A 71 -6.29 1.14 -6.15
N ASP A 72 -5.32 1.74 -6.82
CA ASP A 72 -4.56 1.04 -7.86
C ASP A 72 -3.47 0.16 -7.24
N THR A 73 -2.83 0.67 -6.20
CA THR A 73 -1.76 -0.07 -5.52
C THR A 73 -2.32 -1.33 -4.84
N LYS A 74 -3.64 -1.37 -4.66
CA LYS A 74 -4.29 -2.51 -4.04
C LYS A 74 -3.85 -2.68 -2.59
N VAL A 75 -4.77 -3.13 -1.75
CA VAL A 75 -4.48 -3.32 -0.33
C VAL A 75 -5.03 -4.66 0.17
N TYR A 76 -5.47 -5.51 -0.74
CA TYR A 76 -6.01 -6.82 -0.39
C TYR A 76 -7.13 -6.69 0.66
N HIS A 77 -7.78 -5.52 0.68
CA HIS A 77 -8.86 -5.27 1.62
C HIS A 77 -10.21 -5.60 1.00
N PRO A 78 -11.15 -6.14 1.81
CA PRO A 78 -12.48 -6.50 1.33
C PRO A 78 -13.44 -5.32 1.28
N ASN A 79 -12.93 -4.11 1.52
CA ASN A 79 -13.75 -2.91 1.51
C ASN A 79 -13.10 -1.80 0.69
N ILE A 80 -12.12 -2.16 -0.14
CA ILE A 80 -11.42 -1.19 -0.97
C ILE A 80 -10.40 -1.85 -1.88
N SER A 81 -10.72 -3.07 -2.32
CA SER A 81 -9.83 -3.83 -3.20
C SER A 81 -10.40 -5.22 -3.47
N SER A 82 -11.71 -5.29 -3.67
CA SER A 82 -12.38 -6.56 -3.93
C SER A 82 -12.09 -7.03 -5.36
N VAL A 83 -12.14 -6.11 -6.31
CA VAL A 83 -11.90 -6.43 -7.70
C VAL A 83 -11.05 -5.37 -8.38
N THR A 84 -11.41 -4.10 -8.16
CA THR A 84 -10.68 -2.99 -8.76
C THR A 84 -10.61 -1.80 -7.82
N GLY A 85 -10.65 -2.08 -6.51
CA GLY A 85 -10.59 -1.02 -5.53
C GLY A 85 -11.97 -0.55 -5.10
N ALA A 86 -12.93 -1.46 -5.12
CA ALA A 86 -14.30 -1.13 -4.74
C ALA A 86 -14.37 -0.66 -3.29
N ILE A 87 -14.35 0.66 -3.09
CA ILE A 87 -14.40 1.22 -1.75
C ILE A 87 -15.80 1.76 -1.43
N CYS A 88 -16.17 1.67 -0.16
CA CYS A 88 -17.48 2.14 0.29
C CYS A 88 -17.32 3.18 1.39
N LEU A 89 -17.37 4.45 1.02
CA LEU A 89 -17.23 5.54 1.97
C LEU A 89 -18.44 6.47 1.93
N ASP A 90 -18.31 7.64 2.56
CA ASP A 90 -19.39 8.61 2.60
C ASP A 90 -19.60 9.27 1.24
N ILE A 91 -18.54 9.88 0.71
CA ILE A 91 -18.61 10.55 -0.59
C ILE A 91 -18.18 9.62 -1.72
N LEU A 92 -18.52 8.34 -1.59
CA LEU A 92 -18.16 7.35 -2.60
C LEU A 92 -19.41 6.76 -3.25
N ARG A 93 -20.53 6.85 -2.54
CA ARG A 93 -21.80 6.33 -3.04
C ARG A 93 -22.98 6.98 -2.33
N ASN A 94 -22.87 7.09 -1.01
CA ASN A 94 -23.93 7.70 -0.21
C ASN A 94 -23.40 8.90 0.56
N ALA A 95 -23.28 10.03 -0.13
CA ALA A 95 -22.78 11.26 0.49
C ALA A 95 -23.77 11.80 1.51
N TRP A 96 -23.25 12.18 2.69
CA TRP A 96 -24.08 12.72 3.76
C TRP A 96 -23.73 14.18 4.02
N SER A 97 -22.46 14.42 4.33
CA SER A 97 -21.99 15.77 4.61
C SER A 97 -21.56 16.48 3.33
N PRO A 98 -22.27 17.56 2.92
CA PRO A 98 -21.94 18.31 1.71
C PRO A 98 -20.57 18.99 1.78
N VAL A 99 -19.99 19.03 2.98
CA VAL A 99 -18.69 19.67 3.18
C VAL A 99 -17.59 18.63 3.43
N ILE A 100 -17.44 17.69 2.50
CA ILE A 100 -16.41 16.67 2.63
C ILE A 100 -15.34 16.84 1.54
N THR A 101 -14.50 17.86 1.70
CA THR A 101 -13.45 18.15 0.73
C THR A 101 -12.55 16.94 0.53
N LEU A 102 -11.64 17.05 -0.44
CA LEU A 102 -10.71 15.96 -0.75
C LEU A 102 -9.88 15.59 0.48
N LYS A 103 -9.66 16.56 1.36
CA LYS A 103 -8.88 16.33 2.56
C LYS A 103 -9.51 15.24 3.42
N SER A 104 -10.83 15.27 3.54
CA SER A 104 -11.56 14.28 4.32
C SER A 104 -11.68 12.96 3.55
N ALA A 105 -11.68 13.04 2.23
CA ALA A 105 -11.78 11.86 1.39
C ALA A 105 -10.49 11.04 1.42
N LEU A 106 -9.36 11.72 1.47
CA LEU A 106 -8.07 11.05 1.51
C LEU A 106 -7.83 10.40 2.87
N ILE A 107 -8.00 11.19 3.92
CA ILE A 107 -7.81 10.70 5.28
C ILE A 107 -8.73 9.52 5.58
N SER A 108 -9.89 9.51 4.91
CA SER A 108 -10.86 8.44 5.10
C SER A 108 -10.29 7.10 4.66
N LEU A 109 -9.64 7.08 3.51
CA LEU A 109 -9.05 5.86 2.97
C LEU A 109 -8.00 5.30 3.93
N GLN A 110 -7.21 6.19 4.53
CA GLN A 110 -6.18 5.79 5.47
C GLN A 110 -6.77 4.93 6.60
N ALA A 111 -7.80 5.47 7.25
CA ALA A 111 -8.46 4.76 8.33
C ALA A 111 -9.20 3.55 7.81
N LEU A 112 -9.65 3.62 6.56
CA LEU A 112 -10.39 2.53 5.93
C LEU A 112 -9.53 1.28 5.88
N LEU A 113 -8.23 1.45 5.67
CA LEU A 113 -7.30 0.33 5.60
C LEU A 113 -7.06 -0.27 6.98
N GLN A 114 -7.14 0.58 8.01
CA GLN A 114 -6.94 0.13 9.38
C GLN A 114 -8.27 -0.13 10.06
N SER A 115 -9.27 -0.56 9.28
CA SER A 115 -10.59 -0.85 9.82
C SER A 115 -11.16 -2.12 9.20
N PRO A 116 -10.77 -3.30 9.73
CA PRO A 116 -11.25 -4.59 9.21
C PRO A 116 -12.72 -4.83 9.54
N GLU A 117 -13.53 -4.97 8.50
CA GLU A 117 -14.96 -5.21 8.67
C GLU A 117 -15.47 -6.22 7.65
N PRO A 118 -14.99 -7.47 7.70
CA PRO A 118 -15.40 -8.53 6.77
C PRO A 118 -16.78 -9.09 7.11
N ASN A 119 -17.78 -8.21 7.14
CA ASN A 119 -19.15 -8.63 7.45
C ASN A 119 -20.12 -8.12 6.39
N ASP A 120 -19.97 -6.86 6.01
CA ASP A 120 -20.85 -6.26 5.01
C ASP A 120 -20.04 -5.68 3.84
N PRO A 121 -19.14 -6.50 3.25
CA PRO A 121 -18.31 -6.05 2.12
C PRO A 121 -19.09 -5.97 0.82
N GLN A 122 -18.38 -5.82 -0.28
CA GLN A 122 -19.00 -5.71 -1.59
C GLN A 122 -18.90 -7.03 -2.34
N ASP A 123 -17.83 -7.77 -2.09
CA ASP A 123 -17.60 -9.06 -2.76
C ASP A 123 -17.67 -10.19 -1.75
N ALA A 124 -18.57 -11.14 -1.99
CA ALA A 124 -18.75 -12.28 -1.10
C ALA A 124 -17.62 -13.30 -1.28
N GLU A 125 -17.09 -13.36 -2.50
CA GLU A 125 -16.00 -14.29 -2.81
C GLU A 125 -14.70 -13.85 -2.15
N VAL A 126 -14.43 -12.55 -2.22
CA VAL A 126 -13.22 -11.99 -1.62
C VAL A 126 -13.21 -12.17 -0.10
N ALA A 127 -14.30 -11.74 0.54
CA ALA A 127 -14.42 -11.85 1.99
C ALA A 127 -14.33 -13.30 2.43
N GLN A 128 -14.81 -14.21 1.59
CA GLN A 128 -14.78 -15.63 1.91
C GLN A 128 -13.36 -16.17 1.83
N HIS A 129 -12.59 -15.68 0.87
CA HIS A 129 -11.21 -16.11 0.69
C HIS A 129 -10.34 -15.69 1.88
N TYR A 130 -10.48 -14.44 2.28
CA TYR A 130 -9.71 -13.91 3.41
C TYR A 130 -10.04 -14.68 4.69
N LEU A 131 -11.30 -15.08 4.83
CA LEU A 131 -11.73 -15.83 6.00
C LEU A 131 -11.14 -17.23 6.01
N ARG A 132 -10.91 -17.78 4.81
CA ARG A 132 -10.36 -19.12 4.68
C ARG A 132 -8.91 -19.15 5.16
N ASP A 133 -8.10 -18.21 4.69
CA ASP A 133 -6.70 -18.14 5.08
C ASP A 133 -6.27 -16.69 5.29
N ARG A 134 -6.20 -16.28 6.55
CA ARG A 134 -5.80 -14.92 6.89
C ARG A 134 -4.29 -14.79 6.96
N GLU A 135 -3.66 -15.62 7.78
CA GLU A 135 -2.22 -15.60 7.95
C GLU A 135 -1.51 -15.85 6.62
N SER A 136 -2.18 -16.58 5.73
CA SER A 136 -1.62 -16.89 4.42
C SER A 136 -1.64 -15.67 3.51
N PHE A 137 -2.80 -15.03 3.41
CA PHE A 137 -2.94 -13.85 2.57
C PHE A 137 -2.25 -12.65 3.19
N ASN A 138 -2.19 -12.62 4.52
CA ASN A 138 -1.54 -11.53 5.24
C ASN A 138 -0.03 -11.60 5.11
N LYS A 139 0.51 -12.82 5.23
CA LYS A 139 1.95 -13.02 5.14
C LYS A 139 2.49 -12.51 3.80
N THR A 140 1.69 -12.63 2.75
CA THR A 140 2.09 -12.18 1.42
C THR A 140 1.83 -10.68 1.26
N ALA A 141 0.59 -10.27 1.46
CA ALA A 141 0.20 -8.87 1.32
C ALA A 141 1.10 -7.97 2.18
N ALA A 142 1.60 -8.51 3.28
CA ALA A 142 2.46 -7.75 4.17
C ALA A 142 3.83 -7.50 3.54
N LEU A 143 4.42 -8.56 2.99
CA LEU A 143 5.73 -8.46 2.36
C LEU A 143 5.61 -7.81 0.97
N TRP A 144 4.49 -8.07 0.30
CA TRP A 144 4.26 -7.51 -1.03
C TRP A 144 4.05 -6.00 -0.97
N THR A 145 3.46 -5.54 0.13
CA THR A 145 3.19 -4.12 0.30
C THR A 145 4.42 -3.38 0.83
N ARG A 146 5.02 -3.92 1.89
CA ARG A 146 6.20 -3.32 2.49
C ARG A 146 7.32 -3.16 1.47
N LEU A 147 7.33 -4.02 0.46
CA LEU A 147 8.35 -3.96 -0.58
C LEU A 147 7.93 -3.04 -1.72
N TYR A 148 6.71 -3.24 -2.22
CA TYR A 148 6.19 -2.42 -3.31
C TYR A 148 4.82 -2.92 -3.76
N ALA A 149 3.80 -2.61 -2.96
CA ALA A 149 2.43 -3.03 -3.28
C ALA A 149 2.00 -2.51 -4.64
N SER A 150 2.62 -1.40 -5.08
CA SER A 150 2.30 -0.80 -6.36
C SER A 150 2.53 -1.79 -7.51
N GLU A 151 3.79 -1.92 -7.91
CA GLU A 151 4.14 -2.84 -8.99
C GLU A 151 4.97 -4.01 -8.47
N THR A 152 5.13 -5.03 -9.32
CA THR A 152 5.90 -6.20 -8.94
C THR A 152 6.49 -6.89 -10.17
N SER A 153 6.68 -6.11 -11.23
CA SER A 153 7.24 -6.64 -12.48
C SER A 153 7.36 -5.54 -13.53
N ASN A 154 8.22 -4.57 -13.27
CA ASN A 154 8.42 -3.47 -14.21
C ASN A 154 9.86 -2.97 -14.14
N GLY A 155 10.24 -2.39 -13.01
CA GLY A 155 11.59 -1.89 -12.84
C GLY A 155 12.59 -2.97 -12.51
N GLN A 156 13.84 -2.59 -12.33
CA GLN A 156 14.90 -3.54 -12.01
C GLN A 156 15.27 -3.46 -10.53
N LYS A 157 15.16 -2.27 -9.97
CA LYS A 157 15.49 -2.06 -8.57
C LYS A 157 14.24 -2.11 -7.69
N GLY A 158 14.41 -2.52 -6.44
CA GLY A 158 13.28 -2.61 -5.53
C GLY A 158 13.70 -2.44 -4.09
N ASN A 159 14.48 -3.39 -3.58
CA ASN A 159 14.94 -3.36 -2.20
C ASN A 159 16.01 -4.42 -1.96
N VAL A 160 15.60 -5.69 -2.06
CA VAL A 160 16.52 -6.80 -1.85
C VAL A 160 17.49 -6.94 -3.02
N GLU A 161 18.77 -7.18 -2.71
CA GLU A 161 19.79 -7.33 -3.72
C GLU A 161 20.07 -8.81 -3.99
N GLU A 162 20.61 -9.10 -5.17
CA GLU A 162 20.93 -10.48 -5.54
C GLU A 162 22.44 -10.66 -5.70
N SER A 163 23.18 -10.41 -4.63
CA SER A 163 24.63 -10.54 -4.64
C SER A 163 25.24 -9.60 -5.67
N ASP A 164 25.67 -8.43 -5.20
CA ASP A 164 26.28 -7.43 -6.09
C ASP A 164 27.80 -7.59 -6.11
N LEU A 165 28.46 -6.77 -6.92
CA LEU A 165 29.91 -6.83 -7.04
C LEU A 165 30.57 -6.43 -5.73
N TYR A 166 31.75 -7.00 -5.47
CA TYR A 166 32.49 -6.70 -4.24
C TYR A 166 33.99 -6.63 -4.53
N GLY A 167 34.73 -6.06 -3.58
CA GLY A 167 36.17 -5.93 -3.74
C GLY A 167 36.93 -6.31 -2.49
N ILE A 168 37.78 -5.40 -2.02
CA ILE A 168 38.57 -5.65 -0.83
C ILE A 168 39.54 -6.81 -1.03
N ASP A 169 40.82 -6.49 -1.20
CA ASP A 169 41.83 -7.51 -1.42
C ASP A 169 43.21 -6.98 -1.03
N HIS A 170 43.82 -6.23 -1.93
CA HIS A 170 45.14 -5.67 -1.70
C HIS A 170 45.06 -4.35 -0.93
N ASP A 171 43.92 -3.67 -1.02
CA ASP A 171 43.72 -2.41 -0.31
C ASP A 171 43.67 -2.66 1.19
N LEU A 172 42.85 -3.63 1.58
CA LEU A 172 42.73 -4.00 2.97
C LEU A 172 44.01 -4.66 3.44
N ILE A 173 44.68 -5.32 2.50
CA ILE A 173 45.92 -6.00 2.78
C ILE A 173 47.06 -5.02 3.00
N ASP A 174 47.12 -4.00 2.15
CA ASP A 174 48.16 -2.98 2.25
C ASP A 174 48.21 -2.38 3.63
N GLU A 175 47.06 -2.30 4.30
CA GLU A 175 46.99 -1.72 5.63
C GLU A 175 47.70 -2.60 6.66
N PHE A 176 47.33 -3.88 6.72
CA PHE A 176 47.94 -4.81 7.68
C PHE A 176 49.29 -5.30 7.20
N GLU A 177 49.48 -5.33 5.89
CA GLU A 177 50.74 -5.81 5.35
C GLU A 177 51.88 -4.85 5.62
N SER A 178 51.55 -3.58 5.81
CA SER A 178 52.57 -2.56 6.07
C SER A 178 52.62 -2.18 7.55
N GLN A 179 51.50 -2.32 8.25
CA GLN A 179 51.44 -1.99 9.67
C GLN A 179 52.47 -2.78 10.47
N GLY A 180 52.83 -3.94 9.96
CA GLY A 180 53.80 -4.78 10.64
C GLY A 180 53.54 -6.25 10.38
N PHE A 181 52.31 -6.56 10.00
CA PHE A 181 51.91 -7.93 9.71
C PHE A 181 52.17 -8.26 8.24
N GLU A 182 52.24 -9.54 7.95
CA GLU A 182 52.49 -10.00 6.59
C GLU A 182 51.18 -10.36 5.88
N LYS A 183 51.25 -10.47 4.56
CA LYS A 183 50.07 -10.80 3.75
C LYS A 183 49.37 -12.05 4.29
N ASP A 184 50.16 -13.06 4.64
CA ASP A 184 49.60 -14.32 5.16
C ASP A 184 48.63 -14.06 6.31
N LYS A 185 48.91 -13.01 7.09
CA LYS A 185 48.05 -12.66 8.21
C LYS A 185 46.69 -12.20 7.72
N ILE A 186 46.69 -11.21 6.83
CA ILE A 186 45.46 -10.66 6.28
C ILE A 186 44.64 -11.73 5.57
N VAL A 187 45.28 -12.48 4.68
CA VAL A 187 44.60 -13.54 3.92
C VAL A 187 43.81 -14.46 4.84
N GLU A 188 44.49 -15.05 5.82
CA GLU A 188 43.85 -15.97 6.76
C GLU A 188 42.56 -15.37 7.32
N VAL A 189 42.54 -14.05 7.44
CA VAL A 189 41.37 -13.36 7.98
C VAL A 189 40.34 -13.04 6.89
N LEU A 190 40.80 -12.84 5.66
CA LEU A 190 39.91 -12.53 4.56
C LEU A 190 39.17 -13.77 4.07
N ARG A 191 39.93 -14.80 3.70
CA ARG A 191 39.34 -16.03 3.18
C ARG A 191 38.35 -16.64 4.18
N ARG A 192 38.76 -16.75 5.45
CA ARG A 192 37.90 -17.33 6.47
C ARG A 192 36.51 -16.71 6.44
N LEU A 193 36.44 -15.38 6.51
CA LEU A 193 35.15 -14.69 6.48
C LEU A 193 34.63 -14.55 5.05
N GLY A 194 35.27 -13.67 4.28
CA GLY A 194 34.86 -13.46 2.90
C GLY A 194 34.26 -12.09 2.68
N VAL A 195 34.17 -11.29 3.74
CA VAL A 195 33.61 -9.95 3.64
C VAL A 195 34.36 -9.10 2.63
N LYS A 196 33.81 -8.97 1.44
CA LYS A 196 34.43 -8.18 0.38
C LYS A 196 33.66 -6.89 0.13
N SER A 197 32.41 -6.85 0.56
CA SER A 197 31.57 -5.67 0.38
C SER A 197 31.00 -5.19 1.71
N LEU A 198 31.53 -4.08 2.20
CA LEU A 198 31.07 -3.51 3.48
C LEU A 198 30.90 -2.00 3.36
N ASP A 199 30.17 -1.43 4.33
CA ASP A 199 29.92 0.00 4.33
C ASP A 199 31.21 0.78 4.57
N PRO A 200 31.34 1.98 3.97
CA PRO A 200 32.53 2.82 4.12
C PRO A 200 32.70 3.32 5.55
N ASN A 201 31.58 3.51 6.24
CA ASN A 201 31.61 3.99 7.62
C ASN A 201 31.34 2.85 8.60
N ASP A 202 31.73 1.64 8.21
CA ASP A 202 31.52 0.46 9.06
C ASP A 202 32.86 -0.17 9.44
N ASN A 203 33.29 0.08 10.66
CA ASN A 203 34.55 -0.46 11.16
C ASN A 203 34.30 -1.68 12.05
N ASN A 204 33.38 -2.53 11.63
CA ASN A 204 33.04 -3.73 12.39
C ASN A 204 33.79 -4.95 11.85
N THR A 205 34.11 -4.92 10.56
CA THR A 205 34.83 -6.03 9.94
C THR A 205 36.29 -6.04 10.36
N ALA A 206 36.96 -4.90 10.22
CA ALA A 206 38.37 -4.79 10.57
C ALA A 206 38.61 -5.24 12.00
N ASN A 207 37.73 -4.83 12.92
CA ASN A 207 37.86 -5.20 14.32
C ASN A 207 38.06 -6.71 14.45
N ARG A 208 37.08 -7.47 14.00
CA ARG A 208 37.16 -8.92 14.07
C ARG A 208 38.37 -9.44 13.28
N ILE A 209 38.78 -8.69 12.27
CA ILE A 209 39.93 -9.07 11.46
C ILE A 209 41.24 -8.96 12.24
N ILE A 210 41.52 -7.77 12.76
CA ILE A 210 42.74 -7.56 13.51
C ILE A 210 42.89 -8.61 14.61
N GLU A 211 41.76 -9.08 15.10
CA GLU A 211 41.76 -10.12 16.13
C GLU A 211 42.59 -11.30 15.64
N GLU A 212 42.24 -11.78 14.46
CA GLU A 212 42.95 -12.90 13.85
C GLU A 212 44.35 -12.45 13.43
N LEU A 213 44.48 -11.17 13.10
CA LEU A 213 45.78 -10.60 12.69
C LEU A 213 46.79 -10.75 13.82
N LEU A 214 46.45 -10.21 14.98
CA LEU A 214 47.33 -10.28 16.15
C LEU A 214 47.16 -11.60 16.90
N LYS A 215 46.39 -12.53 16.33
CA LYS A 215 46.16 -13.82 16.96
C LYS A 215 45.56 -13.66 18.35
N SER A 1 -10.08 28.52 -14.98
CA SER A 1 -9.65 27.60 -13.88
C SER A 1 -10.51 27.79 -12.64
N SER A 2 -11.78 28.16 -12.85
CA SER A 2 -12.71 28.37 -11.74
C SER A 2 -12.89 27.08 -10.93
N ARG A 3 -13.51 26.09 -11.56
CA ARG A 3 -13.76 24.82 -10.89
C ARG A 3 -12.44 24.17 -10.48
N ALA A 4 -11.40 24.40 -11.26
CA ALA A 4 -10.08 23.84 -10.98
C ALA A 4 -9.49 24.46 -9.72
N LYS A 5 -9.65 25.76 -9.58
CA LYS A 5 -9.13 26.49 -8.42
C LYS A 5 -9.83 26.05 -7.14
N ARG A 6 -11.09 25.64 -7.28
CA ARG A 6 -11.89 25.20 -6.13
C ARG A 6 -11.20 24.04 -5.41
N ILE A 7 -10.66 23.10 -6.20
CA ILE A 7 -9.98 21.95 -5.64
C ILE A 7 -8.49 22.24 -5.43
N MET A 8 -7.92 23.07 -6.30
CA MET A 8 -6.52 23.44 -6.21
C MET A 8 -6.25 24.25 -4.94
N LYS A 9 -7.22 25.07 -4.56
CA LYS A 9 -7.08 25.91 -3.38
C LYS A 9 -6.85 25.05 -2.13
N GLU A 10 -7.34 23.81 -2.17
CA GLU A 10 -7.17 22.90 -1.05
C GLU A 10 -5.77 22.30 -1.04
N ILE A 11 -5.20 22.13 -2.23
CA ILE A 11 -3.86 21.56 -2.36
C ILE A 11 -2.83 22.47 -1.71
N GLN A 12 -3.10 23.77 -1.70
CA GLN A 12 -2.19 24.73 -1.10
C GLN A 12 -2.32 24.73 0.41
N ALA A 13 -3.54 24.46 0.89
CA ALA A 13 -3.80 24.42 2.33
C ALA A 13 -3.31 23.11 2.95
N VAL A 14 -3.58 22.01 2.26
CA VAL A 14 -3.16 20.69 2.76
C VAL A 14 -1.67 20.66 3.04
N LYS A 15 -0.89 21.32 2.19
CA LYS A 15 0.57 21.36 2.37
C LYS A 15 0.94 22.22 3.57
N ASP A 16 0.41 23.44 3.60
CA ASP A 16 0.68 24.38 4.69
C ASP A 16 2.16 24.69 4.81
N ASP A 17 2.93 23.74 5.33
CA ASP A 17 4.38 23.92 5.49
C ASP A 17 5.04 22.60 5.87
N PRO A 18 6.37 22.50 5.69
CA PRO A 18 7.13 21.28 6.01
C PRO A 18 6.75 20.73 7.38
N ALA A 19 5.76 19.85 7.40
CA ALA A 19 5.30 19.26 8.65
C ALA A 19 4.44 18.02 8.39
N ALA A 20 3.32 18.22 7.69
CA ALA A 20 2.42 17.13 7.37
C ALA A 20 3.09 16.11 6.45
N HIS A 21 2.29 15.21 5.89
CA HIS A 21 2.81 14.18 5.00
C HIS A 21 1.78 13.81 3.93
N ILE A 22 0.94 14.78 3.57
CA ILE A 22 -0.08 14.56 2.55
C ILE A 22 0.45 14.86 1.16
N THR A 23 -0.21 14.31 0.14
CA THR A 23 0.21 14.52 -1.24
C THR A 23 -1.01 14.69 -2.15
N LEU A 24 -0.99 15.74 -2.97
CA LEU A 24 -2.07 16.01 -3.89
C LEU A 24 -1.54 16.49 -5.24
N GLU A 25 -1.40 15.56 -6.18
CA GLU A 25 -0.90 15.89 -7.51
C GLU A 25 -1.95 15.60 -8.58
N PHE A 26 -2.08 16.50 -9.55
CA PHE A 26 -3.04 16.34 -10.63
C PHE A 26 -2.33 16.19 -11.97
N VAL A 27 -2.38 14.98 -12.53
CA VAL A 27 -1.73 14.71 -13.81
C VAL A 27 -2.52 15.34 -14.95
N SER A 28 -2.03 16.47 -15.45
CA SER A 28 -2.68 17.17 -16.55
C SER A 28 -1.82 18.34 -17.03
N GLU A 29 -1.89 18.62 -18.33
CA GLU A 29 -1.13 19.71 -18.91
C GLU A 29 -1.66 21.06 -18.45
N SER A 30 -2.84 21.43 -18.94
CA SER A 30 -3.47 22.69 -18.57
C SER A 30 -4.78 22.46 -17.82
N ASP A 31 -5.76 21.90 -18.52
CA ASP A 31 -7.07 21.62 -17.93
C ASP A 31 -7.00 20.41 -17.02
N ILE A 32 -7.27 20.63 -15.73
CA ILE A 32 -7.24 19.55 -14.75
C ILE A 32 -8.46 18.65 -14.88
N HIS A 33 -8.31 17.39 -14.49
CA HIS A 33 -9.40 16.43 -14.57
C HIS A 33 -9.06 15.16 -13.79
N HIS A 34 -7.83 14.68 -13.94
CA HIS A 34 -7.39 13.48 -13.25
C HIS A 34 -6.46 13.83 -12.10
N LEU A 35 -6.93 13.61 -10.87
CA LEU A 35 -6.14 13.90 -9.69
C LEU A 35 -5.54 12.62 -9.11
N LYS A 36 -4.49 12.79 -8.30
CA LYS A 36 -3.82 11.65 -7.68
C LYS A 36 -3.61 11.89 -6.19
N GLY A 37 -4.34 11.14 -5.36
CA GLY A 37 -4.20 11.30 -3.93
C GLY A 37 -3.18 10.33 -3.33
N THR A 38 -2.05 10.88 -2.90
CA THR A 38 -0.99 10.06 -2.31
C THR A 38 -0.81 10.40 -0.83
N PHE A 39 -0.44 9.40 -0.05
CA PHE A 39 -0.23 9.59 1.38
C PHE A 39 1.07 8.95 1.84
N LEU A 40 1.77 9.62 2.75
CA LEU A 40 3.03 9.11 3.26
C LEU A 40 2.89 8.64 4.70
N GLY A 41 3.04 7.33 4.90
CA GLY A 41 2.91 6.76 6.23
C GLY A 41 3.94 5.68 6.50
N PRO A 42 4.48 5.62 7.73
CA PRO A 42 5.48 4.62 8.10
C PRO A 42 4.88 3.22 8.24
N PRO A 43 5.73 2.18 8.32
CA PRO A 43 5.27 0.80 8.45
C PRO A 43 4.68 0.52 9.84
N GLY A 44 4.62 -0.76 10.20
CA GLY A 44 4.07 -1.15 11.49
C GLY A 44 2.92 -2.13 11.36
N THR A 45 2.68 -2.59 10.14
CA THR A 45 1.60 -3.54 9.88
C THR A 45 1.51 -3.87 8.39
N PRO A 46 1.26 -5.14 8.05
CA PRO A 46 1.15 -5.59 6.65
C PRO A 46 0.14 -4.75 5.86
N TYR A 47 -0.79 -4.13 6.56
CA TYR A 47 -1.81 -3.30 5.91
C TYR A 47 -1.20 -2.05 5.32
N GLU A 48 -0.57 -1.23 6.17
CA GLU A 48 0.06 0.01 5.71
C GLU A 48 1.56 -0.02 5.93
N GLY A 49 2.30 0.65 5.05
CA GLY A 49 3.74 0.68 5.17
C GLY A 49 4.42 1.18 3.90
N GLY A 50 4.51 2.50 3.76
CA GLY A 50 5.14 3.07 2.59
C GLY A 50 4.26 4.11 1.91
N LYS A 51 4.60 4.45 0.66
CA LYS A 51 3.83 5.43 -0.09
C LYS A 51 2.68 4.77 -0.83
N PHE A 52 1.47 5.28 -0.61
CA PHE A 52 0.28 4.74 -1.26
C PHE A 52 -0.29 5.72 -2.28
N VAL A 53 -0.39 5.29 -3.52
CA VAL A 53 -0.92 6.13 -4.59
C VAL A 53 -2.36 5.75 -4.90
N VAL A 54 -3.17 6.75 -5.25
CA VAL A 54 -4.58 6.51 -5.57
C VAL A 54 -5.01 7.33 -6.79
N ASP A 55 -5.47 6.63 -7.83
CA ASP A 55 -5.92 7.30 -9.04
C ASP A 55 -7.28 7.95 -8.82
N ILE A 56 -7.36 9.25 -9.06
CA ILE A 56 -8.60 9.99 -8.86
C ILE A 56 -8.97 10.80 -10.10
N GLU A 57 -10.26 10.93 -10.34
CA GLU A 57 -10.77 11.69 -11.48
C GLU A 57 -11.82 12.70 -11.01
N VAL A 58 -11.43 13.97 -10.97
CA VAL A 58 -12.33 15.04 -10.53
C VAL A 58 -12.88 15.81 -11.71
N PRO A 59 -14.11 15.48 -12.15
CA PRO A 59 -14.76 16.16 -13.28
C PRO A 59 -15.27 17.55 -12.89
N MET A 60 -16.09 18.13 -13.76
CA MET A 60 -16.64 19.45 -13.51
C MET A 60 -17.86 19.38 -12.59
N GLU A 61 -18.69 18.36 -12.79
CA GLU A 61 -19.88 18.16 -11.97
C GLU A 61 -19.52 17.68 -10.58
N TYR A 62 -19.27 18.63 -9.68
CA TYR A 62 -18.90 18.30 -8.31
C TYR A 62 -20.14 18.23 -7.40
N PRO A 63 -20.97 19.30 -7.40
CA PRO A 63 -22.18 19.35 -6.58
C PRO A 63 -23.32 18.52 -7.15
N PHE A 64 -23.06 17.25 -7.41
CA PHE A 64 -24.08 16.35 -7.97
C PHE A 64 -23.52 14.94 -8.12
N LYS A 65 -22.56 14.78 -9.03
CA LYS A 65 -21.95 13.48 -9.28
C LYS A 65 -20.64 13.33 -8.49
N PRO A 66 -20.49 12.22 -7.74
CA PRO A 66 -19.28 11.97 -6.94
C PRO A 66 -18.10 11.55 -7.81
N PRO A 67 -16.91 12.13 -7.57
CA PRO A 67 -15.71 11.80 -8.35
C PRO A 67 -15.42 10.30 -8.34
N LYS A 68 -14.33 9.90 -9.00
CA LYS A 68 -13.94 8.51 -9.07
C LYS A 68 -12.66 8.26 -8.28
N MET A 69 -12.50 7.02 -7.81
CA MET A 69 -11.32 6.66 -7.03
C MET A 69 -10.84 5.26 -7.38
N GLN A 70 -9.53 5.04 -7.31
CA GLN A 70 -8.95 3.74 -7.62
C GLN A 70 -7.57 3.60 -6.99
N PHE A 71 -7.40 2.55 -6.18
CA PHE A 71 -6.14 2.30 -5.52
C PHE A 71 -5.10 1.72 -6.49
N ASP A 72 -4.08 2.52 -6.80
CA ASP A 72 -3.03 2.09 -7.72
C ASP A 72 -2.12 1.07 -7.05
N THR A 73 -1.94 1.20 -5.75
CA THR A 73 -1.09 0.28 -4.99
C THR A 73 -1.62 -1.15 -5.08
N LYS A 74 -2.90 -1.28 -5.39
CA LYS A 74 -3.52 -2.60 -5.51
C LYS A 74 -3.46 -3.34 -4.17
N VAL A 75 -4.59 -3.35 -3.46
CA VAL A 75 -4.67 -4.03 -2.17
C VAL A 75 -5.64 -5.21 -2.23
N TYR A 76 -5.40 -6.20 -1.39
CA TYR A 76 -6.25 -7.39 -1.34
C TYR A 76 -7.16 -7.36 -0.13
N HIS A 77 -7.62 -6.16 0.23
CA HIS A 77 -8.50 -5.99 1.39
C HIS A 77 -9.96 -6.17 0.98
N PRO A 78 -10.82 -6.60 1.91
CA PRO A 78 -12.25 -6.81 1.65
C PRO A 78 -12.96 -5.53 1.26
N ASN A 79 -12.54 -4.42 1.87
CA ASN A 79 -13.14 -3.12 1.58
C ASN A 79 -12.73 -2.61 0.21
N ILE A 80 -11.52 -2.99 -0.22
CA ILE A 80 -11.00 -2.57 -1.51
C ILE A 80 -10.56 -3.76 -2.34
N SER A 81 -11.51 -4.34 -3.09
CA SER A 81 -11.22 -5.49 -3.94
C SER A 81 -12.46 -5.94 -4.70
N SER A 82 -13.07 -5.00 -5.43
CA SER A 82 -14.27 -5.30 -6.21
C SER A 82 -13.90 -5.66 -7.65
N VAL A 83 -12.83 -5.06 -8.15
CA VAL A 83 -12.38 -5.32 -9.51
C VAL A 83 -10.99 -4.76 -9.74
N THR A 84 -10.75 -3.56 -9.24
CA THR A 84 -9.44 -2.91 -9.40
C THR A 84 -9.23 -1.86 -8.32
N GLY A 85 -9.77 -2.12 -7.13
CA GLY A 85 -9.63 -1.19 -6.03
C GLY A 85 -10.88 -0.36 -5.80
N ALA A 86 -11.98 -1.03 -5.51
CA ALA A 86 -13.25 -0.35 -5.27
C ALA A 86 -13.51 -0.18 -3.78
N ILE A 87 -13.68 1.06 -3.36
CA ILE A 87 -13.94 1.36 -1.95
C ILE A 87 -15.33 1.92 -1.75
N CYS A 88 -15.78 1.95 -0.50
CA CYS A 88 -17.09 2.47 -0.16
C CYS A 88 -16.95 3.63 0.81
N LEU A 89 -16.97 4.85 0.29
CA LEU A 89 -16.82 6.04 1.10
C LEU A 89 -17.78 7.14 0.66
N ASP A 90 -17.47 8.39 1.02
CA ASP A 90 -18.31 9.52 0.66
C ASP A 90 -17.92 10.11 -0.69
N ILE A 91 -17.13 9.38 -1.47
CA ILE A 91 -16.70 9.84 -2.78
C ILE A 91 -16.75 8.72 -3.81
N LEU A 92 -17.50 7.66 -3.48
CA LEU A 92 -17.64 6.52 -4.38
C LEU A 92 -19.12 6.28 -4.69
N ARG A 93 -19.47 5.04 -5.04
CA ARG A 93 -20.85 4.69 -5.38
C ARG A 93 -21.83 5.30 -4.37
N ASN A 94 -21.93 4.68 -3.20
CA ASN A 94 -22.82 5.16 -2.15
C ASN A 94 -22.16 6.27 -1.34
N ALA A 95 -22.45 7.51 -1.69
CA ALA A 95 -21.87 8.65 -0.99
C ALA A 95 -22.83 9.84 -0.97
N TRP A 96 -22.37 10.95 -0.41
CA TRP A 96 -23.19 12.16 -0.31
C TRP A 96 -22.31 13.39 -0.12
N SER A 97 -22.92 14.53 0.18
CA SER A 97 -22.20 15.77 0.39
C SER A 97 -21.59 16.27 -0.92
N PRO A 98 -22.01 17.46 -1.40
CA PRO A 98 -21.50 18.04 -2.65
C PRO A 98 -19.98 18.21 -2.64
N VAL A 99 -19.38 18.21 -1.46
CA VAL A 99 -17.93 18.36 -1.34
C VAL A 99 -17.27 17.06 -0.90
N ILE A 100 -17.30 16.80 0.41
CA ILE A 100 -16.70 15.59 0.98
C ILE A 100 -15.19 15.75 1.20
N THR A 101 -14.63 16.85 0.71
CA THR A 101 -13.20 17.12 0.87
C THR A 101 -12.36 15.95 0.35
N LEU A 102 -11.75 16.14 -0.82
CA LEU A 102 -10.91 15.10 -1.43
C LEU A 102 -9.91 14.54 -0.43
N LYS A 103 -9.51 15.37 0.54
CA LYS A 103 -8.56 14.96 1.55
C LYS A 103 -9.14 13.89 2.45
N SER A 104 -10.46 13.94 2.64
CA SER A 104 -11.15 12.97 3.49
C SER A 104 -11.09 11.57 2.87
N ALA A 105 -11.26 11.50 1.57
CA ALA A 105 -11.22 10.23 0.85
C ALA A 105 -9.91 9.49 1.06
N LEU A 106 -8.81 10.25 1.09
CA LEU A 106 -7.48 9.67 1.28
C LEU A 106 -7.27 9.18 2.72
N ILE A 107 -7.54 10.06 3.68
CA ILE A 107 -7.35 9.73 5.09
C ILE A 107 -8.31 8.61 5.52
N SER A 108 -9.42 8.48 4.82
CA SER A 108 -10.41 7.46 5.13
C SER A 108 -9.86 6.06 4.87
N LEU A 109 -9.31 5.86 3.67
CA LEU A 109 -8.75 4.57 3.30
C LEU A 109 -7.65 4.14 4.27
N GLN A 110 -6.88 5.11 4.76
CA GLN A 110 -5.80 4.84 5.69
C GLN A 110 -6.34 4.22 6.98
N ALA A 111 -7.51 4.67 7.39
CA ALA A 111 -8.14 4.15 8.62
C ALA A 111 -8.67 2.73 8.41
N LEU A 112 -9.53 2.57 7.42
CA LEU A 112 -10.11 1.26 7.13
C LEU A 112 -9.02 0.26 6.75
N LEU A 113 -7.94 0.75 6.15
CA LEU A 113 -6.84 -0.10 5.74
C LEU A 113 -6.22 -0.81 6.95
N GLN A 114 -6.06 -0.07 8.04
CA GLN A 114 -5.49 -0.64 9.26
C GLN A 114 -6.58 -1.01 10.25
N SER A 115 -7.71 -1.49 9.73
CA SER A 115 -8.82 -1.88 10.57
C SER A 115 -9.73 -2.88 9.84
N PRO A 116 -9.43 -4.18 9.93
CA PRO A 116 -10.23 -5.22 9.27
C PRO A 116 -11.61 -5.39 9.91
N GLU A 117 -12.61 -5.60 9.07
CA GLU A 117 -13.98 -5.78 9.55
C GLU A 117 -14.82 -6.54 8.54
N PRO A 118 -14.51 -7.84 8.33
CA PRO A 118 -15.23 -8.69 7.38
C PRO A 118 -16.70 -8.88 7.77
N ASN A 119 -17.50 -7.83 7.61
CA ASN A 119 -18.91 -7.88 7.94
C ASN A 119 -19.77 -7.58 6.72
N ASP A 120 -19.43 -6.50 6.03
CA ASP A 120 -20.17 -6.10 4.83
C ASP A 120 -19.36 -5.11 4.00
N PRO A 121 -18.22 -5.55 3.44
CA PRO A 121 -17.34 -4.70 2.63
C PRO A 121 -17.88 -4.52 1.22
N GLN A 122 -17.78 -5.58 0.40
CA GLN A 122 -18.25 -5.53 -0.97
C GLN A 122 -18.37 -6.93 -1.56
N ASP A 123 -17.29 -7.71 -1.45
CA ASP A 123 -17.27 -9.07 -1.97
C ASP A 123 -17.47 -10.08 -0.85
N ALA A 124 -18.52 -10.88 -0.96
CA ALA A 124 -18.82 -11.90 0.04
C ALA A 124 -17.88 -13.09 -0.07
N GLU A 125 -17.73 -13.60 -1.29
CA GLU A 125 -16.85 -14.74 -1.54
C GLU A 125 -15.42 -14.43 -1.12
N VAL A 126 -14.93 -13.25 -1.49
CA VAL A 126 -13.59 -12.84 -1.14
C VAL A 126 -13.39 -12.80 0.37
N ALA A 127 -14.40 -12.31 1.08
CA ALA A 127 -14.34 -12.23 2.53
C ALA A 127 -14.32 -13.61 3.16
N GLN A 128 -14.97 -14.57 2.50
CA GLN A 128 -15.03 -15.93 3.00
C GLN A 128 -13.63 -16.54 3.10
N HIS A 129 -12.89 -16.47 2.00
CA HIS A 129 -11.54 -17.02 1.95
C HIS A 129 -10.60 -16.22 2.85
N TYR A 130 -10.87 -14.93 2.97
CA TYR A 130 -10.05 -14.05 3.80
C TYR A 130 -10.35 -14.26 5.28
N LEU A 131 -11.59 -14.62 5.58
CA LEU A 131 -12.00 -14.85 6.97
C LEU A 131 -11.37 -16.13 7.51
N ARG A 132 -11.48 -17.21 6.75
CA ARG A 132 -10.93 -18.49 7.16
C ARG A 132 -9.42 -18.51 6.97
N ASP A 133 -8.94 -17.84 5.93
CA ASP A 133 -7.50 -17.79 5.64
C ASP A 133 -7.00 -16.36 5.74
N ARG A 134 -6.95 -15.83 6.96
CA ARG A 134 -6.48 -14.46 7.19
C ARG A 134 -4.96 -14.43 7.31
N GLU A 135 -4.39 -15.51 7.85
CA GLU A 135 -2.94 -15.60 8.02
C GLU A 135 -2.24 -15.77 6.68
N SER A 136 -2.90 -16.45 5.75
CA SER A 136 -2.35 -16.69 4.43
C SER A 136 -2.27 -15.40 3.63
N PHE A 137 -3.24 -14.51 3.83
CA PHE A 137 -3.28 -13.23 3.13
C PHE A 137 -2.39 -12.21 3.83
N ASN A 138 -2.26 -12.34 5.15
CA ASN A 138 -1.44 -11.42 5.93
C ASN A 138 0.01 -11.46 5.49
N LYS A 139 0.55 -12.67 5.37
CA LYS A 139 1.94 -12.85 4.95
C LYS A 139 2.14 -12.39 3.51
N THR A 140 1.10 -12.54 2.69
CA THR A 140 1.16 -12.13 1.29
C THR A 140 0.92 -10.63 1.14
N ALA A 141 0.13 -10.07 2.04
CA ALA A 141 -0.18 -8.65 2.00
C ALA A 141 1.08 -7.82 2.22
N ALA A 142 1.96 -8.29 3.10
CA ALA A 142 3.20 -7.59 3.38
C ALA A 142 4.14 -7.61 2.18
N LEU A 143 4.30 -8.78 1.59
CA LEU A 143 5.17 -8.94 0.42
C LEU A 143 4.70 -8.06 -0.73
N TRP A 144 3.41 -8.14 -1.04
CA TRP A 144 2.84 -7.36 -2.13
C TRP A 144 3.02 -5.86 -1.88
N THR A 145 2.74 -5.43 -0.65
CA THR A 145 2.87 -4.03 -0.29
C THR A 145 4.32 -3.57 -0.36
N ARG A 146 5.22 -4.35 0.25
CA ARG A 146 6.64 -4.03 0.25
C ARG A 146 7.18 -3.96 -1.17
N LEU A 147 6.59 -4.76 -2.07
CA LEU A 147 7.03 -4.79 -3.46
C LEU A 147 6.42 -3.62 -4.24
N TYR A 148 5.24 -3.19 -3.84
CA TYR A 148 4.56 -2.08 -4.50
C TYR A 148 4.33 -0.92 -3.54
N ALA A 149 5.30 -0.69 -2.66
CA ALA A 149 5.20 0.38 -1.67
C ALA A 149 6.00 1.61 -2.12
N SER A 150 6.15 1.76 -3.43
CA SER A 150 6.90 2.89 -3.99
C SER A 150 6.99 2.79 -5.50
N GLU A 151 7.14 1.56 -6.00
CA GLU A 151 7.24 1.32 -7.44
C GLU A 151 8.53 1.91 -7.99
N THR A 152 9.03 1.30 -9.06
CA THR A 152 10.27 1.76 -9.69
C THR A 152 10.05 2.04 -11.17
N SER A 153 11.00 2.75 -11.78
CA SER A 153 10.91 3.08 -13.20
C SER A 153 11.96 2.32 -14.00
N ASN A 154 13.10 2.06 -13.37
CA ASN A 154 14.19 1.34 -14.03
C ASN A 154 14.74 0.24 -13.12
N GLY A 155 14.92 -0.94 -13.68
CA GLY A 155 15.44 -2.06 -12.90
C GLY A 155 14.37 -3.07 -12.56
N GLN A 156 14.53 -4.29 -13.03
CA GLN A 156 13.57 -5.36 -12.77
C GLN A 156 14.25 -6.58 -12.16
N LYS A 157 15.37 -6.97 -12.74
CA LYS A 157 16.13 -8.11 -12.26
C LYS A 157 16.65 -7.87 -10.85
N GLY A 158 16.22 -8.71 -9.91
CA GLY A 158 16.65 -8.56 -8.53
C GLY A 158 16.80 -9.91 -7.83
N ASN A 159 16.60 -9.91 -6.52
CA ASN A 159 16.71 -11.13 -5.73
C ASN A 159 16.01 -10.98 -4.39
N VAL A 160 15.51 -12.09 -3.85
CA VAL A 160 14.82 -12.07 -2.58
C VAL A 160 15.44 -13.07 -1.60
N GLU A 161 15.28 -12.81 -0.30
CA GLU A 161 15.82 -13.68 0.72
C GLU A 161 17.35 -13.77 0.61
N GLU A 162 18.04 -13.11 1.54
CA GLU A 162 19.50 -13.12 1.55
C GLU A 162 20.04 -12.66 2.90
N SER A 163 20.14 -13.59 3.83
CA SER A 163 20.63 -13.27 5.17
C SER A 163 22.16 -13.14 5.17
N ASP A 164 22.68 -12.32 6.07
CA ASP A 164 24.11 -12.10 6.17
C ASP A 164 24.62 -12.41 7.58
N LEU A 165 25.91 -12.19 7.80
CA LEU A 165 26.51 -12.44 9.11
C LEU A 165 27.08 -11.15 9.69
N TYR A 166 27.34 -11.16 11.00
CA TYR A 166 27.89 -10.00 11.68
C TYR A 166 29.12 -10.37 12.49
N GLY A 167 29.89 -9.37 12.90
CA GLY A 167 31.08 -9.61 13.68
C GLY A 167 30.94 -9.18 15.13
N ILE A 168 29.70 -9.19 15.62
CA ILE A 168 29.42 -8.81 17.00
C ILE A 168 28.72 -9.93 17.76
N ASP A 169 29.42 -11.04 17.93
CA ASP A 169 28.86 -12.19 18.64
C ASP A 169 29.96 -13.13 19.11
N HIS A 170 30.42 -13.99 18.21
CA HIS A 170 31.46 -14.95 18.54
C HIS A 170 32.86 -14.34 18.38
N ASP A 171 32.97 -13.25 17.62
CA ASP A 171 34.25 -12.59 17.43
C ASP A 171 34.67 -11.89 18.72
N LEU A 172 33.76 -11.11 19.28
CA LEU A 172 34.00 -10.43 20.53
C LEU A 172 34.09 -11.46 21.65
N ILE A 173 33.36 -12.55 21.47
CA ILE A 173 33.34 -13.63 22.42
C ILE A 173 34.67 -14.39 22.38
N ASP A 174 35.24 -14.51 21.19
CA ASP A 174 36.50 -15.19 21.01
C ASP A 174 37.59 -14.54 21.86
N GLU A 175 37.49 -13.24 22.07
CA GLU A 175 38.47 -12.52 22.88
C GLU A 175 38.42 -12.97 24.33
N PHE A 176 37.24 -12.86 24.96
CA PHE A 176 37.09 -13.25 26.36
C PHE A 176 37.09 -14.76 26.50
N GLU A 177 36.59 -15.44 25.49
CA GLU A 177 36.50 -16.89 25.54
C GLU A 177 37.89 -17.52 25.66
N SER A 178 38.90 -16.82 25.14
CA SER A 178 40.28 -17.32 25.18
C SER A 178 41.08 -16.61 26.27
N GLN A 179 40.73 -15.36 26.55
CA GLN A 179 41.42 -14.58 27.57
C GLN A 179 41.50 -15.34 28.89
N GLY A 180 40.54 -16.22 29.11
CA GLY A 180 40.50 -16.99 30.34
C GLY A 180 39.08 -17.26 30.78
N PHE A 181 38.17 -16.41 30.31
CA PHE A 181 36.76 -16.57 30.64
C PHE A 181 36.06 -17.43 29.59
N GLU A 182 34.97 -18.06 30.00
CA GLU A 182 34.21 -18.93 29.10
C GLU A 182 33.04 -18.18 28.48
N LYS A 183 32.46 -18.77 27.43
CA LYS A 183 31.32 -18.17 26.74
C LYS A 183 30.27 -17.66 27.72
N ASP A 184 29.92 -18.50 28.69
CA ASP A 184 28.91 -18.15 29.68
C ASP A 184 29.23 -16.81 30.33
N LYS A 185 30.51 -16.45 30.37
CA LYS A 185 30.94 -15.19 30.95
C LYS A 185 30.60 -14.02 30.04
N ILE A 186 31.05 -14.10 28.78
CA ILE A 186 30.80 -13.04 27.80
C ILE A 186 29.31 -12.77 27.64
N VAL A 187 28.54 -13.83 27.40
CA VAL A 187 27.09 -13.71 27.20
C VAL A 187 26.44 -12.89 28.32
N GLU A 188 26.63 -13.31 29.55
CA GLU A 188 26.06 -12.62 30.70
C GLU A 188 26.34 -11.12 30.65
N VAL A 189 27.47 -10.74 30.06
CA VAL A 189 27.85 -9.34 29.98
C VAL A 189 27.26 -8.65 28.74
N LEU A 190 26.95 -9.44 27.71
CA LEU A 190 26.40 -8.88 26.48
C LEU A 190 24.94 -8.49 26.67
N ARG A 191 24.15 -9.40 27.23
CA ARG A 191 22.73 -9.16 27.44
C ARG A 191 22.48 -7.86 28.21
N ARG A 192 23.19 -7.65 29.31
CA ARG A 192 23.01 -6.44 30.09
C ARG A 192 23.40 -5.21 29.27
N LEU A 193 24.63 -5.22 28.76
CA LEU A 193 25.12 -4.09 27.95
C LEU A 193 24.46 -4.07 26.58
N GLY A 194 24.98 -4.91 25.67
CA GLY A 194 24.43 -4.97 24.33
C GLY A 194 25.23 -4.17 23.33
N VAL A 195 26.39 -3.67 23.75
CA VAL A 195 27.26 -2.90 22.88
C VAL A 195 27.68 -3.71 21.66
N LYS A 196 27.88 -3.03 20.54
CA LYS A 196 28.29 -3.69 19.30
C LYS A 196 29.79 -3.58 19.10
N SER A 197 30.26 -2.38 18.77
CA SER A 197 31.68 -2.14 18.54
C SER A 197 32.21 -1.01 19.42
N LEU A 198 31.33 -0.43 20.24
CA LEU A 198 31.70 0.65 21.15
C LEU A 198 32.69 1.63 20.49
N ASP A 199 33.40 2.41 21.31
CA ASP A 199 34.35 3.37 20.80
C ASP A 199 35.76 2.77 20.76
N PRO A 200 36.38 2.71 19.57
CA PRO A 200 37.73 2.14 19.42
C PRO A 200 38.79 3.00 20.09
N ASN A 201 38.56 4.31 20.13
CA ASN A 201 39.50 5.23 20.76
C ASN A 201 39.56 5.00 22.26
N ASP A 202 38.40 4.94 22.90
CA ASP A 202 38.33 4.72 24.34
C ASP A 202 37.58 3.43 24.66
N ASN A 203 38.31 2.40 25.05
CA ASN A 203 37.71 1.11 25.39
C ASN A 203 37.31 1.07 26.86
N ASN A 204 36.17 1.68 27.17
CA ASN A 204 35.68 1.71 28.55
C ASN A 204 34.72 0.55 28.80
N THR A 205 33.89 0.25 27.80
CA THR A 205 32.91 -0.83 27.92
C THR A 205 33.60 -2.15 28.25
N ALA A 206 34.71 -2.43 27.58
CA ALA A 206 35.45 -3.66 27.79
C ALA A 206 35.78 -3.86 29.27
N ASN A 207 36.46 -2.88 29.87
CA ASN A 207 36.83 -2.96 31.28
C ASN A 207 35.62 -3.36 32.12
N ARG A 208 34.50 -2.67 31.91
CA ARG A 208 33.28 -2.96 32.64
C ARG A 208 32.83 -4.40 32.40
N ILE A 209 33.00 -4.87 31.17
CA ILE A 209 32.61 -6.24 30.83
C ILE A 209 33.44 -7.25 31.59
N ILE A 210 34.76 -7.15 31.47
CA ILE A 210 35.66 -8.06 32.15
C ILE A 210 35.33 -8.15 33.63
N GLU A 211 34.83 -7.05 34.16
CA GLU A 211 34.45 -7.00 35.57
C GLU A 211 33.47 -8.13 35.84
N GLU A 212 32.48 -8.27 34.96
CA GLU A 212 31.50 -9.34 35.06
C GLU A 212 32.15 -10.66 34.70
N LEU A 213 33.05 -10.63 33.72
CA LEU A 213 33.76 -11.82 33.29
C LEU A 213 34.54 -12.40 34.46
N LEU A 214 35.10 -11.49 35.26
CA LEU A 214 35.90 -11.86 36.43
C LEU A 214 35.07 -12.58 37.50
N LYS A 215 33.78 -12.81 37.23
CA LYS A 215 32.92 -13.48 38.19
C LYS A 215 31.74 -14.14 37.49
N SER A 1 -10.14 28.35 -16.18
CA SER A 1 -9.39 29.34 -15.37
C SER A 1 -9.93 29.40 -13.93
N SER A 2 -11.22 29.67 -13.81
CA SER A 2 -11.86 29.76 -12.50
C SER A 2 -12.23 28.37 -11.98
N ARG A 3 -12.54 27.46 -12.90
CA ARG A 3 -12.90 26.09 -12.52
C ARG A 3 -11.67 25.29 -12.12
N ALA A 4 -10.57 25.52 -12.82
CA ALA A 4 -9.32 24.82 -12.54
C ALA A 4 -8.69 25.32 -11.25
N LYS A 5 -8.77 26.63 -11.03
CA LYS A 5 -8.21 27.23 -9.83
C LYS A 5 -8.85 26.67 -8.57
N ARG A 6 -10.11 26.24 -8.69
CA ARG A 6 -10.84 25.68 -7.56
C ARG A 6 -10.10 24.47 -6.98
N ILE A 7 -9.71 23.55 -7.85
CA ILE A 7 -9.00 22.35 -7.43
C ILE A 7 -7.59 22.68 -6.94
N MET A 8 -6.91 23.55 -7.68
CA MET A 8 -5.55 23.96 -7.33
C MET A 8 -5.53 24.62 -5.95
N LYS A 9 -6.62 25.29 -5.59
CA LYS A 9 -6.73 25.96 -4.31
C LYS A 9 -6.58 24.97 -3.15
N GLU A 10 -7.27 23.84 -3.26
CA GLU A 10 -7.22 22.81 -2.23
C GLU A 10 -5.81 22.24 -2.11
N ILE A 11 -5.09 22.21 -3.23
CA ILE A 11 -3.73 21.68 -3.25
C ILE A 11 -2.76 22.63 -2.55
N GLN A 12 -3.12 23.91 -2.49
CA GLN A 12 -2.27 24.90 -1.84
C GLN A 12 -2.35 24.79 -0.32
N ALA A 13 -3.58 24.71 0.19
CA ALA A 13 -3.81 24.60 1.63
C ALA A 13 -3.31 23.26 2.17
N VAL A 14 -3.72 22.17 1.51
CA VAL A 14 -3.32 20.83 1.93
C VAL A 14 -1.80 20.69 1.95
N LYS A 15 -1.12 21.48 1.12
CA LYS A 15 0.33 21.43 1.05
C LYS A 15 0.96 22.13 2.26
N ASP A 16 0.43 23.29 2.62
CA ASP A 16 0.93 24.05 3.76
C ASP A 16 0.38 23.52 5.07
N ASP A 17 -0.45 22.49 5.00
CA ASP A 17 -1.03 21.89 6.21
C ASP A 17 0.06 21.45 7.19
N PRO A 18 0.20 22.15 8.33
CA PRO A 18 1.22 21.82 9.33
C PRO A 18 0.72 20.79 10.35
N ALA A 19 -0.31 20.03 9.98
CA ALA A 19 -0.86 19.01 10.86
C ALA A 19 -0.68 17.61 10.28
N ALA A 20 -1.03 17.46 9.01
CA ALA A 20 -0.91 16.18 8.33
C ALA A 20 0.03 16.26 7.13
N HIS A 21 0.58 15.12 6.74
CA HIS A 21 1.50 15.07 5.60
C HIS A 21 0.80 14.51 4.36
N ILE A 22 0.07 15.37 3.66
CA ILE A 22 -0.64 14.97 2.46
C ILE A 22 0.15 15.33 1.20
N THR A 23 -0.12 14.62 0.11
CA THR A 23 0.56 14.87 -1.15
C THR A 23 -0.41 14.75 -2.32
N LEU A 24 -0.59 15.86 -3.05
CA LEU A 24 -1.48 15.89 -4.20
C LEU A 24 -0.71 16.07 -5.50
N GLU A 25 -1.08 15.31 -6.52
CA GLU A 25 -0.42 15.39 -7.81
C GLU A 25 -1.44 15.38 -8.96
N PHE A 26 -1.10 16.05 -10.05
CA PHE A 26 -1.99 16.11 -11.22
C PHE A 26 -1.35 15.44 -12.41
N VAL A 27 -2.06 14.47 -13.00
CA VAL A 27 -1.57 13.74 -14.16
C VAL A 27 -1.54 14.64 -15.39
N SER A 28 -1.04 14.10 -16.50
CA SER A 28 -0.96 14.85 -17.75
C SER A 28 -2.26 14.71 -18.55
N GLU A 29 -3.02 15.79 -18.61
CA GLU A 29 -4.28 15.79 -19.34
C GLU A 29 -4.72 17.22 -19.67
N SER A 30 -5.80 17.34 -20.43
CA SER A 30 -6.31 18.66 -20.82
C SER A 30 -7.33 19.16 -19.81
N ASP A 31 -8.05 18.24 -19.17
CA ASP A 31 -9.05 18.60 -18.18
C ASP A 31 -8.57 18.26 -16.77
N ILE A 32 -9.34 18.67 -15.78
CA ILE A 32 -8.99 18.40 -14.38
C ILE A 32 -9.97 17.42 -13.75
N HIS A 33 -10.45 16.49 -14.55
CA HIS A 33 -11.39 15.48 -14.07
C HIS A 33 -10.67 14.31 -13.42
N HIS A 34 -9.45 14.05 -13.87
CA HIS A 34 -8.65 12.95 -13.34
C HIS A 34 -7.64 13.47 -12.32
N LEU A 35 -7.75 13.00 -11.08
CA LEU A 35 -6.84 13.41 -10.02
C LEU A 35 -6.30 12.20 -9.27
N LYS A 36 -5.16 12.38 -8.61
CA LYS A 36 -4.55 11.28 -7.85
C LYS A 36 -3.95 11.80 -6.54
N GLY A 37 -4.57 11.42 -5.44
CA GLY A 37 -4.09 11.86 -4.13
C GLY A 37 -3.12 10.87 -3.52
N THR A 38 -1.89 11.32 -3.27
CA THR A 38 -0.87 10.47 -2.68
C THR A 38 -0.69 10.78 -1.19
N PHE A 39 -0.48 9.73 -0.41
CA PHE A 39 -0.28 9.89 1.03
C PHE A 39 0.81 8.96 1.55
N LEU A 40 1.46 9.36 2.63
CA LEU A 40 2.53 8.56 3.22
C LEU A 40 2.36 8.44 4.73
N GLY A 41 2.55 7.24 5.25
CA GLY A 41 2.40 7.00 6.68
C GLY A 41 3.15 5.76 7.14
N PRO A 42 3.92 5.85 8.22
CA PRO A 42 4.70 4.73 8.75
C PRO A 42 3.95 3.95 9.84
N PRO A 43 3.38 2.78 9.49
CA PRO A 43 2.65 1.94 10.43
C PRO A 43 3.55 0.92 11.11
N GLY A 44 3.17 0.50 12.31
CA GLY A 44 3.96 -0.46 13.05
C GLY A 44 3.38 -1.87 12.96
N THR A 45 2.52 -2.09 11.97
CA THR A 45 1.89 -3.39 11.78
C THR A 45 2.33 -4.03 10.48
N PRO A 46 2.09 -5.35 10.32
CA PRO A 46 2.46 -6.10 9.11
C PRO A 46 1.96 -5.42 7.84
N TYR A 47 0.84 -4.71 7.95
CA TYR A 47 0.26 -4.02 6.80
C TYR A 47 1.30 -3.18 6.08
N GLU A 48 2.23 -2.61 6.85
CA GLU A 48 3.28 -1.77 6.28
C GLU A 48 2.70 -0.58 5.54
N GLY A 49 3.45 0.51 5.49
CA GLY A 49 2.99 1.71 4.82
C GLY A 49 3.96 2.19 3.76
N GLY A 50 4.34 3.47 3.84
CA GLY A 50 5.27 4.03 2.87
C GLY A 50 4.60 5.02 1.96
N LYS A 51 4.48 4.67 0.68
CA LYS A 51 3.86 5.54 -0.31
C LYS A 51 2.62 4.87 -0.92
N PHE A 52 1.57 5.66 -1.10
CA PHE A 52 0.33 5.14 -1.66
C PHE A 52 -0.19 6.04 -2.78
N VAL A 53 -0.80 5.44 -3.79
CA VAL A 53 -1.34 6.19 -4.92
C VAL A 53 -2.84 5.95 -5.05
N VAL A 54 -3.62 7.00 -4.79
CA VAL A 54 -5.08 6.89 -4.89
C VAL A 54 -5.60 7.46 -6.20
N ASP A 55 -6.19 6.60 -7.02
CA ASP A 55 -6.74 7.04 -8.30
C ASP A 55 -8.09 7.72 -8.09
N ILE A 56 -8.10 9.04 -8.31
CA ILE A 56 -9.33 9.81 -8.13
C ILE A 56 -9.90 10.27 -9.47
N GLU A 57 -11.22 10.37 -9.51
CA GLU A 57 -11.92 10.81 -10.72
C GLU A 57 -13.06 11.76 -10.34
N VAL A 58 -12.86 13.05 -10.59
CA VAL A 58 -13.87 14.05 -10.27
C VAL A 58 -14.37 14.75 -11.53
N PRO A 59 -15.48 14.25 -12.11
CA PRO A 59 -16.06 14.83 -13.32
C PRO A 59 -16.98 16.01 -13.00
N MET A 60 -17.76 16.43 -14.00
CA MET A 60 -18.67 17.55 -13.82
C MET A 60 -19.89 17.12 -13.00
N GLU A 61 -19.64 16.78 -11.74
CA GLU A 61 -20.70 16.35 -10.85
C GLU A 61 -21.40 17.54 -10.21
N TYR A 62 -22.37 17.27 -9.34
CA TYR A 62 -23.12 18.32 -8.65
C TYR A 62 -22.75 18.35 -7.17
N PRO A 63 -23.03 19.47 -6.49
CA PRO A 63 -22.73 19.63 -5.06
C PRO A 63 -23.31 18.50 -4.23
N PHE A 64 -24.35 17.85 -4.74
CA PHE A 64 -24.99 16.74 -4.05
C PHE A 64 -24.53 15.40 -4.61
N LYS A 65 -23.28 15.37 -5.08
CA LYS A 65 -22.71 14.14 -5.65
C LYS A 65 -21.28 13.94 -5.15
N PRO A 66 -21.00 12.80 -4.51
CA PRO A 66 -19.66 12.48 -3.99
C PRO A 66 -18.69 12.07 -5.10
N PRO A 67 -17.38 12.32 -4.91
CA PRO A 67 -16.36 11.96 -5.89
C PRO A 67 -16.07 10.46 -5.91
N LYS A 68 -15.10 10.06 -6.72
CA LYS A 68 -14.72 8.66 -6.84
C LYS A 68 -13.32 8.42 -6.27
N MET A 69 -13.15 7.29 -5.59
CA MET A 69 -11.86 6.94 -5.00
C MET A 69 -11.43 5.55 -5.46
N GLN A 70 -10.12 5.36 -5.58
CA GLN A 70 -9.57 4.06 -5.99
C GLN A 70 -8.19 3.83 -5.40
N PHE A 71 -7.61 2.68 -5.70
CA PHE A 71 -6.29 2.33 -5.20
C PHE A 71 -5.38 1.85 -6.32
N ASP A 72 -4.39 2.66 -6.66
CA ASP A 72 -3.44 2.31 -7.72
C ASP A 72 -2.35 1.39 -7.20
N THR A 73 -1.90 1.64 -5.98
CA THR A 73 -0.87 0.82 -5.37
C THR A 73 -1.40 -0.56 -4.96
N LYS A 74 -2.72 -0.73 -5.05
CA LYS A 74 -3.35 -2.00 -4.68
C LYS A 74 -3.23 -2.25 -3.19
N VAL A 75 -4.18 -3.00 -2.64
CA VAL A 75 -4.17 -3.33 -1.22
C VAL A 75 -4.87 -4.67 -0.96
N TYR A 76 -6.02 -4.86 -1.59
CA TYR A 76 -6.78 -6.10 -1.42
C TYR A 76 -7.29 -6.23 0.00
N HIS A 77 -8.29 -5.43 0.34
CA HIS A 77 -8.88 -5.45 1.68
C HIS A 77 -10.39 -5.58 1.61
N PRO A 78 -11.03 -6.02 2.70
CA PRO A 78 -12.48 -6.19 2.77
C PRO A 78 -13.23 -4.97 2.24
N ASN A 79 -12.64 -3.79 2.43
CA ASN A 79 -13.27 -2.55 1.98
C ASN A 79 -12.86 -2.22 0.56
N ILE A 80 -11.56 -2.32 0.27
CA ILE A 80 -11.04 -2.03 -1.05
C ILE A 80 -10.84 -3.31 -1.86
N SER A 81 -11.87 -3.70 -2.60
CA SER A 81 -11.81 -4.90 -3.42
C SER A 81 -13.10 -5.07 -4.21
N SER A 82 -13.66 -3.96 -4.69
CA SER A 82 -14.90 -4.00 -5.46
C SER A 82 -14.65 -4.50 -6.87
N VAL A 83 -13.93 -3.72 -7.67
CA VAL A 83 -13.63 -4.10 -9.04
C VAL A 83 -12.26 -3.58 -9.47
N THR A 84 -11.99 -2.31 -9.19
CA THR A 84 -10.71 -1.70 -9.55
C THR A 84 -9.88 -1.42 -8.29
N GLY A 85 -10.55 -0.99 -7.24
CA GLY A 85 -9.84 -0.70 -6.00
C GLY A 85 -10.49 0.44 -5.22
N ALA A 86 -11.82 0.42 -5.14
CA ALA A 86 -12.55 1.45 -4.41
C ALA A 86 -13.06 0.93 -3.08
N ILE A 87 -12.97 1.75 -2.04
CA ILE A 87 -13.43 1.36 -0.71
C ILE A 87 -14.90 1.72 -0.51
N CYS A 88 -15.48 1.19 0.56
CA CYS A 88 -16.87 1.49 0.88
C CYS A 88 -16.91 2.44 2.08
N LEU A 89 -17.04 3.72 1.78
CA LEU A 89 -17.07 4.75 2.82
C LEU A 89 -18.33 5.59 2.71
N ASP A 90 -18.35 6.72 3.40
CA ASP A 90 -19.50 7.62 3.38
C ASP A 90 -19.35 8.70 2.31
N ILE A 91 -18.50 8.43 1.31
CA ILE A 91 -18.27 9.38 0.23
C ILE A 91 -18.06 8.66 -1.11
N LEU A 92 -18.43 7.39 -1.16
CA LEU A 92 -18.28 6.60 -2.38
C LEU A 92 -19.65 6.24 -2.96
N ARG A 93 -20.60 5.99 -2.07
CA ARG A 93 -21.95 5.63 -2.49
C ARG A 93 -22.98 6.58 -1.87
N ASN A 94 -24.24 6.19 -1.89
CA ASN A 94 -25.32 7.01 -1.33
C ASN A 94 -25.01 7.39 0.11
N ALA A 95 -24.38 8.55 0.29
CA ALA A 95 -24.03 9.03 1.62
C ALA A 95 -24.40 10.50 1.79
N TRP A 96 -23.87 11.13 2.83
CA TRP A 96 -24.15 12.53 3.10
C TRP A 96 -22.92 13.40 2.84
N SER A 97 -22.93 14.63 3.34
CA SER A 97 -21.82 15.56 3.15
C SER A 97 -21.80 16.11 1.73
N PRO A 98 -22.41 17.28 1.51
CA PRO A 98 -22.47 17.92 0.19
C PRO A 98 -21.11 18.40 -0.28
N VAL A 99 -20.12 18.39 0.61
CA VAL A 99 -18.77 18.83 0.26
C VAL A 99 -17.84 17.64 0.04
N ILE A 100 -17.41 17.01 1.11
CA ILE A 100 -16.52 15.86 1.02
C ILE A 100 -15.15 16.27 0.49
N THR A 101 -14.13 16.24 1.35
CA THR A 101 -12.78 16.61 0.97
C THR A 101 -11.90 15.38 0.81
N LEU A 102 -10.90 15.48 -0.04
CA LEU A 102 -9.98 14.37 -0.29
C LEU A 102 -9.26 13.97 0.99
N LYS A 103 -9.07 14.93 1.89
CA LYS A 103 -8.39 14.66 3.16
C LYS A 103 -9.13 13.60 3.96
N SER A 104 -10.46 13.66 3.95
CA SER A 104 -11.27 12.69 4.67
C SER A 104 -11.27 11.33 3.97
N ALA A 105 -11.22 11.36 2.65
CA ALA A 105 -11.20 10.13 1.86
C ALA A 105 -9.89 9.38 2.03
N LEU A 106 -8.78 10.14 2.07
CA LEU A 106 -7.46 9.55 2.23
C LEU A 106 -7.26 9.02 3.66
N ILE A 107 -7.54 9.86 4.64
CA ILE A 107 -7.39 9.49 6.04
C ILE A 107 -8.22 8.26 6.37
N SER A 108 -9.32 8.08 5.65
CA SER A 108 -10.19 6.93 5.87
C SER A 108 -9.54 5.63 5.40
N LEU A 109 -9.04 5.66 4.16
CA LEU A 109 -8.38 4.48 3.58
C LEU A 109 -7.21 4.03 4.45
N GLN A 110 -6.38 4.99 4.86
CA GLN A 110 -5.22 4.69 5.70
C GLN A 110 -5.64 4.01 7.00
N ALA A 111 -6.63 4.58 7.67
CA ALA A 111 -7.12 4.04 8.92
C ALA A 111 -7.80 2.69 8.72
N LEU A 112 -8.40 2.51 7.53
CA LEU A 112 -9.08 1.27 7.21
C LEU A 112 -8.09 0.14 7.02
N LEU A 113 -6.94 0.44 6.43
CA LEU A 113 -5.91 -0.56 6.18
C LEU A 113 -5.44 -1.19 7.50
N GLN A 114 -5.29 -0.36 8.52
CA GLN A 114 -4.86 -0.84 9.83
C GLN A 114 -6.05 -1.16 10.72
N SER A 115 -6.93 -2.02 10.22
CA SER A 115 -8.12 -2.42 10.97
C SER A 115 -8.80 -3.63 10.31
N PRO A 116 -8.64 -4.82 10.90
CA PRO A 116 -9.26 -6.05 10.37
C PRO A 116 -10.77 -6.04 10.49
N GLU A 117 -11.46 -5.95 9.35
CA GLU A 117 -12.92 -5.93 9.33
C GLU A 117 -13.46 -6.99 8.36
N PRO A 118 -13.02 -8.25 8.51
CA PRO A 118 -13.46 -9.35 7.64
C PRO A 118 -14.87 -9.82 7.99
N ASN A 119 -15.84 -8.92 7.91
CA ASN A 119 -17.23 -9.25 8.23
C ASN A 119 -18.19 -8.59 7.24
N ASP A 120 -17.95 -7.31 6.97
CA ASP A 120 -18.81 -6.57 6.04
C ASP A 120 -17.99 -6.04 4.85
N PRO A 121 -17.33 -6.94 4.12
CA PRO A 121 -16.51 -6.57 2.95
C PRO A 121 -17.36 -6.12 1.77
N GLN A 122 -16.71 -5.80 0.66
CA GLN A 122 -17.41 -5.36 -0.54
C GLN A 122 -17.59 -6.51 -1.51
N ASP A 123 -16.59 -7.37 -1.60
CA ASP A 123 -16.64 -8.53 -2.49
C ASP A 123 -16.80 -9.82 -1.70
N ALA A 124 -17.74 -10.66 -2.12
CA ALA A 124 -18.00 -11.93 -1.44
C ALA A 124 -16.86 -12.92 -1.68
N GLU A 125 -16.28 -12.87 -2.87
CA GLU A 125 -15.17 -13.76 -3.22
C GLU A 125 -14.00 -13.57 -2.27
N VAL A 126 -13.64 -12.31 -2.04
CA VAL A 126 -12.52 -11.99 -1.15
C VAL A 126 -12.76 -12.52 0.25
N ALA A 127 -13.95 -12.26 0.78
CA ALA A 127 -14.31 -12.71 2.13
C ALA A 127 -14.20 -14.23 2.24
N GLN A 128 -14.62 -14.93 1.19
CA GLN A 128 -14.57 -16.39 1.18
C GLN A 128 -13.14 -16.88 1.33
N HIS A 129 -12.20 -16.18 0.70
CA HIS A 129 -10.80 -16.55 0.76
C HIS A 129 -10.23 -16.28 2.16
N TYR A 130 -10.71 -15.22 2.79
CA TYR A 130 -10.25 -14.84 4.12
C TYR A 130 -10.95 -15.69 5.19
N LEU A 131 -12.19 -16.05 4.93
CA LEU A 131 -12.97 -16.86 5.87
C LEU A 131 -12.28 -18.19 6.13
N ARG A 132 -11.69 -18.77 5.08
CA ARG A 132 -11.00 -20.06 5.21
C ARG A 132 -9.58 -19.85 5.72
N ASP A 133 -8.72 -19.28 4.87
CA ASP A 133 -7.34 -19.04 5.24
C ASP A 133 -7.05 -17.54 5.29
N ARG A 134 -7.27 -16.94 6.45
CA ARG A 134 -7.02 -15.52 6.63
C ARG A 134 -5.54 -15.24 6.82
N GLU A 135 -4.82 -16.19 7.41
CA GLU A 135 -3.39 -16.05 7.64
C GLU A 135 -2.62 -15.94 6.32
N SER A 136 -3.18 -16.54 5.27
CA SER A 136 -2.55 -16.52 3.96
C SER A 136 -2.59 -15.12 3.36
N PHE A 137 -3.69 -14.41 3.59
CA PHE A 137 -3.85 -13.06 3.07
C PHE A 137 -2.99 -12.06 3.85
N ASN A 138 -2.76 -12.37 5.13
CA ASN A 138 -1.95 -11.50 5.98
C ASN A 138 -0.50 -11.47 5.50
N LYS A 139 0.07 -12.65 5.29
CA LYS A 139 1.45 -12.76 4.83
C LYS A 139 1.66 -12.03 3.51
N THR A 140 0.61 -12.02 2.68
CA THR A 140 0.67 -11.36 1.39
C THR A 140 0.52 -9.85 1.53
N ALA A 141 -0.47 -9.42 2.31
CA ALA A 141 -0.72 -8.00 2.52
C ALA A 141 0.53 -7.28 3.03
N ALA A 142 1.32 -7.97 3.82
CA ALA A 142 2.55 -7.40 4.37
C ALA A 142 3.65 -7.29 3.32
N LEU A 143 3.76 -8.32 2.49
CA LEU A 143 4.78 -8.35 1.43
C LEU A 143 4.36 -7.48 0.25
N TRP A 144 3.07 -7.47 -0.06
CA TRP A 144 2.54 -6.69 -1.17
C TRP A 144 2.85 -5.21 -1.00
N THR A 145 2.57 -4.68 0.19
CA THR A 145 2.81 -3.27 0.47
C THR A 145 4.29 -2.93 0.31
N ARG A 146 5.16 -3.78 0.84
CA ARG A 146 6.59 -3.56 0.75
C ARG A 146 7.07 -3.56 -0.69
N LEU A 147 6.72 -4.61 -1.44
CA LEU A 147 7.13 -4.73 -2.83
C LEU A 147 6.40 -3.72 -3.72
N TYR A 148 5.13 -3.48 -3.41
CA TYR A 148 4.33 -2.55 -4.19
C TYR A 148 4.20 -1.20 -3.48
N ALA A 149 5.17 -0.89 -2.62
CA ALA A 149 5.15 0.38 -1.90
C ALA A 149 5.50 1.54 -2.82
N SER A 150 6.63 1.41 -3.52
CA SER A 150 7.08 2.46 -4.44
C SER A 150 7.43 1.87 -5.80
N GLU A 151 8.11 0.72 -5.78
CA GLU A 151 8.51 0.04 -7.01
C GLU A 151 9.60 0.83 -7.74
N THR A 152 9.24 2.01 -8.23
CA THR A 152 10.17 2.89 -8.95
C THR A 152 10.84 2.16 -10.12
N SER A 153 10.97 2.86 -11.24
CA SER A 153 11.58 2.29 -12.43
C SER A 153 10.85 1.02 -12.87
N ASN A 154 9.53 1.00 -12.64
CA ASN A 154 8.70 -0.14 -13.00
C ASN A 154 9.12 -1.39 -12.23
N GLY A 155 10.19 -2.04 -12.70
CA GLY A 155 10.67 -3.23 -12.04
C GLY A 155 11.82 -3.89 -12.78
N GLN A 156 13.04 -3.42 -12.53
CA GLN A 156 14.22 -3.97 -13.20
C GLN A 156 15.09 -4.74 -12.21
N LYS A 157 15.08 -4.29 -10.94
CA LYS A 157 15.86 -4.95 -9.91
C LYS A 157 15.01 -5.93 -9.11
N GLY A 158 14.11 -6.61 -9.80
CA GLY A 158 13.25 -7.58 -9.14
C GLY A 158 11.86 -7.63 -9.74
N ASN A 159 11.52 -8.75 -10.37
CA ASN A 159 10.22 -8.92 -10.99
C ASN A 159 9.47 -10.09 -10.36
N VAL A 160 8.22 -10.28 -10.78
CA VAL A 160 7.40 -11.37 -10.27
C VAL A 160 7.07 -12.38 -11.37
N GLU A 161 7.38 -13.64 -11.11
CA GLU A 161 7.11 -14.70 -12.07
C GLU A 161 6.73 -16.00 -11.36
N GLU A 162 7.68 -16.58 -10.64
CA GLU A 162 7.44 -17.81 -9.91
C GLU A 162 8.10 -17.76 -8.53
N SER A 163 9.43 -17.73 -8.52
CA SER A 163 10.18 -17.68 -7.26
C SER A 163 11.68 -17.58 -7.53
N ASP A 164 12.15 -18.35 -8.51
CA ASP A 164 13.57 -18.35 -8.86
C ASP A 164 13.76 -18.52 -10.36
N LEU A 165 15.01 -18.57 -10.80
CA LEU A 165 15.32 -18.74 -12.21
C LEU A 165 15.58 -20.20 -12.55
N TYR A 166 16.03 -20.96 -11.55
CA TYR A 166 16.31 -22.38 -11.75
C TYR A 166 15.67 -23.22 -10.64
N GLY A 167 16.00 -22.90 -9.39
CA GLY A 167 15.45 -23.62 -8.27
C GLY A 167 16.49 -24.39 -7.49
N ILE A 168 17.40 -23.67 -6.83
CA ILE A 168 18.46 -24.30 -6.06
C ILE A 168 18.60 -23.69 -4.67
N ASP A 169 18.15 -22.45 -4.51
CA ASP A 169 18.24 -21.76 -3.22
C ASP A 169 17.05 -22.09 -2.33
N HIS A 170 16.06 -21.20 -2.27
CA HIS A 170 14.89 -21.41 -1.44
C HIS A 170 13.83 -22.25 -2.14
N ASP A 171 13.93 -22.36 -3.46
CA ASP A 171 12.97 -23.16 -4.22
C ASP A 171 13.19 -24.64 -3.94
N LEU A 172 14.44 -25.07 -4.04
CA LEU A 172 14.80 -26.45 -3.77
C LEU A 172 14.69 -26.70 -2.27
N ILE A 173 14.97 -25.67 -1.48
CA ILE A 173 14.89 -25.74 -0.05
C ILE A 173 13.42 -25.86 0.36
N ASP A 174 12.57 -25.12 -0.34
CA ASP A 174 11.13 -25.13 -0.07
C ASP A 174 10.60 -26.54 -0.13
N GLU A 175 11.20 -27.38 -0.97
CA GLU A 175 10.78 -28.77 -1.12
C GLU A 175 11.00 -29.55 0.17
N PHE A 176 12.23 -29.56 0.66
CA PHE A 176 12.55 -30.28 1.91
C PHE A 176 11.86 -29.62 3.09
N GLU A 177 11.79 -28.30 3.05
CA GLU A 177 11.18 -27.54 4.13
C GLU A 177 9.76 -28.02 4.40
N SER A 178 8.93 -28.01 3.36
CA SER A 178 7.54 -28.44 3.48
C SER A 178 7.43 -29.95 3.67
N GLN A 179 8.36 -30.69 3.07
CA GLN A 179 8.37 -32.15 3.17
C GLN A 179 8.17 -32.60 4.61
N GLY A 180 8.70 -31.82 5.53
CA GLY A 180 8.59 -32.15 6.94
C GLY A 180 9.79 -31.66 7.71
N PHE A 181 10.90 -31.49 6.99
CA PHE A 181 12.13 -31.00 7.59
C PHE A 181 12.19 -29.49 7.54
N GLU A 182 13.00 -28.89 8.41
CA GLU A 182 13.13 -27.44 8.46
C GLU A 182 14.31 -26.97 7.61
N LYS A 183 14.34 -25.67 7.31
CA LYS A 183 15.41 -25.10 6.51
C LYS A 183 16.78 -25.53 7.03
N ASP A 184 16.94 -25.48 8.35
CA ASP A 184 18.19 -25.87 8.99
C ASP A 184 18.62 -27.26 8.51
N LYS A 185 17.63 -28.12 8.26
CA LYS A 185 17.91 -29.47 7.80
C LYS A 185 18.59 -29.43 6.42
N ILE A 186 17.95 -28.74 5.47
CA ILE A 186 18.49 -28.62 4.12
C ILE A 186 19.88 -28.00 4.15
N VAL A 187 20.01 -26.87 4.84
CA VAL A 187 21.29 -26.17 4.94
C VAL A 187 22.43 -27.12 5.31
N GLU A 188 22.27 -27.82 6.43
CA GLU A 188 23.29 -28.76 6.89
C GLU A 188 23.72 -29.71 5.77
N VAL A 189 22.80 -29.99 4.86
CA VAL A 189 23.07 -30.89 3.74
C VAL A 189 23.67 -30.14 2.55
N LEU A 190 22.97 -29.10 2.11
CA LEU A 190 23.43 -28.31 0.97
C LEU A 190 24.82 -27.72 1.22
N ARG A 191 24.96 -26.97 2.31
CA ARG A 191 26.23 -26.34 2.64
C ARG A 191 27.38 -27.34 2.73
N ARG A 192 27.17 -28.42 3.48
CA ARG A 192 28.23 -29.43 3.64
C ARG A 192 28.73 -29.92 2.28
N LEU A 193 27.82 -30.37 1.42
CA LEU A 193 28.19 -30.86 0.10
C LEU A 193 28.64 -29.71 -0.79
N GLY A 194 27.68 -28.95 -1.30
CA GLY A 194 28.01 -27.83 -2.16
C GLY A 194 27.79 -28.14 -3.63
N VAL A 195 26.92 -29.12 -3.91
CA VAL A 195 26.63 -29.51 -5.28
C VAL A 195 25.89 -28.41 -6.02
N LYS A 196 24.68 -28.12 -5.57
CA LYS A 196 23.85 -27.08 -6.20
C LYS A 196 23.53 -27.44 -7.64
N SER A 197 24.48 -27.20 -8.54
CA SER A 197 24.29 -27.49 -9.96
C SER A 197 24.36 -28.98 -10.21
N LEU A 198 23.20 -29.65 -10.16
CA LEU A 198 23.13 -31.08 -10.39
C LEU A 198 22.52 -31.39 -11.75
N ASP A 199 22.76 -32.59 -12.25
CA ASP A 199 22.23 -33.01 -13.54
C ASP A 199 20.70 -33.13 -13.49
N PRO A 200 20.00 -32.60 -14.51
CA PRO A 200 18.54 -32.66 -14.57
C PRO A 200 18.00 -34.08 -14.39
N ASN A 201 18.51 -34.99 -15.21
CA ASN A 201 18.08 -36.39 -15.15
C ASN A 201 18.71 -37.10 -13.96
N ASP A 202 19.99 -36.83 -13.72
CA ASP A 202 20.70 -37.45 -12.60
C ASP A 202 20.26 -36.85 -11.27
N ASN A 203 19.21 -37.40 -10.69
CA ASN A 203 18.69 -36.92 -9.42
C ASN A 203 19.32 -37.69 -8.25
N ASN A 204 20.65 -37.79 -8.26
CA ASN A 204 21.37 -38.50 -7.22
C ASN A 204 21.68 -37.59 -6.03
N THR A 205 21.80 -36.29 -6.30
CA THR A 205 22.10 -35.32 -5.26
C THR A 205 21.06 -35.38 -4.15
N ALA A 206 19.78 -35.30 -4.53
CA ALA A 206 18.70 -35.33 -3.56
C ALA A 206 18.79 -36.56 -2.67
N ASN A 207 19.04 -37.72 -3.28
CA ASN A 207 19.15 -38.97 -2.52
C ASN A 207 20.07 -38.79 -1.32
N ARG A 208 21.32 -38.40 -1.58
CA ARG A 208 22.28 -38.20 -0.52
C ARG A 208 21.83 -37.08 0.42
N ILE A 209 21.08 -36.13 -0.13
CA ILE A 209 20.58 -35.01 0.66
C ILE A 209 19.56 -35.48 1.70
N ILE A 210 18.50 -36.13 1.24
CA ILE A 210 17.48 -36.61 2.14
C ILE A 210 18.09 -37.46 3.23
N GLU A 211 19.19 -38.13 2.90
CA GLU A 211 19.89 -38.97 3.86
C GLU A 211 20.13 -38.19 5.13
N GLU A 212 20.75 -37.02 4.99
CA GLU A 212 21.03 -36.15 6.12
C GLU A 212 19.73 -35.52 6.64
N LEU A 213 18.77 -35.33 5.73
CA LEU A 213 17.47 -34.76 6.09
C LEU A 213 16.78 -35.61 7.14
N LEU A 214 16.64 -36.91 6.84
CA LEU A 214 15.98 -37.85 7.75
C LEU A 214 16.91 -38.29 8.87
N LYS A 215 18.02 -37.58 9.07
CA LYS A 215 18.97 -37.93 10.12
C LYS A 215 18.27 -38.04 11.48
N SER A 1 -8.26 27.76 -13.30
CA SER A 1 -8.97 29.00 -12.86
C SER A 1 -10.47 28.77 -12.78
N SER A 2 -11.15 29.61 -12.00
CA SER A 2 -12.61 29.52 -11.84
C SER A 2 -13.04 28.11 -11.42
N ARG A 3 -13.24 27.23 -12.40
CA ARG A 3 -13.64 25.86 -12.12
C ARG A 3 -12.49 25.05 -11.55
N ALA A 4 -11.37 25.03 -12.27
CA ALA A 4 -10.19 24.30 -11.82
C ALA A 4 -9.60 24.91 -10.56
N LYS A 5 -9.75 26.22 -10.41
CA LYS A 5 -9.24 26.93 -9.24
C LYS A 5 -9.86 26.37 -7.95
N ARG A 6 -11.07 25.84 -8.07
CA ARG A 6 -11.78 25.28 -6.92
C ARG A 6 -10.96 24.18 -6.27
N ILE A 7 -10.34 23.33 -7.10
CA ILE A 7 -9.52 22.22 -6.60
C ILE A 7 -8.12 22.70 -6.23
N MET A 8 -7.65 23.72 -6.95
CA MET A 8 -6.32 24.27 -6.71
C MET A 8 -6.21 24.82 -5.29
N LYS A 9 -7.33 25.34 -4.77
CA LYS A 9 -7.36 25.90 -3.44
C LYS A 9 -7.27 24.81 -2.37
N GLU A 10 -7.89 23.67 -2.66
CA GLU A 10 -7.87 22.54 -1.74
C GLU A 10 -6.45 22.04 -1.49
N ILE A 11 -5.61 22.14 -2.53
CA ILE A 11 -4.23 21.69 -2.43
C ILE A 11 -3.41 22.64 -1.55
N GLN A 12 -3.85 23.89 -1.46
CA GLN A 12 -3.16 24.89 -0.65
C GLN A 12 -3.48 24.71 0.83
N ALA A 13 -4.71 24.29 1.12
CA ALA A 13 -5.15 24.09 2.49
C ALA A 13 -4.61 22.77 3.05
N VAL A 14 -4.70 21.72 2.24
CA VAL A 14 -4.22 20.40 2.65
C VAL A 14 -2.77 20.45 3.12
N LYS A 15 -1.97 21.27 2.43
CA LYS A 15 -0.56 21.41 2.77
C LYS A 15 -0.38 22.06 4.14
N ASP A 16 -1.19 23.08 4.40
CA ASP A 16 -1.12 23.78 5.69
C ASP A 16 -2.14 23.21 6.67
N ASP A 17 -2.53 21.96 6.47
CA ASP A 17 -3.48 21.30 7.35
C ASP A 17 -2.78 20.69 8.57
N PRO A 18 -3.32 20.93 9.78
CA PRO A 18 -2.74 20.40 11.01
C PRO A 18 -2.55 18.90 10.96
N ALA A 19 -3.39 18.23 10.20
CA ALA A 19 -3.32 16.78 10.05
C ALA A 19 -2.05 16.35 9.34
N ALA A 20 -1.73 17.04 8.24
CA ALA A 20 -0.53 16.73 7.47
C ALA A 20 -0.58 15.32 6.91
N HIS A 21 0.55 14.82 6.43
CA HIS A 21 0.63 13.48 5.87
C HIS A 21 -0.27 13.34 4.65
N ILE A 22 -0.30 14.39 3.82
CA ILE A 22 -1.12 14.38 2.61
C ILE A 22 -0.31 14.82 1.41
N THR A 23 -0.66 14.31 0.23
CA THR A 23 0.03 14.65 -1.00
C THR A 23 -0.94 14.71 -2.18
N LEU A 24 -0.97 15.85 -2.85
CA LEU A 24 -1.85 16.04 -4.01
C LEU A 24 -1.06 16.46 -5.24
N GLU A 25 -0.94 15.56 -6.20
CA GLU A 25 -0.21 15.84 -7.43
C GLU A 25 -1.16 15.95 -8.62
N PHE A 26 -0.82 16.83 -9.56
CA PHE A 26 -1.64 17.03 -10.75
C PHE A 26 -1.24 16.05 -11.86
N VAL A 27 -2.14 15.85 -12.82
CA VAL A 27 -1.87 14.94 -13.93
C VAL A 27 -1.55 15.71 -15.21
N SER A 28 -2.31 16.77 -15.48
CA SER A 28 -2.11 17.58 -16.66
C SER A 28 -1.88 19.04 -16.28
N GLU A 29 -1.14 19.76 -17.14
CA GLU A 29 -0.85 21.17 -16.89
C GLU A 29 -1.70 22.06 -17.81
N SER A 30 -2.90 21.59 -18.13
CA SER A 30 -3.80 22.35 -19.00
C SER A 30 -5.20 22.42 -18.38
N ASP A 31 -5.73 21.26 -18.00
CA ASP A 31 -7.06 21.19 -17.41
C ASP A 31 -7.10 20.17 -16.28
N ILE A 32 -8.15 20.23 -15.46
CA ILE A 32 -8.30 19.30 -14.34
C ILE A 32 -9.48 18.37 -14.58
N HIS A 33 -9.29 17.09 -14.26
CA HIS A 33 -10.33 16.09 -14.43
C HIS A 33 -10.07 14.88 -13.56
N HIS A 34 -8.84 14.36 -13.62
CA HIS A 34 -8.46 13.20 -12.83
C HIS A 34 -7.18 13.47 -12.05
N LEU A 35 -7.28 13.46 -10.73
CA LEU A 35 -6.13 13.72 -9.87
C LEU A 35 -5.60 12.41 -9.27
N LYS A 36 -4.41 12.48 -8.69
CA LYS A 36 -3.79 11.32 -8.06
C LYS A 36 -3.07 11.70 -6.78
N GLY A 37 -3.76 11.56 -5.65
CA GLY A 37 -3.18 11.91 -4.37
C GLY A 37 -2.58 10.72 -3.66
N THR A 38 -1.33 10.86 -3.21
CA THR A 38 -0.65 9.78 -2.50
C THR A 38 -0.73 9.99 -0.99
N PHE A 39 -0.54 8.91 -0.24
CA PHE A 39 -0.60 8.98 1.22
C PHE A 39 0.34 7.95 1.85
N LEU A 40 1.03 8.36 2.90
CA LEU A 40 1.95 7.47 3.61
C LEU A 40 1.38 7.08 4.97
N GLY A 41 1.42 5.79 5.28
CA GLY A 41 0.90 5.33 6.55
C GLY A 41 1.88 4.43 7.29
N PRO A 42 2.06 4.64 8.62
CA PRO A 42 2.98 3.83 9.42
C PRO A 42 2.63 2.35 9.37
N PRO A 43 3.41 1.50 10.05
CA PRO A 43 3.16 0.06 10.08
C PRO A 43 2.03 -0.33 11.03
N GLY A 44 2.04 -1.58 11.47
CA GLY A 44 1.00 -2.05 12.37
C GLY A 44 0.07 -3.03 11.67
N THR A 45 0.45 -3.46 10.48
CA THR A 45 -0.35 -4.39 9.70
C THR A 45 0.44 -4.89 8.49
N PRO A 46 -0.11 -5.89 7.77
CA PRO A 46 0.55 -6.46 6.58
C PRO A 46 0.71 -5.43 5.46
N TYR A 47 1.53 -4.42 5.71
CA TYR A 47 1.77 -3.36 4.73
C TYR A 47 3.06 -2.60 5.06
N GLU A 48 3.26 -2.33 6.35
CA GLU A 48 4.45 -1.61 6.80
C GLU A 48 4.46 -0.18 6.26
N GLY A 49 5.32 0.66 6.83
CA GLY A 49 5.42 2.04 6.40
C GLY A 49 5.71 2.17 4.91
N GLY A 50 4.99 3.06 4.24
CA GLY A 50 5.18 3.26 2.81
C GLY A 50 4.18 4.23 2.22
N LYS A 51 4.33 4.50 0.93
CA LYS A 51 3.43 5.41 0.24
C LYS A 51 2.65 4.68 -0.85
N PHE A 52 1.37 5.03 -0.99
CA PHE A 52 0.52 4.40 -1.99
C PHE A 52 -0.26 5.45 -2.78
N VAL A 53 -0.13 5.42 -4.10
CA VAL A 53 -0.82 6.36 -4.97
C VAL A 53 -2.30 6.00 -5.10
N VAL A 54 -3.15 7.02 -5.21
CA VAL A 54 -4.59 6.82 -5.32
C VAL A 54 -5.15 7.50 -6.57
N ASP A 55 -5.55 6.71 -7.55
CA ASP A 55 -6.11 7.26 -8.78
C ASP A 55 -7.46 7.91 -8.51
N ILE A 56 -7.50 9.24 -8.60
CA ILE A 56 -8.73 9.98 -8.34
C ILE A 56 -9.28 10.59 -9.63
N GLU A 57 -10.61 10.61 -9.74
CA GLU A 57 -11.28 11.17 -10.90
C GLU A 57 -12.31 12.20 -10.47
N VAL A 58 -11.98 13.48 -10.65
CA VAL A 58 -12.88 14.56 -10.26
C VAL A 58 -13.44 15.30 -11.47
N PRO A 59 -14.62 14.89 -11.97
CA PRO A 59 -15.26 15.53 -13.12
C PRO A 59 -16.09 16.75 -12.72
N MET A 60 -15.40 17.79 -12.27
CA MET A 60 -16.06 19.02 -11.85
C MET A 60 -16.93 18.77 -10.61
N GLU A 61 -16.28 18.42 -9.51
CA GLU A 61 -16.99 18.15 -8.26
C GLU A 61 -17.63 19.41 -7.70
N TYR A 62 -18.96 19.45 -7.73
CA TYR A 62 -19.72 20.58 -7.23
C TYR A 62 -21.22 20.38 -7.42
N PRO A 63 -21.65 20.03 -8.64
CA PRO A 63 -23.06 19.79 -8.93
C PRO A 63 -23.46 18.33 -8.73
N PHE A 64 -23.38 17.88 -7.48
CA PHE A 64 -23.73 16.50 -7.16
C PHE A 64 -22.75 15.53 -7.80
N LYS A 65 -23.11 14.25 -7.84
CA LYS A 65 -22.26 13.23 -8.44
C LYS A 65 -20.95 13.11 -7.68
N PRO A 66 -20.89 12.23 -6.67
CA PRO A 66 -19.67 12.03 -5.86
C PRO A 66 -18.45 11.76 -6.72
N PRO A 67 -17.24 12.15 -6.25
CA PRO A 67 -15.99 11.94 -6.99
C PRO A 67 -15.58 10.47 -7.02
N LYS A 68 -14.80 10.11 -8.02
CA LYS A 68 -14.33 8.73 -8.18
C LYS A 68 -13.01 8.53 -7.45
N MET A 69 -12.85 7.36 -6.83
CA MET A 69 -11.62 7.04 -6.10
C MET A 69 -11.18 5.62 -6.39
N GLN A 70 -9.92 5.46 -6.77
CA GLN A 70 -9.35 4.15 -7.07
C GLN A 70 -7.91 4.04 -6.59
N PHE A 71 -7.47 2.81 -6.32
CA PHE A 71 -6.11 2.59 -5.86
C PHE A 71 -5.15 2.44 -7.04
N ASP A 72 -3.91 2.89 -6.85
CA ASP A 72 -2.90 2.82 -7.88
C ASP A 72 -1.81 1.82 -7.52
N THR A 73 -1.54 1.70 -6.22
CA THR A 73 -0.51 0.78 -5.74
C THR A 73 -1.08 -0.62 -5.51
N LYS A 74 -2.35 -0.82 -5.87
CA LYS A 74 -3.00 -2.11 -5.70
C LYS A 74 -3.05 -2.50 -4.22
N VAL A 75 -4.25 -2.60 -3.68
CA VAL A 75 -4.44 -2.97 -2.28
C VAL A 75 -5.43 -4.11 -2.14
N TYR A 76 -4.92 -5.33 -2.12
CA TYR A 76 -5.76 -6.51 -1.98
C TYR A 76 -6.54 -6.49 -0.67
N HIS A 77 -7.76 -5.96 -0.71
CA HIS A 77 -8.60 -5.87 0.47
C HIS A 77 -10.07 -6.01 0.10
N PRO A 78 -10.85 -6.74 0.92
CA PRO A 78 -12.28 -6.95 0.68
C PRO A 78 -13.04 -5.64 0.59
N ASN A 79 -12.69 -4.69 1.46
CA ASN A 79 -13.34 -3.39 1.48
C ASN A 79 -13.19 -2.69 0.14
N ILE A 80 -11.96 -2.65 -0.36
CA ILE A 80 -11.66 -2.01 -1.62
C ILE A 80 -11.53 -3.03 -2.75
N SER A 81 -12.51 -3.04 -3.64
CA SER A 81 -12.51 -3.97 -4.76
C SER A 81 -13.66 -3.66 -5.73
N SER A 82 -14.86 -4.11 -5.37
CA SER A 82 -16.04 -3.88 -6.19
C SER A 82 -15.88 -4.51 -7.57
N VAL A 83 -15.19 -3.82 -8.46
CA VAL A 83 -14.97 -4.32 -9.82
C VAL A 83 -13.71 -3.72 -10.43
N THR A 84 -13.58 -2.40 -10.32
CA THR A 84 -12.42 -1.70 -10.86
C THR A 84 -11.59 -1.10 -9.73
N GLY A 85 -12.26 -0.61 -8.70
CA GLY A 85 -11.56 -0.01 -7.58
C GLY A 85 -12.34 1.13 -6.95
N ALA A 86 -13.15 0.81 -5.95
CA ALA A 86 -13.96 1.81 -5.26
C ALA A 86 -14.14 1.44 -3.79
N ILE A 87 -13.71 2.34 -2.91
CA ILE A 87 -13.83 2.10 -1.47
C ILE A 87 -15.16 2.62 -0.93
N CYS A 88 -15.86 1.78 -0.17
CA CYS A 88 -17.12 2.20 0.41
C CYS A 88 -16.88 3.30 1.43
N LEU A 89 -17.04 4.54 0.99
CA LEU A 89 -16.81 5.68 1.87
C LEU A 89 -18.01 6.64 1.85
N ASP A 90 -17.79 7.88 2.28
CA ASP A 90 -18.85 8.87 2.33
C ASP A 90 -18.96 9.67 1.03
N ILE A 91 -18.45 9.09 -0.07
CA ILE A 91 -18.49 9.77 -1.37
C ILE A 91 -18.35 8.76 -2.50
N LEU A 92 -18.96 7.59 -2.33
CA LEU A 92 -18.90 6.54 -3.35
C LEU A 92 -20.17 5.71 -3.34
N ARG A 93 -20.93 5.81 -4.43
CA ARG A 93 -22.18 5.07 -4.57
C ARG A 93 -23.19 5.47 -3.49
N ASN A 94 -23.04 4.89 -2.29
CA ASN A 94 -23.95 5.19 -1.20
C ASN A 94 -23.23 5.97 -0.09
N ALA A 95 -23.71 7.16 0.20
CA ALA A 95 -23.11 8.00 1.23
C ALA A 95 -23.90 9.28 1.43
N TRP A 96 -23.41 10.14 2.33
CA TRP A 96 -24.07 11.42 2.60
C TRP A 96 -23.05 12.55 2.59
N SER A 97 -23.49 13.74 2.98
CA SER A 97 -22.63 14.91 3.01
C SER A 97 -22.06 15.19 1.62
N PRO A 98 -22.74 16.06 0.83
CA PRO A 98 -22.29 16.40 -0.52
C PRO A 98 -20.85 16.90 -0.57
N VAL A 99 -20.35 17.37 0.57
CA VAL A 99 -18.98 17.87 0.65
C VAL A 99 -18.01 16.78 1.15
N ILE A 100 -17.57 16.89 2.40
CA ILE A 100 -16.64 15.91 3.00
C ILE A 100 -15.20 16.13 2.51
N THR A 101 -15.03 16.94 1.46
CA THR A 101 -13.71 17.21 0.92
C THR A 101 -12.96 15.93 0.56
N LEU A 102 -11.93 16.07 -0.29
CA LEU A 102 -11.13 14.93 -0.71
C LEU A 102 -10.22 14.45 0.43
N LYS A 103 -9.81 15.38 1.29
CA LYS A 103 -8.94 15.05 2.41
C LYS A 103 -9.58 13.96 3.27
N SER A 104 -10.90 13.97 3.34
CA SER A 104 -11.62 12.98 4.13
C SER A 104 -11.62 11.62 3.43
N ALA A 105 -11.92 11.63 2.13
CA ALA A 105 -11.94 10.40 1.34
C ALA A 105 -10.55 9.77 1.26
N LEU A 106 -9.52 10.62 1.23
CA LEU A 106 -8.14 10.14 1.15
C LEU A 106 -7.71 9.51 2.46
N ILE A 107 -7.90 10.22 3.57
CA ILE A 107 -7.53 9.72 4.88
C ILE A 107 -8.37 8.50 5.26
N SER A 108 -9.56 8.42 4.69
CA SER A 108 -10.47 7.30 4.97
C SER A 108 -9.80 5.96 4.63
N LEU A 109 -9.27 5.86 3.42
CA LEU A 109 -8.61 4.64 2.98
C LEU A 109 -7.44 4.29 3.89
N GLN A 110 -6.72 5.32 4.34
CA GLN A 110 -5.57 5.12 5.22
C GLN A 110 -5.99 4.44 6.52
N ALA A 111 -6.94 5.04 7.23
CA ALA A 111 -7.44 4.49 8.48
C ALA A 111 -8.04 3.10 8.26
N LEU A 112 -8.60 2.88 7.08
CA LEU A 112 -9.20 1.59 6.75
C LEU A 112 -8.13 0.53 6.54
N LEU A 113 -7.03 0.91 5.92
CA LEU A 113 -5.93 -0.01 5.67
C LEU A 113 -5.40 -0.61 6.97
N GLN A 114 -5.35 0.20 8.02
CA GLN A 114 -4.89 -0.25 9.31
C GLN A 114 -6.06 -0.61 10.22
N SER A 115 -7.15 -1.05 9.60
CA SER A 115 -8.35 -1.44 10.33
C SER A 115 -9.34 -2.14 9.41
N PRO A 116 -9.13 -3.44 9.16
CA PRO A 116 -10.01 -4.24 8.28
C PRO A 116 -11.43 -4.33 8.82
N GLU A 117 -12.40 -4.27 7.91
CA GLU A 117 -13.80 -4.35 8.29
C GLU A 117 -14.59 -5.18 7.28
N PRO A 118 -14.42 -6.52 7.30
CA PRO A 118 -15.10 -7.42 6.38
C PRO A 118 -16.48 -7.85 6.89
N ASN A 119 -17.14 -6.97 7.62
CA ASN A 119 -18.47 -7.25 8.15
C ASN A 119 -19.56 -6.82 7.17
N ASP A 120 -19.34 -5.69 6.52
CA ASP A 120 -20.29 -5.16 5.55
C ASP A 120 -19.59 -4.57 4.34
N PRO A 121 -18.68 -5.35 3.72
CA PRO A 121 -17.93 -4.90 2.54
C PRO A 121 -18.78 -4.90 1.27
N GLN A 122 -18.13 -4.74 0.13
CA GLN A 122 -18.82 -4.73 -1.15
C GLN A 122 -18.66 -6.06 -1.88
N ASP A 123 -17.50 -6.67 -1.71
CA ASP A 123 -17.21 -7.96 -2.35
C ASP A 123 -17.14 -9.07 -1.30
N ALA A 124 -18.17 -9.89 -1.24
CA ALA A 124 -18.22 -10.99 -0.29
C ALA A 124 -17.22 -12.09 -0.66
N GLU A 125 -16.96 -12.22 -1.96
CA GLU A 125 -16.02 -13.23 -2.45
C GLU A 125 -14.61 -12.97 -1.91
N VAL A 126 -14.27 -11.68 -1.77
CA VAL A 126 -12.95 -11.31 -1.27
C VAL A 126 -12.86 -11.53 0.23
N ALA A 127 -13.82 -11.01 0.97
CA ALA A 127 -13.84 -11.15 2.42
C ALA A 127 -13.89 -12.63 2.83
N GLN A 128 -14.50 -13.45 1.97
CA GLN A 128 -14.63 -14.88 2.23
C GLN A 128 -13.25 -15.52 2.39
N HIS A 129 -12.33 -15.14 1.52
CA HIS A 129 -10.97 -15.69 1.55
C HIS A 129 -10.20 -15.14 2.75
N TYR A 130 -10.52 -13.91 3.13
CA TYR A 130 -9.85 -13.27 4.27
C TYR A 130 -10.41 -13.79 5.59
N LEU A 131 -11.69 -14.14 5.58
CA LEU A 131 -12.34 -14.65 6.78
C LEU A 131 -11.90 -16.08 7.10
N ARG A 132 -11.93 -16.93 6.07
CA ARG A 132 -11.53 -18.32 6.24
C ARG A 132 -10.03 -18.42 6.53
N ASP A 133 -9.21 -17.98 5.58
CA ASP A 133 -7.76 -18.02 5.73
C ASP A 133 -7.22 -16.66 6.16
N ARG A 134 -6.97 -16.51 7.45
CA ARG A 134 -6.46 -15.24 7.98
C ARG A 134 -4.94 -15.16 7.87
N GLU A 135 -4.27 -16.28 8.16
CA GLU A 135 -2.81 -16.32 8.10
C GLU A 135 -2.31 -16.41 6.66
N SER A 136 -3.17 -16.91 5.76
CA SER A 136 -2.80 -17.05 4.36
C SER A 136 -2.42 -15.70 3.75
N PHE A 137 -3.31 -14.72 3.85
CA PHE A 137 -3.06 -13.40 3.30
C PHE A 137 -2.13 -12.59 4.19
N ASN A 138 -2.06 -12.96 5.47
CA ASN A 138 -1.21 -12.26 6.42
C ASN A 138 0.24 -12.27 5.96
N LYS A 139 0.70 -13.43 5.48
CA LYS A 139 2.08 -13.56 5.01
C LYS A 139 2.22 -13.05 3.59
N THR A 140 1.16 -13.19 2.80
CA THR A 140 1.18 -12.74 1.41
C THR A 140 1.13 -11.22 1.33
N ALA A 141 0.19 -10.62 2.04
CA ALA A 141 0.04 -9.16 2.05
C ALA A 141 1.33 -8.47 2.43
N ALA A 142 2.00 -9.00 3.46
CA ALA A 142 3.26 -8.43 3.93
C ALA A 142 4.31 -8.42 2.83
N LEU A 143 4.39 -9.54 2.10
CA LEU A 143 5.35 -9.67 1.01
C LEU A 143 4.88 -8.90 -0.23
N TRP A 144 3.56 -8.82 -0.40
CA TRP A 144 2.98 -8.13 -1.54
C TRP A 144 3.36 -6.65 -1.52
N THR A 145 3.28 -6.03 -0.35
CA THR A 145 3.60 -4.62 -0.21
C THR A 145 5.06 -4.36 -0.55
N ARG A 146 5.95 -5.21 -0.05
CA ARG A 146 7.38 -5.06 -0.30
C ARG A 146 7.67 -5.09 -1.80
N LEU A 147 6.90 -5.88 -2.54
CA LEU A 147 7.07 -5.99 -3.99
C LEU A 147 6.43 -4.81 -4.70
N TYR A 148 5.29 -4.37 -4.20
CA TYR A 148 4.57 -3.25 -4.81
C TYR A 148 4.30 -2.15 -3.78
N ALA A 149 5.37 -1.65 -3.16
CA ALA A 149 5.25 -0.60 -2.16
C ALA A 149 5.42 0.78 -2.79
N SER A 150 6.39 0.90 -3.69
CA SER A 150 6.67 2.16 -4.36
C SER A 150 7.52 1.94 -5.61
N GLU A 151 8.55 1.12 -5.48
CA GLU A 151 9.44 0.83 -6.60
C GLU A 151 9.05 -0.48 -7.28
N THR A 152 8.84 -0.42 -8.59
CA THR A 152 8.46 -1.60 -9.36
C THR A 152 9.67 -2.25 -10.00
N SER A 153 10.28 -1.55 -10.94
CA SER A 153 11.46 -2.06 -11.63
C SER A 153 12.02 -1.03 -12.61
N ASN A 154 13.14 -1.36 -13.24
CA ASN A 154 13.77 -0.46 -14.20
C ASN A 154 14.29 -1.23 -15.41
N GLY A 155 13.61 -2.32 -15.74
CA GLY A 155 14.01 -3.13 -16.88
C GLY A 155 13.58 -4.58 -16.75
N GLN A 156 14.36 -5.36 -16.01
CA GLN A 156 14.05 -6.77 -15.80
C GLN A 156 14.32 -7.18 -14.37
N LYS A 157 13.57 -8.17 -13.89
CA LYS A 157 13.73 -8.66 -12.53
C LYS A 157 13.60 -10.18 -12.48
N GLY A 158 13.82 -10.75 -11.29
CA GLY A 158 13.72 -12.19 -11.14
C GLY A 158 14.83 -12.76 -10.26
N ASN A 159 14.79 -12.42 -8.98
CA ASN A 159 15.81 -12.90 -8.04
C ASN A 159 15.19 -13.12 -6.65
N VAL A 160 14.49 -14.23 -6.50
CA VAL A 160 13.86 -14.56 -5.23
C VAL A 160 14.22 -15.97 -4.78
N GLU A 161 14.80 -16.08 -3.58
CA GLU A 161 15.20 -17.37 -3.04
C GLU A 161 16.20 -18.07 -3.96
N GLU A 162 17.32 -17.39 -4.23
CA GLU A 162 18.35 -17.93 -5.09
C GLU A 162 19.37 -18.73 -4.28
N SER A 163 19.57 -18.33 -3.03
CA SER A 163 20.52 -19.00 -2.15
C SER A 163 21.94 -18.90 -2.69
N ASP A 164 22.91 -18.80 -1.79
CA ASP A 164 24.31 -18.69 -2.18
C ASP A 164 24.90 -20.07 -2.44
N LEU A 165 26.20 -20.10 -2.77
CA LEU A 165 26.88 -21.36 -3.04
C LEU A 165 27.03 -22.19 -1.78
N TYR A 166 27.12 -21.52 -0.63
CA TYR A 166 27.27 -22.21 0.64
C TYR A 166 25.91 -22.63 1.20
N GLY A 167 25.91 -23.09 2.44
CA GLY A 167 24.67 -23.53 3.07
C GLY A 167 24.38 -22.78 4.36
N ILE A 168 23.13 -22.83 4.80
CA ILE A 168 22.73 -22.15 6.04
C ILE A 168 21.56 -22.85 6.70
N ASP A 169 20.58 -23.22 5.90
CA ASP A 169 19.39 -23.89 6.40
C ASP A 169 19.53 -25.41 6.31
N HIS A 170 18.95 -26.01 5.27
CA HIS A 170 19.01 -27.46 5.10
C HIS A 170 20.38 -27.90 4.60
N ASP A 171 21.07 -27.02 3.89
CA ASP A 171 22.41 -27.34 3.38
C ASP A 171 23.39 -27.46 4.53
N LEU A 172 23.31 -26.53 5.45
CA LEU A 172 24.16 -26.53 6.63
C LEU A 172 23.70 -27.63 7.57
N ILE A 173 22.40 -27.91 7.54
CA ILE A 173 21.80 -28.93 8.36
C ILE A 173 22.22 -30.31 7.85
N ASP A 174 22.22 -30.47 6.53
CA ASP A 174 22.60 -31.72 5.90
C ASP A 174 23.99 -32.16 6.37
N GLU A 175 24.85 -31.19 6.66
CA GLU A 175 26.20 -31.50 7.13
C GLU A 175 26.17 -32.21 8.48
N PHE A 176 25.52 -31.59 9.47
CA PHE A 176 25.42 -32.18 10.79
C PHE A 176 24.69 -33.51 10.74
N GLU A 177 23.65 -33.56 9.94
CA GLU A 177 22.86 -34.77 9.82
C GLU A 177 23.72 -35.97 9.44
N SER A 178 24.45 -35.83 8.34
CA SER A 178 25.32 -36.91 7.85
C SER A 178 26.32 -37.33 8.94
N GLN A 179 26.85 -36.36 9.65
CA GLN A 179 27.81 -36.62 10.72
C GLN A 179 27.25 -37.60 11.74
N GLY A 180 25.92 -37.62 11.85
CA GLY A 180 25.28 -38.51 12.79
C GLY A 180 24.16 -37.82 13.57
N PHE A 181 24.29 -36.51 13.72
CA PHE A 181 23.30 -35.72 14.45
C PHE A 181 22.19 -35.26 13.50
N GLU A 182 21.13 -36.06 13.41
CA GLU A 182 20.01 -35.77 12.52
C GLU A 182 19.52 -34.32 12.65
N LYS A 183 18.50 -34.00 11.85
CA LYS A 183 17.91 -32.67 11.83
C LYS A 183 17.56 -32.18 13.23
N ASP A 184 16.89 -33.03 14.00
CA ASP A 184 16.49 -32.68 15.37
C ASP A 184 17.67 -32.16 16.18
N LYS A 185 18.84 -32.75 15.96
CA LYS A 185 20.04 -32.34 16.68
C LYS A 185 20.41 -30.90 16.34
N ILE A 186 20.54 -30.61 15.04
CA ILE A 186 20.89 -29.27 14.58
C ILE A 186 19.90 -28.21 15.06
N VAL A 187 18.61 -28.50 14.88
CA VAL A 187 17.56 -27.56 15.27
C VAL A 187 17.78 -27.01 16.68
N GLU A 188 18.01 -27.90 17.63
CA GLU A 188 18.23 -27.51 19.02
C GLU A 188 19.45 -26.60 19.12
N VAL A 189 20.42 -26.79 18.23
CA VAL A 189 21.64 -26.01 18.24
C VAL A 189 21.51 -24.71 17.45
N LEU A 190 20.65 -24.71 16.44
CA LEU A 190 20.45 -23.51 15.62
C LEU A 190 19.73 -22.42 16.40
N ARG A 191 18.74 -22.82 17.18
CA ARG A 191 17.94 -21.88 17.96
C ARG A 191 18.82 -21.00 18.85
N ARG A 192 19.84 -21.58 19.47
CA ARG A 192 20.71 -20.79 20.36
C ARG A 192 21.81 -20.07 19.58
N LEU A 193 22.59 -20.80 18.81
CA LEU A 193 23.68 -20.19 18.05
C LEU A 193 23.43 -20.26 16.55
N GLY A 194 22.21 -19.87 16.15
CA GLY A 194 21.87 -19.88 14.74
C GLY A 194 22.46 -18.70 14.00
N VAL A 195 23.80 -18.62 13.97
CA VAL A 195 24.49 -17.53 13.31
C VAL A 195 24.01 -17.34 11.87
N LYS A 196 23.60 -18.44 11.25
CA LYS A 196 23.11 -18.40 9.87
C LYS A 196 24.22 -17.90 8.93
N SER A 197 25.46 -18.23 9.24
CA SER A 197 26.60 -17.81 8.44
C SER A 197 27.84 -18.63 8.80
N LEU A 198 28.12 -19.66 7.99
CA LEU A 198 29.28 -20.51 8.22
C LEU A 198 30.43 -20.12 7.31
N ASP A 199 31.63 -20.04 7.88
CA ASP A 199 32.82 -19.68 7.12
C ASP A 199 33.25 -20.81 6.20
N PRO A 200 33.89 -20.48 5.06
CA PRO A 200 34.35 -21.48 4.10
C PRO A 200 35.44 -22.39 4.67
N ASN A 201 36.43 -21.78 5.31
CA ASN A 201 37.53 -22.54 5.91
C ASN A 201 37.39 -22.59 7.42
N ASP A 202 36.81 -21.54 8.00
CA ASP A 202 36.63 -21.46 9.44
C ASP A 202 35.51 -22.39 9.89
N ASN A 203 35.56 -22.80 11.15
CA ASN A 203 34.54 -23.68 11.72
C ASN A 203 34.36 -23.43 13.21
N ASN A 204 34.41 -22.16 13.59
CA ASN A 204 34.26 -21.78 15.00
C ASN A 204 32.82 -22.01 15.46
N THR A 205 31.86 -21.81 14.55
CA THR A 205 30.46 -22.00 14.88
C THR A 205 30.14 -23.48 15.03
N ALA A 206 30.57 -24.28 14.05
CA ALA A 206 30.32 -25.71 14.08
C ALA A 206 30.79 -26.34 15.38
N ASN A 207 32.01 -26.00 15.79
CA ASN A 207 32.57 -26.55 17.03
C ASN A 207 31.57 -26.44 18.17
N ARG A 208 31.08 -25.23 18.41
CA ARG A 208 30.10 -25.00 19.47
C ARG A 208 28.79 -25.73 19.17
N ILE A 209 28.52 -25.93 17.87
CA ILE A 209 27.30 -26.61 17.45
C ILE A 209 27.35 -28.10 17.77
N ILE A 210 28.38 -28.79 17.25
CA ILE A 210 28.51 -30.21 17.49
C ILE A 210 28.48 -30.50 18.99
N GLU A 211 28.96 -29.55 19.77
CA GLU A 211 28.97 -29.69 21.22
C GLU A 211 27.57 -30.02 21.73
N GLU A 212 26.61 -29.19 21.35
CA GLU A 212 25.22 -29.41 21.76
C GLU A 212 24.57 -30.46 20.86
N LEU A 213 25.00 -30.51 19.60
CA LEU A 213 24.46 -31.45 18.62
C LEU A 213 24.14 -32.80 19.26
N LEU A 214 24.98 -33.23 20.19
CA LEU A 214 24.75 -34.48 20.89
C LEU A 214 23.83 -34.26 22.08
N LYS A 215 24.42 -33.95 23.24
CA LYS A 215 23.66 -33.71 24.45
C LYS A 215 22.89 -32.39 24.37
N SER A 1 -10.71 30.85 -15.24
CA SER A 1 -10.24 29.62 -14.54
C SER A 1 -10.68 29.62 -13.08
N SER A 2 -11.90 30.06 -12.82
CA SER A 2 -12.43 30.12 -11.47
C SER A 2 -12.85 28.73 -10.98
N ARG A 3 -12.85 27.75 -11.88
CA ARG A 3 -13.23 26.39 -11.52
C ARG A 3 -12.02 25.61 -11.00
N ALA A 4 -10.84 25.94 -11.51
CA ALA A 4 -9.61 25.27 -11.09
C ALA A 4 -9.17 25.74 -9.71
N LYS A 5 -9.11 27.06 -9.53
CA LYS A 5 -8.69 27.64 -8.26
C LYS A 5 -9.58 27.15 -7.12
N ARG A 6 -10.80 26.74 -7.45
CA ARG A 6 -11.75 26.25 -6.45
C ARG A 6 -11.16 25.07 -5.68
N ILE A 7 -10.67 24.07 -6.41
CA ILE A 7 -10.10 22.89 -5.79
C ILE A 7 -8.65 23.13 -5.37
N MET A 8 -7.98 24.03 -6.09
CA MET A 8 -6.58 24.36 -5.80
C MET A 8 -6.44 24.90 -4.37
N LYS A 9 -7.47 25.61 -3.92
CA LYS A 9 -7.47 26.19 -2.58
C LYS A 9 -7.31 25.10 -1.51
N GLU A 10 -7.84 23.92 -1.81
CA GLU A 10 -7.76 22.79 -0.88
C GLU A 10 -6.39 22.11 -0.95
N ILE A 11 -5.78 22.16 -2.14
CA ILE A 11 -4.48 21.55 -2.34
C ILE A 11 -3.37 22.38 -1.68
N GLN A 12 -3.59 23.70 -1.62
CA GLN A 12 -2.63 24.60 -1.01
C GLN A 12 -2.40 24.24 0.45
N ALA A 13 -3.46 23.79 1.11
CA ALA A 13 -3.39 23.42 2.53
C ALA A 13 -2.36 22.31 2.75
N VAL A 14 -2.44 21.26 1.94
CA VAL A 14 -1.51 20.14 2.04
C VAL A 14 -0.07 20.61 1.91
N LYS A 15 0.20 21.43 0.89
CA LYS A 15 1.54 21.94 0.65
C LYS A 15 2.08 22.67 1.87
N ASP A 16 1.28 23.59 2.40
CA ASP A 16 1.66 24.36 3.58
C ASP A 16 1.07 23.74 4.85
N ASP A 17 0.91 22.43 4.84
CA ASP A 17 0.35 21.73 5.99
C ASP A 17 1.47 21.22 6.91
N PRO A 18 1.64 21.87 8.09
CA PRO A 18 2.68 21.48 9.04
C PRO A 18 2.30 20.24 9.85
N ALA A 19 1.01 20.07 10.10
CA ALA A 19 0.52 18.93 10.85
C ALA A 19 0.32 17.71 9.95
N ALA A 20 -0.79 17.68 9.22
CA ALA A 20 -1.09 16.58 8.32
C ALA A 20 -0.07 16.50 7.19
N HIS A 21 0.37 15.28 6.89
CA HIS A 21 1.36 15.07 5.83
C HIS A 21 0.71 14.41 4.61
N ILE A 22 -0.08 15.21 3.89
CA ILE A 22 -0.76 14.70 2.69
C ILE A 22 0.03 15.04 1.44
N THR A 23 -0.32 14.39 0.33
CA THR A 23 0.36 14.63 -0.94
C THR A 23 -0.64 14.63 -2.09
N LEU A 24 -0.76 15.77 -2.77
CA LEU A 24 -1.67 15.91 -3.89
C LEU A 24 -0.92 16.23 -5.18
N GLU A 25 -1.29 15.55 -6.26
CA GLU A 25 -0.64 15.78 -7.55
C GLU A 25 -1.63 15.56 -8.69
N PHE A 26 -2.06 16.65 -9.31
CA PHE A 26 -3.01 16.58 -10.42
C PHE A 26 -2.28 16.48 -11.75
N VAL A 27 -2.55 15.40 -12.48
CA VAL A 27 -1.92 15.18 -13.78
C VAL A 27 -2.95 15.25 -14.91
N SER A 28 -2.81 16.27 -15.76
CA SER A 28 -3.73 16.44 -16.89
C SER A 28 -3.28 17.60 -17.77
N GLU A 29 -3.61 17.51 -19.05
CA GLU A 29 -3.25 18.54 -20.01
C GLU A 29 -4.39 19.54 -20.19
N SER A 30 -4.16 20.78 -19.76
CA SER A 30 -5.17 21.82 -19.88
C SER A 30 -6.41 21.49 -19.05
N ASP A 31 -6.85 22.44 -18.24
CA ASP A 31 -8.02 22.25 -17.40
C ASP A 31 -7.80 21.12 -16.40
N ILE A 32 -7.47 21.48 -15.16
CA ILE A 32 -7.23 20.49 -14.12
C ILE A 32 -8.50 19.71 -13.79
N HIS A 33 -8.63 18.53 -14.40
CA HIS A 33 -9.80 17.69 -14.19
C HIS A 33 -9.42 16.37 -13.52
N HIS A 34 -8.17 15.95 -13.71
CA HIS A 34 -7.69 14.69 -13.13
C HIS A 34 -6.97 14.95 -11.80
N LEU A 35 -7.21 14.07 -10.83
CA LEU A 35 -6.58 14.21 -9.52
C LEU A 35 -5.93 12.89 -9.09
N LYS A 36 -4.78 13.00 -8.42
CA LYS A 36 -4.07 11.82 -7.94
C LYS A 36 -3.48 12.07 -6.56
N GLY A 37 -4.20 11.67 -5.53
CA GLY A 37 -3.74 11.86 -4.17
C GLY A 37 -2.93 10.68 -3.65
N THR A 38 -1.99 10.97 -2.76
CA THR A 38 -1.15 9.92 -2.17
C THR A 38 -0.98 10.15 -0.67
N PHE A 39 -0.43 9.16 0.01
CA PHE A 39 -0.21 9.26 1.46
C PHE A 39 0.82 8.23 1.93
N LEU A 40 1.71 8.67 2.80
CA LEU A 40 2.74 7.79 3.35
C LEU A 40 2.44 7.45 4.80
N GLY A 41 2.42 6.15 5.10
CA GLY A 41 2.13 5.70 6.45
C GLY A 41 3.16 4.72 6.98
N PRO A 42 3.68 4.93 8.21
CA PRO A 42 4.67 4.04 8.80
C PRO A 42 4.18 2.59 8.88
N PRO A 43 5.11 1.63 9.02
CA PRO A 43 4.75 0.21 9.09
C PRO A 43 4.15 -0.17 10.44
N GLY A 44 4.19 -1.46 10.76
CA GLY A 44 3.64 -1.92 12.02
C GLY A 44 2.45 -2.84 11.81
N THR A 45 2.28 -3.31 10.58
CA THR A 45 1.17 -4.20 10.23
C THR A 45 1.38 -4.80 8.85
N PRO A 46 0.56 -5.79 8.47
CA PRO A 46 0.65 -6.45 7.16
C PRO A 46 0.29 -5.52 6.01
N TYR A 47 1.08 -4.45 5.86
CA TYR A 47 0.85 -3.47 4.80
C TYR A 47 2.09 -2.60 4.60
N GLU A 48 2.71 -2.21 5.71
CA GLU A 48 3.90 -1.37 5.67
C GLU A 48 3.59 0.02 5.08
N GLY A 49 2.30 0.36 5.02
CA GLY A 49 1.89 1.65 4.49
C GLY A 49 2.59 2.00 3.19
N GLY A 50 3.65 2.78 3.29
CA GLY A 50 4.40 3.17 2.10
C GLY A 50 3.68 4.24 1.30
N LYS A 51 4.15 4.46 0.07
CA LYS A 51 3.54 5.46 -0.81
C LYS A 51 2.40 4.86 -1.61
N PHE A 52 1.17 5.14 -1.20
CA PHE A 52 -0.01 4.63 -1.88
C PHE A 52 -0.52 5.63 -2.91
N VAL A 53 -0.69 5.17 -4.14
CA VAL A 53 -1.18 6.02 -5.22
C VAL A 53 -2.67 5.82 -5.44
N VAL A 54 -3.41 6.92 -5.55
CA VAL A 54 -4.84 6.87 -5.77
C VAL A 54 -5.26 7.65 -7.00
N ASP A 55 -5.68 6.94 -8.04
CA ASP A 55 -6.11 7.57 -9.29
C ASP A 55 -7.51 8.13 -9.15
N ILE A 56 -7.62 9.45 -9.13
CA ILE A 56 -8.92 10.10 -8.98
C ILE A 56 -9.32 10.85 -10.24
N GLU A 57 -10.62 10.93 -10.49
CA GLU A 57 -11.15 11.63 -11.65
C GLU A 57 -12.38 12.43 -11.27
N VAL A 58 -12.22 13.76 -11.17
CA VAL A 58 -13.31 14.64 -10.81
C VAL A 58 -13.69 15.57 -11.96
N PRO A 59 -14.92 15.45 -12.48
CA PRO A 59 -15.38 16.29 -13.60
C PRO A 59 -15.74 17.70 -13.15
N MET A 60 -16.45 17.80 -12.02
CA MET A 60 -16.86 19.09 -11.48
C MET A 60 -17.53 18.91 -10.12
N GLU A 61 -18.77 18.44 -10.13
CA GLU A 61 -19.52 18.22 -8.89
C GLU A 61 -19.74 19.54 -8.14
N TYR A 62 -20.39 20.48 -8.80
CA TYR A 62 -20.68 21.78 -8.19
C TYR A 62 -21.94 21.73 -7.34
N PRO A 63 -23.03 21.12 -7.86
CA PRO A 63 -24.29 21.01 -7.14
C PRO A 63 -24.37 19.71 -6.33
N PHE A 64 -24.33 18.58 -7.02
CA PHE A 64 -24.39 17.28 -6.37
C PHE A 64 -24.29 16.16 -7.39
N LYS A 65 -23.11 15.58 -7.53
CA LYS A 65 -22.88 14.49 -8.48
C LYS A 65 -21.91 13.46 -7.90
N PRO A 66 -22.11 12.18 -8.22
CA PRO A 66 -21.26 11.09 -7.74
C PRO A 66 -19.92 11.03 -8.48
N PRO A 67 -18.81 11.38 -7.80
CA PRO A 67 -17.47 11.36 -8.40
C PRO A 67 -16.95 9.94 -8.60
N LYS A 68 -15.82 9.81 -9.27
CA LYS A 68 -15.22 8.50 -9.53
C LYS A 68 -13.81 8.44 -8.97
N MET A 69 -13.46 7.31 -8.35
CA MET A 69 -12.14 7.13 -7.77
C MET A 69 -11.56 5.78 -8.16
N GLN A 70 -10.24 5.65 -8.01
CA GLN A 70 -9.55 4.40 -8.34
C GLN A 70 -8.23 4.30 -7.59
N PHE A 71 -7.84 3.08 -7.24
CA PHE A 71 -6.59 2.86 -6.52
C PHE A 71 -5.60 2.06 -7.35
N ASP A 72 -4.49 2.71 -7.72
CA ASP A 72 -3.47 2.06 -8.52
C ASP A 72 -2.79 0.94 -7.73
N THR A 73 -2.52 1.20 -6.46
CA THR A 73 -1.88 0.20 -5.60
C THR A 73 -2.92 -0.71 -4.96
N LYS A 74 -3.29 -1.77 -5.66
CA LYS A 74 -4.28 -2.72 -5.16
C LYS A 74 -3.92 -3.21 -3.77
N VAL A 75 -4.93 -3.36 -2.92
CA VAL A 75 -4.72 -3.81 -1.55
C VAL A 75 -5.32 -5.20 -1.32
N TYR A 76 -6.34 -5.53 -2.11
CA TYR A 76 -7.01 -6.83 -2.00
C TYR A 76 -7.74 -6.95 -0.65
N HIS A 77 -8.41 -5.87 -0.26
CA HIS A 77 -9.15 -5.85 1.00
C HIS A 77 -10.65 -6.02 0.74
N PRO A 78 -11.39 -6.57 1.73
CA PRO A 78 -12.84 -6.77 1.60
C PRO A 78 -13.55 -5.53 1.10
N ASN A 79 -13.16 -4.37 1.61
CA ASN A 79 -13.76 -3.11 1.19
C ASN A 79 -13.15 -2.62 -0.10
N ILE A 80 -11.85 -2.86 -0.27
CA ILE A 80 -11.13 -2.46 -1.46
C ILE A 80 -10.48 -3.65 -2.15
N SER A 81 -11.18 -4.23 -3.12
CA SER A 81 -10.66 -5.38 -3.84
C SER A 81 -11.63 -5.83 -4.94
N SER A 82 -11.28 -5.52 -6.19
CA SER A 82 -12.12 -5.90 -7.31
C SER A 82 -11.29 -6.53 -8.42
N VAL A 83 -10.37 -7.42 -8.02
CA VAL A 83 -9.49 -8.11 -8.97
C VAL A 83 -8.46 -7.16 -9.54
N THR A 84 -8.91 -6.14 -10.25
CA THR A 84 -8.02 -5.16 -10.85
C THR A 84 -7.59 -4.11 -9.82
N GLY A 85 -8.47 -3.84 -8.87
CA GLY A 85 -8.16 -2.87 -7.84
C GLY A 85 -9.14 -1.71 -7.83
N ALA A 86 -10.35 -1.96 -7.33
CA ALA A 86 -11.37 -0.91 -7.27
C ALA A 86 -11.76 -0.61 -5.82
N ILE A 87 -12.02 0.66 -5.54
CA ILE A 87 -12.40 1.09 -4.20
C ILE A 87 -13.90 1.29 -4.09
N CYS A 88 -14.40 1.28 -2.87
CA CYS A 88 -15.81 1.53 -2.63
C CYS A 88 -15.99 3.03 -2.42
N LEU A 89 -16.33 3.73 -3.49
CA LEU A 89 -16.50 5.17 -3.42
C LEU A 89 -17.71 5.55 -2.57
N ASP A 90 -18.33 6.70 -2.86
CA ASP A 90 -19.48 7.15 -2.09
C ASP A 90 -19.07 7.43 -0.64
N ILE A 91 -17.81 7.85 -0.48
CA ILE A 91 -17.27 8.15 0.84
C ILE A 91 -16.99 6.87 1.63
N LEU A 92 -16.82 5.76 0.91
CA LEU A 92 -16.53 4.48 1.52
C LEU A 92 -17.57 4.12 2.58
N ARG A 93 -18.84 4.35 2.27
CA ARG A 93 -19.93 4.05 3.20
C ARG A 93 -21.27 4.56 2.68
N ASN A 94 -21.47 4.53 1.37
CA ASN A 94 -22.72 4.98 0.76
C ASN A 94 -23.26 6.24 1.45
N ALA A 95 -22.50 7.34 1.35
CA ALA A 95 -22.91 8.59 1.97
C ALA A 95 -23.59 9.51 0.97
N TRP A 96 -22.89 9.82 -0.12
CA TRP A 96 -23.43 10.69 -1.16
C TRP A 96 -23.66 12.10 -0.61
N SER A 97 -22.60 12.90 -0.60
CA SER A 97 -22.67 14.27 -0.11
C SER A 97 -21.93 15.23 -1.03
N PRO A 98 -22.57 16.34 -1.45
CA PRO A 98 -21.95 17.34 -2.33
C PRO A 98 -20.65 17.90 -1.75
N VAL A 99 -20.47 17.77 -0.45
CA VAL A 99 -19.27 18.27 0.22
C VAL A 99 -18.20 17.18 0.30
N ILE A 100 -17.26 17.34 1.24
CA ILE A 100 -16.18 16.39 1.43
C ILE A 100 -15.02 16.67 0.50
N THR A 101 -13.82 16.78 1.06
CA THR A 101 -12.62 17.06 0.28
C THR A 101 -11.91 15.76 -0.11
N LEU A 102 -10.82 15.90 -0.87
CA LEU A 102 -10.05 14.74 -1.32
C LEU A 102 -9.28 14.13 -0.15
N LYS A 103 -8.60 14.97 0.60
CA LYS A 103 -7.80 14.52 1.76
C LYS A 103 -8.65 13.69 2.70
N SER A 104 -9.95 13.95 2.73
CA SER A 104 -10.86 13.20 3.60
C SER A 104 -11.14 11.82 3.04
N ALA A 105 -11.21 11.72 1.72
CA ALA A 105 -11.47 10.44 1.06
C ALA A 105 -10.22 9.58 1.03
N LEU A 106 -9.06 10.21 0.86
CA LEU A 106 -7.79 9.49 0.80
C LEU A 106 -7.41 8.95 2.18
N ILE A 107 -7.45 9.82 3.18
CA ILE A 107 -7.12 9.43 4.54
C ILE A 107 -8.04 8.32 5.04
N SER A 108 -9.27 8.31 4.55
CA SER A 108 -10.24 7.31 4.94
C SER A 108 -9.78 5.90 4.54
N LEU A 109 -9.25 5.79 3.34
CA LEU A 109 -8.76 4.51 2.83
C LEU A 109 -7.65 3.96 3.73
N GLN A 110 -6.80 4.87 4.23
CA GLN A 110 -5.70 4.47 5.09
C GLN A 110 -6.21 3.76 6.34
N ALA A 111 -7.17 4.39 7.02
CA ALA A 111 -7.74 3.83 8.23
C ALA A 111 -8.61 2.61 7.91
N LEU A 112 -9.21 2.61 6.73
CA LEU A 112 -10.07 1.51 6.30
C LEU A 112 -9.25 0.25 6.05
N LEU A 113 -8.02 0.45 5.58
CA LEU A 113 -7.13 -0.68 5.28
C LEU A 113 -6.70 -1.38 6.57
N GLN A 114 -6.41 -0.59 7.60
CA GLN A 114 -5.99 -1.14 8.88
C GLN A 114 -7.18 -1.29 9.83
N SER A 115 -8.27 -1.83 9.31
CA SER A 115 -9.48 -2.02 10.10
C SER A 115 -10.47 -2.94 9.39
N PRO A 116 -10.12 -4.23 9.24
CA PRO A 116 -10.98 -5.21 8.57
C PRO A 116 -12.39 -5.24 9.15
N GLU A 117 -13.32 -4.63 8.42
CA GLU A 117 -14.72 -4.59 8.86
C GLU A 117 -15.61 -5.39 7.92
N PRO A 118 -15.60 -6.73 8.04
CA PRO A 118 -16.42 -7.61 7.19
C PRO A 118 -17.89 -7.52 7.54
N ASN A 119 -18.57 -6.52 6.96
CA ASN A 119 -20.00 -6.34 7.21
C ASN A 119 -20.76 -6.20 5.90
N ASP A 120 -20.44 -5.16 5.14
CA ASP A 120 -21.10 -4.92 3.86
C ASP A 120 -20.07 -4.57 2.78
N PRO A 121 -19.08 -5.45 2.56
CA PRO A 121 -18.04 -5.23 1.55
C PRO A 121 -18.57 -5.39 0.13
N GLN A 122 -17.65 -5.46 -0.83
CA GLN A 122 -18.03 -5.61 -2.24
C GLN A 122 -17.67 -7.01 -2.74
N ASP A 123 -16.43 -7.42 -2.51
CA ASP A 123 -15.97 -8.74 -2.95
C ASP A 123 -16.06 -9.74 -1.80
N ALA A 124 -16.96 -10.70 -1.93
CA ALA A 124 -17.15 -11.72 -0.91
C ALA A 124 -16.02 -12.75 -0.93
N GLU A 125 -15.44 -12.94 -2.11
CA GLU A 125 -14.34 -13.88 -2.28
C GLU A 125 -13.18 -13.56 -1.35
N VAL A 126 -12.77 -12.30 -1.35
CA VAL A 126 -11.67 -11.85 -0.49
C VAL A 126 -12.13 -11.65 0.94
N ALA A 127 -13.39 -11.25 1.11
CA ALA A 127 -13.96 -11.03 2.43
C ALA A 127 -14.01 -12.32 3.24
N GLN A 128 -14.44 -13.39 2.58
CA GLN A 128 -14.54 -14.70 3.24
C GLN A 128 -13.17 -15.35 3.36
N HIS A 129 -12.33 -15.18 2.34
CA HIS A 129 -11.00 -15.75 2.33
C HIS A 129 -10.17 -15.22 3.51
N TYR A 130 -10.16 -13.90 3.66
CA TYR A 130 -9.40 -13.27 4.74
C TYR A 130 -9.95 -13.69 6.09
N LEU A 131 -11.28 -13.73 6.22
CA LEU A 131 -11.92 -14.11 7.47
C LEU A 131 -11.50 -15.52 7.88
N ARG A 132 -11.62 -16.47 6.95
CA ARG A 132 -11.26 -17.85 7.22
C ARG A 132 -9.77 -17.98 7.53
N ASP A 133 -8.94 -17.90 6.49
CA ASP A 133 -7.50 -18.01 6.67
C ASP A 133 -6.86 -16.64 6.86
N ARG A 134 -6.58 -16.29 8.12
CA ARG A 134 -5.98 -15.00 8.44
C ARG A 134 -4.46 -15.06 8.30
N GLU A 135 -3.85 -15.98 9.03
CA GLU A 135 -2.39 -16.13 9.00
C GLU A 135 -1.91 -16.55 7.62
N SER A 136 -2.75 -17.27 6.89
CA SER A 136 -2.40 -17.73 5.55
C SER A 136 -2.28 -16.56 4.57
N PHE A 137 -3.24 -15.64 4.64
CA PHE A 137 -3.23 -14.47 3.77
C PHE A 137 -2.33 -13.37 4.33
N ASN A 138 -2.15 -13.37 5.65
CA ASN A 138 -1.32 -12.36 6.31
C ASN A 138 0.10 -12.37 5.75
N LYS A 139 0.54 -13.53 5.28
CA LYS A 139 1.89 -13.68 4.73
C LYS A 139 1.94 -13.15 3.30
N THR A 140 0.83 -13.28 2.58
CA THR A 140 0.75 -12.82 1.20
C THR A 140 0.43 -11.33 1.14
N ALA A 141 -0.54 -10.91 1.94
CA ALA A 141 -0.95 -9.51 1.98
C ALA A 141 0.22 -8.59 2.33
N ALA A 142 0.94 -8.94 3.38
CA ALA A 142 2.08 -8.15 3.82
C ALA A 142 3.21 -8.18 2.79
N LEU A 143 3.35 -9.32 2.12
CA LEU A 143 4.39 -9.47 1.10
C LEU A 143 3.99 -8.77 -0.20
N TRP A 144 2.68 -8.68 -0.44
CA TRP A 144 2.17 -8.03 -1.64
C TRP A 144 2.52 -6.55 -1.65
N THR A 145 2.27 -5.86 -0.54
CA THR A 145 2.55 -4.44 -0.43
C THR A 145 4.05 -4.19 -0.28
N ARG A 146 4.73 -5.09 0.43
CA ARG A 146 6.16 -4.97 0.64
C ARG A 146 6.92 -4.91 -0.68
N LEU A 147 6.46 -5.70 -1.65
CA LEU A 147 7.09 -5.74 -2.96
C LEU A 147 6.51 -4.67 -3.88
N TYR A 148 5.18 -4.55 -3.88
CA TYR A 148 4.50 -3.57 -4.72
C TYR A 148 3.88 -2.47 -3.87
N ALA A 149 4.71 -1.83 -3.04
CA ALA A 149 4.24 -0.75 -2.18
C ALA A 149 3.98 0.52 -2.97
N SER A 150 4.87 0.81 -3.92
CA SER A 150 4.73 1.99 -4.76
C SER A 150 5.73 1.98 -5.91
N GLU A 151 7.02 2.06 -5.57
CA GLU A 151 8.07 2.05 -6.58
C GLU A 151 9.40 1.59 -5.97
N THR A 152 10.48 1.75 -6.75
CA THR A 152 11.80 1.35 -6.28
C THR A 152 12.88 2.06 -7.09
N SER A 153 13.49 3.08 -6.49
CA SER A 153 14.54 3.83 -7.16
C SER A 153 15.71 4.10 -6.21
N ASN A 154 16.75 3.27 -6.32
CA ASN A 154 17.93 3.41 -5.47
C ASN A 154 19.15 2.79 -6.14
N GLY A 155 18.99 1.58 -6.65
CA GLY A 155 20.09 0.90 -7.31
C GLY A 155 20.30 -0.50 -6.77
N GLN A 156 20.05 -0.68 -5.48
CA GLN A 156 20.22 -1.99 -4.85
C GLN A 156 18.87 -2.58 -4.45
N LYS A 157 18.88 -3.84 -4.06
CA LYS A 157 17.66 -4.54 -3.66
C LYS A 157 16.65 -4.56 -4.80
N GLY A 158 15.49 -5.16 -4.55
CA GLY A 158 14.45 -5.24 -5.56
C GLY A 158 13.72 -6.56 -5.54
N ASN A 159 14.10 -7.46 -6.44
CA ASN A 159 13.48 -8.77 -6.52
C ASN A 159 13.88 -9.64 -5.33
N VAL A 160 12.88 -10.07 -4.56
CA VAL A 160 13.13 -10.91 -3.39
C VAL A 160 13.40 -12.35 -3.79
N GLU A 161 14.67 -12.72 -3.82
CA GLU A 161 15.07 -14.07 -4.18
C GLU A 161 15.69 -14.80 -3.00
N GLU A 162 15.27 -16.04 -2.78
CA GLU A 162 15.79 -16.85 -1.68
C GLU A 162 16.71 -17.94 -2.19
N SER A 163 16.15 -18.90 -2.91
CA SER A 163 16.92 -20.01 -3.46
C SER A 163 16.58 -20.25 -4.93
N ASP A 164 17.51 -20.85 -5.66
CA ASP A 164 17.30 -21.13 -7.07
C ASP A 164 16.60 -22.47 -7.27
N LEU A 165 16.37 -22.84 -8.52
CA LEU A 165 15.70 -24.10 -8.84
C LEU A 165 16.72 -25.22 -8.95
N TYR A 166 17.60 -25.13 -9.95
CA TYR A 166 18.62 -26.14 -10.16
C TYR A 166 19.92 -25.77 -9.46
N GLY A 167 20.54 -26.75 -8.80
CA GLY A 167 21.77 -26.49 -8.10
C GLY A 167 22.69 -27.70 -8.08
N ILE A 168 23.52 -27.83 -9.12
CA ILE A 168 24.45 -28.95 -9.23
C ILE A 168 25.89 -28.48 -9.11
N ASP A 169 26.12 -27.21 -9.41
CA ASP A 169 27.47 -26.64 -9.33
C ASP A 169 27.74 -26.05 -7.95
N HIS A 170 28.14 -24.78 -7.90
CA HIS A 170 28.44 -24.12 -6.63
C HIS A 170 27.24 -24.09 -5.70
N ASP A 171 26.05 -24.34 -6.22
CA ASP A 171 24.84 -24.35 -5.41
C ASP A 171 24.84 -25.59 -4.52
N LEU A 172 25.07 -26.74 -5.14
CA LEU A 172 25.14 -27.99 -4.41
C LEU A 172 26.46 -28.06 -3.66
N ILE A 173 27.48 -27.44 -4.25
CA ILE A 173 28.79 -27.38 -3.66
C ILE A 173 28.77 -26.50 -2.42
N ASP A 174 28.09 -25.36 -2.53
CA ASP A 174 27.97 -24.42 -1.43
C ASP A 174 27.44 -25.13 -0.18
N GLU A 175 26.61 -26.14 -0.41
CA GLU A 175 26.03 -26.90 0.69
C GLU A 175 27.09 -27.61 1.51
N PHE A 176 27.93 -28.43 0.86
CA PHE A 176 28.98 -29.15 1.56
C PHE A 176 30.14 -28.24 1.90
N GLU A 177 30.35 -27.23 1.07
CA GLU A 177 31.47 -26.33 1.28
C GLU A 177 31.33 -25.59 2.61
N SER A 178 30.11 -25.26 3.00
CA SER A 178 29.87 -24.54 4.24
C SER A 178 29.28 -25.45 5.32
N GLN A 179 29.53 -26.75 5.21
CA GLN A 179 29.03 -27.70 6.20
C GLN A 179 30.16 -28.32 7.00
N GLY A 180 31.38 -28.20 6.49
CA GLY A 180 32.53 -28.76 7.17
C GLY A 180 33.57 -29.28 6.19
N PHE A 181 33.13 -29.49 4.94
CA PHE A 181 34.02 -29.98 3.90
C PHE A 181 34.29 -28.89 2.87
N GLU A 182 35.37 -29.06 2.13
CA GLU A 182 35.76 -28.09 1.11
C GLU A 182 35.27 -28.51 -0.28
N LYS A 183 35.28 -27.57 -1.21
CA LYS A 183 34.84 -27.83 -2.58
C LYS A 183 35.46 -29.11 -3.12
N ASP A 184 36.75 -29.29 -2.87
CA ASP A 184 37.47 -30.48 -3.34
C ASP A 184 36.73 -31.76 -2.94
N LYS A 185 36.18 -31.76 -1.74
CA LYS A 185 35.46 -32.93 -1.24
C LYS A 185 34.22 -33.21 -2.08
N ILE A 186 33.43 -32.16 -2.33
CA ILE A 186 32.21 -32.30 -3.13
C ILE A 186 32.50 -32.84 -4.52
N VAL A 187 33.47 -32.21 -5.20
CA VAL A 187 33.84 -32.63 -6.55
C VAL A 187 34.21 -34.10 -6.61
N GLU A 188 34.96 -34.56 -5.63
CA GLU A 188 35.39 -35.95 -5.57
C GLU A 188 34.21 -36.90 -5.50
N VAL A 189 33.14 -36.46 -4.85
CA VAL A 189 31.95 -37.30 -4.67
C VAL A 189 31.06 -37.30 -5.91
N LEU A 190 31.12 -36.24 -6.71
CA LEU A 190 30.29 -36.15 -7.91
C LEU A 190 30.84 -37.03 -9.03
N ARG A 191 32.15 -37.00 -9.21
CA ARG A 191 32.81 -37.79 -10.25
C ARG A 191 32.85 -39.28 -9.91
N ARG A 192 32.84 -39.58 -8.62
CA ARG A 192 32.88 -40.97 -8.16
C ARG A 192 31.48 -41.57 -8.12
N LEU A 193 30.45 -40.73 -8.22
CA LEU A 193 29.07 -41.20 -8.21
C LEU A 193 28.43 -41.04 -9.58
N GLY A 194 28.61 -39.85 -10.17
CA GLY A 194 28.05 -39.59 -11.49
C GLY A 194 26.61 -39.11 -11.43
N VAL A 195 26.20 -38.59 -10.28
CA VAL A 195 24.85 -38.09 -10.10
C VAL A 195 24.75 -36.62 -10.47
N LYS A 196 23.53 -36.17 -10.77
CA LYS A 196 23.29 -34.78 -11.15
C LYS A 196 22.05 -34.23 -10.46
N SER A 197 20.99 -35.03 -10.43
CA SER A 197 19.74 -34.61 -9.80
C SER A 197 19.84 -34.70 -8.28
N LEU A 198 20.33 -33.62 -7.68
CA LEU A 198 20.48 -33.57 -6.22
C LEU A 198 19.50 -32.57 -5.61
N ASP A 199 18.88 -32.97 -4.51
CA ASP A 199 17.91 -32.11 -3.83
C ASP A 199 18.50 -31.53 -2.55
N PRO A 200 18.10 -30.31 -2.18
CA PRO A 200 18.59 -29.64 -0.98
C PRO A 200 17.98 -30.20 0.30
N ASN A 201 16.66 -30.38 0.28
CA ASN A 201 15.95 -30.92 1.44
C ASN A 201 16.46 -32.31 1.80
N ASP A 202 16.56 -33.18 0.80
CA ASP A 202 17.03 -34.54 1.00
C ASP A 202 17.07 -35.31 -0.31
N ASN A 203 17.85 -36.39 -0.34
CA ASN A 203 17.96 -37.20 -1.54
C ASN A 203 18.82 -38.44 -1.29
N ASN A 204 18.43 -39.56 -1.89
CA ASN A 204 19.16 -40.81 -1.73
C ASN A 204 20.61 -40.65 -2.16
N THR A 205 20.85 -39.72 -3.07
CA THR A 205 22.20 -39.46 -3.57
C THR A 205 23.01 -38.70 -2.53
N ALA A 206 22.40 -37.70 -1.92
CA ALA A 206 23.07 -36.87 -0.92
C ALA A 206 23.67 -37.74 0.18
N ASN A 207 22.84 -38.60 0.79
CA ASN A 207 23.31 -39.47 1.86
C ASN A 207 24.59 -40.18 1.43
N ARG A 208 24.55 -40.81 0.25
CA ARG A 208 25.72 -41.51 -0.27
C ARG A 208 26.89 -40.54 -0.47
N ILE A 209 26.56 -39.31 -0.88
CA ILE A 209 27.58 -38.29 -1.10
C ILE A 209 28.27 -37.91 0.20
N ILE A 210 27.49 -37.48 1.18
CA ILE A 210 28.04 -37.08 2.46
C ILE A 210 28.89 -38.20 3.03
N GLU A 211 28.50 -39.43 2.72
CA GLU A 211 29.22 -40.61 3.19
C GLU A 211 30.71 -40.43 2.91
N GLU A 212 31.03 -40.13 1.66
CA GLU A 212 32.40 -39.92 1.25
C GLU A 212 32.90 -38.56 1.73
N LEU A 213 31.98 -37.61 1.83
CA LEU A 213 32.33 -36.25 2.29
C LEU A 213 33.07 -36.32 3.63
N LEU A 214 32.54 -37.13 4.56
CA LEU A 214 33.15 -37.27 5.88
C LEU A 214 34.34 -38.22 5.86
N LYS A 215 34.91 -38.47 4.68
CA LYS A 215 36.06 -39.36 4.56
C LYS A 215 37.15 -38.73 3.71
N SER A 1 -7.37 26.33 -16.69
CA SER A 1 -6.67 26.90 -15.50
C SER A 1 -7.67 27.23 -14.39
N SER A 2 -8.69 28.01 -14.73
CA SER A 2 -9.70 28.41 -13.76
C SER A 2 -10.41 27.18 -13.19
N ARG A 3 -10.72 26.23 -14.06
CA ARG A 3 -11.40 25.01 -13.65
C ARG A 3 -10.53 24.20 -12.69
N ALA A 4 -9.23 24.22 -12.91
CA ALA A 4 -8.29 23.49 -12.07
C ALA A 4 -8.01 24.26 -10.78
N LYS A 5 -8.01 25.57 -10.87
CA LYS A 5 -7.75 26.42 -9.71
C LYS A 5 -8.79 26.20 -8.62
N ARG A 6 -9.99 25.79 -9.02
CA ARG A 6 -11.07 25.54 -8.08
C ARG A 6 -10.67 24.47 -7.07
N ILE A 7 -10.34 23.28 -7.57
CA ILE A 7 -9.95 22.16 -6.71
C ILE A 7 -8.53 22.37 -6.16
N MET A 8 -7.73 23.15 -6.86
CA MET A 8 -6.36 23.43 -6.44
C MET A 8 -6.33 23.98 -5.03
N LYS A 9 -7.39 24.68 -4.64
CA LYS A 9 -7.48 25.26 -3.30
C LYS A 9 -7.39 24.19 -2.23
N GLU A 10 -7.92 23.00 -2.54
CA GLU A 10 -7.90 21.89 -1.60
C GLU A 10 -6.50 21.31 -1.49
N ILE A 11 -5.75 21.36 -2.58
CA ILE A 11 -4.39 20.84 -2.60
C ILE A 11 -3.43 21.75 -1.83
N GLN A 12 -3.77 23.04 -1.78
CA GLN A 12 -2.93 24.01 -1.08
C GLN A 12 -3.11 23.88 0.43
N ALA A 13 -4.36 23.71 0.88
CA ALA A 13 -4.65 23.58 2.29
C ALA A 13 -4.14 22.25 2.84
N VAL A 14 -4.42 21.17 2.11
CA VAL A 14 -3.98 19.84 2.52
C VAL A 14 -2.46 19.76 2.60
N LYS A 15 -1.79 20.48 1.71
CA LYS A 15 -0.33 20.49 1.68
C LYS A 15 0.23 21.46 2.71
N ASP A 16 -0.49 22.55 2.95
CA ASP A 16 -0.07 23.55 3.91
C ASP A 16 -0.31 23.08 5.35
N ASP A 17 -0.88 21.88 5.50
CA ASP A 17 -1.15 21.32 6.83
C ASP A 17 -0.02 20.40 7.27
N PRO A 18 0.86 20.88 8.17
CA PRO A 18 1.99 20.09 8.68
C PRO A 18 1.53 18.96 9.59
N ALA A 19 0.44 19.19 10.32
CA ALA A 19 -0.09 18.19 11.24
C ALA A 19 -0.42 16.89 10.50
N ALA A 20 -0.88 17.02 9.27
CA ALA A 20 -1.24 15.86 8.46
C ALA A 20 -0.06 15.40 7.60
N HIS A 21 -0.23 14.28 6.91
CA HIS A 21 0.82 13.74 6.06
C HIS A 21 0.27 13.35 4.69
N ILE A 22 -0.65 14.17 4.18
CA ILE A 22 -1.26 13.91 2.88
C ILE A 22 -0.33 14.33 1.74
N THR A 23 -0.56 13.78 0.56
CA THR A 23 0.25 14.10 -0.61
C THR A 23 -0.58 14.04 -1.88
N LEU A 24 -0.72 15.18 -2.56
CA LEU A 24 -1.49 15.26 -3.80
C LEU A 24 -0.59 15.58 -4.98
N GLU A 25 -0.73 14.81 -6.05
CA GLU A 25 0.07 15.01 -7.25
C GLU A 25 -0.82 15.19 -8.48
N PHE A 26 -0.37 16.01 -9.42
CA PHE A 26 -1.12 16.28 -10.64
C PHE A 26 -0.62 15.40 -11.78
N VAL A 27 -1.53 15.06 -12.69
CA VAL A 27 -1.17 14.23 -13.84
C VAL A 27 -0.66 15.08 -15.00
N SER A 28 -1.23 16.27 -15.14
CA SER A 28 -0.83 17.19 -16.21
C SER A 28 -0.88 18.63 -15.72
N GLU A 29 -0.45 19.56 -16.58
CA GLU A 29 -0.46 20.97 -16.24
C GLU A 29 -1.68 21.67 -16.82
N SER A 30 -1.92 22.90 -16.37
CA SER A 30 -3.06 23.69 -16.84
C SER A 30 -4.38 23.10 -16.36
N ASP A 31 -4.73 21.93 -16.86
CA ASP A 31 -5.97 21.26 -16.47
C ASP A 31 -5.69 19.94 -15.77
N ILE A 32 -5.96 19.90 -14.47
CA ILE A 32 -5.74 18.69 -13.68
C ILE A 32 -6.59 17.53 -14.19
N HIS A 33 -7.92 17.65 -14.06
CA HIS A 33 -8.83 16.61 -14.50
C HIS A 33 -8.70 15.35 -13.65
N HIS A 34 -7.54 14.69 -13.77
CA HIS A 34 -7.28 13.47 -13.00
C HIS A 34 -6.27 13.74 -11.89
N LEU A 35 -6.61 13.33 -10.68
CA LEU A 35 -5.73 13.52 -9.53
C LEU A 35 -5.31 12.20 -8.92
N LYS A 36 -4.13 12.16 -8.32
CA LYS A 36 -3.60 10.96 -7.70
C LYS A 36 -2.87 11.30 -6.40
N GLY A 37 -3.49 10.96 -5.27
CA GLY A 37 -2.88 11.25 -3.98
C GLY A 37 -2.36 10.00 -3.29
N THR A 38 -1.56 10.21 -2.25
CA THR A 38 -0.99 9.10 -1.50
C THR A 38 -1.12 9.34 0.01
N PHE A 39 -0.86 8.31 0.80
CA PHE A 39 -0.95 8.42 2.25
C PHE A 39 -0.04 7.40 2.93
N LEU A 40 0.94 7.90 3.67
CA LEU A 40 1.89 7.04 4.38
C LEU A 40 1.28 6.54 5.69
N GLY A 41 0.96 5.25 5.73
CA GLY A 41 0.37 4.68 6.92
C GLY A 41 1.33 3.76 7.67
N PRO A 42 1.41 3.89 9.01
CA PRO A 42 2.30 3.06 9.82
C PRO A 42 1.98 1.57 9.69
N PRO A 43 2.79 0.71 10.32
CA PRO A 43 2.59 -0.75 10.26
C PRO A 43 1.25 -1.17 10.84
N GLY A 44 1.23 -2.34 11.50
CA GLY A 44 0.00 -2.83 12.07
C GLY A 44 -0.89 -3.45 10.99
N THR A 45 -0.33 -3.61 9.80
CA THR A 45 -1.08 -4.18 8.68
C THR A 45 -0.15 -4.51 7.51
N PRO A 46 -0.65 -5.28 6.53
CA PRO A 46 0.14 -5.66 5.36
C PRO A 46 0.89 -4.48 4.73
N TYR A 47 0.37 -3.28 4.96
CA TYR A 47 0.99 -2.08 4.42
C TYR A 47 2.06 -1.54 5.38
N GLU A 48 2.92 -2.43 5.86
CA GLU A 48 3.99 -2.06 6.79
C GLU A 48 4.75 -0.84 6.28
N GLY A 49 4.34 0.34 6.74
CA GLY A 49 5.00 1.57 6.33
C GLY A 49 5.11 1.70 4.82
N GLY A 50 4.14 2.37 4.21
CA GLY A 50 4.16 2.55 2.78
C GLY A 50 3.18 3.61 2.29
N LYS A 51 3.50 4.23 1.17
CA LYS A 51 2.65 5.27 0.60
C LYS A 51 1.81 4.71 -0.54
N PHE A 52 0.56 4.35 -0.24
CA PHE A 52 -0.34 3.81 -1.25
C PHE A 52 -0.93 4.90 -2.12
N VAL A 53 -0.82 4.74 -3.44
CA VAL A 53 -1.34 5.72 -4.38
C VAL A 53 -2.84 5.50 -4.62
N VAL A 54 -3.59 6.59 -4.63
CA VAL A 54 -5.04 6.52 -4.84
C VAL A 54 -5.44 7.26 -6.12
N ASP A 55 -5.87 6.49 -7.12
CA ASP A 55 -6.29 7.08 -8.39
C ASP A 55 -7.59 7.88 -8.20
N ILE A 56 -7.51 9.18 -8.45
CA ILE A 56 -8.67 10.05 -8.30
C ILE A 56 -9.02 10.74 -9.62
N GLU A 57 -10.32 10.97 -9.81
CA GLU A 57 -10.81 11.64 -11.02
C GLU A 57 -11.77 12.76 -10.64
N VAL A 58 -11.31 13.99 -10.75
CA VAL A 58 -12.12 15.16 -10.40
C VAL A 58 -12.67 15.85 -11.65
N PRO A 59 -13.92 15.55 -12.04
CA PRO A 59 -14.56 16.15 -13.21
C PRO A 59 -15.02 17.59 -12.94
N MET A 60 -15.84 18.12 -13.84
CA MET A 60 -16.34 19.47 -13.69
C MET A 60 -17.87 19.50 -13.71
N GLU A 61 -18.46 19.81 -12.56
CA GLU A 61 -19.91 19.86 -12.44
C GLU A 61 -20.35 21.00 -11.52
N TYR A 62 -21.66 21.16 -11.37
CA TYR A 62 -22.20 22.21 -10.51
C TYR A 62 -22.84 21.64 -9.25
N PRO A 63 -23.96 20.90 -9.38
CA PRO A 63 -24.65 20.31 -8.23
C PRO A 63 -23.88 19.14 -7.63
N PHE A 64 -23.13 19.41 -6.57
CA PHE A 64 -22.34 18.37 -5.89
C PHE A 64 -21.30 17.78 -6.84
N LYS A 65 -20.03 17.92 -6.47
CA LYS A 65 -18.94 17.39 -7.27
C LYS A 65 -18.51 16.01 -6.77
N PRO A 66 -18.94 14.94 -7.46
CA PRO A 66 -18.59 13.56 -7.07
C PRO A 66 -17.10 13.26 -7.25
N PRO A 67 -16.36 13.07 -6.14
CA PRO A 67 -14.94 12.77 -6.18
C PRO A 67 -14.67 11.28 -6.37
N LYS A 68 -14.23 10.92 -7.56
CA LYS A 68 -13.93 9.53 -7.87
C LYS A 68 -12.79 9.00 -6.99
N MET A 69 -12.79 7.69 -6.76
CA MET A 69 -11.75 7.07 -5.94
C MET A 69 -11.47 5.65 -6.41
N GLN A 70 -10.23 5.40 -6.78
CA GLN A 70 -9.82 4.07 -7.26
C GLN A 70 -8.36 3.80 -6.89
N PHE A 71 -8.16 2.78 -6.06
CA PHE A 71 -6.81 2.41 -5.63
C PHE A 71 -5.94 2.03 -6.83
N ASP A 72 -4.68 2.43 -6.78
CA ASP A 72 -3.75 2.14 -7.87
C ASP A 72 -2.72 1.10 -7.43
N THR A 73 -2.32 1.17 -6.17
CA THR A 73 -1.33 0.23 -5.63
C THR A 73 -1.90 -1.19 -5.57
N LYS A 74 -3.21 -1.31 -5.71
CA LYS A 74 -3.87 -2.61 -5.67
C LYS A 74 -3.79 -3.23 -4.27
N VAL A 75 -4.87 -3.87 -3.85
CA VAL A 75 -4.92 -4.50 -2.53
C VAL A 75 -5.90 -5.66 -2.52
N TYR A 76 -6.01 -6.33 -1.37
CA TYR A 76 -6.90 -7.46 -1.23
C TYR A 76 -7.70 -7.37 0.07
N HIS A 77 -7.98 -6.14 0.50
CA HIS A 77 -8.73 -5.92 1.72
C HIS A 77 -10.23 -5.98 1.46
N PRO A 78 -11.01 -6.55 2.41
CA PRO A 78 -12.47 -6.65 2.26
C PRO A 78 -13.12 -5.33 1.86
N ASN A 79 -12.73 -4.26 2.55
CA ASN A 79 -13.28 -2.94 2.27
C ASN A 79 -13.00 -2.53 0.84
N ILE A 80 -11.73 -2.60 0.44
CA ILE A 80 -11.33 -2.22 -0.90
C ILE A 80 -11.18 -3.45 -1.80
N SER A 81 -12.18 -3.70 -2.62
CA SER A 81 -12.17 -4.84 -3.54
C SER A 81 -13.45 -4.89 -4.36
N SER A 82 -13.37 -4.46 -5.61
CA SER A 82 -14.52 -4.46 -6.50
C SER A 82 -14.09 -4.50 -7.96
N VAL A 83 -13.50 -3.39 -8.43
CA VAL A 83 -13.04 -3.31 -9.81
C VAL A 83 -11.52 -3.15 -9.87
N THR A 84 -10.98 -2.26 -9.04
CA THR A 84 -9.55 -2.02 -9.00
C THR A 84 -9.14 -1.29 -7.73
N GLY A 85 -9.89 -1.53 -6.66
CA GLY A 85 -9.59 -0.89 -5.39
C GLY A 85 -10.56 0.23 -5.05
N ALA A 86 -11.80 -0.14 -4.77
CA ALA A 86 -12.83 0.83 -4.42
C ALA A 86 -13.36 0.59 -3.01
N ILE A 87 -13.52 1.68 -2.25
CA ILE A 87 -14.01 1.58 -0.89
C ILE A 87 -15.38 2.23 -0.75
N CYS A 88 -16.21 1.67 0.13
CA CYS A 88 -17.54 2.21 0.36
C CYS A 88 -17.44 3.48 1.21
N LEU A 89 -17.44 4.64 0.56
CA LEU A 89 -17.32 5.90 1.26
C LEU A 89 -18.34 6.92 0.76
N ASP A 90 -19.35 7.17 1.61
CA ASP A 90 -20.42 8.13 1.30
C ASP A 90 -20.69 8.26 -0.21
N ILE A 91 -20.27 9.38 -0.80
CA ILE A 91 -20.49 9.64 -2.23
C ILE A 91 -20.35 8.39 -3.09
N LEU A 92 -19.49 7.47 -2.65
CA LEU A 92 -19.28 6.23 -3.39
C LEU A 92 -20.49 5.32 -3.28
N ARG A 93 -21.60 5.76 -3.86
CA ARG A 93 -22.84 4.98 -3.85
C ARG A 93 -23.39 4.82 -2.43
N ASN A 94 -24.71 5.02 -2.30
CA ASN A 94 -25.38 4.90 -1.00
C ASN A 94 -24.87 5.93 0.00
N ALA A 95 -25.34 7.17 -0.16
CA ALA A 95 -24.94 8.25 0.74
C ALA A 95 -25.65 9.56 0.39
N TRP A 96 -25.15 10.66 0.94
CA TRP A 96 -25.73 11.97 0.69
C TRP A 96 -24.95 13.06 1.42
N SER A 97 -24.08 13.75 0.69
CA SER A 97 -23.27 14.81 1.28
C SER A 97 -22.42 15.50 0.20
N PRO A 98 -22.56 16.84 0.05
CA PRO A 98 -21.79 17.59 -0.94
C PRO A 98 -20.34 17.77 -0.52
N VAL A 99 -20.12 17.93 0.78
CA VAL A 99 -18.78 18.11 1.32
C VAL A 99 -17.94 16.85 1.09
N ILE A 100 -17.31 16.31 2.14
CA ILE A 100 -16.48 15.12 2.01
C ILE A 100 -15.20 15.42 1.25
N THR A 101 -15.34 15.79 -0.02
CA THR A 101 -14.19 16.11 -0.88
C THR A 101 -13.15 14.99 -0.84
N LEU A 102 -12.00 15.25 -1.43
CA LEU A 102 -10.92 14.27 -1.47
C LEU A 102 -10.26 14.12 -0.10
N LYS A 103 -10.31 15.17 0.70
CA LYS A 103 -9.72 15.16 2.03
C LYS A 103 -10.19 13.95 2.83
N SER A 104 -11.50 13.71 2.83
CA SER A 104 -12.08 12.59 3.55
C SER A 104 -11.86 11.29 2.80
N ALA A 105 -11.78 11.36 1.48
CA ALA A 105 -11.57 10.19 0.66
C ALA A 105 -10.24 9.51 0.97
N LEU A 106 -9.19 10.31 1.09
CA LEU A 106 -7.86 9.78 1.38
C LEU A 106 -7.75 9.30 2.83
N ILE A 107 -8.13 10.17 3.77
CA ILE A 107 -8.08 9.85 5.18
C ILE A 107 -8.93 8.62 5.49
N SER A 108 -10.01 8.43 4.73
CA SER A 108 -10.90 7.31 4.93
C SER A 108 -10.18 5.99 4.72
N LEU A 109 -9.55 5.84 3.56
CA LEU A 109 -8.82 4.62 3.23
C LEU A 109 -7.75 4.32 4.28
N GLN A 110 -7.11 5.37 4.79
CA GLN A 110 -6.07 5.21 5.80
C GLN A 110 -6.62 4.54 7.05
N ALA A 111 -7.72 5.07 7.57
CA ALA A 111 -8.35 4.52 8.77
C ALA A 111 -9.02 3.19 8.48
N LEU A 112 -9.57 3.06 7.27
CA LEU A 112 -10.25 1.83 6.87
C LEU A 112 -9.30 0.64 6.92
N LEU A 113 -8.12 0.79 6.32
CA LEU A 113 -7.13 -0.28 6.30
C LEU A 113 -6.73 -0.68 7.72
N GLN A 114 -6.73 0.30 8.63
CA GLN A 114 -6.37 0.04 10.02
C GLN A 114 -7.61 -0.03 10.90
N SER A 115 -8.64 -0.71 10.39
CA SER A 115 -9.89 -0.87 11.13
C SER A 115 -10.47 -2.27 10.94
N PRO A 116 -10.14 -3.20 11.85
CA PRO A 116 -10.63 -4.58 11.78
C PRO A 116 -12.13 -4.67 12.05
N GLU A 117 -12.91 -4.83 10.99
CA GLU A 117 -14.36 -4.93 11.11
C GLU A 117 -14.97 -5.55 9.86
N PRO A 118 -14.52 -6.76 9.49
CA PRO A 118 -15.03 -7.46 8.30
C PRO A 118 -16.45 -7.98 8.49
N ASN A 119 -17.38 -7.05 8.70
CA ASN A 119 -18.78 -7.41 8.91
C ASN A 119 -19.65 -6.90 7.75
N ASP A 120 -19.35 -5.69 7.28
CA ASP A 120 -20.09 -5.10 6.18
C ASP A 120 -19.16 -4.73 5.03
N PRO A 121 -18.36 -5.69 4.54
CA PRO A 121 -17.43 -5.45 3.44
C PRO A 121 -18.14 -5.31 2.10
N GLN A 122 -17.60 -4.46 1.24
CA GLN A 122 -18.19 -4.23 -0.08
C GLN A 122 -18.23 -5.51 -0.88
N ASP A 123 -17.25 -6.39 -0.64
CA ASP A 123 -17.17 -7.66 -1.35
C ASP A 123 -17.16 -8.82 -0.37
N ALA A 124 -18.25 -9.57 -0.32
CA ALA A 124 -18.37 -10.71 0.58
C ALA A 124 -17.37 -11.80 0.20
N GLU A 125 -17.18 -12.01 -1.10
CA GLU A 125 -16.26 -13.02 -1.58
C GLU A 125 -14.85 -12.78 -1.05
N VAL A 126 -14.37 -11.54 -1.19
CA VAL A 126 -13.05 -11.18 -0.73
C VAL A 126 -12.92 -11.34 0.78
N ALA A 127 -13.90 -10.79 1.51
CA ALA A 127 -13.90 -10.87 2.96
C ALA A 127 -13.91 -12.31 3.44
N GLN A 128 -14.67 -13.16 2.74
CA GLN A 128 -14.76 -14.57 3.10
C GLN A 128 -13.39 -15.24 3.01
N HIS A 129 -12.75 -15.12 1.85
CA HIS A 129 -11.44 -15.71 1.63
C HIS A 129 -10.38 -15.05 2.52
N TYR A 130 -10.49 -13.73 2.69
CA TYR A 130 -9.56 -12.99 3.50
C TYR A 130 -9.60 -13.46 4.96
N LEU A 131 -10.77 -13.90 5.39
CA LEU A 131 -10.95 -14.38 6.76
C LEU A 131 -10.37 -15.78 6.93
N ARG A 132 -10.60 -16.63 5.94
CA ARG A 132 -10.10 -18.00 5.97
C ARG A 132 -8.58 -18.03 6.06
N ASP A 133 -7.92 -17.76 4.94
CA ASP A 133 -6.46 -17.75 4.90
C ASP A 133 -5.91 -16.35 5.18
N ARG A 134 -6.08 -15.91 6.43
CA ARG A 134 -5.60 -14.59 6.83
C ARG A 134 -4.11 -14.62 7.12
N GLU A 135 -3.61 -15.76 7.59
CA GLU A 135 -2.21 -15.92 7.90
C GLU A 135 -1.37 -15.97 6.64
N SER A 136 -1.93 -16.56 5.59
CA SER A 136 -1.24 -16.68 4.31
C SER A 136 -1.31 -15.37 3.53
N PHE A 137 -2.40 -14.64 3.72
CA PHE A 137 -2.59 -13.36 3.03
C PHE A 137 -1.77 -12.26 3.69
N ASN A 138 -1.51 -12.40 4.99
CA ASN A 138 -0.73 -11.42 5.73
C ASN A 138 0.67 -11.29 5.16
N LYS A 139 1.29 -12.43 4.86
CA LYS A 139 2.65 -12.44 4.30
C LYS A 139 2.63 -12.16 2.81
N THR A 140 1.54 -12.57 2.15
CA THR A 140 1.41 -12.37 0.71
C THR A 140 1.05 -10.91 0.40
N ALA A 141 -0.05 -10.45 0.97
CA ALA A 141 -0.51 -9.09 0.75
C ALA A 141 0.53 -8.07 1.23
N ALA A 142 1.29 -8.45 2.25
CA ALA A 142 2.32 -7.58 2.80
C ALA A 142 3.57 -7.57 1.92
N LEU A 143 3.79 -8.67 1.21
CA LEU A 143 4.95 -8.79 0.34
C LEU A 143 4.72 -8.01 -0.96
N TRP A 144 3.53 -8.11 -1.51
CA TRP A 144 3.18 -7.43 -2.74
C TRP A 144 3.22 -5.91 -2.55
N THR A 145 2.86 -5.47 -1.35
CA THR A 145 2.85 -4.05 -1.04
C THR A 145 4.25 -3.44 -1.17
N ARG A 146 5.23 -4.08 -0.54
CA ARG A 146 6.61 -3.61 -0.59
C ARG A 146 7.12 -3.55 -2.03
N LEU A 147 6.59 -4.44 -2.87
CA LEU A 147 7.00 -4.49 -4.27
C LEU A 147 6.53 -3.24 -5.02
N TYR A 148 5.34 -2.75 -4.67
CA TYR A 148 4.78 -1.58 -5.30
C TYR A 148 4.39 -0.53 -4.26
N ALA A 149 5.25 -0.35 -3.27
CA ALA A 149 4.99 0.62 -2.20
C ALA A 149 5.38 2.04 -2.64
N SER A 150 6.35 2.12 -3.54
CA SER A 150 6.81 3.41 -4.05
C SER A 150 7.51 3.25 -5.39
N GLU A 151 6.90 3.79 -6.44
CA GLU A 151 7.48 3.70 -7.78
C GLU A 151 7.63 2.25 -8.21
N THR A 152 7.84 2.04 -9.51
CA THR A 152 8.00 0.70 -10.06
C THR A 152 9.44 0.22 -9.90
N SER A 153 9.66 -1.07 -10.13
CA SER A 153 10.99 -1.66 -10.01
C SER A 153 11.80 -1.41 -11.27
N ASN A 154 13.05 -1.85 -11.26
CA ASN A 154 13.94 -1.67 -12.41
C ASN A 154 15.16 -2.58 -12.29
N GLY A 155 14.97 -3.74 -11.67
CA GLY A 155 16.07 -4.67 -11.51
C GLY A 155 15.74 -5.79 -10.53
N GLN A 156 14.96 -6.76 -10.99
CA GLN A 156 14.57 -7.89 -10.16
C GLN A 156 15.10 -9.20 -10.73
N LYS A 157 15.72 -10.01 -9.87
CA LYS A 157 16.27 -11.30 -10.30
C LYS A 157 15.77 -12.42 -9.40
N GLY A 158 14.56 -12.27 -8.88
CA GLY A 158 13.98 -13.29 -8.01
C GLY A 158 13.74 -12.77 -6.61
N ASN A 159 12.55 -12.20 -6.40
CA ASN A 159 12.19 -11.67 -5.09
C ASN A 159 13.16 -10.57 -4.65
N VAL A 160 12.84 -9.90 -3.55
CA VAL A 160 13.70 -8.84 -3.03
C VAL A 160 13.11 -8.27 -1.75
N GLU A 161 13.97 -8.09 -0.74
CA GLU A 161 13.55 -7.55 0.55
C GLU A 161 14.50 -6.45 1.02
N GLU A 162 13.96 -5.28 1.30
CA GLU A 162 14.76 -4.15 1.76
C GLU A 162 13.90 -3.15 2.53
N SER A 163 14.12 -3.07 3.84
CA SER A 163 13.37 -2.16 4.69
C SER A 163 14.24 -1.66 5.84
N ASP A 164 14.93 -2.58 6.50
CA ASP A 164 15.79 -2.22 7.63
C ASP A 164 14.99 -1.60 8.76
N LEU A 165 14.41 -2.46 9.61
CA LEU A 165 13.62 -1.99 10.74
C LEU A 165 14.39 -2.13 12.04
N TYR A 166 15.19 -1.13 12.35
CA TYR A 166 15.99 -1.13 13.58
C TYR A 166 15.13 -0.72 14.79
N GLY A 167 14.86 0.58 14.89
CA GLY A 167 14.06 1.08 15.99
C GLY A 167 14.44 2.49 16.39
N ILE A 168 13.58 3.44 16.05
CA ILE A 168 13.83 4.84 16.37
C ILE A 168 12.74 5.40 17.29
N ASP A 169 11.54 4.85 17.18
CA ASP A 169 10.41 5.29 17.99
C ASP A 169 10.40 4.60 19.35
N HIS A 170 10.70 3.31 19.34
CA HIS A 170 10.71 2.53 20.57
C HIS A 170 12.06 2.62 21.29
N ASP A 171 13.11 2.97 20.56
CA ASP A 171 14.44 3.11 21.15
C ASP A 171 14.47 4.34 22.05
N LEU A 172 14.01 5.46 21.51
CA LEU A 172 13.96 6.70 22.25
C LEU A 172 12.87 6.60 23.32
N ILE A 173 11.86 5.80 23.03
CA ILE A 173 10.76 5.60 23.93
C ILE A 173 11.19 4.73 25.11
N ASP A 174 12.00 3.71 24.82
CA ASP A 174 12.47 2.80 25.85
C ASP A 174 13.21 3.56 26.96
N GLU A 175 13.86 4.65 26.59
CA GLU A 175 14.59 5.45 27.57
C GLU A 175 13.66 6.13 28.57
N PHE A 176 12.69 6.89 28.06
CA PHE A 176 11.75 7.60 28.93
C PHE A 176 10.67 6.67 29.45
N GLU A 177 10.36 5.62 28.71
CA GLU A 177 9.32 4.70 29.11
C GLU A 177 9.67 3.98 30.41
N SER A 178 10.94 3.63 30.58
CA SER A 178 11.38 2.92 31.77
C SER A 178 12.15 3.83 32.73
N GLN A 179 11.83 5.11 32.73
CA GLN A 179 12.50 6.07 33.61
C GLN A 179 11.51 6.77 34.54
N GLY A 180 10.23 6.70 34.20
CA GLY A 180 9.21 7.35 35.00
C GLY A 180 8.07 7.86 34.15
N PHE A 181 8.34 8.03 32.86
CA PHE A 181 7.33 8.50 31.93
C PHE A 181 6.80 7.35 31.08
N GLU A 182 5.63 7.56 30.50
CA GLU A 182 5.01 6.53 29.66
C GLU A 182 5.14 6.88 28.18
N LYS A 183 4.68 5.98 27.33
CA LYS A 183 4.74 6.18 25.89
C LYS A 183 4.12 7.51 25.48
N ASP A 184 2.94 7.80 26.02
CA ASP A 184 2.24 9.04 25.72
C ASP A 184 3.14 10.25 25.93
N LYS A 185 3.97 10.20 26.96
CA LYS A 185 4.90 11.28 27.25
C LYS A 185 5.94 11.43 26.14
N ILE A 186 6.62 10.33 25.84
CA ILE A 186 7.64 10.32 24.80
C ILE A 186 7.08 10.76 23.45
N VAL A 187 5.98 10.14 23.04
CA VAL A 187 5.35 10.45 21.76
C VAL A 187 5.16 11.96 21.57
N GLU A 188 4.48 12.59 22.53
CA GLU A 188 4.23 14.02 22.46
C GLU A 188 5.52 14.82 22.21
N VAL A 189 6.62 14.30 22.72
CA VAL A 189 7.92 14.98 22.55
C VAL A 189 8.61 14.56 21.26
N LEU A 190 8.35 13.34 20.81
CA LEU A 190 8.97 12.84 19.59
C LEU A 190 8.30 13.45 18.35
N ARG A 191 6.98 13.29 18.26
CA ARG A 191 6.24 13.79 17.11
C ARG A 191 6.46 15.29 16.90
N ARG A 192 6.36 16.08 17.98
CA ARG A 192 6.55 17.52 17.86
C ARG A 192 7.84 17.85 17.12
N LEU A 193 8.95 17.31 17.61
CA LEU A 193 10.25 17.56 16.98
C LEU A 193 10.41 16.72 15.71
N GLY A 194 10.65 15.43 15.89
CA GLY A 194 10.83 14.54 14.75
C GLY A 194 12.23 13.97 14.67
N VAL A 195 12.93 13.93 15.80
CA VAL A 195 14.29 13.42 15.84
C VAL A 195 14.33 11.96 15.41
N LYS A 196 15.43 11.56 14.77
CA LYS A 196 15.59 10.19 14.31
C LYS A 196 16.95 9.63 14.72
N SER A 197 18.01 10.11 14.08
CA SER A 197 19.36 9.65 14.38
C SER A 197 20.07 10.62 15.30
N LEU A 198 20.04 10.33 16.60
CA LEU A 198 20.69 11.19 17.59
C LEU A 198 22.07 10.66 17.94
N ASP A 199 22.69 11.24 18.96
CA ASP A 199 24.01 10.83 19.40
C ASP A 199 23.95 10.21 20.79
N PRO A 200 24.68 9.08 20.99
CA PRO A 200 24.70 8.39 22.29
C PRO A 200 25.54 9.13 23.33
N ASN A 201 26.53 9.89 22.85
CA ASN A 201 27.41 10.63 23.74
C ASN A 201 26.95 12.09 23.85
N ASP A 202 25.64 12.31 23.71
CA ASP A 202 25.07 13.65 23.79
C ASP A 202 23.83 13.67 24.65
N ASN A 203 23.40 14.87 25.05
CA ASN A 203 22.20 15.02 25.87
C ASN A 203 21.55 16.38 25.64
N ASN A 204 21.58 16.84 24.39
CA ASN A 204 21.00 18.13 24.03
C ASN A 204 19.54 17.96 23.63
N THR A 205 19.23 16.86 22.94
CA THR A 205 17.86 16.59 22.50
C THR A 205 17.02 16.11 23.68
N ALA A 206 17.51 15.10 24.39
CA ALA A 206 16.80 14.55 25.52
C ALA A 206 16.45 15.64 26.52
N ASN A 207 17.39 16.54 26.78
CA ASN A 207 17.17 17.63 27.72
C ASN A 207 15.86 18.34 27.41
N ARG A 208 15.78 18.93 26.22
CA ARG A 208 14.57 19.63 25.80
C ARG A 208 13.36 18.69 25.83
N ILE A 209 13.62 17.41 25.61
CA ILE A 209 12.56 16.40 25.62
C ILE A 209 12.00 16.18 27.01
N ILE A 210 12.87 15.84 27.96
CA ILE A 210 12.44 15.59 29.32
C ILE A 210 11.62 16.76 29.85
N GLU A 211 11.91 17.94 29.32
CA GLU A 211 11.18 19.14 29.71
C GLU A 211 9.69 18.93 29.47
N GLU A 212 9.37 18.50 28.24
CA GLU A 212 7.99 18.23 27.87
C GLU A 212 7.52 16.92 28.50
N LEU A 213 8.47 16.02 28.76
CA LEU A 213 8.16 14.72 29.35
C LEU A 213 7.43 14.90 30.69
N LEU A 214 7.99 15.72 31.57
CA LEU A 214 7.41 15.97 32.88
C LEU A 214 6.20 16.92 32.80
N LYS A 215 5.32 16.71 31.82
CA LYS A 215 4.14 17.56 31.67
C LYS A 215 3.11 17.25 32.75
N SER A 1 -4.29 25.97 -13.27
CA SER A 1 -5.34 26.49 -14.19
C SER A 1 -6.35 27.34 -13.44
N SER A 2 -7.24 27.99 -14.20
CA SER A 2 -8.26 28.85 -13.60
C SER A 2 -9.32 28.02 -12.89
N ARG A 3 -9.88 27.04 -13.60
CA ARG A 3 -10.90 26.17 -13.03
C ARG A 3 -10.31 25.28 -11.94
N ALA A 4 -9.12 24.72 -12.22
CA ALA A 4 -8.45 23.85 -11.27
C ALA A 4 -8.13 24.59 -9.97
N LYS A 5 -8.02 25.92 -10.06
CA LYS A 5 -7.71 26.74 -8.89
C LYS A 5 -8.69 26.46 -7.75
N ARG A 6 -9.89 26.01 -8.10
CA ARG A 6 -10.91 25.71 -7.09
C ARG A 6 -10.45 24.59 -6.17
N ILE A 7 -10.12 23.44 -6.76
CA ILE A 7 -9.68 22.29 -5.98
C ILE A 7 -8.22 22.43 -5.56
N MET A 8 -7.44 23.18 -6.34
CA MET A 8 -6.03 23.39 -6.04
C MET A 8 -5.86 24.10 -4.70
N LYS A 9 -6.86 24.88 -4.31
CA LYS A 9 -6.81 25.62 -3.05
C LYS A 9 -6.61 24.67 -1.87
N GLU A 10 -7.21 23.48 -1.97
CA GLU A 10 -7.10 22.49 -0.91
C GLU A 10 -5.78 21.73 -1.01
N ILE A 11 -5.28 21.58 -2.24
CA ILE A 11 -4.02 20.88 -2.47
C ILE A 11 -2.84 21.67 -1.91
N GLN A 12 -2.98 22.99 -1.86
CA GLN A 12 -1.92 23.86 -1.34
C GLN A 12 -1.87 23.80 0.18
N ALA A 13 -3.03 23.71 0.80
CA ALA A 13 -3.12 23.66 2.25
C ALA A 13 -2.78 22.27 2.78
N VAL A 14 -3.38 21.25 2.17
CA VAL A 14 -3.14 19.87 2.58
C VAL A 14 -1.65 19.52 2.50
N LYS A 15 -0.99 20.04 1.48
CA LYS A 15 0.44 19.79 1.29
C LYS A 15 1.28 20.59 2.27
N ASP A 16 0.96 21.88 2.41
CA ASP A 16 1.67 22.76 3.32
C ASP A 16 1.51 22.30 4.77
N ASP A 17 0.46 21.53 5.03
CA ASP A 17 0.20 21.03 6.38
C ASP A 17 1.21 19.96 6.77
N PRO A 18 2.10 20.27 7.75
CA PRO A 18 3.11 19.32 8.21
C PRO A 18 2.52 18.18 9.04
N ALA A 19 1.40 18.47 9.70
CA ALA A 19 0.73 17.47 10.52
C ALA A 19 0.22 16.30 9.67
N ALA A 20 -0.68 16.60 8.74
CA ALA A 20 -1.25 15.58 7.88
C ALA A 20 -0.16 14.89 7.05
N HIS A 21 0.77 15.68 6.53
CA HIS A 21 1.86 15.16 5.73
C HIS A 21 1.33 14.47 4.47
N ILE A 22 0.29 15.05 3.88
CA ILE A 22 -0.31 14.48 2.67
C ILE A 22 0.28 15.13 1.42
N THR A 23 0.10 14.47 0.28
CA THR A 23 0.60 14.98 -0.98
C THR A 23 -0.38 14.70 -2.12
N LEU A 24 -0.91 15.76 -2.71
CA LEU A 24 -1.87 15.63 -3.80
C LEU A 24 -1.24 16.06 -5.13
N GLU A 25 -0.76 15.08 -5.89
CA GLU A 25 -0.14 15.34 -7.17
C GLU A 25 -1.10 15.05 -8.32
N PHE A 26 -1.32 16.03 -9.18
CA PHE A 26 -2.22 15.87 -10.32
C PHE A 26 -1.43 15.71 -11.62
N VAL A 27 -1.99 14.92 -12.54
CA VAL A 27 -1.34 14.68 -13.82
C VAL A 27 -1.13 15.97 -14.59
N SER A 28 -0.13 15.97 -15.47
CA SER A 28 0.17 17.15 -16.27
C SER A 28 0.65 16.76 -17.66
N GLU A 29 -0.11 17.13 -18.67
CA GLU A 29 0.23 16.82 -20.06
C GLU A 29 -0.69 17.54 -21.03
N SER A 30 -1.99 17.56 -20.71
CA SER A 30 -2.97 18.21 -21.56
C SER A 30 -3.90 19.11 -20.72
N ASP A 31 -4.79 18.47 -19.97
CA ASP A 31 -5.74 19.21 -19.13
C ASP A 31 -5.98 18.47 -17.81
N ILE A 32 -5.90 19.20 -16.71
CA ILE A 32 -6.11 18.61 -15.38
C ILE A 32 -7.57 18.21 -15.19
N HIS A 33 -7.78 16.96 -14.81
CA HIS A 33 -9.13 16.44 -14.59
C HIS A 33 -9.13 15.37 -13.50
N HIS A 34 -8.19 14.44 -13.60
CA HIS A 34 -8.08 13.36 -12.63
C HIS A 34 -6.92 13.60 -11.66
N LEU A 35 -7.22 13.61 -10.37
CA LEU A 35 -6.20 13.83 -9.35
C LEU A 35 -5.60 12.52 -8.88
N LYS A 36 -4.45 12.61 -8.22
CA LYS A 36 -3.78 11.42 -7.70
C LYS A 36 -3.16 11.70 -6.33
N GLY A 37 -3.83 11.23 -5.28
CA GLY A 37 -3.34 11.44 -3.93
C GLY A 37 -2.44 10.32 -3.45
N THR A 38 -1.38 10.69 -2.73
CA THR A 38 -0.43 9.71 -2.22
C THR A 38 -0.14 9.96 -0.74
N PHE A 39 -0.05 8.89 0.03
CA PHE A 39 0.22 8.99 1.46
C PHE A 39 1.46 8.18 1.84
N LEU A 40 2.46 8.85 2.41
CA LEU A 40 3.69 8.20 2.81
C LEU A 40 3.86 8.25 4.33
N GLY A 41 4.34 7.16 4.91
CA GLY A 41 4.54 7.10 6.33
C GLY A 41 5.28 5.84 6.77
N PRO A 42 5.98 5.90 7.91
CA PRO A 42 6.73 4.74 8.43
C PRO A 42 5.87 3.48 8.51
N PRO A 43 6.45 2.30 8.26
CA PRO A 43 5.73 1.03 8.32
C PRO A 43 5.10 0.77 9.68
N GLY A 44 4.88 -0.50 10.00
CA GLY A 44 4.29 -0.86 11.28
C GLY A 44 3.09 -1.77 11.13
N THR A 45 2.74 -2.10 9.89
CA THR A 45 1.59 -2.97 9.63
C THR A 45 1.60 -3.46 8.18
N PRO A 46 1.03 -4.64 7.93
CA PRO A 46 0.97 -5.22 6.59
C PRO A 46 0.36 -4.27 5.57
N TYR A 47 -0.53 -3.40 6.03
CA TYR A 47 -1.19 -2.43 5.16
C TYR A 47 -0.42 -1.12 5.14
N GLU A 48 0.13 -0.74 6.29
CA GLU A 48 0.88 0.50 6.40
C GLU A 48 2.37 0.25 6.20
N GLY A 49 2.90 0.69 5.07
CA GLY A 49 4.31 0.50 4.79
C GLY A 49 4.71 1.08 3.45
N GLY A 50 5.13 2.35 3.45
CA GLY A 50 5.54 3.00 2.22
C GLY A 50 4.52 4.00 1.73
N LYS A 51 4.41 4.15 0.42
CA LYS A 51 3.47 5.09 -0.18
C LYS A 51 2.32 4.35 -0.86
N PHE A 52 1.21 5.05 -1.05
CA PHE A 52 0.03 4.45 -1.69
C PHE A 52 -0.50 5.37 -2.78
N VAL A 53 -0.57 4.84 -4.01
CA VAL A 53 -1.07 5.61 -5.13
C VAL A 53 -2.57 5.42 -5.31
N VAL A 54 -3.29 6.51 -5.53
CA VAL A 54 -4.74 6.45 -5.71
C VAL A 54 -5.19 7.28 -6.91
N ASP A 55 -5.66 6.61 -7.95
CA ASP A 55 -6.13 7.29 -9.16
C ASP A 55 -7.49 7.92 -8.90
N ILE A 56 -7.52 9.25 -8.85
CA ILE A 56 -8.76 9.97 -8.60
C ILE A 56 -9.23 10.73 -9.84
N GLU A 57 -10.53 10.69 -10.08
CA GLU A 57 -11.12 11.38 -11.22
C GLU A 57 -12.14 12.42 -10.75
N VAL A 58 -11.77 13.68 -10.79
CA VAL A 58 -12.64 14.77 -10.37
C VAL A 58 -13.15 15.59 -11.55
N PRO A 59 -14.35 15.28 -12.06
CA PRO A 59 -14.94 16.00 -13.19
C PRO A 59 -15.31 17.43 -12.83
N MET A 60 -16.01 17.60 -11.72
CA MET A 60 -16.44 18.91 -11.27
C MET A 60 -17.30 19.60 -12.32
N GLU A 61 -18.25 18.86 -12.88
CA GLU A 61 -19.15 19.38 -13.90
C GLU A 61 -20.34 20.11 -13.26
N TYR A 62 -21.21 19.35 -12.61
CA TYR A 62 -22.38 19.93 -11.95
C TYR A 62 -22.33 19.72 -10.45
N PRO A 63 -22.99 20.59 -9.68
CA PRO A 63 -23.02 20.50 -8.22
C PRO A 63 -23.85 19.31 -7.73
N PHE A 64 -23.40 18.10 -8.08
CA PHE A 64 -24.11 16.88 -7.69
C PHE A 64 -23.16 15.69 -7.70
N LYS A 65 -22.83 15.21 -8.90
CA LYS A 65 -21.93 14.06 -9.05
C LYS A 65 -20.61 14.29 -8.32
N PRO A 66 -20.42 13.63 -7.16
CA PRO A 66 -19.19 13.76 -6.36
C PRO A 66 -17.98 13.17 -7.06
N PRO A 67 -16.78 13.40 -6.51
CA PRO A 67 -15.53 12.88 -7.09
C PRO A 67 -15.38 11.38 -6.89
N LYS A 68 -14.82 10.70 -7.88
CA LYS A 68 -14.62 9.25 -7.81
C LYS A 68 -13.17 8.92 -7.49
N MET A 69 -12.96 7.74 -6.90
CA MET A 69 -11.62 7.30 -6.54
C MET A 69 -11.32 5.93 -7.15
N GLN A 70 -10.03 5.61 -7.24
CA GLN A 70 -9.61 4.33 -7.82
C GLN A 70 -8.17 4.00 -7.41
N PHE A 71 -8.03 3.13 -6.43
CA PHE A 71 -6.72 2.72 -5.95
C PHE A 71 -5.93 2.02 -7.05
N ASP A 72 -4.75 2.55 -7.37
CA ASP A 72 -3.90 1.98 -8.41
C ASP A 72 -3.00 0.91 -7.83
N THR A 73 -2.62 1.07 -6.56
CA THR A 73 -1.74 0.12 -5.89
C THR A 73 -2.36 -1.28 -5.87
N LYS A 74 -3.68 -1.34 -6.03
CA LYS A 74 -4.39 -2.62 -6.03
C LYS A 74 -4.28 -3.31 -4.68
N VAL A 75 -5.25 -3.06 -3.81
CA VAL A 75 -5.27 -3.66 -2.48
C VAL A 75 -6.46 -4.60 -2.30
N TYR A 76 -6.18 -5.86 -1.98
CA TYR A 76 -7.23 -6.84 -1.78
C TYR A 76 -7.90 -6.66 -0.42
N HIS A 77 -8.65 -5.56 -0.29
CA HIS A 77 -9.35 -5.26 0.95
C HIS A 77 -10.86 -5.43 0.79
N PRO A 78 -11.54 -5.95 1.82
CA PRO A 78 -13.00 -6.16 1.78
C PRO A 78 -13.75 -4.91 1.32
N ASN A 79 -13.41 -3.77 1.90
CA ASN A 79 -14.04 -2.51 1.54
C ASN A 79 -13.61 -2.05 0.15
N ILE A 80 -12.36 -2.34 -0.19
CA ILE A 80 -11.83 -1.96 -1.50
C ILE A 80 -11.64 -3.18 -2.39
N SER A 81 -12.71 -3.56 -3.07
CA SER A 81 -12.67 -4.73 -3.96
C SER A 81 -13.99 -4.88 -4.70
N SER A 82 -14.22 -4.02 -5.68
CA SER A 82 -15.45 -4.06 -6.46
C SER A 82 -15.19 -4.65 -7.84
N VAL A 83 -14.31 -5.64 -7.90
CA VAL A 83 -13.96 -6.30 -9.15
C VAL A 83 -13.16 -5.38 -10.06
N THR A 84 -13.81 -4.29 -10.51
CA THR A 84 -13.15 -3.33 -11.38
C THR A 84 -12.16 -2.47 -10.60
N GLY A 85 -12.51 -2.15 -9.36
CA GLY A 85 -11.64 -1.34 -8.52
C GLY A 85 -12.36 -0.14 -7.93
N ALA A 86 -13.26 -0.42 -6.97
CA ALA A 86 -14.01 0.64 -6.32
C ALA A 86 -13.94 0.50 -4.80
N ILE A 87 -14.42 1.52 -4.09
CA ILE A 87 -14.41 1.51 -2.64
C ILE A 87 -15.81 1.67 -2.06
N CYS A 88 -15.98 1.27 -0.81
CA CYS A 88 -17.26 1.39 -0.13
C CYS A 88 -17.11 2.39 1.01
N LEU A 89 -17.50 3.63 0.75
CA LEU A 89 -17.39 4.69 1.74
C LEU A 89 -18.65 5.56 1.73
N ASP A 90 -18.83 6.34 2.79
CA ASP A 90 -19.99 7.22 2.90
C ASP A 90 -20.22 8.02 1.62
N ILE A 91 -19.15 8.61 1.10
CA ILE A 91 -19.24 9.41 -0.12
C ILE A 91 -19.06 8.54 -1.37
N LEU A 92 -19.69 7.37 -1.37
CA LEU A 92 -19.61 6.47 -2.51
C LEU A 92 -20.97 5.80 -2.77
N ARG A 93 -22.01 6.35 -2.17
CA ARG A 93 -23.36 5.82 -2.33
C ARG A 93 -24.40 6.91 -2.06
N ASN A 94 -24.20 7.64 -0.96
CA ASN A 94 -25.11 8.71 -0.58
C ASN A 94 -24.54 9.51 0.59
N ALA A 95 -24.62 8.94 1.80
CA ALA A 95 -24.10 9.58 3.01
C ALA A 95 -24.40 11.09 3.01
N TRP A 96 -23.61 11.84 3.76
CA TRP A 96 -23.79 13.29 3.84
C TRP A 96 -22.69 14.03 3.07
N SER A 97 -22.86 15.34 2.95
CA SER A 97 -21.90 16.17 2.24
C SER A 97 -21.80 15.77 0.76
N PRO A 98 -22.30 16.61 -0.15
CA PRO A 98 -22.25 16.33 -1.60
C PRO A 98 -20.83 16.33 -2.14
N VAL A 99 -19.91 16.95 -1.41
CA VAL A 99 -18.51 17.01 -1.81
C VAL A 99 -17.64 16.14 -0.90
N ILE A 100 -17.36 16.65 0.29
CA ILE A 100 -16.54 15.93 1.27
C ILE A 100 -15.05 16.12 1.01
N THR A 101 -14.70 16.75 -0.11
CA THR A 101 -13.31 16.99 -0.46
C THR A 101 -12.53 15.67 -0.54
N LEU A 102 -11.35 15.72 -1.14
CA LEU A 102 -10.51 14.53 -1.27
C LEU A 102 -9.92 14.11 0.07
N LYS A 103 -9.78 15.07 0.98
CA LYS A 103 -9.22 14.80 2.30
C LYS A 103 -10.03 13.73 3.03
N SER A 104 -11.34 13.94 3.10
CA SER A 104 -12.23 12.99 3.78
C SER A 104 -12.28 11.66 3.03
N ALA A 105 -12.08 11.70 1.72
CA ALA A 105 -12.11 10.50 0.90
C ALA A 105 -10.88 9.64 1.14
N LEU A 106 -9.70 10.27 1.15
CA LEU A 106 -8.45 9.55 1.36
C LEU A 106 -8.31 9.09 2.81
N ILE A 107 -8.48 10.02 3.74
CA ILE A 107 -8.37 9.72 5.17
C ILE A 107 -9.31 8.58 5.56
N SER A 108 -10.41 8.45 4.83
CA SER A 108 -11.39 7.41 5.12
C SER A 108 -10.84 6.03 4.79
N LEU A 109 -10.29 5.88 3.59
CA LEU A 109 -9.72 4.61 3.15
C LEU A 109 -8.60 4.16 4.09
N GLN A 110 -7.87 5.12 4.64
CA GLN A 110 -6.77 4.81 5.56
C GLN A 110 -7.29 4.15 6.83
N ALA A 111 -8.51 4.51 7.24
CA ALA A 111 -9.12 3.95 8.44
C ALA A 111 -9.51 2.50 8.23
N LEU A 112 -10.35 2.26 7.22
CA LEU A 112 -10.82 0.92 6.92
C LEU A 112 -9.64 0.00 6.58
N LEU A 113 -8.59 0.58 6.03
CA LEU A 113 -7.40 -0.19 5.66
C LEU A 113 -6.82 -0.92 6.86
N GLN A 114 -6.73 -0.22 7.98
CA GLN A 114 -6.19 -0.81 9.20
C GLN A 114 -7.32 -1.25 10.13
N SER A 115 -8.40 -1.75 9.54
CA SER A 115 -9.54 -2.21 10.32
C SER A 115 -10.42 -3.15 9.49
N PRO A 116 -9.99 -4.41 9.31
CA PRO A 116 -10.73 -5.41 8.54
C PRO A 116 -12.02 -5.84 9.24
N GLU A 117 -13.15 -5.38 8.73
CA GLU A 117 -14.45 -5.71 9.31
C GLU A 117 -15.38 -6.30 8.25
N PRO A 118 -15.33 -7.63 8.04
CA PRO A 118 -16.18 -8.30 7.07
C PRO A 118 -17.65 -8.32 7.47
N ASN A 119 -18.25 -7.14 7.58
CA ASN A 119 -19.64 -7.02 7.97
C ASN A 119 -20.54 -6.97 6.74
N ASP A 120 -20.06 -6.31 5.69
CA ASP A 120 -20.82 -6.18 4.46
C ASP A 120 -19.97 -5.56 3.36
N PRO A 121 -18.86 -6.22 2.99
CA PRO A 121 -17.95 -5.74 1.94
C PRO A 121 -18.59 -5.79 0.55
N GLN A 122 -17.77 -5.60 -0.47
CA GLN A 122 -18.25 -5.63 -1.85
C GLN A 122 -18.30 -7.06 -2.38
N ASP A 123 -17.22 -7.81 -2.15
CA ASP A 123 -17.15 -9.19 -2.61
C ASP A 123 -17.03 -10.15 -1.43
N ALA A 124 -18.00 -11.06 -1.31
CA ALA A 124 -17.99 -12.03 -0.23
C ALA A 124 -16.96 -13.12 -0.46
N GLU A 125 -16.67 -13.39 -1.74
CA GLU A 125 -15.70 -14.42 -2.10
C GLU A 125 -14.34 -14.13 -1.47
N VAL A 126 -13.99 -12.85 -1.39
CA VAL A 126 -12.72 -12.45 -0.80
C VAL A 126 -12.78 -12.44 0.72
N ALA A 127 -13.84 -11.84 1.26
CA ALA A 127 -14.02 -11.78 2.69
C ALA A 127 -14.14 -13.16 3.31
N GLN A 128 -14.68 -14.09 2.54
CA GLN A 128 -14.86 -15.47 3.00
C GLN A 128 -13.50 -16.10 3.33
N HIS A 129 -12.54 -15.93 2.43
CA HIS A 129 -11.21 -16.49 2.62
C HIS A 129 -10.45 -15.71 3.69
N TYR A 130 -10.72 -14.41 3.77
CA TYR A 130 -10.07 -13.55 4.75
C TYR A 130 -10.39 -13.99 6.17
N LEU A 131 -11.60 -14.49 6.37
CA LEU A 131 -12.04 -14.95 7.69
C LEU A 131 -11.36 -16.27 8.06
N ARG A 132 -11.26 -17.17 7.08
CA ARG A 132 -10.63 -18.47 7.31
C ARG A 132 -9.13 -18.32 7.55
N ASP A 133 -8.41 -17.87 6.52
CA ASP A 133 -6.97 -17.69 6.62
C ASP A 133 -6.59 -16.23 6.39
N ARG A 134 -6.59 -15.45 7.47
CA ARG A 134 -6.24 -14.03 7.38
C ARG A 134 -4.73 -13.84 7.46
N GLU A 135 -4.07 -14.61 8.31
CA GLU A 135 -2.63 -14.52 8.48
C GLU A 135 -1.90 -15.18 7.31
N SER A 136 -2.54 -16.18 6.72
CA SER A 136 -1.96 -16.89 5.59
C SER A 136 -1.74 -15.96 4.41
N PHE A 137 -2.69 -15.06 4.19
CA PHE A 137 -2.62 -14.11 3.09
C PHE A 137 -1.75 -12.90 3.46
N ASN A 138 -1.64 -12.65 4.77
CA ASN A 138 -0.85 -11.52 5.25
C ASN A 138 0.58 -11.56 4.70
N LYS A 139 1.11 -12.76 4.51
CA LYS A 139 2.46 -12.92 3.99
C LYS A 139 2.57 -12.35 2.58
N THR A 140 1.52 -12.52 1.80
CA THR A 140 1.50 -12.02 0.42
C THR A 140 1.08 -10.55 0.38
N ALA A 141 0.11 -10.20 1.22
CA ALA A 141 -0.38 -8.82 1.28
C ALA A 141 0.74 -7.86 1.62
N ALA A 142 1.54 -8.21 2.63
CA ALA A 142 2.65 -7.37 3.05
C ALA A 142 3.68 -7.20 1.94
N LEU A 143 4.04 -8.31 1.30
CA LEU A 143 5.01 -8.29 0.21
C LEU A 143 4.51 -7.42 -0.94
N TRP A 144 3.25 -7.59 -1.31
CA TRP A 144 2.66 -6.82 -2.40
C TRP A 144 2.77 -5.33 -2.14
N THR A 145 2.40 -4.90 -0.93
CA THR A 145 2.47 -3.50 -0.56
C THR A 145 3.92 -3.04 -0.40
N ARG A 146 4.78 -3.96 -0.01
CA ARG A 146 6.20 -3.64 0.18
C ARG A 146 6.86 -3.26 -1.14
N LEU A 147 6.35 -3.83 -2.23
CA LEU A 147 6.90 -3.55 -3.56
C LEU A 147 6.08 -2.48 -4.26
N TYR A 148 4.78 -2.43 -3.96
CA TYR A 148 3.89 -1.46 -4.57
C TYR A 148 3.97 -0.10 -3.87
N ALA A 149 4.47 -0.11 -2.63
CA ALA A 149 4.62 1.13 -1.86
C ALA A 149 6.02 1.69 -1.97
N SER A 150 6.65 1.47 -3.13
CA SER A 150 8.01 1.97 -3.37
C SER A 150 9.00 1.35 -2.38
N GLU A 151 9.05 1.90 -1.17
CA GLU A 151 9.96 1.40 -0.14
C GLU A 151 11.41 1.72 -0.50
N THR A 152 11.91 1.07 -1.55
CA THR A 152 13.28 1.28 -1.99
C THR A 152 13.43 0.99 -3.48
N SER A 153 12.37 1.28 -4.24
CA SER A 153 12.38 1.05 -5.68
C SER A 153 11.29 1.86 -6.36
N ASN A 154 11.17 1.68 -7.67
CA ASN A 154 10.16 2.41 -8.46
C ASN A 154 8.86 1.61 -8.52
N GLY A 155 7.89 2.15 -9.24
CA GLY A 155 6.61 1.49 -9.38
C GLY A 155 6.51 0.66 -10.66
N GLN A 156 7.21 1.11 -11.69
CA GLN A 156 7.20 0.42 -12.97
C GLN A 156 8.62 0.13 -13.45
N LYS A 157 8.92 -1.14 -13.68
CA LYS A 157 10.25 -1.54 -14.14
C LYS A 157 11.32 -1.12 -13.15
N GLY A 158 11.63 -2.01 -12.20
CA GLY A 158 12.64 -1.71 -11.20
C GLY A 158 12.10 -1.80 -9.79
N ASN A 159 11.40 -2.89 -9.49
CA ASN A 159 10.83 -3.10 -8.16
C ASN A 159 10.95 -4.55 -7.74
N VAL A 160 12.01 -5.21 -8.22
CA VAL A 160 12.25 -6.61 -7.88
C VAL A 160 13.63 -6.80 -7.25
N GLU A 161 13.98 -8.04 -6.97
CA GLU A 161 15.27 -8.36 -6.36
C GLU A 161 16.42 -7.81 -7.20
N GLU A 162 16.30 -7.92 -8.52
CA GLU A 162 17.33 -7.45 -9.43
C GLU A 162 16.72 -6.95 -10.74
N SER A 163 15.80 -7.73 -11.29
CA SER A 163 15.14 -7.36 -12.54
C SER A 163 16.10 -7.53 -13.72
N ASP A 164 17.07 -6.62 -13.82
CA ASP A 164 18.04 -6.67 -14.90
C ASP A 164 17.35 -6.66 -16.27
N LEU A 165 17.12 -5.46 -16.80
CA LEU A 165 16.47 -5.32 -18.09
C LEU A 165 17.31 -4.46 -19.03
N TYR A 166 16.88 -4.37 -20.29
CA TYR A 166 17.58 -3.57 -21.28
C TYR A 166 16.67 -3.25 -22.47
N GLY A 167 17.20 -2.47 -23.41
CA GLY A 167 16.42 -2.10 -24.58
C GLY A 167 17.27 -1.99 -25.83
N ILE A 168 17.42 -0.77 -26.33
CA ILE A 168 18.21 -0.53 -27.54
C ILE A 168 17.63 -1.29 -28.73
N ASP A 169 16.62 -0.72 -29.36
CA ASP A 169 15.97 -1.35 -30.50
C ASP A 169 15.32 -0.31 -31.40
N HIS A 170 14.59 0.60 -30.80
CA HIS A 170 13.91 1.65 -31.55
C HIS A 170 14.85 2.80 -31.89
N ASP A 171 15.85 3.03 -31.04
CA ASP A 171 16.82 4.10 -31.28
C ASP A 171 17.66 3.77 -32.52
N LEU A 172 18.14 2.53 -32.56
CA LEU A 172 18.93 2.05 -33.69
C LEU A 172 18.03 1.89 -34.90
N ILE A 173 16.77 1.59 -34.64
CA ILE A 173 15.79 1.40 -35.68
C ILE A 173 15.44 2.73 -36.34
N ASP A 174 15.25 3.75 -35.51
CA ASP A 174 14.91 5.08 -36.01
C ASP A 174 15.93 5.56 -37.03
N GLU A 175 17.18 5.14 -36.88
CA GLU A 175 18.23 5.54 -37.80
C GLU A 175 18.00 4.98 -39.20
N PHE A 176 17.87 3.66 -39.29
CA PHE A 176 17.65 3.02 -40.60
C PHE A 176 16.26 3.30 -41.12
N GLU A 177 15.30 3.42 -40.21
CA GLU A 177 13.92 3.67 -40.61
C GLU A 177 13.80 4.94 -41.46
N SER A 178 14.18 6.06 -40.88
CA SER A 178 14.11 7.34 -41.57
C SER A 178 15.03 7.36 -42.80
N GLN A 179 16.14 6.63 -42.71
CA GLN A 179 17.09 6.57 -43.81
C GLN A 179 16.42 6.11 -45.10
N GLY A 180 15.53 5.13 -44.97
CA GLY A 180 14.82 4.61 -46.12
C GLY A 180 14.46 3.16 -45.92
N PHE A 181 15.19 2.50 -45.04
CA PHE A 181 14.95 1.10 -44.72
C PHE A 181 13.73 0.97 -43.80
N GLU A 182 13.16 -0.22 -43.76
CA GLU A 182 11.99 -0.48 -42.92
C GLU A 182 12.41 -1.20 -41.64
N LYS A 183 11.49 -1.25 -40.68
CA LYS A 183 11.75 -1.91 -39.40
C LYS A 183 12.30 -3.31 -39.61
N ASP A 184 11.69 -4.05 -40.53
CA ASP A 184 12.11 -5.42 -40.82
C ASP A 184 13.61 -5.50 -41.11
N LYS A 185 14.12 -4.56 -41.90
CA LYS A 185 15.53 -4.53 -42.25
C LYS A 185 16.40 -4.41 -40.99
N ILE A 186 16.09 -3.42 -40.16
CA ILE A 186 16.84 -3.20 -38.93
C ILE A 186 16.83 -4.42 -38.04
N VAL A 187 15.65 -4.97 -37.78
CA VAL A 187 15.52 -6.15 -36.94
C VAL A 187 16.47 -7.26 -37.37
N GLU A 188 16.48 -7.55 -38.67
CA GLU A 188 17.32 -8.60 -39.22
C GLU A 188 18.80 -8.33 -38.97
N VAL A 189 19.21 -7.07 -39.07
CA VAL A 189 20.61 -6.70 -38.87
C VAL A 189 20.93 -6.44 -37.40
N LEU A 190 19.92 -6.02 -36.63
CA LEU A 190 20.12 -5.75 -35.22
C LEU A 190 20.24 -7.03 -34.41
N ARG A 191 19.28 -7.93 -34.60
CA ARG A 191 19.26 -9.19 -33.87
C ARG A 191 20.57 -9.96 -34.00
N ARG A 192 21.07 -10.11 -35.23
CA ARG A 192 22.31 -10.84 -35.44
C ARG A 192 23.43 -10.28 -34.57
N LEU A 193 23.67 -8.97 -34.68
CA LEU A 193 24.72 -8.34 -33.89
C LEU A 193 24.29 -8.17 -32.44
N GLY A 194 23.34 -7.27 -32.22
CA GLY A 194 22.85 -7.01 -30.86
C GLY A 194 23.54 -5.82 -30.22
N VAL A 195 23.68 -4.74 -30.99
CA VAL A 195 24.31 -3.53 -30.51
C VAL A 195 23.55 -2.93 -29.33
N LYS A 196 24.24 -2.13 -28.53
CA LYS A 196 23.63 -1.49 -27.37
C LYS A 196 23.89 0.01 -27.38
N SER A 197 25.13 0.39 -27.66
CA SER A 197 25.51 1.80 -27.71
C SER A 197 26.85 1.99 -28.42
N LEU A 198 26.79 2.43 -29.66
CA LEU A 198 28.02 2.65 -30.44
C LEU A 198 28.77 3.88 -29.93
N ASP A 199 29.85 4.22 -30.62
CA ASP A 199 30.67 5.37 -30.24
C ASP A 199 30.38 6.57 -31.15
N PRO A 200 30.35 7.78 -30.58
CA PRO A 200 30.09 9.00 -31.36
C PRO A 200 31.10 9.20 -32.49
N ASN A 201 32.36 8.89 -32.21
CA ASN A 201 33.42 9.04 -33.20
C ASN A 201 33.72 7.72 -33.89
N ASP A 202 32.70 6.88 -34.04
CA ASP A 202 32.85 5.59 -34.69
C ASP A 202 31.60 5.22 -35.47
N ASN A 203 31.77 4.35 -36.47
CA ASN A 203 30.65 3.92 -37.31
C ASN A 203 31.01 2.62 -38.04
N ASN A 204 31.68 1.72 -37.34
CA ASN A 204 32.08 0.45 -37.93
C ASN A 204 30.93 -0.56 -37.90
N THR A 205 30.03 -0.40 -36.94
CA THR A 205 28.89 -1.30 -36.81
C THR A 205 27.83 -0.99 -37.87
N ALA A 206 27.46 0.28 -37.97
CA ALA A 206 26.45 0.69 -38.93
C ALA A 206 26.83 0.27 -40.34
N ASN A 207 28.08 0.53 -40.73
CA ASN A 207 28.55 0.18 -42.07
C ASN A 207 28.18 -1.27 -42.39
N ARG A 208 28.56 -2.18 -41.50
CA ARG A 208 28.25 -3.60 -41.70
C ARG A 208 26.73 -3.81 -41.68
N ILE A 209 26.02 -2.99 -40.91
CA ILE A 209 24.57 -3.10 -40.80
C ILE A 209 23.90 -2.64 -42.09
N ILE A 210 24.16 -1.40 -42.50
CA ILE A 210 23.55 -0.88 -43.71
C ILE A 210 23.85 -1.77 -44.90
N GLU A 211 24.99 -2.45 -44.83
CA GLU A 211 25.38 -3.35 -45.90
C GLU A 211 24.26 -4.35 -46.17
N GLU A 212 23.80 -4.98 -45.08
CA GLU A 212 22.71 -5.96 -45.17
C GLU A 212 21.36 -5.25 -45.26
N LEU A 213 21.28 -4.05 -44.69
CA LEU A 213 20.03 -3.27 -44.69
C LEU A 213 19.44 -3.19 -46.10
N LEU A 214 20.27 -2.86 -47.08
CA LEU A 214 19.82 -2.75 -48.46
C LEU A 214 19.72 -4.12 -49.13
N LYS A 215 19.03 -5.06 -48.49
CA LYS A 215 18.88 -6.40 -49.03
C LYS A 215 17.60 -7.05 -48.50
N SER A 1 -10.72 31.62 -10.10
CA SER A 1 -10.46 31.28 -11.53
C SER A 1 -11.26 30.04 -11.95
N SER A 2 -12.54 30.24 -12.26
CA SER A 2 -13.40 29.15 -12.67
C SER A 2 -13.63 28.16 -11.53
N ARG A 3 -14.21 27.02 -11.84
CA ARG A 3 -14.49 25.99 -10.85
C ARG A 3 -13.23 25.19 -10.52
N ALA A 4 -12.31 25.13 -11.48
CA ALA A 4 -11.07 24.38 -11.29
C ALA A 4 -10.26 24.94 -10.13
N LYS A 5 -10.38 26.25 -9.91
CA LYS A 5 -9.65 26.91 -8.82
C LYS A 5 -10.15 26.42 -7.46
N ARG A 6 -11.43 26.06 -7.40
CA ARG A 6 -12.02 25.57 -6.16
C ARG A 6 -11.36 24.28 -5.71
N ILE A 7 -11.02 23.42 -6.66
CA ILE A 7 -10.38 22.16 -6.36
C ILE A 7 -8.93 22.36 -5.93
N MET A 8 -8.29 23.40 -6.47
CA MET A 8 -6.91 23.70 -6.15
C MET A 8 -6.75 24.02 -4.67
N LYS A 9 -7.77 24.66 -4.09
CA LYS A 9 -7.75 25.02 -2.68
C LYS A 9 -7.62 23.78 -1.80
N GLU A 10 -8.19 22.67 -2.27
CA GLU A 10 -8.13 21.42 -1.52
C GLU A 10 -6.75 20.81 -1.58
N ILE A 11 -6.02 21.07 -2.67
CA ILE A 11 -4.68 20.54 -2.85
C ILE A 11 -3.70 21.18 -1.87
N GLN A 12 -4.00 22.41 -1.46
CA GLN A 12 -3.14 23.13 -0.53
C GLN A 12 -3.35 22.63 0.90
N ALA A 13 -4.58 22.22 1.21
CA ALA A 13 -4.90 21.72 2.54
C ALA A 13 -4.37 20.30 2.74
N VAL A 14 -4.54 19.46 1.73
CA VAL A 14 -4.08 18.08 1.79
C VAL A 14 -2.58 18.01 2.03
N LYS A 15 -1.85 18.95 1.43
CA LYS A 15 -0.40 19.00 1.58
C LYS A 15 0.00 19.59 2.94
N ASP A 16 -0.57 20.74 3.27
CA ASP A 16 -0.29 21.41 4.53
C ASP A 16 1.22 21.51 4.77
N ASP A 17 1.90 22.20 3.86
CA ASP A 17 3.35 22.39 3.96
C ASP A 17 4.07 21.05 3.96
N PRO A 18 5.38 21.04 3.66
CA PRO A 18 6.19 19.82 3.62
C PRO A 18 6.32 19.18 5.01
N ALA A 19 5.21 18.70 5.54
CA ALA A 19 5.21 18.07 6.85
C ALA A 19 4.28 16.86 6.88
N ALA A 20 3.06 17.04 6.38
CA ALA A 20 2.08 15.95 6.35
C ALA A 20 2.56 14.81 5.47
N HIS A 21 1.68 13.83 5.25
CA HIS A 21 2.02 12.68 4.42
C HIS A 21 1.25 12.72 3.10
N ILE A 22 -0.03 13.05 3.18
CA ILE A 22 -0.87 13.12 1.99
C ILE A 22 -0.44 14.26 1.08
N THR A 23 -0.37 13.98 -0.22
CA THR A 23 0.03 14.99 -1.20
C THR A 23 -0.68 14.77 -2.53
N LEU A 24 -1.49 15.74 -2.94
CA LEU A 24 -2.22 15.65 -4.20
C LEU A 24 -1.35 16.10 -5.37
N GLU A 25 -1.52 15.45 -6.51
CA GLU A 25 -0.76 15.78 -7.70
C GLU A 25 -1.68 16.00 -8.90
N PHE A 26 -1.80 17.25 -9.32
CA PHE A 26 -2.64 17.59 -10.45
C PHE A 26 -1.88 17.46 -11.77
N VAL A 27 -2.60 17.11 -12.84
CA VAL A 27 -1.99 16.94 -14.15
C VAL A 27 -2.72 17.77 -15.20
N SER A 28 -3.03 19.01 -14.86
CA SER A 28 -3.72 19.92 -15.77
C SER A 28 -3.78 21.33 -15.20
N GLU A 29 -3.84 22.31 -16.09
CA GLU A 29 -3.91 23.71 -15.68
C GLU A 29 -5.04 24.43 -16.40
N SER A 30 -5.74 25.29 -15.66
CA SER A 30 -6.86 26.04 -16.23
C SER A 30 -7.94 25.11 -16.76
N ASP A 31 -7.94 23.88 -16.28
CA ASP A 31 -8.92 22.88 -16.71
C ASP A 31 -8.71 21.56 -15.98
N ILE A 32 -8.73 21.61 -14.65
CA ILE A 32 -8.55 20.42 -13.83
C ILE A 32 -9.56 19.34 -14.20
N HIS A 33 -9.22 18.09 -13.87
CA HIS A 33 -10.09 16.96 -14.17
C HIS A 33 -9.53 15.67 -13.59
N HIS A 34 -8.21 15.51 -13.68
CA HIS A 34 -7.54 14.32 -13.16
C HIS A 34 -6.72 14.66 -11.92
N LEU A 35 -7.08 14.08 -10.79
CA LEU A 35 -6.37 14.31 -9.54
C LEU A 35 -5.72 13.03 -9.03
N LYS A 36 -4.58 13.16 -8.37
CA LYS A 36 -3.87 12.01 -7.82
C LYS A 36 -3.56 12.20 -6.34
N GLY A 37 -4.35 11.56 -5.48
CA GLY A 37 -4.14 11.67 -4.05
C GLY A 37 -3.29 10.56 -3.50
N THR A 38 -2.03 10.85 -3.20
CA THR A 38 -1.11 9.87 -2.66
C THR A 38 -0.85 10.12 -1.18
N PHE A 39 -0.88 9.06 -0.38
CA PHE A 39 -0.64 9.18 1.05
C PHE A 39 0.55 8.32 1.48
N LEU A 40 1.48 8.94 2.20
CA LEU A 40 2.67 8.22 2.67
C LEU A 40 2.34 7.36 3.88
N GLY A 41 2.29 6.05 3.66
CA GLY A 41 1.99 5.13 4.75
C GLY A 41 3.20 4.35 5.21
N PRO A 42 3.84 4.77 6.32
CA PRO A 42 5.01 4.09 6.85
C PRO A 42 4.69 2.68 7.35
N PRO A 43 5.71 1.81 7.46
CA PRO A 43 5.52 0.43 7.92
C PRO A 43 4.92 0.35 9.31
N GLY A 44 5.31 -0.66 10.08
CA GLY A 44 4.79 -0.83 11.42
C GLY A 44 3.56 -1.72 11.43
N THR A 45 3.30 -2.38 10.31
CA THR A 45 2.15 -3.27 10.19
C THR A 45 2.25 -4.13 8.93
N PRO A 46 1.69 -5.35 8.97
CA PRO A 46 1.72 -6.27 7.83
C PRO A 46 0.74 -5.87 6.73
N TYR A 47 -0.06 -4.83 6.98
CA TYR A 47 -1.04 -4.36 6.01
C TYR A 47 -0.42 -3.30 5.09
N GLU A 48 0.49 -2.51 5.63
CA GLU A 48 1.13 -1.46 4.86
C GLU A 48 2.66 -1.53 4.99
N GLY A 49 3.36 -0.70 4.24
CA GLY A 49 4.81 -0.68 4.29
C GLY A 49 5.42 0.18 3.21
N GLY A 50 4.80 1.34 2.95
CA GLY A 50 5.30 2.24 1.94
C GLY A 50 4.28 3.26 1.50
N LYS A 51 4.58 4.00 0.45
CA LYS A 51 3.67 5.01 -0.07
C LYS A 51 2.72 4.42 -1.10
N PHE A 52 1.47 4.87 -1.06
CA PHE A 52 0.46 4.37 -1.99
C PHE A 52 -0.04 5.50 -2.89
N VAL A 53 -0.67 5.12 -4.01
CA VAL A 53 -1.20 6.10 -4.95
C VAL A 53 -2.69 5.88 -5.18
N VAL A 54 -3.46 6.96 -5.17
CA VAL A 54 -4.89 6.89 -5.37
C VAL A 54 -5.32 7.65 -6.62
N ASP A 55 -5.73 6.92 -7.65
CA ASP A 55 -6.18 7.52 -8.89
C ASP A 55 -7.55 8.18 -8.70
N ILE A 56 -7.57 9.51 -8.71
CA ILE A 56 -8.82 10.24 -8.52
C ILE A 56 -9.28 10.90 -9.82
N GLU A 57 -10.58 10.77 -10.09
CA GLU A 57 -11.17 11.35 -11.28
C GLU A 57 -12.24 12.37 -10.89
N VAL A 58 -11.92 13.65 -11.01
CA VAL A 58 -12.86 14.71 -10.66
C VAL A 58 -13.32 15.49 -11.90
N PRO A 59 -14.45 15.08 -12.49
CA PRO A 59 -15.00 15.74 -13.68
C PRO A 59 -15.78 17.00 -13.33
N MET A 60 -16.53 17.52 -14.31
CA MET A 60 -17.32 18.72 -14.10
C MET A 60 -18.76 18.51 -14.59
N GLU A 61 -19.51 17.71 -13.84
CA GLU A 61 -20.90 17.43 -14.20
C GLU A 61 -21.80 17.48 -12.97
N TYR A 62 -22.80 18.36 -13.02
CA TYR A 62 -23.74 18.52 -11.91
C TYR A 62 -23.02 19.01 -10.65
N PRO A 63 -23.63 19.96 -9.92
CA PRO A 63 -23.05 20.51 -8.70
C PRO A 63 -23.38 19.67 -7.46
N PHE A 64 -23.17 18.36 -7.57
CA PHE A 64 -23.45 17.44 -6.48
C PHE A 64 -22.99 16.04 -6.81
N LYS A 65 -21.87 15.94 -7.53
CA LYS A 65 -21.33 14.64 -7.91
C LYS A 65 -19.96 14.42 -7.28
N PRO A 66 -19.92 13.72 -6.13
CA PRO A 66 -18.66 13.43 -5.43
C PRO A 66 -17.58 12.89 -6.35
N PRO A 67 -16.30 13.09 -6.00
CA PRO A 67 -15.17 12.61 -6.80
C PRO A 67 -15.01 11.09 -6.73
N LYS A 68 -14.49 10.51 -7.82
CA LYS A 68 -14.28 9.07 -7.87
C LYS A 68 -12.91 8.70 -7.33
N MET A 69 -12.81 7.53 -6.71
CA MET A 69 -11.56 7.06 -6.14
C MET A 69 -11.19 5.68 -6.70
N GLN A 70 -9.91 5.50 -7.00
CA GLN A 70 -9.42 4.23 -7.53
C GLN A 70 -7.93 4.09 -7.32
N PHE A 71 -7.54 3.24 -6.37
CA PHE A 71 -6.14 3.02 -6.06
C PHE A 71 -5.39 2.50 -7.28
N ASP A 72 -4.15 2.95 -7.45
CA ASP A 72 -3.32 2.54 -8.59
C ASP A 72 -2.22 1.59 -8.14
N THR A 73 -1.81 1.70 -6.87
CA THR A 73 -0.76 0.86 -6.33
C THR A 73 -1.28 -0.52 -5.95
N LYS A 74 -2.57 -0.75 -6.17
CA LYS A 74 -3.20 -2.03 -5.83
C LYS A 74 -3.14 -2.28 -4.33
N VAL A 75 -4.30 -2.61 -3.76
CA VAL A 75 -4.39 -2.87 -2.32
C VAL A 75 -5.12 -4.18 -2.05
N TYR A 76 -4.86 -4.76 -0.88
CA TYR A 76 -5.50 -6.01 -0.49
C TYR A 76 -6.24 -5.85 0.84
N HIS A 77 -7.25 -4.99 0.83
CA HIS A 77 -8.05 -4.73 2.02
C HIS A 77 -9.52 -5.04 1.77
N PRO A 78 -10.24 -5.54 2.79
CA PRO A 78 -11.66 -5.87 2.66
C PRO A 78 -12.47 -4.75 2.00
N ASN A 79 -11.98 -3.53 2.15
CA ASN A 79 -12.65 -2.36 1.56
C ASN A 79 -12.23 -2.19 0.10
N ILE A 80 -10.93 -2.23 -0.15
CA ILE A 80 -10.41 -2.06 -1.50
C ILE A 80 -9.60 -3.29 -1.92
N SER A 81 -9.84 -3.75 -3.14
CA SER A 81 -9.13 -4.91 -3.67
C SER A 81 -9.60 -5.25 -5.08
N SER A 82 -9.07 -6.34 -5.63
CA SER A 82 -9.43 -6.77 -6.97
C SER A 82 -9.16 -5.67 -8.00
N VAL A 83 -8.32 -4.71 -7.64
CA VAL A 83 -7.98 -3.60 -8.54
C VAL A 83 -9.16 -2.67 -8.75
N THR A 84 -10.25 -3.20 -9.30
CA THR A 84 -11.44 -2.41 -9.57
C THR A 84 -12.36 -2.34 -8.35
N GLY A 85 -12.11 -3.19 -7.35
CA GLY A 85 -12.93 -3.20 -6.15
C GLY A 85 -13.16 -1.81 -5.60
N ALA A 86 -12.09 -1.02 -5.53
CA ALA A 86 -12.17 0.35 -5.03
C ALA A 86 -12.83 0.39 -3.66
N ILE A 87 -12.88 1.58 -3.07
CA ILE A 87 -13.50 1.76 -1.75
C ILE A 87 -15.00 1.96 -1.87
N CYS A 88 -15.70 1.74 -0.77
CA CYS A 88 -17.14 1.91 -0.72
C CYS A 88 -17.52 2.84 0.42
N LEU A 89 -17.71 4.12 0.11
CA LEU A 89 -18.07 5.10 1.12
C LEU A 89 -19.16 6.04 0.60
N ASP A 90 -19.78 6.77 1.52
CA ASP A 90 -20.83 7.72 1.17
C ASP A 90 -20.32 8.77 0.18
N ILE A 91 -19.06 9.16 0.34
CA ILE A 91 -18.45 10.16 -0.53
C ILE A 91 -18.20 9.59 -1.93
N LEU A 92 -18.41 8.29 -2.10
CA LEU A 92 -18.19 7.64 -3.39
C LEU A 92 -19.53 7.30 -4.06
N ARG A 93 -20.56 8.07 -3.75
CA ARG A 93 -21.88 7.84 -4.33
C ARG A 93 -22.72 9.12 -4.28
N ASN A 94 -23.30 9.40 -3.12
CA ASN A 94 -24.12 10.60 -2.95
C ASN A 94 -23.44 11.57 -1.99
N ALA A 95 -22.82 11.03 -0.94
CA ALA A 95 -22.12 11.84 0.04
C ALA A 95 -23.07 12.78 0.76
N TRP A 96 -22.73 13.13 1.99
CA TRP A 96 -23.55 14.03 2.80
C TRP A 96 -23.01 15.46 2.73
N SER A 97 -22.30 15.77 1.64
CA SER A 97 -21.73 17.10 1.44
C SER A 97 -21.41 17.33 -0.03
N PRO A 98 -21.82 18.48 -0.58
CA PRO A 98 -21.57 18.81 -1.99
C PRO A 98 -20.11 19.19 -2.26
N VAL A 99 -19.34 19.40 -1.20
CA VAL A 99 -17.94 19.77 -1.34
C VAL A 99 -17.02 18.64 -0.90
N ILE A 100 -16.90 18.45 0.42
CA ILE A 100 -16.07 17.40 0.99
C ILE A 100 -14.60 17.59 0.59
N THR A 101 -13.71 17.49 1.57
CA THR A 101 -12.29 17.65 1.32
C THR A 101 -11.65 16.33 0.88
N LEU A 102 -10.82 16.39 -0.15
CA LEU A 102 -10.14 15.21 -0.66
C LEU A 102 -9.28 14.57 0.42
N LYS A 103 -8.75 15.39 1.31
CA LYS A 103 -7.91 14.89 2.40
C LYS A 103 -8.66 13.89 3.26
N SER A 104 -9.95 14.12 3.43
CA SER A 104 -10.79 13.23 4.24
C SER A 104 -10.95 11.88 3.56
N ALA A 105 -11.06 11.89 2.24
CA ALA A 105 -11.21 10.66 1.47
C ALA A 105 -9.90 9.87 1.40
N LEU A 106 -8.80 10.60 1.30
CA LEU A 106 -7.48 9.98 1.21
C LEU A 106 -7.13 9.28 2.53
N ILE A 107 -7.28 9.99 3.64
CA ILE A 107 -6.99 9.44 4.95
C ILE A 107 -7.89 8.24 5.26
N SER A 108 -9.07 8.23 4.64
CA SER A 108 -10.03 7.14 4.86
C SER A 108 -9.41 5.79 4.48
N LEU A 109 -8.84 5.72 3.29
CA LEU A 109 -8.21 4.49 2.82
C LEU A 109 -7.08 4.06 3.76
N GLN A 110 -6.21 4.99 4.09
CA GLN A 110 -5.09 4.71 4.97
C GLN A 110 -5.58 4.28 6.35
N ALA A 111 -6.50 5.05 6.91
CA ALA A 111 -7.06 4.76 8.22
C ALA A 111 -7.75 3.40 8.24
N LEU A 112 -8.61 3.16 7.24
CA LEU A 112 -9.33 1.91 7.13
C LEU A 112 -8.38 0.73 6.95
N LEU A 113 -7.26 0.99 6.26
CA LEU A 113 -6.27 -0.04 6.03
C LEU A 113 -5.73 -0.60 7.35
N GLN A 114 -5.69 0.25 8.36
CA GLN A 114 -5.19 -0.14 9.67
C GLN A 114 -6.34 -0.45 10.63
N SER A 115 -7.40 -1.07 10.08
CA SER A 115 -8.57 -1.41 10.88
C SER A 115 -9.52 -2.31 10.09
N PRO A 116 -9.09 -3.53 9.75
CA PRO A 116 -9.92 -4.48 8.99
C PRO A 116 -11.28 -4.71 9.65
N GLU A 117 -12.34 -4.67 8.84
CA GLU A 117 -13.68 -4.88 9.34
C GLU A 117 -14.61 -5.33 8.21
N PRO A 118 -14.36 -6.53 7.64
CA PRO A 118 -15.17 -7.09 6.56
C PRO A 118 -16.65 -7.15 6.93
N ASN A 119 -17.42 -6.18 6.43
CA ASN A 119 -18.85 -6.12 6.70
C ASN A 119 -19.63 -5.85 5.42
N ASP A 120 -19.31 -4.74 4.76
CA ASP A 120 -19.99 -4.37 3.52
C ASP A 120 -18.97 -4.13 2.40
N PRO A 121 -18.12 -5.13 2.13
CA PRO A 121 -17.10 -5.03 1.08
C PRO A 121 -17.70 -5.07 -0.32
N GLN A 122 -16.83 -5.02 -1.33
CA GLN A 122 -17.27 -5.06 -2.72
C GLN A 122 -16.88 -6.39 -3.37
N ASP A 123 -15.66 -6.83 -3.12
CA ASP A 123 -15.17 -8.09 -3.68
C ASP A 123 -15.32 -9.23 -2.68
N ALA A 124 -16.46 -9.91 -2.75
CA ALA A 124 -16.73 -11.03 -1.85
C ALA A 124 -15.67 -12.12 -1.97
N GLU A 125 -15.04 -12.18 -3.14
CA GLU A 125 -14.00 -13.18 -3.39
C GLU A 125 -12.89 -13.09 -2.35
N VAL A 126 -12.40 -11.87 -2.13
CA VAL A 126 -11.33 -11.65 -1.15
C VAL A 126 -11.89 -11.54 0.26
N ALA A 127 -13.09 -10.98 0.37
CA ALA A 127 -13.74 -10.82 1.67
C ALA A 127 -13.98 -12.15 2.34
N GLN A 128 -14.53 -13.10 1.59
CA GLN A 128 -14.81 -14.44 2.11
C GLN A 128 -13.52 -15.16 2.48
N HIS A 129 -12.48 -14.97 1.67
CA HIS A 129 -11.20 -15.61 1.90
C HIS A 129 -10.57 -15.11 3.21
N TYR A 130 -10.61 -13.80 3.41
CA TYR A 130 -10.05 -13.20 4.62
C TYR A 130 -10.80 -13.69 5.86
N LEU A 131 -12.11 -13.86 5.73
CA LEU A 131 -12.93 -14.32 6.84
C LEU A 131 -12.49 -15.70 7.31
N ARG A 132 -12.11 -16.55 6.36
CA ARG A 132 -11.66 -17.90 6.67
C ARG A 132 -10.17 -17.92 7.00
N ASP A 133 -9.37 -17.32 6.13
CA ASP A 133 -7.93 -17.26 6.33
C ASP A 133 -7.47 -15.84 6.62
N ARG A 134 -7.56 -15.44 7.88
CA ARG A 134 -7.16 -14.10 8.30
C ARG A 134 -5.67 -14.05 8.59
N GLU A 135 -5.17 -15.06 9.29
CA GLU A 135 -3.75 -15.12 9.63
C GLU A 135 -2.92 -15.53 8.42
N SER A 136 -3.51 -16.31 7.53
CA SER A 136 -2.83 -16.77 6.33
C SER A 136 -2.62 -15.63 5.34
N PHE A 137 -3.68 -14.86 5.10
CA PHE A 137 -3.61 -13.74 4.17
C PHE A 137 -2.62 -12.69 4.67
N ASN A 138 -2.41 -12.65 5.98
CA ASN A 138 -1.48 -11.69 6.57
C ASN A 138 -0.09 -11.82 5.96
N LYS A 139 0.40 -13.05 5.86
CA LYS A 139 1.71 -13.31 5.30
C LYS A 139 1.80 -12.82 3.85
N THR A 140 0.66 -12.86 3.16
CA THR A 140 0.60 -12.42 1.77
C THR A 140 0.44 -10.91 1.69
N ALA A 141 -0.24 -10.34 2.68
CA ALA A 141 -0.46 -8.89 2.72
C ALA A 141 0.86 -8.13 2.73
N ALA A 142 1.76 -8.54 3.62
CA ALA A 142 3.06 -7.89 3.73
C ALA A 142 3.88 -8.08 2.46
N LEU A 143 3.85 -9.29 1.91
CA LEU A 143 4.58 -9.58 0.69
C LEU A 143 4.00 -8.83 -0.51
N TRP A 144 2.69 -8.59 -0.46
CA TRP A 144 2.01 -7.87 -1.54
C TRP A 144 2.57 -6.47 -1.69
N THR A 145 2.90 -5.83 -0.57
CA THR A 145 3.44 -4.48 -0.59
C THR A 145 4.88 -4.48 -1.07
N ARG A 146 5.70 -5.34 -0.48
CA ARG A 146 7.11 -5.44 -0.85
C ARG A 146 7.27 -5.68 -2.35
N LEU A 147 6.25 -6.32 -2.95
CA LEU A 147 6.28 -6.61 -4.39
C LEU A 147 5.74 -5.42 -5.19
N TYR A 148 4.84 -4.66 -4.58
CA TYR A 148 4.25 -3.50 -5.25
C TYR A 148 3.67 -2.52 -4.23
N ALA A 149 4.53 -1.72 -3.63
CA ALA A 149 4.11 -0.74 -2.63
C ALA A 149 4.74 0.63 -2.90
N SER A 150 6.06 0.66 -2.90
CA SER A 150 6.80 1.90 -3.14
C SER A 150 6.90 2.19 -4.63
N GLU A 151 6.77 3.46 -4.99
CA GLU A 151 6.85 3.88 -6.39
C GLU A 151 8.09 4.73 -6.64
N THR A 152 9.15 4.45 -5.89
CA THR A 152 10.41 5.18 -6.04
C THR A 152 11.59 4.32 -5.64
N SER A 153 12.47 4.04 -6.60
CA SER A 153 13.65 3.22 -6.35
C SER A 153 14.74 3.52 -7.39
N ASN A 154 15.89 2.89 -7.22
CA ASN A 154 17.01 3.07 -8.13
C ASN A 154 17.81 1.78 -8.30
N GLY A 155 17.11 0.65 -8.19
CA GLY A 155 17.77 -0.64 -8.33
C GLY A 155 16.91 -1.65 -9.05
N GLN A 156 16.19 -2.46 -8.29
CA GLN A 156 15.33 -3.49 -8.86
C GLN A 156 14.02 -3.59 -8.08
N LYS A 157 13.04 -4.29 -8.66
CA LYS A 157 11.75 -4.47 -8.02
C LYS A 157 11.56 -5.92 -7.56
N GLY A 158 11.06 -6.08 -6.34
CA GLY A 158 10.85 -7.42 -5.81
C GLY A 158 12.05 -7.95 -5.06
N ASN A 159 11.93 -8.04 -3.74
CA ASN A 159 13.01 -8.55 -2.90
C ASN A 159 12.49 -8.99 -1.54
N VAL A 160 11.99 -10.23 -1.48
CA VAL A 160 11.46 -10.79 -0.25
C VAL A 160 12.53 -11.54 0.52
N GLU A 161 12.36 -11.64 1.83
CA GLU A 161 13.32 -12.34 2.68
C GLU A 161 12.62 -12.97 3.88
N GLU A 162 13.34 -13.82 4.60
CA GLU A 162 12.80 -14.50 5.76
C GLU A 162 13.61 -14.18 7.01
N SER A 163 13.21 -13.13 7.72
CA SER A 163 13.91 -12.71 8.93
C SER A 163 13.06 -12.95 10.17
N ASP A 164 11.76 -13.20 9.96
CA ASP A 164 10.84 -13.44 11.07
C ASP A 164 10.65 -12.18 11.90
N LEU A 165 9.80 -11.28 11.42
CA LEU A 165 9.52 -10.03 12.12
C LEU A 165 8.02 -9.84 12.33
N TYR A 166 7.65 -9.25 13.47
CA TYR A 166 6.25 -9.01 13.79
C TYR A 166 6.10 -7.79 14.70
N GLY A 167 6.52 -7.93 15.94
CA GLY A 167 6.42 -6.83 16.89
C GLY A 167 7.27 -7.04 18.12
N ILE A 168 8.37 -7.77 17.97
CA ILE A 168 9.27 -8.04 19.08
C ILE A 168 10.60 -7.33 18.90
N ASP A 169 10.65 -6.07 19.31
CA ASP A 169 11.88 -5.28 19.19
C ASP A 169 11.83 -4.06 20.08
N HIS A 170 11.13 -3.03 19.62
CA HIS A 170 11.03 -1.78 20.37
C HIS A 170 9.90 -1.83 21.40
N ASP A 171 8.89 -2.66 21.16
CA ASP A 171 7.77 -2.80 22.08
C ASP A 171 8.25 -3.41 23.39
N LEU A 172 8.98 -4.52 23.26
CA LEU A 172 9.54 -5.18 24.42
C LEU A 172 10.62 -4.30 25.04
N ILE A 173 11.29 -3.55 24.18
CA ILE A 173 12.33 -2.64 24.60
C ILE A 173 11.74 -1.49 25.41
N ASP A 174 10.62 -0.96 24.93
CA ASP A 174 9.93 0.14 25.59
C ASP A 174 9.70 -0.18 27.06
N GLU A 175 9.50 -1.46 27.36
CA GLU A 175 9.26 -1.88 28.74
C GLU A 175 10.51 -1.67 29.61
N PHE A 176 11.65 -2.22 29.17
CA PHE A 176 12.89 -2.07 29.91
C PHE A 176 13.43 -0.66 29.79
N GLU A 177 13.23 -0.05 28.63
CA GLU A 177 13.72 1.29 28.39
C GLU A 177 13.33 2.24 29.51
N SER A 178 12.04 2.42 29.72
CA SER A 178 11.53 3.32 30.74
C SER A 178 11.48 2.64 32.12
N GLN A 179 11.42 1.32 32.13
CA GLN A 179 11.35 0.59 33.39
C GLN A 179 12.40 -0.53 33.44
N GLY A 180 13.65 -0.15 33.70
CA GLY A 180 14.72 -1.13 33.78
C GLY A 180 16.05 -0.58 33.30
N PHE A 181 16.09 -0.17 32.04
CA PHE A 181 17.30 0.37 31.44
C PHE A 181 17.08 0.73 29.98
N GLU A 182 17.69 1.83 29.54
CA GLU A 182 17.56 2.30 28.16
C GLU A 182 17.67 1.18 27.13
N LYS A 183 17.43 1.54 25.88
CA LYS A 183 17.48 0.60 24.75
C LYS A 183 18.82 -0.11 24.66
N ASP A 184 19.91 0.63 24.84
CA ASP A 184 21.25 0.07 24.74
C ASP A 184 21.39 -1.18 25.61
N LYS A 185 20.79 -1.15 26.78
CA LYS A 185 20.86 -2.28 27.69
C LYS A 185 20.07 -3.47 27.15
N ILE A 186 18.80 -3.25 26.83
CA ILE A 186 17.95 -4.31 26.30
C ILE A 186 18.54 -4.92 25.03
N VAL A 187 18.92 -4.06 24.09
CA VAL A 187 19.50 -4.52 22.83
C VAL A 187 20.60 -5.55 23.06
N GLU A 188 21.61 -5.15 23.84
CA GLU A 188 22.74 -6.03 24.14
C GLU A 188 22.27 -7.40 24.63
N VAL A 189 21.10 -7.42 25.26
CA VAL A 189 20.55 -8.66 25.79
C VAL A 189 19.73 -9.41 24.74
N LEU A 190 19.20 -8.68 23.77
CA LEU A 190 18.40 -9.30 22.71
C LEU A 190 19.29 -10.02 21.69
N ARG A 191 20.29 -9.31 21.20
CA ARG A 191 21.20 -9.87 20.20
C ARG A 191 21.81 -11.19 20.66
N ARG A 192 22.34 -11.22 21.88
CA ARG A 192 22.96 -12.45 22.38
C ARG A 192 22.00 -13.62 22.26
N LEU A 193 20.80 -13.49 22.82
CA LEU A 193 19.81 -14.56 22.76
C LEU A 193 19.18 -14.64 21.38
N GLY A 194 18.26 -13.73 21.09
CA GLY A 194 17.61 -13.73 19.79
C GLY A 194 16.19 -14.25 19.85
N VAL A 195 15.59 -14.23 21.03
CA VAL A 195 14.23 -14.72 21.23
C VAL A 195 13.21 -13.68 20.77
N LYS A 196 12.02 -14.15 20.41
CA LYS A 196 10.95 -13.27 19.96
C LYS A 196 9.62 -13.65 20.60
N SER A 197 9.26 -14.93 20.49
CA SER A 197 8.02 -15.43 21.06
C SER A 197 8.18 -15.74 22.55
N LEU A 198 8.01 -14.72 23.38
CA LEU A 198 8.14 -14.88 24.82
C LEU A 198 7.08 -14.08 25.56
N ASP A 199 6.77 -14.50 26.79
CA ASP A 199 5.77 -13.81 27.59
C ASP A 199 6.34 -12.51 28.18
N PRO A 200 5.82 -11.35 27.75
CA PRO A 200 6.29 -10.05 28.25
C PRO A 200 6.17 -9.93 29.76
N ASN A 201 5.19 -10.62 30.33
CA ASN A 201 4.96 -10.59 31.77
C ASN A 201 6.02 -11.40 32.51
N ASP A 202 6.21 -12.65 32.09
CA ASP A 202 7.20 -13.51 32.72
C ASP A 202 7.59 -14.65 31.78
N ASN A 203 8.87 -14.72 31.44
CA ASN A 203 9.37 -15.77 30.54
C ASN A 203 10.78 -16.19 30.95
N ASN A 204 11.14 -17.42 30.58
CA ASN A 204 12.47 -17.94 30.90
C ASN A 204 13.56 -17.09 30.27
N THR A 205 13.24 -16.47 29.15
CA THR A 205 14.20 -15.62 28.45
C THR A 205 14.35 -14.28 29.16
N ALA A 206 13.23 -13.67 29.52
CA ALA A 206 13.25 -12.38 30.20
C ALA A 206 14.12 -12.43 31.45
N ASN A 207 13.90 -13.42 32.30
CA ASN A 207 14.67 -13.56 33.52
C ASN A 207 16.17 -13.46 33.22
N ARG A 208 16.64 -14.26 32.27
CA ARG A 208 18.03 -14.23 31.88
C ARG A 208 18.40 -12.87 31.30
N ILE A 209 17.43 -12.21 30.67
CA ILE A 209 17.64 -10.90 30.08
C ILE A 209 17.82 -9.84 31.15
N ILE A 210 16.85 -9.74 32.06
CA ILE A 210 16.92 -8.75 33.12
C ILE A 210 18.21 -8.89 33.89
N GLU A 211 18.72 -10.12 33.94
CA GLU A 211 19.97 -10.39 34.62
C GLU A 211 21.07 -9.47 34.09
N GLU A 212 21.17 -9.43 32.76
CA GLU A 212 22.16 -8.58 32.10
C GLU A 212 21.67 -7.14 32.04
N LEU A 213 20.35 -6.96 32.03
CA LEU A 213 19.75 -5.63 31.98
C LEU A 213 20.31 -4.72 33.06
N LEU A 214 20.20 -5.18 34.31
CA LEU A 214 20.70 -4.40 35.44
C LEU A 214 22.12 -4.82 35.82
N LYS A 215 22.95 -5.04 34.81
CA LYS A 215 24.33 -5.43 35.03
C LYS A 215 25.30 -4.33 34.59
N SER A 1 -5.34 28.28 -14.79
CA SER A 1 -6.71 28.74 -15.09
C SER A 1 -7.42 29.22 -13.83
N SER A 2 -8.32 30.20 -13.99
CA SER A 2 -9.06 30.75 -12.87
C SER A 2 -9.89 29.66 -12.18
N ARG A 3 -10.44 28.75 -12.97
CA ARG A 3 -11.25 27.66 -12.44
C ARG A 3 -10.39 26.65 -11.71
N ALA A 4 -9.16 26.47 -12.19
CA ALA A 4 -8.24 25.52 -11.58
C ALA A 4 -7.78 26.01 -10.20
N LYS A 5 -7.75 27.32 -10.02
CA LYS A 5 -7.33 27.92 -8.76
C LYS A 5 -8.21 27.44 -7.61
N ARG A 6 -9.49 27.19 -7.90
CA ARG A 6 -10.44 26.73 -6.89
C ARG A 6 -10.02 25.38 -6.35
N ILE A 7 -9.51 24.51 -7.22
CA ILE A 7 -9.07 23.18 -6.82
C ILE A 7 -7.64 23.21 -6.29
N MET A 8 -6.84 24.13 -6.82
CA MET A 8 -5.45 24.26 -6.40
C MET A 8 -5.36 24.61 -4.93
N LYS A 9 -6.36 25.33 -4.42
CA LYS A 9 -6.38 25.74 -3.02
C LYS A 9 -6.39 24.51 -2.11
N GLU A 10 -7.13 23.49 -2.51
CA GLU A 10 -7.22 22.26 -1.72
C GLU A 10 -5.89 21.50 -1.73
N ILE A 11 -5.15 21.63 -2.83
CA ILE A 11 -3.86 20.95 -2.97
C ILE A 11 -2.81 21.60 -2.08
N GLN A 12 -2.99 22.87 -1.75
CA GLN A 12 -2.05 23.60 -0.91
C GLN A 12 -2.19 23.20 0.55
N ALA A 13 -3.42 23.23 1.07
CA ALA A 13 -3.69 22.87 2.44
C ALA A 13 -3.45 21.39 2.70
N VAL A 14 -4.00 20.54 1.83
CA VAL A 14 -3.86 19.10 1.97
C VAL A 14 -2.39 18.69 2.05
N LYS A 15 -1.52 19.47 1.41
CA LYS A 15 -0.09 19.17 1.41
C LYS A 15 0.57 19.69 2.69
N ASP A 16 0.08 20.81 3.19
CA ASP A 16 0.63 21.40 4.41
C ASP A 16 -0.07 20.86 5.65
N ASP A 17 -0.74 19.71 5.51
CA ASP A 17 -1.44 19.10 6.62
C ASP A 17 -0.46 18.52 7.64
N PRO A 18 -0.39 19.10 8.86
CA PRO A 18 0.52 18.64 9.91
C PRO A 18 -0.05 17.46 10.70
N ALA A 19 -0.43 16.40 9.98
CA ALA A 19 -0.99 15.21 10.61
C ALA A 19 -0.84 13.99 9.72
N ALA A 20 -1.70 13.90 8.71
CA ALA A 20 -1.67 12.77 7.78
C ALA A 20 -0.59 12.97 6.71
N HIS A 21 -0.35 14.23 6.36
CA HIS A 21 0.66 14.55 5.35
C HIS A 21 0.30 13.90 4.02
N ILE A 22 -0.65 14.51 3.30
CA ILE A 22 -1.07 13.98 2.01
C ILE A 22 -0.35 14.70 0.87
N THR A 23 -0.16 13.98 -0.24
CA THR A 23 0.51 14.55 -1.41
C THR A 23 -0.40 14.50 -2.63
N LEU A 24 -0.74 15.67 -3.16
CA LEU A 24 -1.61 15.76 -4.32
C LEU A 24 -0.82 16.19 -5.55
N GLU A 25 -0.94 15.42 -6.62
CA GLU A 25 -0.24 15.72 -7.87
C GLU A 25 -1.22 15.91 -9.02
N PHE A 26 -0.96 16.92 -9.85
CA PHE A 26 -1.83 17.21 -10.99
C PHE A 26 -1.18 16.75 -12.29
N VAL A 27 -2.00 16.15 -13.16
CA VAL A 27 -1.51 15.66 -14.44
C VAL A 27 -1.90 16.60 -15.58
N SER A 28 -2.01 17.89 -15.26
CA SER A 28 -2.37 18.90 -16.25
C SER A 28 -2.26 20.30 -15.67
N GLU A 29 -1.58 21.18 -16.40
CA GLU A 29 -1.39 22.56 -15.96
C GLU A 29 -2.70 23.33 -15.99
N SER A 30 -3.28 23.46 -17.19
CA SER A 30 -4.54 24.16 -17.36
C SER A 30 -5.72 23.22 -17.24
N ASP A 31 -6.87 23.77 -16.85
CA ASP A 31 -8.09 22.96 -16.70
C ASP A 31 -7.89 21.88 -15.64
N ILE A 32 -9.00 21.38 -15.10
CA ILE A 32 -8.96 20.35 -14.08
C ILE A 32 -10.04 19.30 -14.30
N HIS A 33 -9.77 18.07 -13.89
CA HIS A 33 -10.74 16.99 -14.04
C HIS A 33 -10.21 15.70 -13.41
N HIS A 34 -9.03 15.27 -13.83
CA HIS A 34 -8.43 14.06 -13.30
C HIS A 34 -7.31 14.38 -12.30
N LEU A 35 -7.47 13.92 -11.06
CA LEU A 35 -6.48 14.16 -10.03
C LEU A 35 -5.90 12.84 -9.51
N LYS A 36 -4.65 12.88 -9.08
CA LYS A 36 -3.99 11.69 -8.56
C LYS A 36 -3.32 11.98 -7.22
N GLY A 37 -3.90 11.45 -6.15
CA GLY A 37 -3.35 11.65 -4.83
C GLY A 37 -2.68 10.40 -4.28
N THR A 38 -1.79 10.58 -3.31
CA THR A 38 -1.09 9.45 -2.71
C THR A 38 -0.94 9.64 -1.20
N PHE A 39 -0.85 8.52 -0.47
CA PHE A 39 -0.69 8.57 0.97
C PHE A 39 0.66 8.00 1.39
N LEU A 40 1.24 8.57 2.44
CA LEU A 40 2.54 8.12 2.93
C LEU A 40 2.51 7.92 4.45
N GLY A 41 3.25 6.92 4.92
CA GLY A 41 3.29 6.65 6.34
C GLY A 41 3.58 5.19 6.65
N PRO A 42 4.32 4.91 7.74
CA PRO A 42 4.68 3.55 8.14
C PRO A 42 3.66 2.93 9.11
N PRO A 43 2.80 2.03 8.61
CA PRO A 43 1.78 1.36 9.42
C PRO A 43 2.35 0.21 10.23
N GLY A 44 3.03 -0.70 9.55
CA GLY A 44 3.60 -1.86 10.23
C GLY A 44 2.67 -3.05 10.19
N THR A 45 1.38 -2.78 10.04
CA THR A 45 0.37 -3.84 9.99
C THR A 45 0.48 -4.62 8.68
N PRO A 46 0.15 -5.92 8.71
CA PRO A 46 0.21 -6.78 7.52
C PRO A 46 -0.87 -6.44 6.50
N TYR A 47 -0.80 -5.23 5.96
CA TYR A 47 -1.78 -4.79 4.96
C TYR A 47 -1.23 -3.61 4.17
N GLU A 48 -0.67 -2.63 4.87
CA GLU A 48 -0.11 -1.45 4.24
C GLU A 48 1.35 -1.26 4.62
N GLY A 49 2.03 -0.34 3.94
CA GLY A 49 3.43 -0.10 4.22
C GLY A 49 4.13 0.67 3.12
N GLY A 50 4.26 1.98 3.30
CA GLY A 50 4.92 2.80 2.29
C GLY A 50 3.99 3.83 1.69
N LYS A 51 4.05 3.96 0.36
CA LYS A 51 3.21 4.93 -0.35
C LYS A 51 2.06 4.22 -1.07
N PHE A 52 1.04 4.98 -1.44
CA PHE A 52 -0.11 4.44 -2.15
C PHE A 52 -0.60 5.39 -3.23
N VAL A 53 -1.00 4.82 -4.37
CA VAL A 53 -1.50 5.63 -5.49
C VAL A 53 -3.03 5.61 -5.52
N VAL A 54 -3.63 6.79 -5.54
CA VAL A 54 -5.08 6.89 -5.58
C VAL A 54 -5.56 7.65 -6.82
N ASP A 55 -6.34 6.96 -7.65
CA ASP A 55 -6.87 7.56 -8.86
C ASP A 55 -8.11 8.39 -8.53
N ILE A 56 -7.99 9.71 -8.62
CA ILE A 56 -9.10 10.60 -8.31
C ILE A 56 -9.67 11.24 -9.56
N GLU A 57 -10.98 11.52 -9.51
CA GLU A 57 -11.68 12.15 -10.62
C GLU A 57 -12.65 13.19 -10.10
N VAL A 58 -12.29 14.47 -10.24
CA VAL A 58 -13.13 15.57 -9.77
C VAL A 58 -13.85 16.26 -10.92
N PRO A 59 -15.15 15.97 -11.11
CA PRO A 59 -15.96 16.57 -12.17
C PRO A 59 -16.36 18.01 -11.84
N MET A 60 -17.42 18.47 -12.50
CA MET A 60 -17.93 19.83 -12.28
C MET A 60 -19.24 19.79 -11.48
N GLU A 61 -20.06 20.82 -11.64
CA GLU A 61 -21.34 20.92 -10.93
C GLU A 61 -21.13 21.44 -9.51
N TYR A 62 -22.09 21.19 -8.63
CA TYR A 62 -22.00 21.65 -7.24
C TYR A 62 -22.85 20.79 -6.30
N PRO A 63 -24.19 20.78 -6.48
CA PRO A 63 -25.09 19.99 -5.64
C PRO A 63 -24.57 18.60 -5.34
N PHE A 64 -24.01 18.43 -4.15
CA PHE A 64 -23.47 17.15 -3.72
C PHE A 64 -22.39 16.66 -4.68
N LYS A 65 -22.80 15.96 -5.73
CA LYS A 65 -21.86 15.44 -6.72
C LYS A 65 -20.73 14.65 -6.05
N PRO A 66 -20.94 13.34 -5.82
CA PRO A 66 -19.94 12.49 -5.18
C PRO A 66 -18.71 12.27 -6.06
N PRO A 67 -17.55 12.82 -5.67
CA PRO A 67 -16.30 12.68 -6.43
C PRO A 67 -15.81 11.24 -6.47
N LYS A 68 -15.51 10.76 -7.68
CA LYS A 68 -15.02 9.39 -7.86
C LYS A 68 -13.69 9.20 -7.15
N MET A 69 -13.46 7.98 -6.65
CA MET A 69 -12.22 7.66 -5.96
C MET A 69 -11.84 6.19 -6.16
N GLN A 70 -10.69 5.96 -6.78
CA GLN A 70 -10.23 4.61 -7.05
C GLN A 70 -8.82 4.40 -6.50
N PHE A 71 -8.38 3.15 -6.46
CA PHE A 71 -7.05 2.81 -5.96
C PHE A 71 -6.20 2.17 -7.05
N ASP A 72 -5.18 2.89 -7.50
CA ASP A 72 -4.30 2.40 -8.55
C ASP A 72 -3.31 1.36 -8.00
N THR A 73 -3.15 1.34 -6.68
CA THR A 73 -2.24 0.40 -6.04
C THR A 73 -2.92 -0.94 -5.75
N LYS A 74 -4.15 -1.10 -6.24
CA LYS A 74 -4.90 -2.34 -6.05
C LYS A 74 -5.23 -2.53 -4.56
N VAL A 75 -4.23 -2.96 -3.80
CA VAL A 75 -4.41 -3.19 -2.37
C VAL A 75 -5.31 -4.39 -2.12
N TYR A 76 -4.74 -5.46 -1.59
CA TYR A 76 -5.50 -6.68 -1.31
C TYR A 76 -6.43 -6.47 -0.11
N HIS A 77 -7.44 -5.62 -0.29
CA HIS A 77 -8.39 -5.34 0.77
C HIS A 77 -9.82 -5.62 0.30
N PRO A 78 -10.66 -6.22 1.17
CA PRO A 78 -12.05 -6.54 0.84
C PRO A 78 -12.88 -5.29 0.59
N ASN A 79 -12.43 -4.16 1.11
CA ASN A 79 -13.14 -2.89 0.94
C ASN A 79 -12.80 -2.25 -0.39
N ILE A 80 -11.53 -2.32 -0.77
CA ILE A 80 -11.07 -1.73 -2.03
C ILE A 80 -10.61 -2.80 -3.01
N SER A 81 -11.56 -3.35 -3.76
CA SER A 81 -11.25 -4.39 -4.74
C SER A 81 -12.51 -4.83 -5.49
N SER A 82 -13.08 -3.91 -6.26
CA SER A 82 -14.28 -4.19 -7.03
C SER A 82 -14.09 -3.81 -8.50
N VAL A 83 -14.16 -2.51 -8.79
CA VAL A 83 -14.00 -2.03 -10.16
C VAL A 83 -12.73 -1.20 -10.29
N THR A 84 -11.62 -1.88 -10.57
CA THR A 84 -10.34 -1.21 -10.73
C THR A 84 -9.96 -0.45 -9.46
N GLY A 85 -10.42 -0.95 -8.31
CA GLY A 85 -10.11 -0.30 -7.05
C GLY A 85 -11.27 0.52 -6.52
N ALA A 86 -12.44 -0.09 -6.40
CA ALA A 86 -13.62 0.60 -5.90
C ALA A 86 -13.77 0.42 -4.40
N ILE A 87 -14.09 1.51 -3.71
CA ILE A 87 -14.25 1.49 -2.26
C ILE A 87 -15.71 1.68 -1.86
N CYS A 88 -16.07 1.14 -0.71
CA CYS A 88 -17.43 1.27 -0.20
C CYS A 88 -17.46 2.26 0.96
N LEU A 89 -17.81 3.51 0.65
CA LEU A 89 -17.88 4.55 1.66
C LEU A 89 -19.11 5.42 1.46
N ASP A 90 -19.49 6.15 2.52
CA ASP A 90 -20.66 7.02 2.46
C ASP A 90 -20.61 7.94 1.24
N ILE A 91 -19.59 8.78 1.18
CA ILE A 91 -19.42 9.71 0.07
C ILE A 91 -19.35 8.97 -1.27
N LEU A 92 -18.91 7.72 -1.22
CA LEU A 92 -18.79 6.90 -2.42
C LEU A 92 -20.16 6.50 -2.95
N ARG A 93 -21.12 6.35 -2.04
CA ARG A 93 -22.48 5.97 -2.43
C ARG A 93 -23.51 6.85 -1.73
N ASN A 94 -24.33 7.53 -2.53
CA ASN A 94 -25.38 8.41 -2.00
C ASN A 94 -24.76 9.63 -1.32
N ALA A 95 -24.04 9.40 -0.23
CA ALA A 95 -23.40 10.49 0.50
C ALA A 95 -24.43 11.37 1.19
N TRP A 96 -24.28 11.54 2.50
CA TRP A 96 -25.19 12.37 3.28
C TRP A 96 -24.58 13.74 3.57
N SER A 97 -23.28 13.74 3.87
CA SER A 97 -22.58 14.99 4.17
C SER A 97 -22.05 15.64 2.90
N PRO A 98 -22.53 16.86 2.56
CA PRO A 98 -22.09 17.57 1.37
C PRO A 98 -20.75 18.27 1.55
N VAL A 99 -20.15 18.12 2.73
CA VAL A 99 -18.87 18.73 3.03
C VAL A 99 -17.75 17.70 3.08
N ILE A 100 -17.97 16.55 2.46
CA ILE A 100 -16.98 15.49 2.45
C ILE A 100 -15.89 15.78 1.41
N THR A 101 -15.02 16.74 1.73
CA THR A 101 -13.94 17.12 0.82
C THR A 101 -13.08 15.91 0.46
N LEU A 102 -12.17 16.12 -0.50
CA LEU A 102 -11.28 15.06 -0.95
C LEU A 102 -10.42 14.54 0.19
N LYS A 103 -10.08 15.43 1.12
CA LYS A 103 -9.25 15.08 2.26
C LYS A 103 -9.94 14.04 3.14
N SER A 104 -11.27 14.14 3.22
CA SER A 104 -12.05 13.22 4.04
C SER A 104 -12.12 11.84 3.37
N ALA A 105 -12.07 11.82 2.05
CA ALA A 105 -12.13 10.57 1.30
C ALA A 105 -10.83 9.77 1.46
N LEU A 106 -9.70 10.47 1.39
CA LEU A 106 -8.40 9.81 1.52
C LEU A 106 -8.16 9.35 2.96
N ILE A 107 -8.35 10.26 3.91
CA ILE A 107 -8.16 9.95 5.32
C ILE A 107 -9.05 8.79 5.76
N SER A 108 -10.14 8.58 5.03
CA SER A 108 -11.07 7.51 5.34
C SER A 108 -10.55 6.17 4.84
N LEU A 109 -9.80 6.19 3.75
CA LEU A 109 -9.25 4.97 3.17
C LEU A 109 -8.17 4.37 4.06
N GLN A 110 -7.21 5.20 4.46
CA GLN A 110 -6.11 4.74 5.32
C GLN A 110 -6.64 4.15 6.62
N ALA A 111 -7.72 4.74 7.14
CA ALA A 111 -8.34 4.27 8.37
C ALA A 111 -9.05 2.94 8.16
N LEU A 112 -9.67 2.80 7.00
CA LEU A 112 -10.40 1.57 6.67
C LEU A 112 -9.45 0.38 6.54
N LEU A 113 -8.26 0.65 6.00
CA LEU A 113 -7.25 -0.39 5.81
C LEU A 113 -6.85 -1.00 7.16
N GLN A 114 -6.28 -0.17 8.02
CA GLN A 114 -5.84 -0.63 9.34
C GLN A 114 -7.00 -1.27 10.12
N SER A 115 -8.23 -0.97 9.71
CA SER A 115 -9.40 -1.52 10.39
C SER A 115 -10.05 -2.61 9.55
N PRO A 116 -9.61 -3.87 9.71
CA PRO A 116 -10.15 -5.01 8.96
C PRO A 116 -11.55 -5.38 9.42
N GLU A 117 -12.54 -5.14 8.55
CA GLU A 117 -13.93 -5.46 8.87
C GLU A 117 -14.57 -6.29 7.77
N PRO A 118 -13.93 -7.42 7.39
CA PRO A 118 -14.45 -8.30 6.35
C PRO A 118 -15.65 -9.12 6.80
N ASN A 119 -16.72 -8.42 7.19
CA ASN A 119 -17.94 -9.08 7.65
C ASN A 119 -19.00 -9.10 6.55
N ASP A 120 -19.14 -7.96 5.87
CA ASP A 120 -20.13 -7.85 4.79
C ASP A 120 -19.65 -6.86 3.72
N PRO A 121 -18.43 -7.07 3.19
CA PRO A 121 -17.85 -6.20 2.17
C PRO A 121 -18.46 -6.46 0.79
N GLN A 122 -17.89 -5.83 -0.23
CA GLN A 122 -18.37 -5.99 -1.60
C GLN A 122 -17.96 -7.35 -2.16
N ASP A 123 -16.70 -7.71 -1.95
CA ASP A 123 -16.17 -8.98 -2.44
C ASP A 123 -16.32 -10.07 -1.37
N ALA A 124 -17.34 -10.90 -1.53
CA ALA A 124 -17.58 -11.99 -0.58
C ALA A 124 -16.58 -13.12 -0.76
N GLU A 125 -16.35 -13.50 -2.02
CA GLU A 125 -15.41 -14.58 -2.32
C GLU A 125 -14.04 -14.30 -1.73
N VAL A 126 -13.53 -13.10 -1.97
CA VAL A 126 -12.22 -12.70 -1.45
C VAL A 126 -12.22 -12.64 0.07
N ALA A 127 -13.32 -12.15 0.63
CA ALA A 127 -13.44 -12.04 2.08
C ALA A 127 -13.57 -13.41 2.74
N GLN A 128 -14.35 -14.28 2.11
CA GLN A 128 -14.56 -15.63 2.63
C GLN A 128 -13.24 -16.39 2.73
N HIS A 129 -12.31 -16.08 1.83
CA HIS A 129 -11.02 -16.74 1.81
C HIS A 129 -10.11 -16.17 2.91
N TYR A 130 -10.12 -14.85 3.04
CA TYR A 130 -9.30 -14.19 4.05
C TYR A 130 -9.82 -14.49 5.46
N LEU A 131 -11.13 -14.48 5.62
CA LEU A 131 -11.75 -14.74 6.91
C LEU A 131 -11.39 -16.14 7.41
N ARG A 132 -11.36 -17.10 6.48
CA ARG A 132 -11.02 -18.48 6.83
C ARG A 132 -9.54 -18.61 7.14
N ASP A 133 -8.70 -18.12 6.23
CA ASP A 133 -7.25 -18.19 6.40
C ASP A 133 -6.62 -16.80 6.24
N ARG A 134 -6.67 -16.02 7.31
CA ARG A 134 -6.11 -14.67 7.30
C ARG A 134 -4.61 -14.71 7.61
N GLU A 135 -4.21 -15.64 8.46
CA GLU A 135 -2.81 -15.78 8.85
C GLU A 135 -1.98 -16.30 7.68
N SER A 136 -2.60 -17.05 6.78
CA SER A 136 -1.91 -17.59 5.62
C SER A 136 -1.61 -16.50 4.59
N PHE A 137 -2.61 -15.66 4.33
CA PHE A 137 -2.46 -14.58 3.36
C PHE A 137 -1.80 -13.36 4.01
N ASN A 138 -1.92 -13.25 5.33
CA ASN A 138 -1.34 -12.14 6.06
C ASN A 138 0.16 -12.00 5.78
N LYS A 139 0.87 -13.13 5.81
CA LYS A 139 2.30 -13.13 5.55
C LYS A 139 2.62 -12.63 4.15
N THR A 140 1.76 -12.95 3.20
CA THR A 140 1.94 -12.54 1.81
C THR A 140 1.44 -11.11 1.60
N ALA A 141 0.36 -10.76 2.29
CA ALA A 141 -0.21 -9.42 2.17
C ALA A 141 0.80 -8.34 2.53
N ALA A 142 1.63 -8.62 3.54
CA ALA A 142 2.65 -7.68 3.98
C ALA A 142 3.75 -7.54 2.93
N LEU A 143 4.27 -8.66 2.47
CA LEU A 143 5.33 -8.67 1.46
C LEU A 143 4.85 -8.02 0.16
N TRP A 144 3.61 -8.33 -0.23
CA TRP A 144 3.05 -7.79 -1.46
C TRP A 144 3.06 -6.26 -1.44
N THR A 145 2.72 -5.68 -0.31
CA THR A 145 2.69 -4.23 -0.17
C THR A 145 4.10 -3.64 -0.28
N ARG A 146 5.08 -4.37 0.27
CA ARG A 146 6.47 -3.92 0.24
C ARG A 146 7.03 -4.00 -1.18
N LEU A 147 6.49 -4.91 -1.99
CA LEU A 147 6.95 -5.07 -3.36
C LEU A 147 6.10 -4.26 -4.33
N TYR A 148 4.82 -4.13 -4.03
CA TYR A 148 3.90 -3.37 -4.88
C TYR A 148 3.81 -1.93 -4.42
N ALA A 149 3.52 -1.72 -3.14
CA ALA A 149 3.39 -0.38 -2.58
C ALA A 149 4.74 0.14 -2.10
N SER A 150 5.73 0.09 -2.98
CA SER A 150 7.08 0.57 -2.64
C SER A 150 8.02 0.40 -3.83
N GLU A 151 7.85 1.23 -4.84
CA GLU A 151 8.69 1.19 -6.03
C GLU A 151 10.12 1.58 -5.71
N THR A 152 10.28 2.47 -4.74
CA THR A 152 11.60 2.93 -4.32
C THR A 152 11.87 2.58 -2.87
N SER A 153 13.12 2.25 -2.55
CA SER A 153 13.51 1.89 -1.20
C SER A 153 15.03 1.89 -1.05
N ASN A 154 15.53 2.81 -0.22
CA ASN A 154 16.97 2.92 0.00
C ASN A 154 17.36 2.25 1.32
N GLY A 155 18.13 1.18 1.23
CA GLY A 155 18.57 0.48 2.42
C GLY A 155 19.98 -0.06 2.30
N GLN A 156 20.55 -0.50 3.42
CA GLN A 156 21.91 -1.03 3.44
C GLN A 156 21.89 -2.55 3.34
N LYS A 157 22.28 -3.06 2.17
CA LYS A 157 22.31 -4.50 1.95
C LYS A 157 20.92 -5.11 2.10
N GLY A 158 20.18 -5.18 0.99
CA GLY A 158 18.85 -5.75 1.02
C GLY A 158 17.84 -4.90 0.27
N ASN A 159 17.56 -5.29 -0.97
CA ASN A 159 16.61 -4.56 -1.80
C ASN A 159 15.20 -4.66 -1.24
N VAL A 160 14.33 -3.75 -1.67
CA VAL A 160 12.94 -3.72 -1.21
C VAL A 160 12.84 -3.93 0.30
N GLU A 161 13.69 -3.24 1.05
CA GLU A 161 13.70 -3.35 2.50
C GLU A 161 14.10 -4.76 2.93
N GLU A 162 14.88 -4.84 4.02
CA GLU A 162 15.34 -6.13 4.53
C GLU A 162 16.07 -5.94 5.86
N SER A 163 15.29 -5.68 6.92
CA SER A 163 15.86 -5.49 8.25
C SER A 163 16.62 -6.73 8.70
N ASP A 164 17.95 -6.69 8.58
CA ASP A 164 18.79 -7.81 8.98
C ASP A 164 19.12 -7.74 10.47
N LEU A 165 18.75 -8.77 11.21
CA LEU A 165 19.01 -8.82 12.64
C LEU A 165 18.31 -7.67 13.36
N TYR A 166 18.06 -7.84 14.65
CA TYR A 166 17.40 -6.82 15.45
C TYR A 166 18.29 -6.37 16.60
N GLY A 167 18.68 -7.32 17.44
CA GLY A 167 19.52 -7.01 18.59
C GLY A 167 18.87 -7.35 19.91
N ILE A 168 19.08 -6.51 20.91
CA ILE A 168 18.50 -6.71 22.24
C ILE A 168 18.45 -8.20 22.63
N ASP A 169 17.26 -8.79 22.56
CA ASP A 169 17.09 -10.21 22.89
C ASP A 169 17.82 -10.61 24.17
N HIS A 170 17.94 -11.93 24.37
CA HIS A 170 18.57 -12.48 25.56
C HIS A 170 20.05 -12.08 25.66
N ASP A 171 20.63 -11.59 24.57
CA ASP A 171 22.03 -11.18 24.59
C ASP A 171 22.19 -9.92 25.43
N LEU A 172 21.36 -8.93 25.12
CA LEU A 172 21.37 -7.69 25.85
C LEU A 172 20.73 -7.91 27.22
N ILE A 173 19.79 -8.85 27.25
CA ILE A 173 19.10 -9.21 28.47
C ILE A 173 20.05 -9.96 29.39
N ASP A 174 20.92 -10.76 28.79
CA ASP A 174 21.89 -11.54 29.54
C ASP A 174 22.78 -10.61 30.36
N GLU A 175 23.02 -9.41 29.85
CA GLU A 175 23.83 -8.42 30.54
C GLU A 175 23.20 -8.01 31.86
N PHE A 176 21.96 -7.54 31.80
CA PHE A 176 21.26 -7.12 33.02
C PHE A 176 20.78 -8.31 33.81
N GLU A 177 20.48 -9.39 33.12
CA GLU A 177 19.99 -10.59 33.77
C GLU A 177 21.08 -11.23 34.63
N SER A 178 22.34 -10.94 34.33
CA SER A 178 23.45 -11.52 35.09
C SER A 178 24.29 -10.46 35.79
N GLN A 179 23.73 -9.26 35.96
CA GLN A 179 24.45 -8.18 36.64
C GLN A 179 23.85 -7.91 38.02
N GLY A 180 22.62 -8.37 38.23
CA GLY A 180 21.95 -8.17 39.49
C GLY A 180 20.44 -8.10 39.31
N PHE A 181 20.03 -7.79 38.09
CA PHE A 181 18.61 -7.70 37.76
C PHE A 181 18.16 -8.95 37.03
N GLU A 182 16.86 -9.23 37.09
CA GLU A 182 16.30 -10.40 36.42
C GLU A 182 15.76 -10.03 35.04
N LYS A 183 15.59 -11.05 34.19
CA LYS A 183 15.08 -10.83 32.84
C LYS A 183 13.85 -9.93 32.85
N ASP A 184 12.95 -10.19 33.79
CA ASP A 184 11.72 -9.40 33.92
C ASP A 184 12.02 -7.91 33.99
N LYS A 185 13.04 -7.54 34.75
CA LYS A 185 13.41 -6.13 34.89
C LYS A 185 13.76 -5.53 33.54
N ILE A 186 14.63 -6.21 32.79
CA ILE A 186 15.04 -5.71 31.48
C ILE A 186 13.84 -5.51 30.56
N VAL A 187 12.99 -6.54 30.46
CA VAL A 187 11.81 -6.49 29.61
C VAL A 187 11.01 -5.22 29.83
N GLU A 188 10.62 -4.96 31.08
CA GLU A 188 9.85 -3.77 31.41
C GLU A 188 10.51 -2.51 30.86
N VAL A 189 11.84 -2.55 30.74
CA VAL A 189 12.58 -1.40 30.24
C VAL A 189 12.68 -1.39 28.72
N LEU A 190 12.55 -2.56 28.10
CA LEU A 190 12.64 -2.65 26.65
C LEU A 190 11.37 -2.10 26.01
N ARG A 191 10.23 -2.50 26.54
CA ARG A 191 8.93 -2.08 26.00
C ARG A 191 8.78 -0.56 25.89
N ARG A 192 9.41 0.19 26.78
CA ARG A 192 9.26 1.65 26.72
C ARG A 192 10.13 2.27 25.63
N LEU A 193 11.44 2.02 25.64
CA LEU A 193 12.32 2.59 24.61
C LEU A 193 12.27 1.78 23.32
N GLY A 194 11.82 0.54 23.41
CA GLY A 194 11.72 -0.32 22.24
C GLY A 194 12.92 -0.24 21.31
N VAL A 195 14.09 0.08 21.87
CA VAL A 195 15.31 0.17 21.08
C VAL A 195 15.79 -1.21 20.64
N LYS A 196 16.60 -1.24 19.59
CA LYS A 196 17.12 -2.50 19.07
C LYS A 196 18.63 -2.59 19.27
N SER A 197 19.33 -1.51 18.96
CA SER A 197 20.78 -1.46 19.10
C SER A 197 21.22 -0.14 19.71
N LEU A 198 22.11 -0.22 20.70
CA LEU A 198 22.62 0.96 21.37
C LEU A 198 24.08 1.22 21.00
N ASP A 199 24.53 2.45 21.15
CA ASP A 199 25.90 2.82 20.83
C ASP A 199 26.86 2.27 21.89
N PRO A 200 28.02 1.74 21.44
CA PRO A 200 29.02 1.18 22.36
C PRO A 200 29.80 2.26 23.10
N ASN A 201 30.10 3.34 22.40
CA ASN A 201 30.84 4.46 23.00
C ASN A 201 29.90 5.43 23.70
N ASP A 202 28.68 5.54 23.19
CA ASP A 202 27.68 6.43 23.76
C ASP A 202 26.49 5.65 24.32
N ASN A 203 26.63 5.16 25.54
CA ASN A 203 25.57 4.40 26.19
C ASN A 203 24.46 5.31 26.70
N ASN A 204 23.59 5.74 25.79
CA ASN A 204 22.49 6.63 26.14
C ASN A 204 21.22 5.83 26.45
N THR A 205 21.07 4.69 25.80
CA THR A 205 19.90 3.84 26.02
C THR A 205 20.05 3.06 27.31
N ALA A 206 21.18 2.39 27.48
CA ALA A 206 21.43 1.61 28.69
C ALA A 206 21.25 2.46 29.95
N ASN A 207 21.78 3.67 29.91
CA ASN A 207 21.67 4.57 31.06
C ASN A 207 20.22 4.66 31.53
N ARG A 208 19.34 5.13 30.65
CA ARG A 208 17.93 5.24 30.98
C ARG A 208 17.35 3.86 31.35
N ILE A 209 17.91 2.81 30.77
CA ILE A 209 17.44 1.46 31.03
C ILE A 209 17.72 1.05 32.47
N ILE A 210 18.99 1.12 32.89
CA ILE A 210 19.34 0.75 34.25
C ILE A 210 18.49 1.49 35.25
N GLU A 211 18.06 2.69 34.86
CA GLU A 211 17.21 3.50 35.72
C GLU A 211 16.03 2.66 36.18
N GLU A 212 15.30 2.11 35.22
CA GLU A 212 14.15 1.27 35.52
C GLU A 212 14.62 -0.05 36.14
N LEU A 213 15.81 -0.50 35.75
CA LEU A 213 16.37 -1.74 36.27
C LEU A 213 16.49 -1.67 37.80
N LEU A 214 17.09 -0.59 38.28
CA LEU A 214 17.27 -0.39 39.72
C LEU A 214 15.97 -0.04 40.42
N LYS A 215 14.85 -0.08 39.69
CA LYS A 215 13.55 0.24 40.28
C LYS A 215 12.78 -1.03 40.62
N SER A 1 -8.27 27.85 -13.04
CA SER A 1 -9.40 28.46 -13.81
C SER A 1 -10.73 27.82 -13.44
N SER A 2 -11.68 28.65 -13.02
CA SER A 2 -13.02 28.19 -12.65
C SER A 2 -12.95 26.96 -11.73
N ARG A 3 -12.96 25.77 -12.31
CA ARG A 3 -12.90 24.54 -11.53
C ARG A 3 -11.45 24.13 -11.24
N ALA A 4 -10.57 24.43 -12.18
CA ALA A 4 -9.15 24.10 -12.02
C ALA A 4 -8.57 24.79 -10.79
N LYS A 5 -9.03 26.01 -10.54
CA LYS A 5 -8.56 26.79 -9.39
C LYS A 5 -9.17 26.27 -8.10
N ARG A 6 -10.41 25.79 -8.18
CA ARG A 6 -11.11 25.26 -7.02
C ARG A 6 -10.36 24.08 -6.41
N ILE A 7 -9.85 23.22 -7.28
CA ILE A 7 -9.10 22.04 -6.83
C ILE A 7 -7.76 22.42 -6.23
N MET A 8 -7.15 23.47 -6.79
CA MET A 8 -5.86 23.94 -6.31
C MET A 8 -5.94 24.36 -4.85
N LYS A 9 -7.11 24.84 -4.44
CA LYS A 9 -7.32 25.28 -3.06
C LYS A 9 -7.27 24.09 -2.10
N GLU A 10 -7.91 23.00 -2.49
CA GLU A 10 -7.93 21.80 -1.65
C GLU A 10 -6.52 21.27 -1.41
N ILE A 11 -5.64 21.48 -2.39
CA ILE A 11 -4.25 21.04 -2.27
C ILE A 11 -3.44 21.97 -1.39
N GLN A 12 -3.85 23.24 -1.33
CA GLN A 12 -3.16 24.22 -0.51
C GLN A 12 -3.13 23.80 0.96
N ALA A 13 -4.20 23.15 1.40
CA ALA A 13 -4.29 22.68 2.78
C ALA A 13 -3.14 21.74 3.13
N VAL A 14 -2.79 20.88 2.18
CA VAL A 14 -1.70 19.94 2.38
C VAL A 14 -0.33 20.62 2.24
N LYS A 15 -0.30 21.66 1.42
CA LYS A 15 0.95 22.40 1.20
C LYS A 15 1.35 23.18 2.44
N ASP A 16 0.37 23.80 3.09
CA ASP A 16 0.63 24.58 4.29
C ASP A 16 0.42 23.73 5.55
N ASP A 17 0.56 22.42 5.40
CA ASP A 17 0.38 21.50 6.53
C ASP A 17 1.62 20.63 6.71
N PRO A 18 2.71 21.20 7.27
CA PRO A 18 3.95 20.47 7.50
C PRO A 18 3.73 19.20 8.32
N ALA A 19 2.70 19.21 9.15
CA ALA A 19 2.38 18.06 9.98
C ALA A 19 1.68 16.98 9.18
N ALA A 20 0.74 17.40 8.34
CA ALA A 20 -0.02 16.46 7.50
C ALA A 20 0.90 15.72 6.53
N HIS A 21 0.79 14.40 6.53
CA HIS A 21 1.61 13.56 5.65
C HIS A 21 0.85 13.21 4.37
N ILE A 22 0.07 14.17 3.87
CA ILE A 22 -0.69 13.94 2.65
C ILE A 22 0.11 14.30 1.41
N THR A 23 -0.26 13.74 0.28
CA THR A 23 0.43 14.00 -0.98
C THR A 23 -0.56 13.99 -2.15
N LEU A 24 -0.55 15.06 -2.94
CA LEU A 24 -1.44 15.17 -4.07
C LEU A 24 -0.66 15.50 -5.36
N GLU A 25 -0.94 14.77 -6.42
CA GLU A 25 -0.27 14.98 -7.70
C GLU A 25 -1.20 14.68 -8.86
N PHE A 26 -1.19 15.55 -9.86
CA PHE A 26 -2.03 15.38 -11.04
C PHE A 26 -1.20 14.97 -12.25
N VAL A 27 -1.80 14.16 -13.12
CA VAL A 27 -1.12 13.69 -14.32
C VAL A 27 -1.04 14.79 -15.37
N SER A 28 -2.15 15.48 -15.58
CA SER A 28 -2.21 16.56 -16.56
C SER A 28 -1.54 17.83 -16.03
N GLU A 29 -0.82 18.51 -16.90
CA GLU A 29 -0.13 19.74 -16.53
C GLU A 29 -1.08 20.93 -16.50
N SER A 30 -1.55 21.34 -17.67
CA SER A 30 -2.48 22.45 -17.78
C SER A 30 -3.81 22.13 -17.11
N ASP A 31 -4.55 21.18 -17.71
CA ASP A 31 -5.84 20.78 -17.18
C ASP A 31 -5.67 19.81 -16.02
N ILE A 32 -6.72 19.65 -15.22
CA ILE A 32 -6.68 18.74 -14.08
C ILE A 32 -7.96 17.90 -14.00
N HIS A 33 -7.94 16.76 -14.68
CA HIS A 33 -9.09 15.86 -14.70
C HIS A 33 -8.85 14.67 -13.78
N HIS A 34 -7.69 14.05 -13.92
CA HIS A 34 -7.33 12.89 -13.10
C HIS A 34 -6.39 13.29 -11.96
N LEU A 35 -6.82 13.06 -10.73
CA LEU A 35 -6.02 13.40 -9.56
C LEU A 35 -5.49 12.13 -8.88
N LYS A 36 -4.41 12.29 -8.12
CA LYS A 36 -3.81 11.15 -7.43
C LYS A 36 -3.53 11.50 -5.97
N GLY A 37 -4.30 10.89 -5.06
CA GLY A 37 -4.12 11.15 -3.65
C GLY A 37 -3.41 10.01 -2.94
N THR A 38 -2.19 10.27 -2.48
CA THR A 38 -1.42 9.26 -1.78
C THR A 38 -1.12 9.70 -0.35
N PHE A 39 -1.18 8.75 0.57
CA PHE A 39 -0.91 9.04 1.98
C PHE A 39 0.27 8.22 2.50
N LEU A 40 0.89 8.70 3.56
CA LEU A 40 2.04 8.02 4.16
C LEU A 40 1.58 6.99 5.19
N GLY A 41 2.31 5.89 5.28
CA GLY A 41 1.97 4.84 6.22
C GLY A 41 3.08 4.55 7.21
N PRO A 42 3.23 5.39 8.26
CA PRO A 42 4.27 5.20 9.28
C PRO A 42 4.19 3.83 9.94
N PRO A 43 2.97 3.40 10.33
CA PRO A 43 2.77 2.09 10.98
C PRO A 43 3.52 0.97 10.28
N GLY A 44 3.43 0.94 8.96
CA GLY A 44 4.09 -0.10 8.20
C GLY A 44 3.25 -1.35 8.10
N THR A 45 2.15 -1.40 8.87
CA THR A 45 1.25 -2.55 8.87
C THR A 45 0.96 -3.01 7.44
N PRO A 46 0.87 -4.33 7.22
CA PRO A 46 0.58 -4.89 5.89
C PRO A 46 -0.66 -4.27 5.25
N TYR A 47 -1.54 -3.73 6.08
CA TYR A 47 -2.76 -3.10 5.59
C TYR A 47 -2.53 -1.64 5.24
N GLU A 48 -1.79 -0.93 6.10
CA GLU A 48 -1.49 0.48 5.88
C GLU A 48 0.00 0.74 6.02
N GLY A 49 0.78 0.32 5.04
CA GLY A 49 2.22 0.51 5.07
C GLY A 49 2.74 1.25 3.84
N GLY A 50 3.81 2.00 4.02
CA GLY A 50 4.38 2.75 2.91
C GLY A 50 3.41 3.76 2.34
N LYS A 51 3.72 4.24 1.14
CA LYS A 51 2.86 5.22 0.47
C LYS A 51 1.96 4.55 -0.55
N PHE A 52 0.65 4.72 -0.38
CA PHE A 52 -0.33 4.13 -1.30
C PHE A 52 -0.86 5.17 -2.28
N VAL A 53 -0.99 4.76 -3.53
CA VAL A 53 -1.50 5.65 -4.57
C VAL A 53 -2.98 5.41 -4.85
N VAL A 54 -3.73 6.49 -5.00
CA VAL A 54 -5.17 6.38 -5.26
C VAL A 54 -5.55 7.11 -6.54
N ASP A 55 -5.93 6.35 -7.56
CA ASP A 55 -6.34 6.94 -8.83
C ASP A 55 -7.67 7.66 -8.68
N ILE A 56 -7.63 8.99 -8.75
CA ILE A 56 -8.83 9.79 -8.60
C ILE A 56 -9.24 10.44 -9.92
N GLU A 57 -10.54 10.71 -10.05
CA GLU A 57 -11.09 11.33 -11.25
C GLU A 57 -12.15 12.36 -10.86
N VAL A 58 -11.80 13.64 -11.03
CA VAL A 58 -12.71 14.72 -10.68
C VAL A 58 -13.26 15.42 -11.93
N PRO A 59 -14.48 15.05 -12.37
CA PRO A 59 -15.11 15.64 -13.55
C PRO A 59 -15.70 17.02 -13.25
N MET A 60 -16.64 17.06 -12.30
CA MET A 60 -17.29 18.31 -11.92
C MET A 60 -18.25 18.09 -10.76
N GLU A 61 -18.96 19.15 -10.37
CA GLU A 61 -19.92 19.07 -9.28
C GLU A 61 -19.21 18.75 -7.96
N TYR A 62 -19.47 19.58 -6.95
CA TYR A 62 -18.87 19.40 -5.63
C TYR A 62 -19.93 19.08 -4.57
N PRO A 63 -20.98 19.92 -4.44
CA PRO A 63 -22.04 19.70 -3.46
C PRO A 63 -22.86 18.45 -3.76
N PHE A 64 -22.99 18.13 -5.04
CA PHE A 64 -23.73 16.95 -5.47
C PHE A 64 -22.92 16.11 -6.45
N LYS A 65 -23.01 14.80 -6.32
CA LYS A 65 -22.29 13.87 -7.19
C LYS A 65 -20.78 14.00 -6.98
N PRO A 66 -20.23 13.23 -6.02
CA PRO A 66 -18.79 13.26 -5.72
C PRO A 66 -17.95 12.67 -6.85
N PRO A 67 -16.61 12.82 -6.78
CA PRO A 67 -15.70 12.30 -7.80
C PRO A 67 -15.60 10.77 -7.76
N LYS A 68 -14.63 10.23 -8.47
CA LYS A 68 -14.42 8.79 -8.52
C LYS A 68 -13.06 8.41 -7.94
N MET A 69 -13.07 7.49 -6.98
CA MET A 69 -11.84 7.04 -6.34
C MET A 69 -11.55 5.59 -6.68
N GLN A 70 -10.29 5.29 -7.01
CA GLN A 70 -9.88 3.94 -7.36
C GLN A 70 -8.48 3.65 -6.85
N PHE A 71 -8.22 2.38 -6.56
CA PHE A 71 -6.90 1.97 -6.06
C PHE A 71 -5.91 1.83 -7.21
N ASP A 72 -4.67 2.24 -6.96
CA ASP A 72 -3.62 2.16 -7.97
C ASP A 72 -2.51 1.20 -7.53
N THR A 73 -2.19 1.23 -6.25
CA THR A 73 -1.15 0.36 -5.70
C THR A 73 -1.69 -1.06 -5.45
N LYS A 74 -2.98 -1.26 -5.66
CA LYS A 74 -3.60 -2.56 -5.47
C LYS A 74 -3.48 -3.00 -4.01
N VAL A 75 -4.55 -2.80 -3.25
CA VAL A 75 -4.57 -3.18 -1.84
C VAL A 75 -5.33 -4.47 -1.63
N TYR A 76 -4.99 -5.19 -0.57
CA TYR A 76 -5.65 -6.46 -0.26
C TYR A 76 -6.74 -6.26 0.79
N HIS A 77 -7.55 -5.21 0.60
CA HIS A 77 -8.64 -4.91 1.53
C HIS A 77 -9.99 -5.15 0.86
N PRO A 78 -10.96 -5.69 1.61
CA PRO A 78 -12.31 -5.96 1.08
C PRO A 78 -13.02 -4.68 0.66
N ASN A 79 -12.88 -3.63 1.46
CA ASN A 79 -13.51 -2.35 1.18
C ASN A 79 -13.00 -1.77 -0.14
N ILE A 80 -11.71 -1.92 -0.37
CA ILE A 80 -11.08 -1.40 -1.58
C ILE A 80 -10.48 -2.53 -2.41
N SER A 81 -11.33 -3.23 -3.17
CA SER A 81 -10.88 -4.33 -4.01
C SER A 81 -12.04 -4.93 -4.79
N SER A 82 -11.88 -5.04 -6.11
CA SER A 82 -12.92 -5.59 -6.96
C SER A 82 -12.45 -5.68 -8.40
N VAL A 83 -12.41 -4.54 -9.09
CA VAL A 83 -11.98 -4.49 -10.48
C VAL A 83 -11.01 -3.35 -10.71
N THR A 84 -11.50 -2.11 -10.59
CA THR A 84 -10.68 -0.93 -10.78
C THR A 84 -10.56 -0.13 -9.48
N GLY A 85 -11.60 -0.19 -8.65
CA GLY A 85 -11.59 0.54 -7.40
C GLY A 85 -12.97 1.00 -6.97
N ALA A 86 -13.65 0.16 -6.19
CA ALA A 86 -14.98 0.49 -5.71
C ALA A 86 -15.04 0.49 -4.19
N ILE A 87 -14.79 1.64 -3.58
CA ILE A 87 -14.82 1.77 -2.13
C ILE A 87 -16.14 2.32 -1.62
N CYS A 88 -16.44 2.05 -0.36
CA CYS A 88 -17.66 2.53 0.27
C CYS A 88 -17.30 3.27 1.55
N LEU A 89 -17.21 4.59 1.46
CA LEU A 89 -16.86 5.41 2.62
C LEU A 89 -17.87 6.53 2.82
N ASP A 90 -17.76 7.22 3.95
CA ASP A 90 -18.66 8.32 4.26
C ASP A 90 -18.36 9.52 3.36
N ILE A 91 -18.59 9.35 2.07
CA ILE A 91 -18.34 10.39 1.09
C ILE A 91 -18.68 9.91 -0.31
N LEU A 92 -18.27 8.68 -0.62
CA LEU A 92 -18.54 8.09 -1.92
C LEU A 92 -20.03 7.77 -2.07
N ARG A 93 -20.65 8.34 -3.09
CA ARG A 93 -22.07 8.13 -3.34
C ARG A 93 -22.91 8.63 -2.17
N ASN A 94 -24.21 8.36 -2.21
CA ASN A 94 -25.11 8.78 -1.15
C ASN A 94 -24.57 8.40 0.22
N ALA A 95 -23.97 9.37 0.91
CA ALA A 95 -23.40 9.13 2.24
C ALA A 95 -23.47 10.39 3.09
N TRP A 96 -22.93 10.31 4.30
CA TRP A 96 -22.91 11.45 5.21
C TRP A 96 -22.17 12.63 4.60
N SER A 97 -22.72 13.82 4.73
CA SER A 97 -22.09 15.02 4.20
C SER A 97 -21.95 14.91 2.68
N PRO A 98 -22.83 15.59 1.91
CA PRO A 98 -22.79 15.56 0.45
C PRO A 98 -21.60 16.33 -0.12
N VAL A 99 -21.04 17.24 0.68
CA VAL A 99 -19.90 18.04 0.23
C VAL A 99 -18.58 17.37 0.58
N ILE A 100 -18.18 17.50 1.84
CA ILE A 100 -16.93 16.90 2.32
C ILE A 100 -15.74 17.36 1.48
N THR A 101 -14.54 17.21 2.01
CA THR A 101 -13.32 17.60 1.31
C THR A 101 -12.54 16.39 0.83
N LEU A 102 -11.90 16.52 -0.33
CA LEU A 102 -11.11 15.44 -0.90
C LEU A 102 -10.07 14.93 0.09
N LYS A 103 -9.58 15.83 0.94
CA LYS A 103 -8.57 15.48 1.93
C LYS A 103 -9.11 14.45 2.91
N SER A 104 -10.40 14.55 3.23
CA SER A 104 -11.05 13.63 4.16
C SER A 104 -11.26 12.26 3.51
N ALA A 105 -11.57 12.27 2.21
CA ALA A 105 -11.79 11.03 1.48
C ALA A 105 -10.51 10.22 1.37
N LEU A 106 -9.40 10.91 1.14
CA LEU A 106 -8.10 10.26 1.01
C LEU A 106 -7.61 9.74 2.35
N ILE A 107 -7.60 10.62 3.35
CA ILE A 107 -7.16 10.25 4.70
C ILE A 107 -8.05 9.17 5.29
N SER A 108 -9.32 9.17 4.90
CA SER A 108 -10.27 8.20 5.39
C SER A 108 -9.90 6.79 4.94
N LEU A 109 -9.43 6.69 3.70
CA LEU A 109 -9.03 5.40 3.14
C LEU A 109 -7.94 4.75 3.98
N GLN A 110 -7.00 5.56 4.44
CA GLN A 110 -5.90 5.07 5.26
C GLN A 110 -6.42 4.41 6.54
N ALA A 111 -7.21 5.15 7.30
CA ALA A 111 -7.78 4.64 8.54
C ALA A 111 -8.73 3.49 8.27
N LEU A 112 -9.43 3.55 7.13
CA LEU A 112 -10.37 2.51 6.76
C LEU A 112 -9.65 1.19 6.50
N LEU A 113 -8.39 1.28 6.09
CA LEU A 113 -7.60 0.08 5.82
C LEU A 113 -7.38 -0.72 7.10
N GLN A 114 -6.81 -0.08 8.10
CA GLN A 114 -6.55 -0.73 9.39
C GLN A 114 -7.63 -0.37 10.41
N SER A 115 -8.77 -1.03 10.31
CA SER A 115 -9.88 -0.78 11.23
C SER A 115 -10.94 -1.87 11.13
N PRO A 116 -11.60 -2.00 9.96
CA PRO A 116 -12.64 -3.01 9.76
C PRO A 116 -12.06 -4.41 9.54
N GLU A 117 -12.90 -5.34 9.12
CA GLU A 117 -12.48 -6.71 8.87
C GLU A 117 -13.45 -7.42 7.93
N PRO A 118 -13.07 -8.59 7.41
CA PRO A 118 -13.92 -9.38 6.51
C PRO A 118 -15.32 -9.60 7.08
N ASN A 119 -16.22 -10.11 6.24
CA ASN A 119 -17.59 -10.37 6.67
C ASN A 119 -18.25 -9.08 7.18
N ASP A 120 -18.41 -8.12 6.29
CA ASP A 120 -19.01 -6.84 6.65
C ASP A 120 -19.10 -5.91 5.43
N PRO A 121 -17.96 -5.56 4.84
CA PRO A 121 -17.91 -4.68 3.67
C PRO A 121 -18.77 -5.20 2.52
N GLN A 122 -18.59 -4.63 1.33
CA GLN A 122 -19.35 -5.04 0.16
C GLN A 122 -18.74 -6.28 -0.49
N ASP A 123 -17.49 -6.17 -0.89
CA ASP A 123 -16.79 -7.28 -1.53
C ASP A 123 -16.71 -8.49 -0.60
N ALA A 124 -17.70 -9.36 -0.67
CA ALA A 124 -17.74 -10.55 0.16
C ALA A 124 -16.75 -11.60 -0.33
N GLU A 125 -16.63 -11.71 -1.65
CA GLU A 125 -15.72 -12.68 -2.26
C GLU A 125 -14.28 -12.44 -1.80
N VAL A 126 -13.91 -11.17 -1.69
CA VAL A 126 -12.56 -10.81 -1.25
C VAL A 126 -12.33 -11.20 0.21
N ALA A 127 -13.33 -10.92 1.04
CA ALA A 127 -13.24 -11.24 2.46
C ALA A 127 -13.24 -12.75 2.69
N GLN A 128 -13.88 -13.49 1.79
CA GLN A 128 -13.95 -14.94 1.89
C GLN A 128 -12.55 -15.55 1.87
N HIS A 129 -11.68 -14.98 1.04
CA HIS A 129 -10.31 -15.47 0.92
C HIS A 129 -9.53 -15.25 2.22
N TYR A 130 -9.59 -14.03 2.75
CA TYR A 130 -8.90 -13.70 3.98
C TYR A 130 -9.49 -14.46 5.16
N LEU A 131 -10.79 -14.76 5.09
CA LEU A 131 -11.46 -15.48 6.16
C LEU A 131 -10.97 -16.92 6.23
N ARG A 132 -10.76 -17.52 5.05
CA ARG A 132 -10.29 -18.90 4.98
C ARG A 132 -8.90 -19.05 5.60
N ASP A 133 -8.01 -18.11 5.27
CA ASP A 133 -6.65 -18.13 5.79
C ASP A 133 -6.19 -16.73 6.16
N ARG A 134 -5.97 -16.51 7.45
CA ARG A 134 -5.53 -15.20 7.95
C ARG A 134 -4.02 -15.06 7.86
N GLU A 135 -3.30 -15.99 8.48
CA GLU A 135 -1.83 -15.96 8.47
C GLU A 135 -1.27 -16.26 7.08
N SER A 136 -1.95 -17.14 6.36
CA SER A 136 -1.52 -17.51 5.02
C SER A 136 -1.56 -16.32 4.06
N PHE A 137 -2.69 -15.62 4.05
CA PHE A 137 -2.86 -14.46 3.19
C PHE A 137 -2.12 -13.25 3.76
N ASN A 138 -1.91 -13.24 5.08
CA ASN A 138 -1.21 -12.14 5.74
C ASN A 138 0.18 -11.94 5.15
N LYS A 139 0.96 -13.02 5.09
CA LYS A 139 2.31 -12.95 4.55
C LYS A 139 2.30 -12.47 3.10
N THR A 140 1.22 -12.78 2.39
CA THR A 140 1.09 -12.37 0.99
C THR A 140 0.63 -10.92 0.88
N ALA A 141 -0.15 -10.48 1.87
CA ALA A 141 -0.66 -9.12 1.89
C ALA A 141 0.47 -8.11 2.08
N ALA A 142 1.35 -8.40 3.03
CA ALA A 142 2.48 -7.52 3.32
C ALA A 142 3.48 -7.51 2.17
N LEU A 143 3.55 -8.61 1.43
CA LEU A 143 4.46 -8.72 0.31
C LEU A 143 3.97 -7.86 -0.87
N TRP A 144 2.67 -7.86 -1.10
CA TRP A 144 2.09 -7.09 -2.19
C TRP A 144 2.21 -5.59 -1.92
N THR A 145 2.18 -5.23 -0.65
CA THR A 145 2.30 -3.82 -0.26
C THR A 145 3.73 -3.32 -0.44
N ARG A 146 4.69 -4.13 -0.01
CA ARG A 146 6.10 -3.77 -0.14
C ARG A 146 6.54 -3.79 -1.60
N LEU A 147 6.03 -4.74 -2.36
CA LEU A 147 6.37 -4.88 -3.77
C LEU A 147 5.84 -3.69 -4.57
N TYR A 148 4.55 -3.39 -4.38
CA TYR A 148 3.92 -2.28 -5.09
C TYR A 148 4.15 -0.96 -4.36
N ALA A 149 3.60 -0.85 -3.14
CA ALA A 149 3.75 0.35 -2.35
C ALA A 149 5.15 0.45 -1.76
N SER A 150 6.06 1.10 -2.50
CA SER A 150 7.43 1.26 -2.06
C SER A 150 7.59 2.53 -1.21
N GLU A 151 8.80 2.77 -0.73
CA GLU A 151 9.08 3.95 0.08
C GLU A 151 10.27 4.72 -0.48
N THR A 152 11.35 4.01 -0.77
CA THR A 152 12.55 4.62 -1.30
C THR A 152 12.64 4.45 -2.81
N SER A 153 13.56 5.16 -3.45
CA SER A 153 13.74 5.09 -4.89
C SER A 153 12.50 5.59 -5.62
N ASN A 154 12.73 6.42 -6.65
CA ASN A 154 11.62 6.96 -7.43
C ASN A 154 11.04 5.91 -8.37
N GLY A 155 10.09 6.32 -9.19
CA GLY A 155 9.46 5.40 -10.13
C GLY A 155 7.95 5.53 -10.14
N GLN A 156 7.29 4.85 -9.20
CA GLN A 156 5.83 4.88 -9.12
C GLN A 156 5.20 4.36 -10.39
N LYS A 157 3.87 4.40 -10.45
CA LYS A 157 3.13 3.93 -11.62
C LYS A 157 3.41 2.45 -11.88
N GLY A 158 3.42 1.66 -10.81
CA GLY A 158 3.68 0.25 -10.94
C GLY A 158 5.12 -0.06 -11.29
N ASN A 159 5.82 -0.74 -10.38
CA ASN A 159 7.21 -1.09 -10.60
C ASN A 159 7.62 -2.29 -9.74
N VAL A 160 7.92 -3.40 -10.40
CA VAL A 160 8.31 -4.62 -9.70
C VAL A 160 9.76 -4.99 -10.01
N GLU A 161 10.64 -4.79 -9.03
CA GLU A 161 12.05 -5.10 -9.20
C GLU A 161 12.61 -5.80 -7.97
N GLU A 162 13.79 -6.38 -8.11
CA GLU A 162 14.44 -7.08 -7.00
C GLU A 162 15.68 -6.32 -6.52
N SER A 163 16.43 -5.78 -7.47
CA SER A 163 17.64 -5.03 -7.15
C SER A 163 18.65 -5.92 -6.43
N ASP A 164 19.92 -5.52 -6.49
CA ASP A 164 20.98 -6.28 -5.83
C ASP A 164 21.06 -7.71 -6.40
N LEU A 165 20.75 -7.84 -7.68
CA LEU A 165 20.78 -9.14 -8.34
C LEU A 165 22.22 -9.63 -8.51
N TYR A 166 22.48 -10.86 -8.07
CA TYR A 166 23.81 -11.44 -8.17
C TYR A 166 23.73 -12.91 -8.61
N GLY A 167 22.87 -13.66 -7.94
CA GLY A 167 22.72 -15.07 -8.28
C GLY A 167 23.67 -15.97 -7.49
N ILE A 168 24.14 -15.47 -6.35
CA ILE A 168 25.05 -16.23 -5.52
C ILE A 168 24.61 -16.23 -4.06
N ASP A 169 24.93 -17.30 -3.35
CA ASP A 169 24.57 -17.43 -1.94
C ASP A 169 23.05 -17.26 -1.73
N HIS A 170 22.65 -16.30 -0.89
CA HIS A 170 21.23 -16.08 -0.62
C HIS A 170 20.44 -15.84 -1.90
N ASP A 171 21.10 -15.32 -2.93
CA ASP A 171 20.44 -15.05 -4.20
C ASP A 171 20.04 -16.37 -4.87
N LEU A 172 21.00 -17.28 -4.95
CA LEU A 172 20.75 -18.59 -5.53
C LEU A 172 19.89 -19.42 -4.58
N ILE A 173 20.05 -19.15 -3.28
CA ILE A 173 19.32 -19.81 -2.25
C ILE A 173 17.84 -19.40 -2.29
N ASP A 174 17.61 -18.09 -2.41
CA ASP A 174 16.26 -17.55 -2.47
C ASP A 174 15.43 -18.24 -3.54
N GLU A 175 16.09 -18.66 -4.62
CA GLU A 175 15.40 -19.34 -5.71
C GLU A 175 14.83 -20.68 -5.26
N PHE A 176 15.68 -21.51 -4.66
CA PHE A 176 15.25 -22.82 -4.18
C PHE A 176 14.32 -22.68 -3.00
N GLU A 177 14.61 -21.70 -2.15
CA GLU A 177 13.83 -21.46 -0.95
C GLU A 177 12.34 -21.32 -1.29
N SER A 178 12.03 -20.44 -2.24
CA SER A 178 10.65 -20.20 -2.64
C SER A 178 10.21 -21.17 -3.72
N GLN A 179 11.17 -21.66 -4.51
CA GLN A 179 10.85 -22.60 -5.59
C GLN A 179 11.69 -23.87 -5.48
N GLY A 180 11.39 -24.67 -4.47
CA GLY A 180 12.12 -25.91 -4.27
C GLY A 180 11.97 -26.45 -2.86
N PHE A 181 12.38 -25.64 -1.89
CA PHE A 181 12.30 -26.03 -0.48
C PHE A 181 13.04 -25.02 0.39
N GLU A 182 12.57 -24.85 1.62
CA GLU A 182 13.16 -23.91 2.58
C GLU A 182 14.68 -23.80 2.45
N LYS A 183 15.22 -22.69 2.95
CA LYS A 183 16.65 -22.42 2.90
C LYS A 183 17.47 -23.60 3.43
N ASP A 184 17.04 -24.17 4.55
CA ASP A 184 17.76 -25.30 5.16
C ASP A 184 18.01 -26.40 4.13
N LYS A 185 17.09 -26.54 3.19
CA LYS A 185 17.23 -27.55 2.14
C LYS A 185 18.33 -27.18 1.16
N ILE A 186 18.30 -25.94 0.67
CA ILE A 186 19.31 -25.47 -0.28
C ILE A 186 20.71 -25.60 0.32
N VAL A 187 20.87 -25.09 1.54
CA VAL A 187 22.16 -25.14 2.23
C VAL A 187 22.77 -26.54 2.20
N GLU A 188 21.99 -27.53 2.63
CA GLU A 188 22.45 -28.91 2.65
C GLU A 188 22.99 -29.32 1.29
N VAL A 189 22.42 -28.75 0.23
CA VAL A 189 22.83 -29.07 -1.12
C VAL A 189 24.00 -28.20 -1.57
N LEU A 190 24.02 -26.95 -1.12
CA LEU A 190 25.08 -26.01 -1.48
C LEU A 190 26.36 -26.33 -0.71
N ARG A 191 26.25 -26.32 0.62
CA ARG A 191 27.40 -26.59 1.47
C ARG A 191 28.03 -27.95 1.18
N ARG A 192 27.20 -28.98 1.11
CA ARG A 192 27.70 -30.34 0.85
C ARG A 192 28.67 -30.36 -0.32
N LEU A 193 28.27 -29.81 -1.47
CA LEU A 193 29.12 -29.78 -2.64
C LEU A 193 30.18 -28.69 -2.52
N GLY A 194 29.74 -27.44 -2.54
CA GLY A 194 30.66 -26.32 -2.43
C GLY A 194 30.69 -25.48 -3.69
N VAL A 195 29.54 -25.33 -4.33
CA VAL A 195 29.43 -24.54 -5.55
C VAL A 195 28.76 -23.20 -5.27
N LYS A 196 29.51 -22.12 -5.48
CA LYS A 196 28.99 -20.77 -5.25
C LYS A 196 28.91 -19.99 -6.55
N SER A 197 29.87 -20.23 -7.45
CA SER A 197 29.91 -19.54 -8.74
C SER A 197 29.97 -20.54 -9.88
N LEU A 198 29.13 -21.57 -9.81
CA LEU A 198 29.08 -22.60 -10.84
C LEU A 198 28.07 -22.22 -11.92
N ASP A 199 28.31 -22.68 -13.14
CA ASP A 199 27.43 -22.42 -14.27
C ASP A 199 27.03 -20.94 -14.33
N PRO A 200 27.74 -20.12 -15.13
CA PRO A 200 27.43 -18.70 -15.27
C PRO A 200 26.04 -18.47 -15.86
N ASN A 201 25.50 -19.51 -16.50
CA ASN A 201 24.18 -19.42 -17.11
C ASN A 201 23.68 -20.81 -17.54
N ASP A 202 24.08 -21.83 -16.80
CA ASP A 202 23.67 -23.20 -17.11
C ASP A 202 22.86 -23.81 -15.96
N ASN A 203 22.32 -25.00 -16.19
CA ASN A 203 21.54 -25.68 -15.17
C ASN A 203 22.00 -27.12 -14.98
N ASN A 204 23.30 -27.29 -14.76
CA ASN A 204 23.87 -28.62 -14.56
C ASN A 204 23.96 -28.96 -13.08
N THR A 205 24.40 -27.99 -12.28
CA THR A 205 24.53 -28.18 -10.85
C THR A 205 23.16 -28.13 -10.19
N ALA A 206 22.40 -27.08 -10.50
CA ALA A 206 21.07 -26.91 -9.93
C ALA A 206 20.21 -28.15 -10.15
N ASN A 207 20.23 -28.67 -11.39
CA ASN A 207 19.45 -29.85 -11.72
C ASN A 207 19.66 -30.95 -10.68
N ARG A 208 20.92 -31.31 -10.46
CA ARG A 208 21.25 -32.33 -9.48
C ARG A 208 20.78 -31.90 -8.08
N ILE A 209 20.91 -30.60 -7.81
CA ILE A 209 20.51 -30.05 -6.53
C ILE A 209 19.00 -30.16 -6.32
N ILE A 210 18.23 -29.58 -7.23
CA ILE A 210 16.78 -29.62 -7.13
C ILE A 210 16.29 -31.05 -6.97
N GLU A 211 17.05 -31.98 -7.54
CA GLU A 211 16.71 -33.39 -7.46
C GLU A 211 16.45 -33.77 -6.00
N GLU A 212 17.43 -33.48 -5.15
CA GLU A 212 17.32 -33.78 -3.72
C GLU A 212 16.49 -32.71 -3.01
N LEU A 213 16.50 -31.49 -3.54
CA LEU A 213 15.75 -30.38 -2.95
C LEU A 213 14.34 -30.79 -2.58
N LEU A 214 13.65 -31.45 -3.52
CA LEU A 214 12.29 -31.90 -3.30
C LEU A 214 12.25 -33.36 -2.86
N LYS A 215 13.29 -33.79 -2.15
CA LYS A 215 13.38 -35.17 -1.68
C LYS A 215 13.31 -35.22 -0.15
N SER A 1 -8.81 26.81 -14.66
CA SER A 1 -8.04 27.72 -13.78
C SER A 1 -8.92 28.25 -12.64
N SER A 2 -9.97 28.99 -13.01
CA SER A 2 -10.89 29.55 -12.03
C SER A 2 -11.68 28.45 -11.33
N ARG A 3 -12.05 27.42 -12.08
CA ARG A 3 -12.81 26.31 -11.53
C ARG A 3 -11.88 25.25 -10.94
N ALA A 4 -10.69 25.13 -11.52
CA ALA A 4 -9.71 24.15 -11.05
C ALA A 4 -9.05 24.62 -9.76
N LYS A 5 -8.90 25.94 -9.62
CA LYS A 5 -8.28 26.51 -8.44
C LYS A 5 -9.05 26.14 -7.18
N ARG A 6 -10.34 25.86 -7.34
CA ARG A 6 -11.19 25.48 -6.20
C ARG A 6 -10.62 24.26 -5.48
N ILE A 7 -10.18 23.28 -6.24
CA ILE A 7 -9.61 22.06 -5.67
C ILE A 7 -8.14 22.26 -5.30
N MET A 8 -7.47 23.18 -5.99
CA MET A 8 -6.06 23.45 -5.74
C MET A 8 -5.87 24.09 -4.37
N LYS A 9 -6.91 24.77 -3.88
CA LYS A 9 -6.85 25.43 -2.59
C LYS A 9 -6.48 24.45 -1.48
N GLU A 10 -6.99 23.22 -1.59
CA GLU A 10 -6.71 22.19 -0.59
C GLU A 10 -5.34 21.56 -0.83
N ILE A 11 -4.91 21.54 -2.09
CA ILE A 11 -3.62 20.97 -2.45
C ILE A 11 -2.48 21.81 -1.89
N GLN A 12 -2.75 23.08 -1.62
CA GLN A 12 -1.74 23.98 -1.07
C GLN A 12 -1.54 23.75 0.42
N ALA A 13 -2.63 23.42 1.11
CA ALA A 13 -2.57 23.18 2.55
C ALA A 13 -2.02 21.80 2.85
N VAL A 14 -2.46 20.79 2.10
CA VAL A 14 -2.02 19.42 2.30
C VAL A 14 -0.49 19.32 2.22
N LYS A 15 0.10 20.09 1.30
CA LYS A 15 1.55 20.09 1.14
C LYS A 15 2.22 21.00 2.16
N ASP A 16 1.48 21.98 2.66
CA ASP A 16 2.02 22.91 3.64
C ASP A 16 2.30 22.21 4.97
N ASP A 17 3.34 21.39 5.00
CA ASP A 17 3.72 20.66 6.20
C ASP A 17 5.04 19.93 6.01
N PRO A 18 5.96 20.03 6.98
CA PRO A 18 7.28 19.37 6.90
C PRO A 18 7.15 17.87 6.60
N ALA A 19 6.03 17.29 7.04
CA ALA A 19 5.78 15.87 6.83
C ALA A 19 5.47 15.59 5.36
N ALA A 20 4.37 16.14 4.88
CA ALA A 20 3.95 15.96 3.50
C ALA A 20 3.70 14.48 3.19
N HIS A 21 3.02 13.81 4.11
CA HIS A 21 2.71 12.38 3.95
C HIS A 21 1.79 12.17 2.75
N ILE A 22 1.00 13.19 2.42
CA ILE A 22 0.07 13.11 1.30
C ILE A 22 0.63 13.80 0.06
N THR A 23 0.01 13.55 -1.09
CA THR A 23 0.46 14.15 -2.34
C THR A 23 -0.69 14.22 -3.35
N LEU A 24 -0.95 15.43 -3.86
CA LEU A 24 -2.02 15.62 -4.82
C LEU A 24 -1.47 16.20 -6.13
N GLU A 25 -1.22 15.33 -7.10
CA GLU A 25 -0.69 15.76 -8.39
C GLU A 25 -1.74 15.61 -9.49
N PHE A 26 -1.83 16.62 -10.35
CA PHE A 26 -2.79 16.61 -11.44
C PHE A 26 -2.10 16.42 -12.79
N VAL A 27 -2.59 15.48 -13.57
CA VAL A 27 -2.01 15.19 -14.88
C VAL A 27 -2.95 15.65 -16.00
N SER A 28 -2.55 16.70 -16.71
CA SER A 28 -3.35 17.23 -17.81
C SER A 28 -2.66 18.42 -18.46
N GLU A 29 -3.29 18.99 -19.48
CA GLU A 29 -2.73 20.14 -20.17
C GLU A 29 -2.66 21.36 -19.25
N SER A 30 -3.81 21.97 -19.00
CA SER A 30 -3.87 23.15 -18.13
C SER A 30 -4.73 22.86 -16.90
N ASP A 31 -5.98 22.49 -17.14
CA ASP A 31 -6.92 22.19 -16.07
C ASP A 31 -6.45 20.97 -15.28
N ILE A 32 -7.31 20.48 -14.38
CA ILE A 32 -6.99 19.32 -13.57
C ILE A 32 -7.54 18.04 -14.19
N HIS A 33 -8.81 18.08 -14.59
CA HIS A 33 -9.46 16.93 -15.22
C HIS A 33 -9.27 15.66 -14.39
N HIS A 34 -8.15 14.96 -14.62
CA HIS A 34 -7.85 13.74 -13.90
C HIS A 34 -6.91 13.99 -12.73
N LEU A 35 -7.31 13.57 -11.54
CA LEU A 35 -6.49 13.76 -10.35
C LEU A 35 -6.09 12.42 -9.75
N LYS A 36 -4.90 12.39 -9.15
CA LYS A 36 -4.39 11.17 -8.54
C LYS A 36 -3.72 11.46 -7.20
N GLY A 37 -4.41 11.11 -6.12
CA GLY A 37 -3.87 11.34 -4.79
C GLY A 37 -3.11 10.15 -4.26
N THR A 38 -2.15 10.41 -3.37
CA THR A 38 -1.35 9.34 -2.80
C THR A 38 -1.07 9.59 -1.32
N PHE A 39 -0.81 8.52 -0.57
CA PHE A 39 -0.52 8.63 0.85
C PHE A 39 0.69 7.79 1.23
N LEU A 40 1.78 8.45 1.59
CA LEU A 40 3.01 7.76 1.97
C LEU A 40 3.08 7.57 3.49
N GLY A 41 3.48 6.38 3.91
CA GLY A 41 3.58 6.10 5.34
C GLY A 41 4.31 4.80 5.61
N PRO A 42 5.27 4.79 6.56
CA PRO A 42 6.04 3.59 6.90
C PRO A 42 5.14 2.41 7.25
N PRO A 43 5.63 1.17 7.08
CA PRO A 43 4.85 -0.03 7.38
C PRO A 43 4.73 -0.28 8.88
N GLY A 44 4.40 -1.51 9.25
CA GLY A 44 4.25 -1.86 10.64
C GLY A 44 3.05 -2.75 10.89
N THR A 45 2.24 -2.96 9.87
CA THR A 45 1.06 -3.80 9.97
C THR A 45 0.64 -4.32 8.60
N PRO A 46 0.08 -5.54 8.55
CA PRO A 46 -0.37 -6.16 7.30
C PRO A 46 -1.29 -5.24 6.50
N TYR A 47 -2.21 -4.57 7.19
CA TYR A 47 -3.14 -3.65 6.55
C TYR A 47 -2.98 -2.24 7.10
N GLU A 48 -1.80 -1.67 6.93
CA GLU A 48 -1.52 -0.32 7.41
C GLU A 48 -0.08 0.07 7.11
N GLY A 49 0.10 0.93 6.11
CA GLY A 49 1.43 1.37 5.75
C GLY A 49 1.66 1.34 4.25
N GLY A 50 2.93 1.38 3.84
CA GLY A 50 3.26 1.36 2.43
C GLY A 50 2.73 2.57 1.69
N LYS A 51 2.71 2.49 0.37
CA LYS A 51 2.22 3.59 -0.46
C LYS A 51 0.81 3.31 -0.97
N PHE A 52 0.05 4.37 -1.24
CA PHE A 52 -1.31 4.23 -1.74
C PHE A 52 -1.55 5.12 -2.94
N VAL A 53 -2.23 4.59 -3.95
CA VAL A 53 -2.53 5.34 -5.16
C VAL A 53 -4.04 5.51 -5.32
N VAL A 54 -4.53 6.72 -5.06
CA VAL A 54 -5.95 6.98 -5.21
C VAL A 54 -6.26 7.61 -6.55
N ASP A 55 -6.90 6.84 -7.42
CA ASP A 55 -7.27 7.32 -8.74
C ASP A 55 -8.52 8.18 -8.66
N ILE A 56 -8.37 9.49 -8.86
CA ILE A 56 -9.49 10.41 -8.79
C ILE A 56 -9.89 10.92 -10.16
N GLU A 57 -11.17 11.27 -10.29
CA GLU A 57 -11.71 11.78 -11.54
C GLU A 57 -12.67 12.93 -11.26
N VAL A 58 -12.23 14.15 -11.54
CA VAL A 58 -13.05 15.33 -11.31
C VAL A 58 -13.46 16.00 -12.62
N PRO A 59 -14.67 15.70 -13.11
CA PRO A 59 -15.18 16.27 -14.37
C PRO A 59 -15.44 17.77 -14.25
N MET A 60 -16.34 18.14 -13.35
CA MET A 60 -16.69 19.53 -13.13
C MET A 60 -17.73 19.68 -12.02
N GLU A 61 -17.28 19.51 -10.77
CA GLU A 61 -18.17 19.61 -9.62
C GLU A 61 -17.40 19.43 -8.32
N TYR A 62 -18.11 19.48 -7.20
CA TYR A 62 -17.49 19.32 -5.89
C TYR A 62 -18.52 19.47 -4.77
N PRO A 63 -19.19 20.63 -4.69
CA PRO A 63 -20.20 20.87 -3.64
C PRO A 63 -21.40 19.93 -3.75
N PHE A 64 -21.55 19.29 -4.90
CA PHE A 64 -22.65 18.35 -5.13
C PHE A 64 -22.13 16.96 -5.50
N LYS A 65 -21.52 16.86 -6.67
CA LYS A 65 -21.00 15.59 -7.14
C LYS A 65 -19.49 15.47 -6.85
N PRO A 66 -19.12 14.72 -5.80
CA PRO A 66 -17.71 14.54 -5.42
C PRO A 66 -16.96 13.66 -6.42
N PRO A 67 -15.62 13.76 -6.44
CA PRO A 67 -14.78 12.96 -7.35
C PRO A 67 -15.05 11.47 -7.22
N LYS A 68 -14.34 10.69 -8.02
CA LYS A 68 -14.50 9.23 -8.00
C LYS A 68 -13.16 8.55 -7.74
N MET A 69 -13.11 7.77 -6.65
CA MET A 69 -11.88 7.06 -6.29
C MET A 69 -11.89 5.65 -6.88
N GLN A 70 -10.80 5.29 -7.54
CA GLN A 70 -10.68 3.97 -8.16
C GLN A 70 -9.21 3.57 -8.33
N PHE A 71 -9.00 2.42 -8.96
CA PHE A 71 -7.65 1.91 -9.18
C PHE A 71 -7.02 1.51 -7.86
N ASP A 72 -6.59 2.51 -7.08
CA ASP A 72 -5.98 2.23 -5.79
C ASP A 72 -4.73 1.40 -5.95
N THR A 73 -3.77 1.64 -5.07
CA THR A 73 -2.51 0.89 -5.10
C THR A 73 -2.76 -0.62 -4.95
N LYS A 74 -4.03 -1.01 -4.79
CA LYS A 74 -4.38 -2.42 -4.64
C LYS A 74 -3.90 -2.95 -3.29
N VAL A 75 -4.77 -2.88 -2.30
CA VAL A 75 -4.44 -3.35 -0.95
C VAL A 75 -5.02 -4.73 -0.68
N TYR A 76 -5.98 -5.15 -1.51
CA TYR A 76 -6.61 -6.46 -1.35
C TYR A 76 -7.38 -6.54 -0.03
N HIS A 77 -8.00 -5.43 0.34
CA HIS A 77 -8.78 -5.37 1.58
C HIS A 77 -10.28 -5.45 1.29
N PRO A 78 -11.06 -6.06 2.18
CA PRO A 78 -12.51 -6.19 2.02
C PRO A 78 -13.17 -4.88 1.61
N ASN A 79 -12.70 -3.79 2.20
CA ASN A 79 -13.24 -2.47 1.89
C ASN A 79 -12.75 -2.00 0.53
N ILE A 80 -11.50 -2.29 0.23
CA ILE A 80 -10.89 -1.88 -1.04
C ILE A 80 -10.57 -3.09 -1.90
N SER A 81 -11.60 -3.68 -2.49
CA SER A 81 -11.42 -4.85 -3.36
C SER A 81 -12.74 -5.27 -4.00
N SER A 82 -13.06 -4.66 -5.14
CA SER A 82 -14.29 -4.98 -5.85
C SER A 82 -13.98 -5.68 -7.17
N VAL A 83 -13.03 -5.14 -7.92
CA VAL A 83 -12.64 -5.71 -9.20
C VAL A 83 -11.22 -5.29 -9.57
N THR A 84 -10.94 -4.00 -9.45
CA THR A 84 -9.63 -3.45 -9.75
C THR A 84 -9.04 -2.75 -8.53
N GLY A 85 -9.90 -2.12 -7.74
CA GLY A 85 -9.44 -1.42 -6.56
C GLY A 85 -10.32 -0.23 -6.21
N ALA A 86 -11.52 -0.52 -5.72
CA ALA A 86 -12.47 0.54 -5.36
C ALA A 86 -12.87 0.44 -3.89
N ILE A 87 -13.20 1.57 -3.29
CA ILE A 87 -13.60 1.62 -1.88
C ILE A 87 -15.06 1.99 -1.73
N CYS A 88 -15.58 1.82 -0.52
CA CYS A 88 -16.97 2.16 -0.22
C CYS A 88 -17.02 3.17 0.91
N LEU A 89 -17.13 4.44 0.53
CA LEU A 89 -17.17 5.52 1.53
C LEU A 89 -18.29 6.51 1.20
N ASP A 90 -18.22 7.69 1.83
CA ASP A 90 -19.23 8.73 1.61
C ASP A 90 -19.09 9.35 0.22
N ILE A 91 -17.85 9.61 -0.20
CA ILE A 91 -17.60 10.20 -1.49
C ILE A 91 -17.34 9.14 -2.56
N LEU A 92 -18.20 8.13 -2.59
CA LEU A 92 -18.07 7.04 -3.56
C LEU A 92 -19.43 6.63 -4.11
N ARG A 93 -20.39 6.44 -3.21
CA ARG A 93 -21.74 6.05 -3.61
C ARG A 93 -22.79 6.95 -2.98
N ASN A 94 -22.61 7.25 -1.69
CA ASN A 94 -23.56 8.10 -0.97
C ASN A 94 -22.81 9.02 0.00
N ALA A 95 -22.72 10.30 -0.35
CA ALA A 95 -22.05 11.28 0.49
C ALA A 95 -23.02 11.96 1.44
N TRP A 96 -22.70 11.95 2.72
CA TRP A 96 -23.55 12.57 3.73
C TRP A 96 -23.34 14.08 3.77
N SER A 97 -22.10 14.50 3.49
CA SER A 97 -21.77 15.92 3.49
C SER A 97 -21.59 16.44 2.07
N PRO A 98 -22.32 17.50 1.69
CA PRO A 98 -22.23 18.10 0.34
C PRO A 98 -20.81 18.51 -0.02
N VAL A 99 -19.95 18.68 0.99
CA VAL A 99 -18.56 19.08 0.76
C VAL A 99 -17.64 17.86 0.72
N ILE A 100 -17.12 17.47 1.89
CA ILE A 100 -16.22 16.33 1.97
C ILE A 100 -15.05 16.47 1.00
N THR A 101 -14.07 17.28 1.37
CA THR A 101 -12.90 17.51 0.53
C THR A 101 -12.08 16.23 0.37
N LEU A 102 -11.08 16.28 -0.50
CA LEU A 102 -10.22 15.13 -0.74
C LEU A 102 -9.45 14.74 0.52
N LYS A 103 -9.22 15.71 1.40
CA LYS A 103 -8.50 15.46 2.64
C LYS A 103 -9.14 14.32 3.44
N SER A 104 -10.46 14.29 3.44
CA SER A 104 -11.20 13.25 4.17
C SER A 104 -11.18 11.94 3.40
N ALA A 105 -11.24 12.04 2.07
CA ALA A 105 -11.22 10.85 1.22
C ALA A 105 -9.91 10.09 1.34
N LEU A 106 -8.81 10.84 1.41
CA LEU A 106 -7.48 10.24 1.51
C LEU A 106 -7.26 9.65 2.90
N ILE A 107 -7.51 10.46 3.93
CA ILE A 107 -7.34 10.01 5.30
C ILE A 107 -8.33 8.89 5.65
N SER A 108 -9.48 8.92 5.00
CA SER A 108 -10.52 7.91 5.24
C SER A 108 -10.00 6.52 4.91
N LEU A 109 -9.37 6.37 3.75
CA LEU A 109 -8.84 5.09 3.31
C LEU A 109 -7.86 4.53 4.34
N GLN A 110 -7.03 5.41 4.90
CA GLN A 110 -6.04 5.01 5.89
C GLN A 110 -6.73 4.38 7.11
N ALA A 111 -7.75 5.05 7.61
CA ALA A 111 -8.49 4.55 8.77
C ALA A 111 -9.35 3.35 8.39
N LEU A 112 -9.88 3.37 7.17
CA LEU A 112 -10.72 2.29 6.67
C LEU A 112 -9.94 0.97 6.61
N LEU A 113 -8.63 1.08 6.43
CA LEU A 113 -7.77 -0.10 6.35
C LEU A 113 -7.68 -0.80 7.70
N GLN A 114 -7.31 -0.03 8.72
CA GLN A 114 -7.19 -0.57 10.08
C GLN A 114 -8.39 -0.18 10.92
N SER A 115 -9.52 -0.83 10.68
CA SER A 115 -10.75 -0.56 11.40
C SER A 115 -11.76 -1.69 11.24
N PRO A 116 -12.27 -1.91 10.01
CA PRO A 116 -13.24 -2.96 9.74
C PRO A 116 -12.61 -4.35 9.73
N GLU A 117 -13.36 -5.34 9.24
CA GLU A 117 -12.86 -6.70 9.15
C GLU A 117 -13.65 -7.50 8.11
N PRO A 118 -12.99 -8.44 7.43
CA PRO A 118 -13.63 -9.28 6.40
C PRO A 118 -14.91 -9.94 6.92
N ASN A 119 -16.05 -9.32 6.66
CA ASN A 119 -17.33 -9.85 7.09
C ASN A 119 -18.41 -9.61 6.04
N ASP A 120 -18.85 -8.36 5.93
CA ASP A 120 -19.89 -7.99 4.96
C ASP A 120 -19.44 -6.81 4.10
N PRO A 121 -18.28 -6.94 3.43
CA PRO A 121 -17.74 -5.88 2.58
C PRO A 121 -18.43 -5.82 1.22
N GLN A 122 -17.86 -5.05 0.29
CA GLN A 122 -18.42 -4.92 -1.04
C GLN A 122 -18.30 -6.22 -1.82
N ASP A 123 -17.20 -6.92 -1.60
CA ASP A 123 -16.96 -8.20 -2.28
C ASP A 123 -16.96 -9.35 -1.29
N ALA A 124 -18.08 -10.07 -1.22
CA ALA A 124 -18.22 -11.20 -0.31
C ALA A 124 -17.18 -12.27 -0.60
N GLU A 125 -16.76 -12.37 -1.86
CA GLU A 125 -15.77 -13.35 -2.27
C GLU A 125 -14.47 -13.16 -1.50
N VAL A 126 -14.09 -11.91 -1.28
CA VAL A 126 -12.86 -11.59 -0.56
C VAL A 126 -12.98 -11.99 0.91
N ALA A 127 -14.10 -11.63 1.54
CA ALA A 127 -14.33 -11.95 2.93
C ALA A 127 -14.38 -13.45 3.17
N GLN A 128 -14.85 -14.18 2.15
CA GLN A 128 -14.95 -15.63 2.25
C GLN A 128 -13.59 -16.28 2.01
N HIS A 129 -12.85 -15.78 1.04
CA HIS A 129 -11.53 -16.31 0.71
C HIS A 129 -10.55 -16.07 1.86
N TYR A 130 -10.47 -14.83 2.31
CA TYR A 130 -9.57 -14.46 3.40
C TYR A 130 -9.91 -15.25 4.67
N LEU A 131 -11.17 -15.60 4.83
CA LEU A 131 -11.61 -16.36 6.00
C LEU A 131 -10.91 -17.71 6.07
N ARG A 132 -10.71 -18.33 4.92
CA ARG A 132 -10.03 -19.62 4.85
C ARG A 132 -8.53 -19.48 5.10
N ASP A 133 -7.92 -18.51 4.43
CA ASP A 133 -6.49 -18.27 4.58
C ASP A 133 -6.21 -16.79 4.83
N ARG A 134 -6.30 -16.39 6.09
CA ARG A 134 -6.06 -15.00 6.48
C ARG A 134 -4.58 -14.75 6.70
N GLU A 135 -3.97 -15.54 7.58
CA GLU A 135 -2.55 -15.39 7.89
C GLU A 135 -1.70 -15.82 6.70
N SER A 136 -2.21 -16.73 5.90
CA SER A 136 -1.50 -17.24 4.73
C SER A 136 -1.26 -16.12 3.72
N PHE A 137 -2.29 -15.32 3.48
CA PHE A 137 -2.20 -14.21 2.53
C PHE A 137 -1.59 -12.98 3.20
N ASN A 138 -1.91 -12.78 4.46
CA ASN A 138 -1.41 -11.63 5.21
C ASN A 138 0.12 -11.66 5.26
N LYS A 139 0.69 -12.86 5.26
CA LYS A 139 2.14 -13.01 5.31
C LYS A 139 2.80 -12.42 4.07
N THR A 140 2.26 -12.74 2.90
CA THR A 140 2.79 -12.23 1.64
C THR A 140 2.30 -10.82 1.36
N ALA A 141 1.00 -10.60 1.55
CA ALA A 141 0.40 -9.29 1.32
C ALA A 141 1.06 -8.22 2.18
N ALA A 142 1.58 -8.63 3.34
CA ALA A 142 2.23 -7.70 4.26
C ALA A 142 3.63 -7.33 3.76
N LEU A 143 4.33 -8.31 3.19
CA LEU A 143 5.67 -8.09 2.68
C LEU A 143 5.64 -7.36 1.34
N TRP A 144 4.61 -7.64 0.54
CA TRP A 144 4.46 -7.01 -0.76
C TRP A 144 4.09 -5.54 -0.62
N THR A 145 3.36 -5.22 0.44
CA THR A 145 2.93 -3.84 0.69
C THR A 145 4.09 -3.00 1.21
N ARG A 146 4.77 -3.51 2.24
CA ARG A 146 5.89 -2.82 2.84
C ARG A 146 6.98 -2.53 1.82
N LEU A 147 7.06 -3.36 0.79
CA LEU A 147 8.06 -3.19 -0.26
C LEU A 147 7.56 -2.25 -1.35
N TYR A 148 6.36 -2.51 -1.85
CA TYR A 148 5.77 -1.68 -2.89
C TYR A 148 4.43 -2.26 -3.35
N ALA A 149 3.38 -2.00 -2.57
CA ALA A 149 2.05 -2.48 -2.91
C ALA A 149 1.61 -1.96 -4.27
N SER A 150 2.25 -0.88 -4.73
CA SER A 150 1.92 -0.28 -6.02
C SER A 150 1.91 -1.32 -7.13
N GLU A 151 0.79 -1.43 -7.82
CA GLU A 151 0.65 -2.38 -8.91
C GLU A 151 1.22 -1.83 -10.21
N THR A 152 2.52 -1.63 -10.24
CA THR A 152 3.19 -1.09 -11.42
C THR A 152 4.35 -1.99 -11.85
N SER A 153 4.62 -2.02 -13.14
CA SER A 153 5.69 -2.85 -13.69
C SER A 153 6.50 -2.07 -14.73
N ASN A 154 7.65 -2.62 -15.11
CA ASN A 154 8.51 -1.98 -16.10
C ASN A 154 9.69 -2.88 -16.46
N GLY A 155 10.26 -3.52 -15.44
CA GLY A 155 11.40 -4.40 -15.67
C GLY A 155 12.33 -4.47 -14.47
N GLN A 156 11.89 -5.15 -13.42
CA GLN A 156 12.69 -5.28 -12.21
C GLN A 156 13.32 -6.68 -12.13
N LYS A 157 14.57 -6.79 -12.55
CA LYS A 157 15.28 -8.05 -12.53
C LYS A 157 15.84 -8.34 -11.14
N GLY A 158 16.33 -7.30 -10.48
CA GLY A 158 16.89 -7.44 -9.15
C GLY A 158 15.84 -7.33 -8.06
N ASN A 159 15.51 -8.46 -7.44
CA ASN A 159 14.51 -8.47 -6.38
C ASN A 159 15.04 -9.23 -5.15
N VAL A 160 14.19 -9.35 -4.14
CA VAL A 160 14.56 -10.05 -2.91
C VAL A 160 14.84 -11.52 -3.18
N GLU A 161 16.12 -11.90 -3.09
CA GLU A 161 16.51 -13.29 -3.33
C GLU A 161 17.28 -13.84 -2.13
N GLU A 162 16.79 -13.52 -0.93
CA GLU A 162 17.44 -13.99 0.30
C GLU A 162 16.54 -14.99 1.02
N SER A 163 16.53 -16.22 0.53
CA SER A 163 15.72 -17.27 1.14
C SER A 163 16.24 -17.64 2.52
N ASP A 164 15.58 -17.14 3.55
CA ASP A 164 15.96 -17.41 4.93
C ASP A 164 15.11 -18.53 5.53
N LEU A 165 15.71 -19.71 5.65
CA LEU A 165 15.01 -20.86 6.21
C LEU A 165 15.09 -20.86 7.74
N TYR A 166 13.93 -21.01 8.38
CA TYR A 166 13.87 -21.02 9.84
C TYR A 166 13.89 -22.44 10.38
N GLY A 167 14.87 -22.74 11.23
CA GLY A 167 14.99 -24.07 11.80
C GLY A 167 14.33 -24.17 13.16
N ILE A 168 15.10 -23.86 14.21
CA ILE A 168 14.58 -23.90 15.57
C ILE A 168 14.20 -25.33 15.96
N ASP A 169 15.18 -26.10 16.41
CA ASP A 169 14.94 -27.48 16.82
C ASP A 169 16.10 -28.00 17.68
N HIS A 170 17.14 -28.47 17.03
CA HIS A 170 18.30 -28.99 17.73
C HIS A 170 19.28 -27.89 18.11
N ASP A 171 19.20 -26.75 17.43
CA ASP A 171 20.07 -25.62 17.73
C ASP A 171 19.71 -25.01 19.07
N LEU A 172 18.41 -24.74 19.24
CA LEU A 172 17.90 -24.20 20.48
C LEU A 172 18.00 -25.24 21.58
N ILE A 173 17.90 -26.50 21.18
CA ILE A 173 17.96 -27.60 22.09
C ILE A 173 19.39 -27.81 22.61
N ASP A 174 20.35 -27.74 21.70
CA ASP A 174 21.75 -27.92 22.05
C ASP A 174 22.17 -26.96 23.18
N GLU A 175 21.56 -25.78 23.22
CA GLU A 175 21.90 -24.81 24.24
C GLU A 175 21.45 -25.27 25.62
N PHE A 176 20.18 -25.61 25.77
CA PHE A 176 19.65 -26.05 27.05
C PHE A 176 20.11 -27.45 27.39
N GLU A 177 20.31 -28.28 26.36
CA GLU A 177 20.72 -29.65 26.59
C GLU A 177 22.07 -29.71 27.30
N SER A 178 23.05 -28.99 26.76
CA SER A 178 24.40 -28.97 27.33
C SER A 178 24.40 -28.34 28.72
N GLN A 179 23.63 -27.27 28.88
CA GLN A 179 23.55 -26.57 30.17
C GLN A 179 23.36 -27.54 31.31
N GLY A 180 22.52 -28.55 31.10
CA GLY A 180 22.24 -29.54 32.12
C GLY A 180 20.85 -30.10 31.98
N PHE A 181 19.99 -29.32 31.35
CA PHE A 181 18.60 -29.74 31.13
C PHE A 181 18.55 -30.82 30.06
N GLU A 182 17.60 -31.73 30.22
CA GLU A 182 17.43 -32.82 29.26
C GLU A 182 16.53 -32.38 28.12
N LYS A 183 16.64 -33.06 26.98
CA LYS A 183 15.82 -32.74 25.81
C LYS A 183 14.37 -32.48 26.21
N ASP A 184 13.83 -33.36 27.05
CA ASP A 184 12.45 -33.24 27.52
C ASP A 184 12.18 -31.83 28.07
N LYS A 185 13.21 -31.21 28.64
CA LYS A 185 13.06 -29.87 29.20
C LYS A 185 12.85 -28.84 28.09
N ILE A 186 13.74 -28.84 27.11
CA ILE A 186 13.64 -27.90 25.98
C ILE A 186 12.30 -28.03 25.28
N VAL A 187 11.94 -29.26 24.92
CA VAL A 187 10.67 -29.51 24.24
C VAL A 187 9.50 -28.96 25.03
N GLU A 188 9.53 -29.18 26.34
CA GLU A 188 8.45 -28.71 27.22
C GLU A 188 8.33 -27.19 27.21
N VAL A 189 9.46 -26.50 27.17
CA VAL A 189 9.45 -25.03 27.18
C VAL A 189 9.30 -24.46 25.78
N LEU A 190 9.83 -25.17 24.78
CA LEU A 190 9.74 -24.71 23.41
C LEU A 190 8.36 -24.93 22.83
N ARG A 191 7.88 -26.17 22.92
CA ARG A 191 6.56 -26.52 22.39
C ARG A 191 5.46 -25.64 22.98
N ARG A 192 5.46 -25.47 24.30
CA ARG A 192 4.42 -24.66 24.95
C ARG A 192 4.30 -23.30 24.28
N LEU A 193 5.41 -22.58 24.15
CA LEU A 193 5.39 -21.26 23.52
C LEU A 193 5.40 -21.39 22.00
N GLY A 194 6.56 -21.78 21.46
CA GLY A 194 6.69 -21.94 20.03
C GLY A 194 7.46 -20.79 19.39
N VAL A 195 8.20 -20.05 20.20
CA VAL A 195 8.98 -18.93 19.70
C VAL A 195 10.07 -19.40 18.73
N LYS A 196 9.80 -19.26 17.44
CA LYS A 196 10.75 -19.67 16.41
C LYS A 196 11.16 -18.48 15.54
N SER A 197 10.91 -17.27 16.04
CA SER A 197 11.27 -16.06 15.31
C SER A 197 11.83 -15.00 16.25
N LEU A 198 12.52 -15.45 17.30
CA LEU A 198 13.11 -14.55 18.27
C LEU A 198 14.24 -13.74 17.66
N ASP A 199 14.79 -12.81 18.44
CA ASP A 199 15.88 -11.96 17.96
C ASP A 199 17.21 -12.40 18.57
N PRO A 200 18.23 -12.66 17.72
CA PRO A 200 19.55 -13.09 18.19
C PRO A 200 20.20 -12.07 19.12
N ASN A 201 19.91 -10.79 18.87
CA ASN A 201 20.47 -9.71 19.68
C ASN A 201 20.10 -9.86 21.15
N ASP A 202 18.86 -10.26 21.40
CA ASP A 202 18.38 -10.44 22.77
C ASP A 202 17.64 -11.76 22.93
N ASN A 203 18.02 -12.53 23.94
CA ASN A 203 17.39 -13.82 24.20
C ASN A 203 16.33 -13.70 25.29
N ASN A 204 15.45 -12.72 25.16
CA ASN A 204 14.39 -12.49 26.14
C ASN A 204 13.52 -13.73 26.28
N THR A 205 13.42 -14.51 25.22
CA THR A 205 12.62 -15.73 25.22
C THR A 205 13.31 -16.81 26.04
N ALA A 206 14.58 -17.05 25.75
CA ALA A 206 15.35 -18.05 26.46
C ALA A 206 15.32 -17.81 27.96
N ASN A 207 15.43 -16.55 28.36
CA ASN A 207 15.41 -16.20 29.78
C ASN A 207 14.22 -16.87 30.46
N ARG A 208 13.02 -16.59 29.98
CA ARG A 208 11.81 -17.20 30.53
C ARG A 208 11.86 -18.72 30.36
N ILE A 209 12.55 -19.16 29.32
CA ILE A 209 12.69 -20.59 29.02
C ILE A 209 13.52 -21.30 30.09
N ILE A 210 14.75 -20.82 30.29
CA ILE A 210 15.64 -21.41 31.27
C ILE A 210 15.03 -21.39 32.67
N GLU A 211 14.23 -20.36 32.93
CA GLU A 211 13.59 -20.22 34.23
C GLU A 211 12.88 -21.52 34.62
N GLU A 212 11.98 -21.98 33.76
CA GLU A 212 11.25 -23.21 34.01
C GLU A 212 12.09 -24.43 33.64
N LEU A 213 13.02 -24.25 32.70
CA LEU A 213 13.88 -25.33 32.23
C LEU A 213 14.39 -26.17 33.40
N LEU A 214 14.65 -25.53 34.53
CA LEU A 214 15.11 -26.26 35.70
C LEU A 214 13.96 -27.11 36.24
N LYS A 215 13.28 -26.64 37.27
CA LYS A 215 12.17 -27.37 37.87
C LYS A 215 12.63 -28.73 38.39
N SER A 1 -6.36 29.43 -14.56
CA SER A 1 -7.81 29.13 -14.71
C SER A 1 -8.51 29.14 -13.35
N SER A 2 -9.74 29.64 -13.34
CA SER A 2 -10.52 29.70 -12.11
C SER A 2 -10.88 28.30 -11.62
N ARG A 3 -11.44 27.49 -12.52
CA ARG A 3 -11.83 26.12 -12.18
C ARG A 3 -10.62 25.32 -11.70
N ALA A 4 -9.44 25.65 -12.21
CA ALA A 4 -8.22 24.96 -11.83
C ALA A 4 -7.78 25.35 -10.42
N LYS A 5 -7.86 26.64 -10.12
CA LYS A 5 -7.48 27.15 -8.80
C LYS A 5 -8.40 26.61 -7.71
N ARG A 6 -9.65 26.35 -8.08
CA ARG A 6 -10.64 25.83 -7.14
C ARG A 6 -10.17 24.50 -6.54
N ILE A 7 -9.93 23.53 -7.42
CA ILE A 7 -9.49 22.21 -6.98
C ILE A 7 -8.04 22.26 -6.47
N MET A 8 -7.21 23.02 -7.16
CA MET A 8 -5.81 23.16 -6.78
C MET A 8 -5.68 23.75 -5.38
N LYS A 9 -6.66 24.55 -4.99
CA LYS A 9 -6.64 25.18 -3.67
C LYS A 9 -6.59 24.12 -2.56
N GLU A 10 -7.41 23.09 -2.71
CA GLU A 10 -7.45 22.01 -1.72
C GLU A 10 -6.10 21.30 -1.63
N ILE A 11 -5.41 21.21 -2.76
CA ILE A 11 -4.11 20.55 -2.80
C ILE A 11 -3.04 21.41 -2.14
N GLN A 12 -3.15 22.72 -2.31
CA GLN A 12 -2.18 23.65 -1.73
C GLN A 12 -2.13 23.53 -0.22
N ALA A 13 -3.28 23.21 0.39
CA ALA A 13 -3.38 23.07 1.83
C ALA A 13 -2.69 21.79 2.31
N VAL A 14 -2.90 20.70 1.57
CA VAL A 14 -2.31 19.42 1.94
C VAL A 14 -0.85 19.32 1.48
N LYS A 15 -0.52 20.04 0.41
CA LYS A 15 0.83 20.03 -0.12
C LYS A 15 1.75 20.94 0.68
N ASP A 16 1.18 22.00 1.25
CA ASP A 16 1.94 22.94 2.05
C ASP A 16 2.73 22.23 3.15
N ASP A 17 2.32 21.00 3.46
CA ASP A 17 2.99 20.22 4.50
C ASP A 17 3.39 18.84 3.98
N PRO A 18 4.57 18.73 3.35
CA PRO A 18 5.06 17.47 2.81
C PRO A 18 5.68 16.58 3.88
N ALA A 19 4.89 16.27 4.92
CA ALA A 19 5.36 15.42 6.01
C ALA A 19 4.20 14.94 6.87
N ALA A 20 3.81 13.69 6.67
CA ALA A 20 2.71 13.11 7.43
C ALA A 20 1.42 13.92 7.23
N HIS A 21 1.32 14.60 6.09
CA HIS A 21 0.16 15.40 5.79
C HIS A 21 -0.36 15.09 4.39
N ILE A 22 -0.34 13.81 4.02
CA ILE A 22 -0.81 13.37 2.71
C ILE A 22 -0.10 14.14 1.59
N THR A 23 -0.38 13.76 0.35
CA THR A 23 0.21 14.41 -0.80
C THR A 23 -0.65 14.22 -2.05
N LEU A 24 -1.16 15.33 -2.59
CA LEU A 24 -2.01 15.29 -3.77
C LEU A 24 -1.24 15.71 -5.01
N GLU A 25 -0.90 14.74 -5.86
CA GLU A 25 -0.16 15.02 -7.08
C GLU A 25 -1.09 15.00 -8.30
N PHE A 26 -0.66 15.65 -9.37
CA PHE A 26 -1.45 15.70 -10.60
C PHE A 26 -0.73 15.00 -11.74
N VAL A 27 -1.48 14.25 -12.53
CA VAL A 27 -0.91 13.52 -13.67
C VAL A 27 -0.98 14.35 -14.94
N SER A 28 -2.05 15.14 -15.07
CA SER A 28 -2.24 15.99 -16.24
C SER A 28 -1.53 17.34 -16.06
N GLU A 29 -1.64 18.19 -17.07
CA GLU A 29 -1.02 19.51 -17.02
C GLU A 29 -2.03 20.60 -17.35
N SER A 30 -2.20 21.54 -16.42
CA SER A 30 -3.14 22.64 -16.60
C SER A 30 -4.59 22.15 -16.57
N ASP A 31 -4.95 21.34 -17.56
CA ASP A 31 -6.30 20.80 -17.64
C ASP A 31 -6.64 20.00 -16.39
N ILE A 32 -7.32 20.64 -15.45
CA ILE A 32 -7.72 19.98 -14.20
C ILE A 32 -8.85 19.00 -14.44
N HIS A 33 -8.62 17.74 -14.09
CA HIS A 33 -9.63 16.70 -14.27
C HIS A 33 -9.23 15.42 -13.53
N HIS A 34 -8.04 14.93 -13.83
CA HIS A 34 -7.54 13.71 -13.20
C HIS A 34 -6.65 14.05 -12.01
N LEU A 35 -6.90 13.38 -10.87
CA LEU A 35 -6.13 13.62 -9.67
C LEU A 35 -5.65 12.29 -9.07
N LYS A 36 -4.44 12.31 -8.49
CA LYS A 36 -3.87 11.12 -7.88
C LYS A 36 -3.14 11.47 -6.59
N GLY A 37 -3.81 11.30 -5.46
CA GLY A 37 -3.21 11.61 -4.17
C GLY A 37 -2.67 10.39 -3.47
N THR A 38 -1.65 10.59 -2.64
CA THR A 38 -1.04 9.50 -1.90
C THR A 38 -0.93 9.85 -0.41
N PHE A 39 -1.30 8.90 0.44
CA PHE A 39 -1.25 9.11 1.88
C PHE A 39 0.00 8.49 2.49
N LEU A 40 0.76 9.29 3.21
CA LEU A 40 1.99 8.81 3.85
C LEU A 40 1.73 8.40 5.29
N GLY A 41 2.32 7.29 5.71
CA GLY A 41 2.13 6.82 7.07
C GLY A 41 2.66 5.41 7.28
N PRO A 42 3.56 5.20 8.25
CA PRO A 42 4.14 3.90 8.54
C PRO A 42 3.39 3.16 9.65
N PRO A 43 2.59 2.13 9.30
CA PRO A 43 1.83 1.36 10.28
C PRO A 43 2.60 0.17 10.80
N GLY A 44 2.20 -0.33 11.98
CA GLY A 44 2.87 -1.47 12.56
C GLY A 44 2.28 -2.79 12.09
N THR A 45 1.42 -2.73 11.08
CA THR A 45 0.79 -3.93 10.54
C THR A 45 1.56 -4.45 9.32
N PRO A 46 1.21 -5.66 8.85
CA PRO A 46 1.87 -6.27 7.68
C PRO A 46 1.83 -5.37 6.45
N TYR A 47 0.88 -4.44 6.43
CA TYR A 47 0.74 -3.53 5.30
C TYR A 47 2.03 -2.75 5.05
N GLU A 48 2.87 -2.65 6.08
CA GLU A 48 4.14 -1.93 5.98
C GLU A 48 3.90 -0.45 5.78
N GLY A 49 4.96 0.35 5.95
CA GLY A 49 4.84 1.79 5.79
C GLY A 49 5.20 2.25 4.40
N GLY A 50 4.61 3.37 3.98
CA GLY A 50 4.89 3.91 2.65
C GLY A 50 3.78 4.81 2.16
N LYS A 51 3.84 5.17 0.88
CA LYS A 51 2.84 6.04 0.28
C LYS A 51 2.07 5.31 -0.82
N PHE A 52 0.78 5.10 -0.60
CA PHE A 52 -0.06 4.41 -1.57
C PHE A 52 -0.74 5.41 -2.51
N VAL A 53 -0.75 5.09 -3.79
CA VAL A 53 -1.35 5.97 -4.79
C VAL A 53 -2.86 5.71 -4.90
N VAL A 54 -3.62 6.78 -5.09
CA VAL A 54 -5.07 6.67 -5.22
C VAL A 54 -5.57 7.38 -6.47
N ASP A 55 -6.09 6.60 -7.41
CA ASP A 55 -6.61 7.16 -8.66
C ASP A 55 -7.89 7.94 -8.40
N ILE A 56 -7.83 9.25 -8.59
CA ILE A 56 -8.99 10.11 -8.37
C ILE A 56 -9.44 10.78 -9.66
N GLU A 57 -10.74 11.07 -9.74
CA GLU A 57 -11.32 11.72 -10.91
C GLU A 57 -12.30 12.80 -10.48
N VAL A 58 -11.88 14.06 -10.60
CA VAL A 58 -12.72 15.19 -10.21
C VAL A 58 -13.24 15.95 -11.43
N PRO A 59 -14.50 15.71 -11.82
CA PRO A 59 -15.11 16.39 -12.96
C PRO A 59 -15.19 17.90 -12.77
N MET A 60 -16.13 18.53 -13.48
CA MET A 60 -16.30 19.98 -13.37
C MET A 60 -17.51 20.33 -12.51
N GLU A 61 -17.67 19.61 -11.41
CA GLU A 61 -18.79 19.84 -10.51
C GLU A 61 -18.69 18.95 -9.26
N TYR A 62 -18.03 19.46 -8.23
CA TYR A 62 -17.86 18.71 -6.99
C TYR A 62 -19.02 18.93 -6.00
N PRO A 63 -19.68 20.11 -6.01
CA PRO A 63 -20.79 20.39 -5.11
C PRO A 63 -22.12 19.88 -5.62
N PHE A 64 -22.20 18.59 -5.89
CA PHE A 64 -23.43 17.97 -6.40
C PHE A 64 -23.23 16.48 -6.62
N LYS A 65 -22.07 16.12 -7.16
CA LYS A 65 -21.76 14.71 -7.44
C LYS A 65 -20.39 14.34 -6.87
N PRO A 66 -20.32 13.24 -6.10
CA PRO A 66 -19.06 12.79 -5.49
C PRO A 66 -18.07 12.28 -6.55
N PRO A 67 -16.90 12.93 -6.67
CA PRO A 67 -15.87 12.52 -7.65
C PRO A 67 -15.55 11.04 -7.57
N LYS A 68 -15.08 10.48 -8.68
CA LYS A 68 -14.75 9.07 -8.75
C LYS A 68 -13.44 8.79 -8.01
N MET A 69 -13.44 7.76 -7.17
CA MET A 69 -12.26 7.39 -6.41
C MET A 69 -11.92 5.91 -6.61
N GLN A 70 -10.72 5.66 -7.14
CA GLN A 70 -10.28 4.29 -7.39
C GLN A 70 -8.88 4.06 -6.81
N PHE A 71 -8.58 2.80 -6.50
CA PHE A 71 -7.28 2.45 -5.94
C PHE A 71 -6.32 2.01 -7.03
N ASP A 72 -5.21 2.73 -7.15
CA ASP A 72 -4.20 2.41 -8.17
C ASP A 72 -3.19 1.40 -7.62
N THR A 73 -2.95 1.46 -6.31
CA THR A 73 -2.00 0.56 -5.67
C THR A 73 -2.51 -0.87 -5.71
N LYS A 74 -3.82 -1.04 -5.83
CA LYS A 74 -4.43 -2.36 -5.88
C LYS A 74 -4.24 -3.09 -4.56
N VAL A 75 -5.24 -2.98 -3.68
CA VAL A 75 -5.19 -3.63 -2.37
C VAL A 75 -6.15 -4.81 -2.31
N TYR A 76 -6.20 -5.47 -1.16
CA TYR A 76 -7.07 -6.62 -0.97
C TYR A 76 -7.92 -6.45 0.29
N HIS A 77 -8.38 -5.23 0.52
CA HIS A 77 -9.20 -4.94 1.70
C HIS A 77 -10.67 -5.23 1.42
N PRO A 78 -11.40 -5.78 2.40
CA PRO A 78 -12.83 -6.10 2.25
C PRO A 78 -13.62 -4.96 1.61
N ASN A 79 -13.36 -3.74 2.07
CA ASN A 79 -14.05 -2.57 1.55
C ASN A 79 -13.46 -2.14 0.21
N ILE A 80 -12.14 -2.10 0.13
CA ILE A 80 -11.47 -1.71 -1.09
C ILE A 80 -10.97 -2.92 -1.87
N SER A 81 -11.89 -3.56 -2.59
CA SER A 81 -11.55 -4.73 -3.38
C SER A 81 -12.78 -5.24 -4.12
N SER A 82 -12.77 -5.09 -5.45
CA SER A 82 -13.88 -5.54 -6.29
C SER A 82 -13.39 -5.90 -7.68
N VAL A 83 -12.94 -4.90 -8.42
CA VAL A 83 -12.44 -5.11 -9.78
C VAL A 83 -11.11 -4.42 -9.99
N THR A 84 -11.13 -3.09 -9.95
CA THR A 84 -9.91 -2.30 -10.14
C THR A 84 -9.51 -1.60 -8.84
N GLY A 85 -10.50 -1.24 -8.03
CA GLY A 85 -10.23 -0.57 -6.78
C GLY A 85 -11.38 0.30 -6.32
N ALA A 86 -12.52 -0.33 -6.03
CA ALA A 86 -13.70 0.39 -5.57
C ALA A 86 -13.81 0.36 -4.05
N ILE A 87 -14.31 1.45 -3.48
CA ILE A 87 -14.47 1.54 -2.03
C ILE A 87 -15.91 1.88 -1.65
N CYS A 88 -16.23 1.67 -0.38
CA CYS A 88 -17.57 1.97 0.12
C CYS A 88 -17.48 2.97 1.27
N LEU A 89 -17.68 4.24 0.93
CA LEU A 89 -17.61 5.31 1.92
C LEU A 89 -18.74 6.32 1.71
N ASP A 90 -18.88 7.25 2.65
CA ASP A 90 -19.93 8.26 2.58
C ASP A 90 -19.76 9.12 1.33
N ILE A 91 -18.52 9.49 1.03
CA ILE A 91 -18.24 10.32 -0.14
C ILE A 91 -18.37 9.52 -1.44
N LEU A 92 -18.56 8.21 -1.32
CA LEU A 92 -18.70 7.35 -2.49
C LEU A 92 -20.16 6.97 -2.74
N ARG A 93 -20.94 6.95 -1.66
CA ARG A 93 -22.34 6.58 -1.75
C ARG A 93 -23.15 7.17 -0.59
N ASN A 94 -24.19 7.91 -0.92
CA ASN A 94 -25.04 8.53 0.10
C ASN A 94 -24.22 9.47 0.99
N ALA A 95 -23.50 10.38 0.36
CA ALA A 95 -22.67 11.35 1.09
C ALA A 95 -23.54 12.37 1.82
N TRP A 96 -23.27 12.55 3.11
CA TRP A 96 -24.03 13.50 3.92
C TRP A 96 -23.78 14.93 3.44
N SER A 97 -22.55 15.22 3.04
CA SER A 97 -22.19 16.55 2.57
C SER A 97 -21.91 16.53 1.07
N PRO A 98 -22.47 17.50 0.31
CA PRO A 98 -22.27 17.59 -1.14
C PRO A 98 -20.80 17.55 -1.54
N VAL A 99 -19.92 17.92 -0.62
CA VAL A 99 -18.49 17.93 -0.89
C VAL A 99 -17.74 16.98 0.04
N ILE A 100 -17.49 17.43 1.28
CA ILE A 100 -16.78 16.64 2.28
C ILE A 100 -15.26 16.69 2.07
N THR A 101 -14.82 17.29 0.95
CA THR A 101 -13.41 17.41 0.65
C THR A 101 -12.76 16.03 0.52
N LEU A 102 -11.80 15.92 -0.40
CA LEU A 102 -11.10 14.66 -0.63
C LEU A 102 -10.27 14.27 0.60
N LYS A 103 -9.86 15.28 1.38
CA LYS A 103 -9.06 15.04 2.57
C LYS A 103 -9.77 14.09 3.52
N SER A 104 -11.08 14.26 3.64
CA SER A 104 -11.89 13.41 4.53
C SER A 104 -12.02 12.01 3.94
N ALA A 105 -12.08 11.92 2.62
CA ALA A 105 -12.21 10.65 1.93
C ALA A 105 -10.91 9.86 1.99
N LEU A 106 -9.79 10.56 1.84
CA LEU A 106 -8.48 9.92 1.87
C LEU A 106 -8.12 9.47 3.28
N ILE A 107 -8.21 10.40 4.24
CA ILE A 107 -7.90 10.09 5.62
C ILE A 107 -8.72 8.91 6.15
N SER A 108 -9.89 8.71 5.56
CA SER A 108 -10.78 7.62 5.96
C SER A 108 -10.28 6.29 5.41
N LEU A 109 -9.58 6.34 4.28
CA LEU A 109 -9.06 5.13 3.66
C LEU A 109 -7.90 4.55 4.47
N GLN A 110 -6.98 5.43 4.89
CA GLN A 110 -5.82 5.00 5.66
C GLN A 110 -6.25 4.30 6.95
N ALA A 111 -7.28 4.85 7.60
CA ALA A 111 -7.79 4.27 8.84
C ALA A 111 -8.54 2.97 8.56
N LEU A 112 -9.16 2.89 7.39
CA LEU A 112 -9.91 1.70 7.01
C LEU A 112 -8.98 0.52 6.73
N LEU A 113 -7.85 0.81 6.09
CA LEU A 113 -6.88 -0.23 5.76
C LEU A 113 -6.39 -0.94 7.03
N GLN A 114 -6.22 -0.18 8.10
CA GLN A 114 -5.75 -0.74 9.36
C GLN A 114 -6.93 -0.99 10.31
N SER A 115 -7.96 -1.65 9.80
CA SER A 115 -9.15 -1.95 10.59
C SER A 115 -10.07 -2.92 9.84
N PRO A 116 -9.65 -4.18 9.70
CA PRO A 116 -10.45 -5.21 9.01
C PRO A 116 -11.86 -5.32 9.57
N GLU A 117 -12.82 -5.59 8.70
CA GLU A 117 -14.21 -5.72 9.12
C GLU A 117 -14.95 -6.73 8.24
N PRO A 118 -14.61 -8.02 8.36
CA PRO A 118 -15.23 -9.08 7.57
C PRO A 118 -16.66 -9.38 8.03
N ASN A 119 -17.58 -8.48 7.68
CA ASN A 119 -18.98 -8.64 8.06
C ASN A 119 -19.91 -8.12 6.96
N ASP A 120 -19.71 -6.88 6.56
CA ASP A 120 -20.52 -6.26 5.53
C ASP A 120 -19.64 -5.70 4.40
N PRO A 121 -18.77 -6.55 3.84
CA PRO A 121 -17.87 -6.13 2.75
C PRO A 121 -18.59 -5.99 1.42
N GLN A 122 -17.83 -5.87 0.34
CA GLN A 122 -18.40 -5.72 -0.99
C GLN A 122 -18.19 -6.99 -1.81
N ASP A 123 -16.98 -7.54 -1.75
CA ASP A 123 -16.65 -8.76 -2.49
C ASP A 123 -16.63 -9.97 -1.57
N ALA A 124 -17.52 -10.92 -1.84
CA ALA A 124 -17.61 -12.14 -1.04
C ALA A 124 -16.46 -13.09 -1.35
N GLU A 125 -15.92 -12.99 -2.56
CA GLU A 125 -14.82 -13.85 -2.98
C GLU A 125 -13.62 -13.73 -2.04
N VAL A 126 -13.23 -12.49 -1.74
CA VAL A 126 -12.11 -12.24 -0.85
C VAL A 126 -12.48 -12.51 0.61
N ALA A 127 -13.76 -12.30 0.93
CA ALA A 127 -14.25 -12.52 2.28
C ALA A 127 -14.08 -13.98 2.70
N GLN A 128 -14.35 -14.89 1.76
CA GLN A 128 -14.22 -16.32 2.03
C GLN A 128 -12.80 -16.68 2.44
N HIS A 129 -11.83 -16.21 1.66
CA HIS A 129 -10.42 -16.48 1.95
C HIS A 129 -9.98 -15.75 3.22
N TYR A 130 -10.47 -14.53 3.40
CA TYR A 130 -10.12 -13.73 4.56
C TYR A 130 -10.66 -14.37 5.85
N LEU A 131 -11.85 -14.95 5.75
CA LEU A 131 -12.47 -15.60 6.90
C LEU A 131 -11.85 -16.96 7.16
N ARG A 132 -11.47 -17.65 6.09
CA ARG A 132 -10.86 -18.97 6.20
C ARG A 132 -9.42 -18.87 6.71
N ASP A 133 -8.71 -17.85 6.23
CA ASP A 133 -7.32 -17.65 6.62
C ASP A 133 -6.99 -16.16 6.64
N ARG A 134 -6.81 -15.60 7.84
CA ARG A 134 -6.49 -14.19 8.00
C ARG A 134 -4.99 -13.96 7.88
N GLU A 135 -4.21 -14.84 8.53
CA GLU A 135 -2.75 -14.74 8.50
C GLU A 135 -2.21 -14.96 7.10
N SER A 136 -2.95 -15.74 6.31
CA SER A 136 -2.55 -16.03 4.94
C SER A 136 -2.43 -14.75 4.11
N PHE A 137 -3.33 -13.81 4.36
CA PHE A 137 -3.34 -12.54 3.64
C PHE A 137 -2.26 -11.60 4.20
N ASN A 138 -1.98 -11.73 5.49
CA ASN A 138 -0.98 -10.90 6.14
C ASN A 138 0.39 -11.07 5.49
N LYS A 139 0.71 -12.31 5.12
CA LYS A 139 1.98 -12.60 4.48
C LYS A 139 1.99 -12.16 3.02
N THR A 140 0.86 -12.36 2.35
CA THR A 140 0.72 -11.99 0.95
C THR A 140 0.64 -10.48 0.79
N ALA A 141 -0.02 -9.82 1.75
CA ALA A 141 -0.18 -8.38 1.72
C ALA A 141 1.18 -7.67 1.91
N ALA A 142 1.94 -8.14 2.89
CA ALA A 142 3.25 -7.56 3.17
C ALA A 142 4.17 -7.68 1.97
N LEU A 143 4.04 -8.78 1.24
CA LEU A 143 4.87 -9.02 0.06
C LEU A 143 4.38 -8.18 -1.12
N TRP A 144 3.07 -7.95 -1.17
CA TRP A 144 2.47 -7.16 -2.25
C TRP A 144 2.89 -5.70 -2.16
N THR A 145 3.10 -5.22 -0.93
CA THR A 145 3.50 -3.84 -0.70
C THR A 145 4.91 -3.59 -1.23
N ARG A 146 5.84 -4.45 -0.83
CA ARG A 146 7.23 -4.32 -1.25
C ARG A 146 7.35 -4.38 -2.77
N LEU A 147 6.40 -5.07 -3.40
CA LEU A 147 6.40 -5.21 -4.85
C LEU A 147 6.02 -3.91 -5.54
N TYR A 148 4.91 -3.30 -5.09
CA TYR A 148 4.46 -2.06 -5.68
C TYR A 148 3.40 -1.38 -4.79
N ALA A 149 3.88 -0.64 -3.79
CA ALA A 149 2.98 0.07 -2.88
C ALA A 149 3.53 1.45 -2.53
N SER A 150 4.51 1.91 -3.30
CA SER A 150 5.11 3.23 -3.07
C SER A 150 5.02 4.10 -4.31
N GLU A 151 5.58 3.61 -5.41
CA GLU A 151 5.56 4.35 -6.67
C GLU A 151 4.99 3.48 -7.79
N THR A 152 4.44 4.14 -8.82
CA THR A 152 3.86 3.42 -9.95
C THR A 152 4.28 4.07 -11.26
N SER A 153 4.77 3.25 -12.19
CA SER A 153 5.21 3.74 -13.50
C SER A 153 5.04 2.67 -14.56
N ASN A 154 5.55 1.48 -14.27
CA ASN A 154 5.47 0.36 -15.21
C ASN A 154 4.10 -0.31 -15.15
N GLY A 155 3.66 -0.63 -13.92
CA GLY A 155 2.37 -1.26 -13.75
C GLY A 155 2.49 -2.69 -13.26
N GLN A 156 1.37 -3.40 -13.22
CA GLN A 156 1.35 -4.78 -12.77
C GLN A 156 1.16 -5.74 -13.94
N LYS A 157 0.29 -5.34 -14.88
CA LYS A 157 0.02 -6.17 -16.05
C LYS A 157 -0.54 -7.53 -15.65
N GLY A 158 -1.27 -7.55 -14.52
CA GLY A 158 -1.86 -8.79 -14.05
C GLY A 158 -1.06 -9.42 -12.92
N ASN A 159 -0.45 -10.57 -13.19
CA ASN A 159 0.34 -11.25 -12.19
C ASN A 159 1.84 -11.14 -12.49
N VAL A 160 2.65 -11.39 -11.48
CA VAL A 160 4.10 -11.31 -11.64
C VAL A 160 4.70 -12.65 -12.10
N GLU A 161 3.85 -13.66 -12.18
CA GLU A 161 4.28 -14.99 -12.61
C GLU A 161 3.70 -15.34 -13.97
N GLU A 162 4.58 -15.47 -14.97
CA GLU A 162 4.14 -15.79 -16.33
C GLU A 162 5.18 -16.66 -17.03
N SER A 163 4.94 -17.97 -17.03
CA SER A 163 5.85 -18.91 -17.68
C SER A 163 5.25 -19.47 -18.96
N ASP A 164 4.42 -18.66 -19.62
CA ASP A 164 3.78 -19.08 -20.86
C ASP A 164 4.76 -19.01 -22.03
N LEU A 165 4.39 -19.67 -23.13
CA LEU A 165 5.25 -19.68 -24.32
C LEU A 165 4.45 -19.27 -25.56
N TYR A 166 3.51 -20.11 -25.96
CA TYR A 166 2.69 -19.83 -27.14
C TYR A 166 1.28 -20.38 -26.96
N GLY A 167 0.88 -20.60 -25.71
CA GLY A 167 -0.45 -21.13 -25.43
C GLY A 167 -0.62 -22.55 -25.95
N ILE A 168 -1.42 -22.70 -27.00
CA ILE A 168 -1.67 -24.01 -27.59
C ILE A 168 -2.25 -24.97 -26.56
N ASP A 169 -3.56 -25.18 -26.61
CA ASP A 169 -4.23 -26.08 -25.68
C ASP A 169 -5.57 -26.55 -26.23
N HIS A 170 -6.64 -25.85 -25.89
CA HIS A 170 -7.97 -26.22 -26.35
C HIS A 170 -8.29 -25.64 -27.74
N ASP A 171 -7.49 -24.68 -28.18
CA ASP A 171 -7.70 -24.07 -29.50
C ASP A 171 -7.32 -25.05 -30.59
N LEU A 172 -6.12 -25.61 -30.47
CA LEU A 172 -5.64 -26.58 -31.43
C LEU A 172 -6.39 -27.89 -31.24
N ILE A 173 -6.81 -28.13 -30.00
CA ILE A 173 -7.57 -29.30 -29.66
C ILE A 173 -8.98 -29.20 -30.25
N ASP A 174 -9.54 -28.00 -30.18
CA ASP A 174 -10.86 -27.73 -30.71
C ASP A 174 -10.96 -28.14 -32.17
N GLU A 175 -9.86 -28.05 -32.90
CA GLU A 175 -9.83 -28.41 -34.29
C GLU A 175 -10.06 -29.92 -34.47
N PHE A 176 -9.22 -30.72 -33.82
CA PHE A 176 -9.35 -32.18 -33.92
C PHE A 176 -10.57 -32.69 -33.18
N GLU A 177 -10.93 -32.01 -32.10
CA GLU A 177 -12.06 -32.43 -31.30
C GLU A 177 -13.35 -32.44 -32.14
N SER A 178 -13.58 -31.35 -32.86
CA SER A 178 -14.77 -31.21 -33.70
C SER A 178 -14.62 -31.92 -35.04
N GLN A 179 -13.43 -31.80 -35.64
CA GLN A 179 -13.15 -32.42 -36.94
C GLN A 179 -13.72 -33.83 -37.01
N GLY A 180 -13.72 -34.50 -35.87
CA GLY A 180 -14.22 -35.86 -35.80
C GLY A 180 -13.47 -36.67 -34.76
N PHE A 181 -12.26 -36.24 -34.46
CA PHE A 181 -11.42 -36.91 -33.47
C PHE A 181 -11.79 -36.42 -32.06
N GLU A 182 -11.67 -37.31 -31.09
CA GLU A 182 -11.98 -36.98 -29.70
C GLU A 182 -10.76 -36.35 -29.02
N LYS A 183 -11.02 -35.46 -28.06
CA LYS A 183 -9.95 -34.79 -27.33
C LYS A 183 -8.84 -35.76 -26.93
N ASP A 184 -9.24 -36.90 -26.36
CA ASP A 184 -8.28 -37.91 -25.93
C ASP A 184 -7.29 -38.25 -27.04
N LYS A 185 -7.73 -38.12 -28.30
CA LYS A 185 -6.87 -38.41 -29.44
C LYS A 185 -5.77 -37.35 -29.55
N ILE A 186 -6.17 -36.08 -29.49
CA ILE A 186 -5.22 -34.97 -29.59
C ILE A 186 -4.15 -35.08 -28.49
N VAL A 187 -4.60 -35.24 -27.25
CA VAL A 187 -3.67 -35.35 -26.12
C VAL A 187 -2.60 -36.41 -26.36
N GLU A 188 -3.04 -37.61 -26.71
CA GLU A 188 -2.12 -38.73 -26.96
C GLU A 188 -1.02 -38.33 -27.95
N VAL A 189 -1.36 -37.45 -28.89
CA VAL A 189 -0.40 -37.00 -29.90
C VAL A 189 0.41 -35.81 -29.42
N LEU A 190 -0.27 -34.76 -28.98
CA LEU A 190 0.39 -33.55 -28.51
C LEU A 190 1.37 -33.87 -27.37
N ARG A 191 0.86 -34.48 -26.31
CA ARG A 191 1.68 -34.81 -25.15
C ARG A 191 2.89 -35.66 -25.51
N ARG A 192 2.68 -36.74 -26.27
CA ARG A 192 3.78 -37.61 -26.65
C ARG A 192 4.90 -36.84 -27.35
N LEU A 193 4.55 -36.08 -28.39
CA LEU A 193 5.55 -35.30 -29.12
C LEU A 193 6.04 -34.13 -28.27
N GLY A 194 5.11 -33.28 -27.83
CA GLY A 194 5.49 -32.14 -27.02
C GLY A 194 5.20 -30.83 -27.70
N VAL A 195 4.20 -30.82 -28.59
CA VAL A 195 3.83 -29.61 -29.31
C VAL A 195 3.38 -28.52 -28.35
N LYS A 196 3.65 -27.27 -28.72
CA LYS A 196 3.28 -26.13 -27.89
C LYS A 196 3.66 -24.82 -28.57
N SER A 197 3.36 -24.72 -29.86
CA SER A 197 3.67 -23.52 -30.62
C SER A 197 3.02 -23.56 -32.00
N LEU A 198 3.05 -24.74 -32.60
CA LEU A 198 2.46 -24.95 -33.92
C LEU A 198 3.14 -24.07 -34.96
N ASP A 199 3.19 -24.57 -36.19
CA ASP A 199 3.82 -23.84 -37.29
C ASP A 199 2.82 -23.56 -38.41
N PRO A 200 2.08 -22.44 -38.31
CA PRO A 200 1.09 -22.06 -39.31
C PRO A 200 1.64 -22.11 -40.73
N ASN A 201 2.96 -21.95 -40.86
CA ASN A 201 3.60 -21.99 -42.15
C ASN A 201 4.02 -23.40 -42.53
N ASP A 202 4.28 -24.23 -41.52
CA ASP A 202 4.69 -25.61 -41.74
C ASP A 202 3.66 -26.58 -41.17
N ASN A 203 3.03 -27.36 -42.03
CA ASN A 203 2.04 -28.33 -41.61
C ASN A 203 2.64 -29.73 -41.49
N ASN A 204 3.92 -29.78 -41.16
CA ASN A 204 4.62 -31.05 -41.01
C ASN A 204 4.27 -31.72 -39.69
N THR A 205 3.93 -30.90 -38.70
CA THR A 205 3.57 -31.42 -37.38
C THR A 205 2.17 -32.02 -37.40
N ALA A 206 1.21 -31.26 -37.92
CA ALA A 206 -0.18 -31.71 -37.99
C ALA A 206 -0.27 -33.06 -38.71
N ASN A 207 0.41 -33.17 -39.84
CA ASN A 207 0.39 -34.40 -40.62
C ASN A 207 0.65 -35.61 -39.72
N ARG A 208 1.81 -35.63 -39.07
CA ARG A 208 2.17 -36.72 -38.18
C ARG A 208 1.15 -36.85 -37.05
N ILE A 209 0.63 -35.72 -36.59
CA ILE A 209 -0.35 -35.69 -35.51
C ILE A 209 -1.58 -36.52 -35.87
N ILE A 210 -2.22 -36.17 -36.98
CA ILE A 210 -3.41 -36.87 -37.41
C ILE A 210 -3.16 -38.37 -37.48
N GLU A 211 -1.93 -38.73 -37.80
CA GLU A 211 -1.55 -40.13 -37.88
C GLU A 211 -2.02 -40.86 -36.63
N GLU A 212 -1.66 -40.32 -35.47
CA GLU A 212 -2.06 -40.90 -34.20
C GLU A 212 -3.53 -40.60 -33.91
N LEU A 213 -4.00 -39.46 -34.41
CA LEU A 213 -5.40 -39.06 -34.23
C LEU A 213 -6.35 -40.13 -34.75
N LEU A 214 -6.18 -40.50 -36.02
CA LEU A 214 -7.02 -41.52 -36.64
C LEU A 214 -6.45 -42.92 -36.41
N LYS A 215 -5.48 -43.03 -35.52
CA LYS A 215 -4.86 -44.33 -35.22
C LYS A 215 -4.30 -44.97 -36.48
N SER A 1 -6.03 28.61 -14.01
CA SER A 1 -5.94 29.33 -12.72
C SER A 1 -7.32 29.57 -12.12
N SER A 2 -8.18 30.22 -12.88
CA SER A 2 -9.53 30.53 -12.43
C SER A 2 -10.37 29.26 -12.37
N ARG A 3 -10.27 28.44 -13.42
CA ARG A 3 -11.04 27.20 -13.49
C ARG A 3 -10.47 26.16 -12.52
N ALA A 4 -9.15 26.02 -12.53
CA ALA A 4 -8.48 25.07 -11.65
C ALA A 4 -8.60 25.47 -10.19
N LYS A 5 -8.88 26.75 -9.94
CA LYS A 5 -9.02 27.26 -8.58
C LYS A 5 -10.03 26.45 -7.79
N ARG A 6 -10.97 25.82 -8.51
CA ARG A 6 -11.99 25.01 -7.86
C ARG A 6 -11.37 23.90 -7.01
N ILE A 7 -10.49 23.11 -7.62
CA ILE A 7 -9.83 22.02 -6.92
C ILE A 7 -8.53 22.49 -6.28
N MET A 8 -7.86 23.44 -6.94
CA MET A 8 -6.60 23.97 -6.44
C MET A 8 -6.78 24.61 -5.07
N LYS A 9 -7.99 25.10 -4.79
CA LYS A 9 -8.30 25.74 -3.52
C LYS A 9 -8.00 24.79 -2.36
N GLU A 10 -8.41 23.53 -2.51
CA GLU A 10 -8.19 22.53 -1.48
C GLU A 10 -6.72 22.20 -1.34
N ILE A 11 -5.98 22.33 -2.44
CA ILE A 11 -4.55 22.04 -2.44
C ILE A 11 -3.79 23.05 -1.58
N GLN A 12 -4.36 24.23 -1.41
CA GLN A 12 -3.73 25.28 -0.62
C GLN A 12 -3.65 24.87 0.86
N ALA A 13 -4.76 24.34 1.38
CA ALA A 13 -4.81 23.91 2.77
C ALA A 13 -3.79 22.81 3.04
N VAL A 14 -3.84 21.75 2.24
CA VAL A 14 -2.92 20.63 2.39
C VAL A 14 -1.47 21.09 2.27
N LYS A 15 -1.22 21.97 1.31
CA LYS A 15 0.13 22.49 1.08
C LYS A 15 0.55 23.44 2.20
N ASP A 16 -0.42 23.89 3.00
CA ASP A 16 -0.13 24.80 4.10
C ASP A 16 1.00 24.28 4.98
N ASP A 17 2.22 24.70 4.67
CA ASP A 17 3.40 24.29 5.42
C ASP A 17 3.68 22.80 5.20
N PRO A 18 4.93 22.36 5.46
CA PRO A 18 5.33 20.97 5.29
C PRO A 18 4.56 20.03 6.21
N ALA A 19 3.93 20.59 7.25
CA ALA A 19 3.16 19.80 8.19
C ALA A 19 1.93 19.19 7.53
N ALA A 20 2.15 18.17 6.71
CA ALA A 20 1.07 17.49 6.01
C ALA A 20 1.59 16.31 5.21
N HIS A 21 1.11 15.11 5.56
CA HIS A 21 1.53 13.90 4.86
C HIS A 21 0.56 13.53 3.75
N ILE A 22 0.16 14.53 2.97
CA ILE A 22 -0.78 14.31 1.87
C ILE A 22 -0.27 14.96 0.59
N THR A 23 0.01 14.13 -0.42
CA THR A 23 0.50 14.62 -1.70
C THR A 23 -0.52 14.37 -2.81
N LEU A 24 -1.02 15.45 -3.39
CA LEU A 24 -2.01 15.35 -4.46
C LEU A 24 -1.60 16.20 -5.66
N GLU A 25 -1.26 15.53 -6.76
CA GLU A 25 -0.84 16.22 -7.98
C GLU A 25 -1.82 15.93 -9.11
N PHE A 26 -2.02 16.92 -9.98
CA PHE A 26 -2.92 16.78 -11.12
C PHE A 26 -2.14 16.62 -12.42
N VAL A 27 -2.55 15.66 -13.24
CA VAL A 27 -1.89 15.41 -14.51
C VAL A 27 -2.52 16.24 -15.63
N SER A 28 -1.77 16.43 -16.71
CA SER A 28 -2.26 17.21 -17.85
C SER A 28 -2.49 18.67 -17.46
N GLU A 29 -2.80 19.50 -18.45
CA GLU A 29 -3.04 20.92 -18.21
C GLU A 29 -4.31 21.38 -18.93
N SER A 30 -4.47 22.70 -19.05
CA SER A 30 -5.64 23.27 -19.71
C SER A 30 -6.90 23.04 -18.88
N ASP A 31 -7.35 21.79 -18.84
CA ASP A 31 -8.55 21.44 -18.08
C ASP A 31 -8.24 20.36 -17.04
N ILE A 32 -8.61 20.61 -15.79
CA ILE A 32 -8.38 19.67 -14.72
C ILE A 32 -9.52 18.65 -14.61
N HIS A 33 -9.20 17.46 -14.13
CA HIS A 33 -10.21 16.40 -13.98
C HIS A 33 -9.60 15.16 -13.35
N HIS A 34 -8.37 14.83 -13.74
CA HIS A 34 -7.69 13.66 -13.22
C HIS A 34 -6.76 14.04 -12.06
N LEU A 35 -7.02 13.46 -10.89
CA LEU A 35 -6.21 13.73 -9.71
C LEU A 35 -5.66 12.45 -9.11
N LYS A 36 -4.58 12.57 -8.35
CA LYS A 36 -3.96 11.42 -7.71
C LYS A 36 -3.50 11.77 -6.30
N GLY A 37 -4.26 11.32 -5.30
CA GLY A 37 -3.92 11.60 -3.93
C GLY A 37 -3.06 10.51 -3.31
N THR A 38 -1.78 10.82 -3.12
CA THR A 38 -0.85 9.86 -2.54
C THR A 38 -0.51 10.25 -1.10
N PHE A 39 -0.55 9.27 -0.20
CA PHE A 39 -0.25 9.52 1.22
C PHE A 39 0.91 8.65 1.68
N LEU A 40 1.67 9.15 2.66
CA LEU A 40 2.81 8.42 3.19
C LEU A 40 2.60 8.11 4.67
N GLY A 41 2.94 6.89 5.07
CA GLY A 41 2.80 6.48 6.46
C GLY A 41 2.93 4.99 6.64
N PRO A 42 4.11 4.50 7.08
CA PRO A 42 4.34 3.08 7.29
C PRO A 42 4.00 2.62 8.71
N PRO A 43 2.87 1.91 8.89
CA PRO A 43 2.46 1.42 10.20
C PRO A 43 3.21 0.16 10.61
N GLY A 44 3.00 -0.27 11.85
CA GLY A 44 3.66 -1.46 12.35
C GLY A 44 2.83 -2.70 12.07
N THR A 45 1.71 -2.52 11.39
CA THR A 45 0.83 -3.63 11.05
C THR A 45 1.25 -4.28 9.75
N PRO A 46 0.89 -5.56 9.54
CA PRO A 46 1.25 -6.29 8.33
C PRO A 46 0.64 -5.67 7.06
N TYR A 47 -0.30 -4.75 7.26
CA TYR A 47 -0.95 -4.09 6.13
C TYR A 47 -0.31 -2.74 5.83
N GLU A 48 0.99 -2.62 6.12
CA GLU A 48 1.72 -1.37 5.88
C GLU A 48 1.39 -0.79 4.50
N GLY A 49 1.78 0.45 4.29
CA GLY A 49 1.52 1.10 3.02
C GLY A 49 2.73 1.84 2.49
N GLY A 50 3.24 2.79 3.27
CA GLY A 50 4.41 3.55 2.85
C GLY A 50 4.10 4.44 1.66
N LYS A 51 4.31 3.92 0.46
CA LYS A 51 4.05 4.68 -0.77
C LYS A 51 2.78 4.18 -1.45
N PHE A 52 1.69 4.93 -1.28
CA PHE A 52 0.41 4.56 -1.89
C PHE A 52 -0.04 5.61 -2.89
N VAL A 53 -0.37 5.16 -4.10
CA VAL A 53 -0.84 6.06 -5.16
C VAL A 53 -2.31 5.81 -5.47
N VAL A 54 -3.16 6.72 -5.03
CA VAL A 54 -4.60 6.59 -5.28
C VAL A 54 -5.03 7.35 -6.53
N ASP A 55 -5.47 6.62 -7.55
CA ASP A 55 -5.92 7.24 -8.79
C ASP A 55 -7.31 7.85 -8.57
N ILE A 56 -7.36 9.17 -8.57
CA ILE A 56 -8.62 9.88 -8.35
C ILE A 56 -9.21 10.42 -9.64
N GLU A 57 -10.53 10.34 -9.75
CA GLU A 57 -11.24 10.82 -10.91
C GLU A 57 -12.33 11.80 -10.49
N VAL A 58 -12.09 13.08 -10.72
CA VAL A 58 -13.05 14.12 -10.34
C VAL A 58 -13.64 14.82 -11.57
N PRO A 59 -14.81 14.34 -12.05
CA PRO A 59 -15.48 14.91 -13.21
C PRO A 59 -16.12 16.27 -12.90
N MET A 60 -17.12 16.65 -13.69
CA MET A 60 -17.81 17.91 -13.49
C MET A 60 -19.25 17.68 -13.04
N GLU A 61 -19.40 17.21 -11.80
CA GLU A 61 -20.73 16.94 -11.25
C GLU A 61 -21.02 17.87 -10.08
N TYR A 62 -22.11 17.58 -9.35
CA TYR A 62 -22.49 18.38 -8.21
C TYR A 62 -21.89 17.83 -6.91
N PRO A 63 -21.89 18.64 -5.84
CA PRO A 63 -21.34 18.23 -4.54
C PRO A 63 -21.94 16.92 -4.04
N PHE A 64 -23.13 16.60 -4.52
CA PHE A 64 -23.83 15.39 -4.12
C PHE A 64 -22.96 14.16 -4.40
N LYS A 65 -22.09 14.26 -5.40
CA LYS A 65 -21.22 13.15 -5.77
C LYS A 65 -19.75 13.52 -5.52
N PRO A 66 -19.17 13.04 -4.39
CA PRO A 66 -17.78 13.32 -4.05
C PRO A 66 -16.80 12.64 -5.01
N PRO A 67 -15.49 12.95 -4.89
CA PRO A 67 -14.47 12.36 -5.75
C PRO A 67 -14.49 10.83 -5.72
N LYS A 68 -13.77 10.22 -6.65
CA LYS A 68 -13.71 8.76 -6.73
C LYS A 68 -12.29 8.26 -6.56
N MET A 69 -12.09 7.38 -5.58
CA MET A 69 -10.78 6.81 -5.31
C MET A 69 -10.71 5.35 -5.79
N GLN A 70 -9.64 4.99 -6.47
CA GLN A 70 -9.49 3.63 -6.98
C GLN A 70 -8.01 3.28 -7.19
N PHE A 71 -7.75 2.00 -7.46
CA PHE A 71 -6.40 1.51 -7.70
C PHE A 71 -5.55 1.55 -6.43
N ASP A 72 -4.82 2.65 -6.22
CA ASP A 72 -3.96 2.81 -5.05
C ASP A 72 -3.18 1.54 -4.73
N THR A 73 -1.95 1.50 -5.21
CA THR A 73 -1.05 0.36 -5.00
C THR A 73 -1.77 -0.98 -5.20
N LYS A 74 -2.84 -0.98 -5.99
CA LYS A 74 -3.61 -2.20 -6.26
C LYS A 74 -3.66 -3.12 -5.04
N VAL A 75 -4.39 -2.69 -4.01
CA VAL A 75 -4.51 -3.48 -2.78
C VAL A 75 -5.52 -4.62 -2.97
N TYR A 76 -5.49 -5.57 -2.04
CA TYR A 76 -6.40 -6.71 -2.10
C TYR A 76 -7.31 -6.75 -0.88
N HIS A 77 -7.63 -5.57 -0.34
CA HIS A 77 -8.49 -5.46 0.83
C HIS A 77 -9.95 -5.66 0.44
N PRO A 78 -10.74 -6.37 1.28
CA PRO A 78 -12.16 -6.62 1.01
C PRO A 78 -12.90 -5.35 0.63
N ASN A 79 -12.49 -4.23 1.23
CA ASN A 79 -13.13 -2.95 0.94
C ASN A 79 -12.59 -2.34 -0.35
N ILE A 80 -11.27 -2.40 -0.51
CA ILE A 80 -10.62 -1.86 -1.70
C ILE A 80 -10.10 -2.97 -2.59
N SER A 81 -10.91 -3.38 -3.56
CA SER A 81 -10.53 -4.44 -4.49
C SER A 81 -11.42 -4.43 -5.73
N SER A 82 -12.56 -5.12 -5.66
CA SER A 82 -13.49 -5.18 -6.78
C SER A 82 -12.81 -5.72 -8.04
N VAL A 83 -12.16 -4.83 -8.78
CA VAL A 83 -11.46 -5.21 -10.00
C VAL A 83 -10.26 -4.30 -10.25
N THR A 84 -10.50 -3.00 -10.14
CA THR A 84 -9.45 -2.01 -10.35
C THR A 84 -8.91 -1.50 -9.01
N GLY A 85 -9.77 -1.52 -8.00
CA GLY A 85 -9.37 -1.06 -6.68
C GLY A 85 -10.31 -0.01 -6.10
N ALA A 86 -11.61 -0.18 -6.37
CA ALA A 86 -12.61 0.75 -5.87
C ALA A 86 -12.92 0.48 -4.40
N ILE A 87 -13.40 1.51 -3.70
CA ILE A 87 -13.73 1.38 -2.29
C ILE A 87 -15.20 1.70 -2.03
N CYS A 88 -15.68 1.28 -0.87
CA CYS A 88 -17.05 1.54 -0.46
C CYS A 88 -17.06 2.19 0.92
N LEU A 89 -17.15 3.52 0.93
CA LEU A 89 -17.15 4.26 2.17
C LEU A 89 -18.23 5.35 2.16
N ASP A 90 -18.11 6.33 3.04
CA ASP A 90 -19.08 7.41 3.13
C ASP A 90 -18.62 8.61 2.30
N ILE A 91 -17.87 8.35 1.24
CA ILE A 91 -17.37 9.39 0.36
C ILE A 91 -17.30 8.91 -1.08
N LEU A 92 -17.92 7.75 -1.34
CA LEU A 92 -17.92 7.17 -2.67
C LEU A 92 -19.33 6.86 -3.13
N ARG A 93 -19.61 7.17 -4.39
CA ARG A 93 -20.92 6.93 -4.98
C ARG A 93 -21.98 7.84 -4.37
N ASN A 94 -22.42 7.50 -3.15
CA ASN A 94 -23.43 8.29 -2.46
C ASN A 94 -22.81 9.23 -1.44
N ALA A 95 -22.21 8.63 -0.41
CA ALA A 95 -21.58 9.41 0.66
C ALA A 95 -22.61 10.20 1.44
N TRP A 96 -22.31 10.46 2.71
CA TRP A 96 -23.22 11.21 3.57
C TRP A 96 -22.97 12.71 3.46
N SER A 97 -21.94 13.19 4.15
CA SER A 97 -21.59 14.61 4.13
C SER A 97 -21.14 15.04 2.73
N PRO A 98 -21.70 16.15 2.22
CA PRO A 98 -21.35 16.66 0.89
C PRO A 98 -20.11 17.55 0.90
N VAL A 99 -19.50 17.72 2.08
CA VAL A 99 -18.31 18.54 2.21
C VAL A 99 -17.08 17.70 2.57
N ILE A 100 -17.08 16.45 2.12
CA ILE A 100 -15.97 15.54 2.39
C ILE A 100 -14.90 15.67 1.31
N THR A 101 -14.10 16.73 1.39
CA THR A 101 -13.05 16.98 0.41
C THR A 101 -12.09 15.78 0.31
N LEU A 102 -11.12 15.89 -0.59
CA LEU A 102 -10.14 14.83 -0.80
C LEU A 102 -9.38 14.52 0.49
N LYS A 103 -9.25 15.53 1.35
CA LYS A 103 -8.53 15.37 2.61
C LYS A 103 -9.07 14.18 3.41
N SER A 104 -10.38 14.13 3.58
CA SER A 104 -11.01 13.05 4.33
C SER A 104 -11.00 11.75 3.52
N ALA A 105 -11.10 11.88 2.21
CA ALA A 105 -11.10 10.71 1.33
C ALA A 105 -9.78 9.96 1.40
N LEU A 106 -8.68 10.71 1.42
CA LEU A 106 -7.35 10.11 1.47
C LEU A 106 -7.06 9.51 2.85
N ILE A 107 -7.26 10.30 3.89
CA ILE A 107 -7.02 9.84 5.26
C ILE A 107 -7.96 8.70 5.64
N SER A 108 -9.13 8.68 5.01
CA SER A 108 -10.11 7.63 5.28
C SER A 108 -9.56 6.25 4.93
N LEU A 109 -8.89 6.16 3.78
CA LEU A 109 -8.30 4.91 3.32
C LEU A 109 -7.12 4.51 4.19
N GLN A 110 -6.39 5.50 4.67
CA GLN A 110 -5.22 5.26 5.51
C GLN A 110 -5.61 4.61 6.83
N ALA A 111 -6.60 5.20 7.50
CA ALA A 111 -7.08 4.68 8.78
C ALA A 111 -7.79 3.35 8.60
N LEU A 112 -8.42 3.17 7.45
CA LEU A 112 -9.14 1.93 7.16
C LEU A 112 -8.18 0.76 7.03
N LEU A 113 -7.10 0.95 6.28
CA LEU A 113 -6.11 -0.11 6.08
C LEU A 113 -5.54 -0.58 7.42
N GLN A 114 -4.95 0.36 8.17
CA GLN A 114 -4.37 0.03 9.46
C GLN A 114 -5.40 -0.55 10.42
N SER A 115 -6.68 -0.38 10.09
CA SER A 115 -7.76 -0.88 10.92
C SER A 115 -8.60 -1.92 10.18
N PRO A 116 -8.12 -3.18 10.14
CA PRO A 116 -8.83 -4.27 9.46
C PRO A 116 -10.21 -4.53 10.07
N GLU A 117 -11.24 -4.53 9.23
CA GLU A 117 -12.61 -4.75 9.69
C GLU A 117 -13.51 -5.17 8.52
N PRO A 118 -13.52 -6.47 8.18
CA PRO A 118 -14.34 -6.99 7.09
C PRO A 118 -15.83 -7.05 7.45
N ASN A 119 -16.45 -5.88 7.52
CA ASN A 119 -17.87 -5.79 7.87
C ASN A 119 -18.72 -5.63 6.61
N ASP A 120 -18.31 -4.71 5.75
CA ASP A 120 -19.03 -4.45 4.50
C ASP A 120 -18.07 -4.45 3.31
N PRO A 121 -17.68 -5.64 2.83
CA PRO A 121 -16.76 -5.78 1.69
C PRO A 121 -17.46 -5.52 0.36
N GLN A 122 -16.66 -5.37 -0.69
CA GLN A 122 -17.20 -5.12 -2.02
C GLN A 122 -17.35 -6.42 -2.80
N ASP A 123 -16.46 -7.38 -2.53
CA ASP A 123 -16.49 -8.67 -3.21
C ASP A 123 -16.58 -9.80 -2.18
N ALA A 124 -17.66 -10.58 -2.27
CA ALA A 124 -17.87 -11.69 -1.36
C ALA A 124 -16.70 -12.68 -1.41
N GLU A 125 -16.18 -12.90 -2.61
CA GLU A 125 -15.05 -13.81 -2.79
C GLU A 125 -13.85 -13.38 -1.95
N VAL A 126 -13.56 -12.08 -1.95
CA VAL A 126 -12.45 -11.54 -1.19
C VAL A 126 -12.69 -11.69 0.31
N ALA A 127 -13.86 -11.26 0.76
CA ALA A 127 -14.21 -11.33 2.17
C ALA A 127 -14.23 -12.78 2.65
N GLN A 128 -14.79 -13.67 1.84
CA GLN A 128 -14.88 -15.08 2.20
C GLN A 128 -13.50 -15.66 2.44
N HIS A 129 -12.60 -15.47 1.48
CA HIS A 129 -11.23 -15.98 1.59
C HIS A 129 -10.48 -15.27 2.72
N TYR A 130 -10.82 -14.01 2.95
CA TYR A 130 -10.18 -13.22 3.99
C TYR A 130 -10.43 -13.83 5.37
N LEU A 131 -11.70 -13.99 5.71
CA LEU A 131 -12.07 -14.57 7.00
C LEU A 131 -11.62 -16.02 7.10
N ARG A 132 -11.75 -16.75 6.00
CA ARG A 132 -11.36 -18.16 5.97
C ARG A 132 -9.85 -18.30 6.13
N ASP A 133 -9.11 -17.94 5.09
CA ASP A 133 -7.66 -18.03 5.11
C ASP A 133 -7.03 -16.70 5.49
N ARG A 134 -7.24 -16.29 6.75
CA ARG A 134 -6.71 -15.03 7.24
C ARG A 134 -5.21 -15.11 7.44
N GLU A 135 -4.76 -16.15 8.15
CA GLU A 135 -3.34 -16.34 8.41
C GLU A 135 -2.58 -16.62 7.12
N SER A 136 -3.27 -17.20 6.14
CA SER A 136 -2.67 -17.51 4.85
C SER A 136 -2.59 -16.27 3.97
N PHE A 137 -3.61 -15.43 4.05
CA PHE A 137 -3.67 -14.20 3.27
C PHE A 137 -2.79 -13.12 3.88
N ASN A 138 -2.68 -13.14 5.20
CA ASN A 138 -1.87 -12.17 5.92
C ASN A 138 -0.41 -12.21 5.44
N LYS A 139 0.04 -13.40 5.04
CA LYS A 139 1.41 -13.58 4.58
C LYS A 139 1.63 -12.85 3.25
N THR A 140 0.73 -13.08 2.30
CA THR A 140 0.84 -12.43 1.00
C THR A 140 0.52 -10.95 1.08
N ALA A 141 -0.36 -10.59 2.01
CA ALA A 141 -0.75 -9.20 2.21
C ALA A 141 0.46 -8.33 2.54
N ALA A 142 1.30 -8.82 3.44
CA ALA A 142 2.50 -8.08 3.84
C ALA A 142 3.50 -7.99 2.69
N LEU A 143 3.76 -9.12 2.05
CA LEU A 143 4.70 -9.17 0.94
C LEU A 143 4.24 -8.27 -0.20
N TRP A 144 2.92 -8.19 -0.39
CA TRP A 144 2.35 -7.36 -1.44
C TRP A 144 2.83 -5.91 -1.32
N THR A 145 2.73 -5.36 -0.11
CA THR A 145 3.16 -3.99 0.14
C THR A 145 4.67 -3.88 0.17
N ARG A 146 5.33 -4.94 0.63
CA ARG A 146 6.78 -4.97 0.73
C ARG A 146 7.42 -5.00 -0.66
N LEU A 147 6.69 -5.56 -1.63
CA LEU A 147 7.19 -5.65 -3.00
C LEU A 147 6.74 -4.46 -3.85
N TYR A 148 5.44 -4.17 -3.81
CA TYR A 148 4.90 -3.06 -4.58
C TYR A 148 5.29 -1.72 -3.97
N ALA A 149 4.84 -1.48 -2.73
CA ALA A 149 5.15 -0.24 -2.03
C ALA A 149 6.62 -0.17 -1.65
N SER A 150 7.49 -0.10 -2.66
CA SER A 150 8.92 -0.03 -2.43
C SER A 150 9.41 -1.23 -1.61
N GLU A 151 10.73 -1.39 -1.53
CA GLU A 151 11.32 -2.49 -0.79
C GLU A 151 12.68 -2.09 -0.21
N THR A 152 12.85 -2.32 1.09
CA THR A 152 14.11 -1.99 1.75
C THR A 152 14.53 -3.10 2.70
N SER A 153 13.61 -3.52 3.57
CA SER A 153 13.89 -4.59 4.52
C SER A 153 12.69 -5.50 4.69
N ASN A 154 12.92 -6.80 4.60
CA ASN A 154 11.85 -7.78 4.75
C ASN A 154 12.41 -9.20 4.73
N GLY A 155 13.28 -9.48 3.77
CA GLY A 155 13.88 -10.79 3.67
C GLY A 155 13.69 -11.41 2.29
N GLN A 156 14.06 -12.68 2.16
CA GLN A 156 13.93 -13.38 0.88
C GLN A 156 12.96 -14.55 1.01
N LYS A 157 12.68 -15.19 -0.12
CA LYS A 157 11.77 -16.34 -0.14
C LYS A 157 11.83 -17.05 -1.48
N GLY A 158 11.85 -16.28 -2.56
CA GLY A 158 11.90 -16.86 -3.90
C GLY A 158 12.68 -16.00 -4.87
N ASN A 159 12.02 -14.98 -5.41
CA ASN A 159 12.67 -14.08 -6.37
C ASN A 159 13.29 -12.89 -5.65
N VAL A 160 12.70 -12.50 -4.53
CA VAL A 160 13.20 -11.37 -3.75
C VAL A 160 14.60 -11.66 -3.21
N GLU A 161 15.58 -10.92 -3.71
CA GLU A 161 16.97 -11.09 -3.27
C GLU A 161 17.50 -9.83 -2.62
N GLU A 162 18.75 -9.89 -2.15
CA GLU A 162 19.36 -8.74 -1.48
C GLU A 162 18.58 -8.33 -0.25
N SER A 163 18.47 -9.24 0.72
CA SER A 163 17.74 -8.97 1.95
C SER A 163 18.18 -9.93 3.06
N ASP A 164 19.48 -10.08 3.22
CA ASP A 164 20.03 -10.97 4.24
C ASP A 164 20.43 -10.19 5.49
N LEU A 165 19.64 -9.15 5.80
CA LEU A 165 19.91 -8.33 6.98
C LEU A 165 19.01 -8.70 8.14
N TYR A 166 19.48 -9.62 8.98
CA TYR A 166 18.71 -10.07 10.13
C TYR A 166 19.54 -10.04 11.40
N GLY A 167 18.94 -10.42 12.51
CA GLY A 167 19.65 -10.44 13.78
C GLY A 167 18.75 -10.16 14.95
N ILE A 168 17.83 -9.22 14.78
CA ILE A 168 16.90 -8.85 15.85
C ILE A 168 17.64 -8.38 17.09
N ASP A 169 18.30 -7.23 16.97
CA ASP A 169 19.07 -6.67 18.08
C ASP A 169 19.27 -5.17 17.89
N HIS A 170 20.27 -4.82 17.10
CA HIS A 170 20.60 -3.42 16.84
C HIS A 170 19.69 -2.83 15.77
N ASP A 171 19.33 -3.64 14.77
CA ASP A 171 18.45 -3.18 13.69
C ASP A 171 17.09 -2.80 14.26
N LEU A 172 16.57 -3.67 15.12
CA LEU A 172 15.28 -3.42 15.76
C LEU A 172 15.43 -2.29 16.78
N ILE A 173 16.62 -2.19 17.35
CA ILE A 173 16.92 -1.17 18.32
C ILE A 173 16.98 0.19 17.65
N ASP A 174 17.67 0.26 16.52
CA ASP A 174 17.79 1.50 15.76
C ASP A 174 16.43 2.12 15.54
N GLU A 175 15.41 1.26 15.43
CA GLU A 175 14.05 1.74 15.21
C GLU A 175 13.54 2.56 16.39
N PHE A 176 13.59 1.99 17.60
CA PHE A 176 13.12 2.70 18.78
C PHE A 176 14.10 3.79 19.17
N GLU A 177 15.38 3.53 18.95
CA GLU A 177 16.41 4.49 19.31
C GLU A 177 16.11 5.88 18.76
N SER A 178 15.77 5.95 17.48
CA SER A 178 15.49 7.22 16.83
C SER A 178 13.99 7.52 16.80
N GLN A 179 13.17 6.48 16.91
CA GLN A 179 11.72 6.66 16.88
C GLN A 179 11.02 5.88 17.99
N GLY A 180 11.08 6.42 19.21
CA GLY A 180 10.43 5.75 20.33
C GLY A 180 11.20 5.94 21.62
N PHE A 181 12.43 5.45 21.64
CA PHE A 181 13.29 5.56 22.81
C PHE A 181 14.67 4.98 22.55
N GLU A 182 15.69 5.59 23.14
CA GLU A 182 17.07 5.17 22.97
C GLU A 182 17.26 3.65 23.13
N LYS A 183 18.51 3.22 22.96
CA LYS A 183 18.86 1.80 23.06
C LYS A 183 18.55 1.22 24.44
N ASP A 184 18.88 1.96 25.50
CA ASP A 184 18.65 1.49 26.85
C ASP A 184 17.22 1.00 27.04
N LYS A 185 16.26 1.78 26.55
CA LYS A 185 14.86 1.42 26.66
C LYS A 185 14.60 0.08 25.97
N ILE A 186 15.03 -0.02 24.71
CA ILE A 186 14.85 -1.25 23.93
C ILE A 186 15.48 -2.45 24.64
N VAL A 187 16.71 -2.29 25.09
CA VAL A 187 17.42 -3.37 25.79
C VAL A 187 16.57 -3.99 26.89
N GLU A 188 16.11 -3.15 27.81
CA GLU A 188 15.27 -3.63 28.91
C GLU A 188 14.08 -4.44 28.41
N VAL A 189 13.61 -4.11 27.21
CA VAL A 189 12.48 -4.82 26.62
C VAL A 189 12.92 -6.06 25.85
N LEU A 190 14.10 -5.98 25.23
CA LEU A 190 14.61 -7.10 24.46
C LEU A 190 15.16 -8.20 25.37
N ARG A 191 16.10 -7.83 26.23
CA ARG A 191 16.72 -8.79 27.14
C ARG A 191 15.68 -9.47 28.04
N ARG A 192 14.80 -8.68 28.63
CA ARG A 192 13.78 -9.22 29.53
C ARG A 192 13.06 -10.41 28.87
N LEU A 193 12.54 -10.20 27.67
CA LEU A 193 11.84 -11.26 26.96
C LEU A 193 12.82 -12.29 26.41
N GLY A 194 13.85 -11.80 25.72
CA GLY A 194 14.85 -12.69 25.15
C GLY A 194 14.62 -12.93 23.68
N VAL A 195 13.96 -12.00 23.01
CA VAL A 195 13.69 -12.11 21.59
C VAL A 195 14.94 -11.88 20.76
N LYS A 196 15.44 -12.95 20.15
CA LYS A 196 16.64 -12.87 19.32
C LYS A 196 16.56 -13.81 18.12
N SER A 197 15.35 -14.29 17.82
CA SER A 197 15.13 -15.20 16.70
C SER A 197 13.72 -15.76 16.71
N LEU A 198 12.75 -14.94 16.30
CA LEU A 198 11.36 -15.36 16.26
C LEU A 198 10.57 -14.53 15.27
N ASP A 199 9.29 -14.87 15.10
CA ASP A 199 8.42 -14.15 14.18
C ASP A 199 6.97 -14.61 14.31
N PRO A 200 6.40 -14.48 15.54
CA PRO A 200 5.01 -14.89 15.79
C PRO A 200 4.05 -14.29 14.78
N ASN A 201 4.07 -12.96 14.65
CA ASN A 201 3.21 -12.27 13.71
C ASN A 201 3.94 -11.11 13.04
N ASP A 202 5.25 -11.29 12.83
CA ASP A 202 6.08 -10.26 12.20
C ASP A 202 6.28 -9.07 13.14
N ASN A 203 5.19 -8.38 13.47
CA ASN A 203 5.26 -7.22 14.36
C ASN A 203 4.49 -7.48 15.65
N ASN A 204 4.53 -8.73 16.12
CA ASN A 204 3.83 -9.11 17.35
C ASN A 204 4.72 -8.88 18.56
N THR A 205 6.02 -9.10 18.39
CA THR A 205 6.97 -8.90 19.48
C THR A 205 7.13 -7.42 19.78
N ALA A 206 7.39 -6.63 18.75
CA ALA A 206 7.56 -5.19 18.91
C ALA A 206 6.37 -4.57 19.62
N ASN A 207 5.17 -5.05 19.30
CA ASN A 207 3.96 -4.53 19.91
C ASN A 207 4.10 -4.50 21.44
N ARG A 208 4.26 -5.67 22.04
CA ARG A 208 4.42 -5.78 23.49
C ARG A 208 5.65 -5.01 23.96
N ILE A 209 6.64 -4.87 23.07
CA ILE A 209 7.86 -4.16 23.40
C ILE A 209 7.61 -2.67 23.59
N ILE A 210 6.98 -2.04 22.59
CA ILE A 210 6.70 -0.63 22.66
C ILE A 210 5.94 -0.29 23.93
N GLU A 211 5.17 -1.26 24.41
CA GLU A 211 4.40 -1.08 25.63
C GLU A 211 5.34 -0.69 26.77
N GLU A 212 6.40 -1.47 26.92
CA GLU A 212 7.40 -1.22 27.96
C GLU A 212 8.34 -0.09 27.52
N LEU A 213 8.51 0.07 26.21
CA LEU A 213 9.39 1.11 25.66
C LEU A 213 9.04 2.47 26.26
N LEU A 214 7.78 2.87 26.14
CA LEU A 214 7.32 4.15 26.66
C LEU A 214 6.67 3.98 28.04
N LYS A 215 7.28 3.15 28.88
CA LYS A 215 6.76 2.91 30.22
C LYS A 215 7.89 2.93 31.25
N SER A 1 -6.21 29.36 -15.82
CA SER A 1 -5.70 29.09 -14.45
C SER A 1 -6.81 29.15 -13.42
N SER A 2 -7.80 30.01 -13.68
CA SER A 2 -8.93 30.16 -12.77
C SER A 2 -9.71 28.86 -12.65
N ARG A 3 -9.86 28.16 -13.76
CA ARG A 3 -10.58 26.89 -13.78
C ARG A 3 -9.92 25.88 -12.86
N ALA A 4 -8.58 25.84 -12.90
CA ALA A 4 -7.83 24.91 -12.06
C ALA A 4 -7.72 25.42 -10.63
N LYS A 5 -7.85 26.72 -10.45
CA LYS A 5 -7.77 27.33 -9.12
C LYS A 5 -8.76 26.68 -8.16
N ARG A 6 -9.87 26.19 -8.69
CA ARG A 6 -10.89 25.54 -7.88
C ARG A 6 -10.36 24.24 -7.28
N ILE A 7 -9.62 23.47 -8.08
CA ILE A 7 -9.06 22.21 -7.64
C ILE A 7 -7.73 22.42 -6.92
N MET A 8 -6.95 23.38 -7.40
CA MET A 8 -5.65 23.68 -6.80
C MET A 8 -5.81 24.14 -5.36
N LYS A 9 -6.94 24.77 -5.06
CA LYS A 9 -7.22 25.25 -3.72
C LYS A 9 -7.19 24.11 -2.70
N GLU A 10 -7.58 22.93 -3.15
CA GLU A 10 -7.60 21.75 -2.28
C GLU A 10 -6.19 21.20 -2.08
N ILE A 11 -5.35 21.37 -3.09
CA ILE A 11 -3.97 20.89 -3.02
C ILE A 11 -3.16 21.68 -2.00
N GLN A 12 -3.61 22.90 -1.70
CA GLN A 12 -2.91 23.75 -0.74
C GLN A 12 -3.21 23.30 0.68
N ALA A 13 -4.41 22.78 0.91
CA ALA A 13 -4.81 22.32 2.23
C ALA A 13 -4.20 20.95 2.54
N VAL A 14 -4.06 20.12 1.51
CA VAL A 14 -3.49 18.79 1.68
C VAL A 14 -1.97 18.85 1.85
N LYS A 15 -1.35 19.83 1.20
CA LYS A 15 0.09 20.02 1.27
C LYS A 15 0.50 20.76 2.54
N ASP A 16 -0.48 21.39 3.20
CA ASP A 16 -0.21 22.14 4.42
C ASP A 16 0.65 21.35 5.39
N ASP A 17 1.96 21.61 5.35
CA ASP A 17 2.90 20.91 6.22
C ASP A 17 3.03 19.44 5.83
N PRO A 18 4.24 18.86 5.96
CA PRO A 18 4.50 17.47 5.63
C PRO A 18 3.90 16.51 6.65
N ALA A 19 3.80 16.96 7.90
CA ALA A 19 3.26 16.15 8.97
C ALA A 19 1.93 15.52 8.59
N ALA A 20 1.20 16.17 7.69
CA ALA A 20 -0.09 15.67 7.22
C ALA A 20 0.04 14.27 6.63
N HIS A 21 1.10 14.06 5.86
CA HIS A 21 1.35 12.77 5.21
C HIS A 21 0.42 12.55 4.03
N ILE A 22 -0.01 13.64 3.40
CA ILE A 22 -0.90 13.56 2.24
C ILE A 22 -0.55 14.64 1.21
N THR A 23 -0.54 14.25 -0.05
CA THR A 23 -0.22 15.18 -1.14
C THR A 23 -1.10 14.92 -2.35
N LEU A 24 -1.51 15.99 -3.02
CA LEU A 24 -2.35 15.87 -4.21
C LEU A 24 -1.53 16.01 -5.48
N GLU A 25 -1.42 14.92 -6.25
CA GLU A 25 -0.67 14.93 -7.49
C GLU A 25 -1.59 14.83 -8.70
N PHE A 26 -1.06 15.17 -9.87
CA PHE A 26 -1.84 15.12 -11.10
C PHE A 26 -1.26 14.10 -12.07
N VAL A 27 -2.08 13.68 -13.03
CA VAL A 27 -1.64 12.69 -14.02
C VAL A 27 -1.69 13.29 -15.43
N SER A 28 -2.75 14.02 -15.73
CA SER A 28 -2.92 14.63 -17.05
C SER A 28 -3.51 16.03 -16.92
N GLU A 29 -2.77 17.03 -17.38
CA GLU A 29 -3.22 18.42 -17.32
C GLU A 29 -4.08 18.75 -18.55
N SER A 30 -5.34 18.34 -18.51
CA SER A 30 -6.26 18.60 -19.61
C SER A 30 -7.49 19.35 -19.12
N ASP A 31 -8.25 18.72 -18.24
CA ASP A 31 -9.46 19.33 -17.69
C ASP A 31 -9.63 18.99 -16.22
N ILE A 32 -8.50 18.83 -15.52
CA ILE A 32 -8.49 18.51 -14.09
C ILE A 32 -9.61 17.53 -13.72
N HIS A 33 -9.91 16.61 -14.64
CA HIS A 33 -10.94 15.62 -14.41
C HIS A 33 -10.38 14.40 -13.69
N HIS A 34 -9.09 14.14 -13.86
CA HIS A 34 -8.44 13.01 -13.23
C HIS A 34 -7.45 13.47 -12.16
N LEU A 35 -7.52 12.84 -10.99
CA LEU A 35 -6.63 13.18 -9.89
C LEU A 35 -6.16 11.92 -9.17
N LYS A 36 -5.07 12.05 -8.41
CA LYS A 36 -4.52 10.91 -7.68
C LYS A 36 -4.02 11.34 -6.30
N GLY A 37 -4.70 10.87 -5.26
CA GLY A 37 -4.31 11.21 -3.90
C GLY A 37 -3.41 10.15 -3.29
N THR A 38 -2.27 10.59 -2.76
CA THR A 38 -1.32 9.67 -2.15
C THR A 38 -1.07 10.03 -0.68
N PHE A 39 -0.48 9.09 0.06
CA PHE A 39 -0.18 9.31 1.47
C PHE A 39 0.78 8.24 1.99
N LEU A 40 1.91 8.68 2.54
CA LEU A 40 2.91 7.76 3.07
C LEU A 40 2.70 7.51 4.56
N GLY A 41 3.23 6.40 5.04
CA GLY A 41 3.10 6.06 6.45
C GLY A 41 3.91 4.84 6.83
N PRO A 42 4.71 4.91 7.92
CA PRO A 42 5.54 3.80 8.37
C PRO A 42 4.94 3.03 9.55
N PRO A 43 3.86 2.26 9.31
CA PRO A 43 3.21 1.47 10.37
C PRO A 43 4.03 0.25 10.77
N GLY A 44 3.91 -0.14 12.04
CA GLY A 44 4.64 -1.29 12.52
C GLY A 44 4.06 -2.60 12.01
N THR A 45 2.80 -2.55 11.59
CA THR A 45 2.12 -3.73 11.06
C THR A 45 2.79 -4.21 9.78
N PRO A 46 2.65 -5.51 9.45
CA PRO A 46 3.24 -6.11 8.25
C PRO A 46 3.23 -5.17 7.04
N TYR A 47 2.23 -4.29 6.98
CA TYR A 47 2.12 -3.34 5.87
C TYR A 47 3.43 -2.59 5.66
N GLU A 48 4.16 -2.38 6.74
CA GLU A 48 5.44 -1.68 6.68
C GLU A 48 5.27 -0.30 6.06
N GLY A 49 6.37 0.46 6.01
CA GLY A 49 6.33 1.79 5.44
C GLY A 49 6.25 1.78 3.92
N GLY A 50 5.33 2.55 3.38
CA GLY A 50 5.16 2.61 1.93
C GLY A 50 4.16 3.66 1.50
N LYS A 51 4.17 4.00 0.22
CA LYS A 51 3.26 4.99 -0.32
C LYS A 51 2.17 4.35 -1.17
N PHE A 52 0.96 4.89 -1.10
CA PHE A 52 -0.16 4.36 -1.86
C PHE A 52 -0.77 5.45 -2.73
N VAL A 53 -0.91 5.17 -4.02
CA VAL A 53 -1.48 6.13 -4.96
C VAL A 53 -2.93 5.78 -5.30
N VAL A 54 -3.86 6.54 -4.76
CA VAL A 54 -5.28 6.31 -5.01
C VAL A 54 -5.74 7.01 -6.28
N ASP A 55 -6.26 6.23 -7.23
CA ASP A 55 -6.75 6.78 -8.48
C ASP A 55 -8.06 7.50 -8.24
N ILE A 56 -8.03 8.83 -8.35
CA ILE A 56 -9.22 9.64 -8.13
C ILE A 56 -9.83 10.13 -9.43
N GLU A 57 -11.15 10.04 -9.53
CA GLU A 57 -11.88 10.49 -10.70
C GLU A 57 -12.83 11.61 -10.32
N VAL A 58 -12.46 12.84 -10.68
CA VAL A 58 -13.28 14.00 -10.35
C VAL A 58 -14.03 14.51 -11.59
N PRO A 59 -15.29 14.05 -11.78
CA PRO A 59 -16.11 14.47 -12.92
C PRO A 59 -16.57 15.91 -12.80
N MET A 60 -17.51 16.30 -13.67
CA MET A 60 -18.03 17.66 -13.65
C MET A 60 -19.51 17.67 -13.28
N GLU A 61 -19.78 17.75 -11.98
CA GLU A 61 -21.15 17.76 -11.48
C GLU A 61 -21.53 19.16 -10.99
N TYR A 62 -22.83 19.41 -10.90
CA TYR A 62 -23.33 20.70 -10.44
C TYR A 62 -23.68 20.68 -8.95
N PRO A 63 -24.73 19.92 -8.55
CA PRO A 63 -25.15 19.83 -7.15
C PRO A 63 -24.06 19.25 -6.25
N PHE A 64 -23.70 17.99 -6.49
CA PHE A 64 -22.68 17.32 -5.69
C PHE A 64 -21.54 16.81 -6.56
N LYS A 65 -20.33 16.86 -6.03
CA LYS A 65 -19.14 16.40 -6.76
C LYS A 65 -18.25 15.54 -5.86
N PRO A 66 -18.75 14.35 -5.46
CA PRO A 66 -17.99 13.43 -4.59
C PRO A 66 -16.73 12.91 -5.26
N PRO A 67 -15.55 13.12 -4.65
CA PRO A 67 -14.27 12.64 -5.18
C PRO A 67 -14.11 11.14 -5.05
N LYS A 68 -13.93 10.46 -6.18
CA LYS A 68 -13.76 9.01 -6.19
C LYS A 68 -12.36 8.61 -5.75
N MET A 69 -12.25 7.42 -5.16
CA MET A 69 -10.97 6.91 -4.70
C MET A 69 -10.94 5.39 -4.77
N GLN A 70 -9.98 4.83 -5.49
CA GLN A 70 -9.86 3.39 -5.63
C GLN A 70 -8.47 2.99 -6.11
N PHE A 71 -8.21 1.69 -6.17
CA PHE A 71 -6.94 1.15 -6.61
C PHE A 71 -5.84 1.36 -5.57
N ASP A 72 -5.15 2.50 -5.62
CA ASP A 72 -4.09 2.82 -4.68
C ASP A 72 -3.18 1.62 -4.42
N THR A 73 -2.05 1.61 -5.13
CA THR A 73 -1.07 0.54 -5.01
C THR A 73 -1.70 -0.81 -5.37
N LYS A 74 -2.47 -1.37 -4.44
CA LYS A 74 -3.13 -2.65 -4.64
C LYS A 74 -4.13 -2.89 -3.53
N VAL A 75 -3.60 -3.00 -2.30
CA VAL A 75 -4.42 -3.23 -1.10
C VAL A 75 -5.66 -4.08 -1.39
N TYR A 76 -5.55 -5.38 -1.16
CA TYR A 76 -6.67 -6.29 -1.38
C TYR A 76 -7.50 -6.43 -0.10
N HIS A 77 -7.89 -5.31 0.47
CA HIS A 77 -8.69 -5.29 1.69
C HIS A 77 -10.17 -5.49 1.38
N PRO A 78 -10.90 -6.23 2.24
CA PRO A 78 -12.33 -6.48 2.04
C PRO A 78 -13.12 -5.18 1.93
N ASN A 79 -12.73 -4.19 2.72
CA ASN A 79 -13.40 -2.89 2.70
C ASN A 79 -13.21 -2.20 1.36
N ILE A 80 -11.99 -2.23 0.85
CA ILE A 80 -11.68 -1.62 -0.44
C ILE A 80 -11.50 -2.69 -1.52
N SER A 81 -12.48 -2.78 -2.43
CA SER A 81 -12.43 -3.76 -3.51
C SER A 81 -13.77 -3.83 -4.24
N SER A 82 -13.95 -2.96 -5.23
CA SER A 82 -15.18 -2.93 -6.00
C SER A 82 -14.89 -2.77 -7.49
N VAL A 83 -14.46 -1.58 -7.88
CA VAL A 83 -14.15 -1.31 -9.29
C VAL A 83 -13.69 0.13 -9.48
N THR A 84 -14.52 1.08 -9.05
CA THR A 84 -14.18 2.50 -9.20
C THR A 84 -13.97 3.17 -7.85
N GLY A 85 -14.40 2.51 -6.77
CA GLY A 85 -14.24 3.07 -5.44
C GLY A 85 -13.65 2.10 -4.46
N ALA A 86 -14.13 0.87 -4.46
CA ALA A 86 -13.63 -0.15 -3.55
C ALA A 86 -14.06 0.14 -2.11
N ILE A 87 -13.81 1.35 -1.64
CA ILE A 87 -14.18 1.73 -0.27
C ILE A 87 -15.62 2.19 -0.20
N CYS A 88 -16.26 1.97 0.94
CA CYS A 88 -17.64 2.38 1.15
C CYS A 88 -17.69 3.60 2.05
N LEU A 89 -17.79 4.77 1.42
CA LEU A 89 -17.84 6.04 2.15
C LEU A 89 -18.94 6.93 1.59
N ASP A 90 -19.19 8.05 2.27
CA ASP A 90 -20.22 8.99 1.84
C ASP A 90 -20.02 9.40 0.38
N ILE A 91 -18.99 10.20 0.13
CA ILE A 91 -18.71 10.67 -1.23
C ILE A 91 -18.70 9.52 -2.22
N LEU A 92 -18.36 8.32 -1.74
CA LEU A 92 -18.31 7.14 -2.59
C LEU A 92 -19.70 6.73 -3.06
N ARG A 93 -20.64 6.69 -2.13
CA ARG A 93 -22.01 6.30 -2.44
C ARG A 93 -23.00 7.15 -1.65
N ASN A 94 -23.75 7.99 -2.36
CA ASN A 94 -24.74 8.85 -1.73
C ASN A 94 -24.09 9.78 -0.72
N ALA A 95 -23.53 10.88 -1.20
CA ALA A 95 -22.88 11.86 -0.33
C ALA A 95 -23.88 12.46 0.66
N TRP A 96 -23.36 13.00 1.75
CA TRP A 96 -24.20 13.60 2.78
C TRP A 96 -23.54 14.85 3.36
N SER A 97 -22.73 15.52 2.53
CA SER A 97 -22.04 16.73 2.97
C SER A 97 -21.21 17.32 1.82
N PRO A 98 -21.69 18.41 1.20
CA PRO A 98 -20.99 19.06 0.09
C PRO A 98 -19.64 19.64 0.51
N VAL A 99 -19.41 19.72 1.82
CA VAL A 99 -18.15 20.27 2.34
C VAL A 99 -17.04 19.22 2.27
N ILE A 100 -17.41 17.95 2.26
CA ILE A 100 -16.44 16.87 2.20
C ILE A 100 -15.41 17.10 1.08
N THR A 101 -14.19 16.64 1.30
CA THR A 101 -13.13 16.80 0.31
C THR A 101 -12.24 15.55 0.26
N LEU A 102 -11.18 15.62 -0.54
CA LEU A 102 -10.26 14.50 -0.69
C LEU A 102 -9.64 14.13 0.65
N LYS A 103 -9.51 15.11 1.53
CA LYS A 103 -8.92 14.88 2.85
C LYS A 103 -9.69 13.81 3.62
N SER A 104 -11.01 13.97 3.68
CA SER A 104 -11.84 13.01 4.39
C SER A 104 -11.78 11.63 3.74
N ALA A 105 -11.63 11.61 2.42
CA ALA A 105 -11.55 10.35 1.68
C ALA A 105 -10.19 9.69 1.88
N LEU A 106 -9.14 10.49 1.90
CA LEU A 106 -7.78 9.98 2.08
C LEU A 106 -7.58 9.48 3.51
N ILE A 107 -7.99 10.29 4.48
CA ILE A 107 -7.85 9.93 5.89
C ILE A 107 -8.64 8.66 6.22
N SER A 108 -9.71 8.43 5.48
CA SER A 108 -10.55 7.26 5.69
C SER A 108 -9.79 5.98 5.36
N LEU A 109 -9.19 5.94 4.18
CA LEU A 109 -8.43 4.77 3.74
C LEU A 109 -7.29 4.47 4.71
N GLN A 110 -6.72 5.51 5.30
CA GLN A 110 -5.62 5.35 6.25
C GLN A 110 -6.05 4.49 7.44
N ALA A 111 -7.13 4.89 8.09
CA ALA A 111 -7.65 4.17 9.24
C ALA A 111 -8.27 2.84 8.82
N LEU A 112 -8.83 2.81 7.61
CA LEU A 112 -9.46 1.59 7.10
C LEU A 112 -8.44 0.46 6.99
N LEU A 113 -7.29 0.76 6.41
CA LEU A 113 -6.23 -0.24 6.23
C LEU A 113 -5.80 -0.80 7.58
N GLN A 114 -5.79 0.05 8.60
CA GLN A 114 -5.40 -0.37 9.94
C GLN A 114 -6.62 -0.64 10.80
N SER A 115 -7.66 -1.19 10.20
CA SER A 115 -8.89 -1.49 10.91
C SER A 115 -9.65 -2.63 10.22
N PRO A 116 -9.41 -3.89 10.64
CA PRO A 116 -10.08 -5.05 10.06
C PRO A 116 -11.57 -5.08 10.37
N GLU A 117 -12.40 -5.06 9.33
CA GLU A 117 -13.85 -5.09 9.51
C GLU A 117 -14.52 -5.84 8.35
N PRO A 118 -14.54 -7.18 8.41
CA PRO A 118 -15.15 -8.01 7.37
C PRO A 118 -16.64 -8.25 7.61
N ASN A 119 -17.27 -7.33 8.32
CA ASN A 119 -18.70 -7.46 8.63
C ASN A 119 -19.55 -6.95 7.46
N ASP A 120 -19.11 -5.84 6.86
CA ASP A 120 -19.83 -5.25 5.74
C ASP A 120 -18.87 -4.84 4.62
N PRO A 121 -18.23 -5.82 3.96
CA PRO A 121 -17.29 -5.57 2.87
C PRO A 121 -17.97 -5.02 1.63
N GLN A 122 -17.29 -5.13 0.49
CA GLN A 122 -17.83 -4.64 -0.77
C GLN A 122 -18.03 -5.80 -1.75
N ASP A 123 -17.08 -6.74 -1.74
CA ASP A 123 -17.15 -7.90 -2.63
C ASP A 123 -17.01 -9.19 -1.84
N ALA A 124 -17.98 -10.09 -1.98
CA ALA A 124 -17.96 -11.36 -1.27
C ALA A 124 -16.74 -12.18 -1.66
N GLU A 125 -16.40 -12.16 -2.94
CA GLU A 125 -15.25 -12.91 -3.44
C GLU A 125 -13.97 -12.49 -2.72
N VAL A 126 -13.87 -11.21 -2.40
CA VAL A 126 -12.70 -10.68 -1.70
C VAL A 126 -12.79 -10.90 -0.20
N ALA A 127 -13.95 -10.57 0.37
CA ALA A 127 -14.16 -10.73 1.81
C ALA A 127 -13.97 -12.19 2.23
N GLN A 128 -14.73 -13.09 1.60
CA GLN A 128 -14.65 -14.51 1.92
C GLN A 128 -13.22 -15.03 1.79
N HIS A 129 -12.50 -14.52 0.78
CA HIS A 129 -11.12 -14.93 0.55
C HIS A 129 -10.22 -14.51 1.71
N TYR A 130 -10.46 -13.30 2.23
CA TYR A 130 -9.67 -12.78 3.33
C TYR A 130 -10.17 -13.32 4.67
N LEU A 131 -11.47 -13.56 4.76
CA LEU A 131 -12.07 -14.07 5.98
C LEU A 131 -11.62 -15.50 6.25
N ARG A 132 -11.69 -16.34 5.22
CA ARG A 132 -11.29 -17.73 5.35
C ARG A 132 -9.83 -17.86 5.78
N ASP A 133 -8.95 -17.26 4.98
CA ASP A 133 -7.52 -17.30 5.28
C ASP A 133 -6.94 -15.89 5.37
N ARG A 134 -7.05 -15.29 6.55
CA ARG A 134 -6.55 -13.95 6.78
C ARG A 134 -5.06 -13.97 7.13
N GLU A 135 -4.64 -15.04 7.80
CA GLU A 135 -3.23 -15.19 8.19
C GLU A 135 -2.36 -15.54 7.00
N SER A 136 -2.96 -16.21 6.00
CA SER A 136 -2.23 -16.60 4.81
C SER A 136 -2.07 -15.43 3.86
N PHE A 137 -3.12 -14.64 3.72
CA PHE A 137 -3.10 -13.47 2.84
C PHE A 137 -2.24 -12.36 3.43
N ASN A 138 -2.21 -12.28 4.76
CA ASN A 138 -1.43 -11.27 5.45
C ASN A 138 0.05 -11.41 5.12
N LYS A 139 0.55 -12.64 5.11
CA LYS A 139 1.95 -12.90 4.80
C LYS A 139 2.31 -12.42 3.40
N THR A 140 1.36 -12.56 2.47
CA THR A 140 1.58 -12.14 1.09
C THR A 140 1.42 -10.64 0.95
N ALA A 141 0.34 -10.10 1.51
CA ALA A 141 0.06 -8.67 1.44
C ALA A 141 1.23 -7.86 1.99
N ALA A 142 1.78 -8.31 3.11
CA ALA A 142 2.90 -7.63 3.74
C ALA A 142 4.08 -7.49 2.79
N LEU A 143 4.43 -8.59 2.13
CA LEU A 143 5.54 -8.60 1.18
C LEU A 143 5.14 -7.96 -0.13
N TRP A 144 3.89 -8.16 -0.54
CA TRP A 144 3.38 -7.60 -1.79
C TRP A 144 3.43 -6.07 -1.77
N THR A 145 2.93 -5.49 -0.68
CA THR A 145 2.91 -4.03 -0.54
C THR A 145 4.32 -3.49 -0.34
N ARG A 146 5.12 -4.20 0.44
CA ARG A 146 6.49 -3.78 0.72
C ARG A 146 7.26 -3.56 -0.58
N LEU A 147 7.34 -4.60 -1.40
CA LEU A 147 8.05 -4.52 -2.67
C LEU A 147 7.35 -3.55 -3.62
N TYR A 148 6.03 -3.45 -3.50
CA TYR A 148 5.25 -2.55 -4.35
C TYR A 148 4.94 -1.24 -3.63
N ALA A 149 5.80 -0.86 -2.69
CA ALA A 149 5.62 0.37 -1.94
C ALA A 149 6.46 1.50 -2.52
N SER A 150 6.67 1.45 -3.84
CA SER A 150 7.46 2.48 -4.52
C SER A 150 6.70 3.04 -5.73
N GLU A 151 7.34 3.94 -6.46
CA GLU A 151 6.74 4.55 -7.63
C GLU A 151 6.77 3.59 -8.83
N THR A 152 7.93 2.96 -9.04
CA THR A 152 8.11 2.03 -10.14
C THR A 152 9.11 0.95 -9.79
N SER A 153 10.37 1.35 -9.61
CA SER A 153 11.44 0.42 -9.28
C SER A 153 12.49 1.09 -8.42
N ASN A 154 12.40 0.91 -7.11
CA ASN A 154 13.36 1.50 -6.17
C ASN A 154 13.78 0.48 -5.11
N GLY A 155 12.80 -0.21 -4.54
CA GLY A 155 13.09 -1.20 -3.52
C GLY A 155 13.14 -0.60 -2.13
N GLN A 156 13.45 -1.43 -1.14
CA GLN A 156 13.53 -0.98 0.25
C GLN A 156 14.88 -1.34 0.86
N LYS A 157 15.10 -0.92 2.10
CA LYS A 157 16.35 -1.19 2.80
C LYS A 157 16.33 -2.59 3.41
N GLY A 158 17.46 -3.29 3.32
CA GLY A 158 17.55 -4.62 3.88
C GLY A 158 17.36 -5.70 2.82
N ASN A 159 16.44 -5.46 1.89
CA ASN A 159 16.15 -6.41 0.83
C ASN A 159 15.68 -7.74 1.40
N VAL A 160 15.16 -8.61 0.54
CA VAL A 160 14.68 -9.91 0.96
C VAL A 160 15.58 -11.03 0.46
N GLU A 161 16.13 -11.80 1.38
CA GLU A 161 17.02 -12.91 1.03
C GLU A 161 16.69 -14.16 1.85
N GLU A 162 16.26 -15.20 1.16
CA GLU A 162 15.92 -16.46 1.83
C GLU A 162 16.60 -17.64 1.14
N SER A 163 17.83 -17.43 0.68
CA SER A 163 18.58 -18.48 0.01
C SER A 163 20.01 -18.02 -0.28
N ASP A 164 20.57 -17.25 0.64
CA ASP A 164 21.94 -16.75 0.49
C ASP A 164 22.53 -16.38 1.85
N LEU A 165 23.77 -15.90 1.83
CA LEU A 165 24.46 -15.51 3.06
C LEU A 165 23.71 -14.39 3.77
N TYR A 166 23.76 -14.40 5.09
CA TYR A 166 23.07 -13.39 5.89
C TYR A 166 24.02 -12.23 6.22
N GLY A 167 25.25 -12.56 6.61
CA GLY A 167 26.21 -11.53 6.96
C GLY A 167 25.73 -10.62 8.06
N ILE A 168 25.04 -11.21 9.05
CA ILE A 168 24.51 -10.44 10.17
C ILE A 168 25.26 -10.76 11.45
N ASP A 169 25.10 -9.90 12.46
CA ASP A 169 25.77 -10.10 13.74
C ASP A 169 24.77 -10.39 14.85
N HIS A 170 23.60 -9.78 14.75
CA HIS A 170 22.55 -9.95 15.75
C HIS A 170 22.00 -11.37 15.80
N ASP A 171 21.83 -12.00 14.63
CA ASP A 171 21.31 -13.37 14.59
C ASP A 171 22.26 -14.33 15.29
N LEU A 172 23.53 -14.25 14.93
CA LEU A 172 24.56 -15.08 15.55
C LEU A 172 24.76 -14.61 16.98
N ILE A 173 24.53 -13.32 17.21
CA ILE A 173 24.67 -12.72 18.50
C ILE A 173 23.61 -13.29 19.45
N ASP A 174 22.37 -13.30 18.98
CA ASP A 174 21.26 -13.82 19.78
C ASP A 174 21.60 -15.20 20.34
N GLU A 175 22.40 -15.97 19.61
CA GLU A 175 22.80 -17.29 20.06
C GLU A 175 23.60 -17.24 21.35
N PHE A 176 24.67 -16.44 21.36
CA PHE A 176 25.51 -16.31 22.56
C PHE A 176 24.71 -15.76 23.71
N GLU A 177 23.86 -14.77 23.43
CA GLU A 177 23.06 -14.14 24.45
C GLU A 177 22.30 -15.17 25.28
N SER A 178 21.51 -16.00 24.60
CA SER A 178 20.72 -17.03 25.28
C SER A 178 21.61 -17.94 26.12
N GLN A 179 22.72 -18.38 25.55
CA GLN A 179 23.66 -19.25 26.26
C GLN A 179 24.11 -18.61 27.57
N GLY A 180 24.05 -17.29 27.63
CA GLY A 180 24.46 -16.59 28.83
C GLY A 180 25.35 -15.40 28.52
N PHE A 181 25.98 -15.42 27.35
CA PHE A 181 26.87 -14.33 26.94
C PHE A 181 26.09 -13.27 26.17
N GLU A 182 25.60 -12.27 26.88
CA GLU A 182 24.82 -11.19 26.28
C GLU A 182 25.54 -10.57 25.09
N LYS A 183 24.91 -9.57 24.50
CA LYS A 183 25.46 -8.87 23.34
C LYS A 183 26.85 -8.33 23.64
N ASP A 184 27.02 -7.72 24.80
CA ASP A 184 28.30 -7.15 25.20
C ASP A 184 29.43 -8.17 25.05
N LYS A 185 29.15 -9.40 25.43
CA LYS A 185 30.14 -10.47 25.32
C LYS A 185 30.53 -10.67 23.86
N ILE A 186 29.54 -10.88 23.01
CA ILE A 186 29.76 -11.10 21.58
C ILE A 186 30.50 -9.93 20.93
N VAL A 187 30.02 -8.71 21.18
CA VAL A 187 30.62 -7.52 20.58
C VAL A 187 32.14 -7.52 20.74
N GLU A 188 32.61 -7.62 21.99
CA GLU A 188 34.04 -7.64 22.25
C GLU A 188 34.75 -8.69 21.40
N VAL A 189 34.05 -9.79 21.12
CA VAL A 189 34.62 -10.87 20.32
C VAL A 189 34.40 -10.64 18.83
N LEU A 190 33.30 -9.99 18.47
CA LEU A 190 32.98 -9.73 17.08
C LEU A 190 33.83 -8.60 16.51
N ARG A 191 33.77 -7.44 17.15
CA ARG A 191 34.52 -6.27 16.70
C ARG A 191 36.01 -6.58 16.55
N ARG A 192 36.60 -7.19 17.57
CA ARG A 192 38.02 -7.52 17.53
C ARG A 192 38.38 -8.22 16.22
N LEU A 193 37.66 -9.29 15.89
CA LEU A 193 37.91 -10.04 14.66
C LEU A 193 37.35 -9.29 13.46
N GLY A 194 36.02 -9.23 13.37
CA GLY A 194 35.39 -8.55 12.26
C GLY A 194 34.64 -9.50 11.34
N VAL A 195 34.17 -10.60 11.91
CA VAL A 195 33.43 -11.59 11.14
C VAL A 195 31.99 -11.15 10.90
N LYS A 196 31.36 -11.72 9.87
CA LYS A 196 29.98 -11.39 9.54
C LYS A 196 29.11 -12.64 9.53
N SER A 197 29.59 -13.68 8.86
CA SER A 197 28.86 -14.94 8.77
C SER A 197 29.44 -15.97 9.74
N LEU A 198 28.75 -16.19 10.84
CA LEU A 198 29.20 -17.16 11.84
C LEU A 198 28.24 -18.34 11.93
N ASP A 199 28.80 -19.54 11.89
CA ASP A 199 28.00 -20.77 11.97
C ASP A 199 28.40 -21.61 13.18
N PRO A 200 27.77 -21.36 14.35
CA PRO A 200 28.05 -22.10 15.58
C PRO A 200 28.08 -23.61 15.36
N ASN A 201 27.26 -24.06 14.41
CA ASN A 201 27.19 -25.49 14.09
C ASN A 201 28.53 -26.02 13.60
N ASP A 202 29.33 -25.12 13.01
CA ASP A 202 30.65 -25.50 12.51
C ASP A 202 31.43 -24.28 12.05
N ASN A 203 32.36 -23.83 12.88
CA ASN A 203 33.18 -22.67 12.56
C ASN A 203 34.37 -22.55 13.52
N ASN A 204 35.57 -22.62 12.97
CA ASN A 204 36.79 -22.51 13.78
C ASN A 204 36.82 -21.19 14.52
N THR A 205 36.19 -20.17 13.95
CA THR A 205 36.14 -18.85 14.57
C THR A 205 35.28 -18.88 15.82
N ALA A 206 34.17 -19.61 15.75
CA ALA A 206 33.25 -19.71 16.88
C ALA A 206 33.97 -20.14 18.15
N ASN A 207 34.67 -21.28 18.09
CA ASN A 207 35.40 -21.78 19.25
C ASN A 207 36.23 -20.68 19.88
N ARG A 208 36.95 -19.94 19.05
CA ARG A 208 37.77 -18.83 19.54
C ARG A 208 36.88 -17.74 20.13
N ILE A 209 35.70 -17.57 19.55
CA ILE A 209 34.75 -16.56 20.02
C ILE A 209 34.20 -16.93 21.38
N ILE A 210 33.59 -18.11 21.47
CA ILE A 210 33.01 -18.57 22.71
C ILE A 210 34.06 -18.62 23.82
N GLU A 211 35.30 -18.87 23.42
CA GLU A 211 36.40 -18.92 24.37
C GLU A 211 36.38 -17.67 25.24
N GLU A 212 36.34 -16.51 24.59
CA GLU A 212 36.29 -15.24 25.31
C GLU A 212 34.90 -15.00 25.90
N LEU A 213 33.88 -15.57 25.26
CA LEU A 213 32.50 -15.41 25.71
C LEU A 213 32.35 -15.93 27.14
N LEU A 214 32.81 -17.14 27.38
CA LEU A 214 32.72 -17.78 28.70
C LEU A 214 33.71 -17.19 29.71
N LYS A 215 34.29 -16.03 29.40
CA LYS A 215 35.24 -15.40 30.32
C LYS A 215 35.20 -13.88 30.17
N SER A 1 -12.77 29.77 -13.38
CA SER A 1 -11.51 29.74 -12.60
C SER A 1 -11.77 29.39 -11.14
N SER A 2 -12.86 29.92 -10.59
CA SER A 2 -13.23 29.66 -9.21
C SER A 2 -13.46 28.16 -8.98
N ARG A 3 -13.97 27.49 -10.01
CA ARG A 3 -14.25 26.06 -9.92
C ARG A 3 -12.96 25.26 -9.89
N ALA A 4 -12.04 25.59 -10.80
CA ALA A 4 -10.76 24.90 -10.87
C ALA A 4 -9.91 25.19 -9.65
N LYS A 5 -9.94 26.44 -9.19
CA LYS A 5 -9.17 26.85 -8.02
C LYS A 5 -9.57 26.03 -6.80
N ARG A 6 -10.81 25.57 -6.78
CA ARG A 6 -11.31 24.78 -5.66
C ARG A 6 -10.45 23.55 -5.42
N ILE A 7 -9.89 23.00 -6.49
CA ILE A 7 -9.05 21.82 -6.39
C ILE A 7 -7.59 22.21 -6.19
N MET A 8 -7.20 23.35 -6.75
CA MET A 8 -5.83 23.84 -6.62
C MET A 8 -5.57 24.36 -5.21
N LYS A 9 -6.57 24.99 -4.63
CA LYS A 9 -6.44 25.53 -3.28
C LYS A 9 -6.15 24.43 -2.27
N GLU A 10 -6.71 23.25 -2.51
CA GLU A 10 -6.51 22.11 -1.63
C GLU A 10 -5.06 21.63 -1.67
N ILE A 11 -4.50 21.59 -2.88
CA ILE A 11 -3.12 21.14 -3.06
C ILE A 11 -2.14 22.12 -2.41
N GLN A 12 -2.52 23.39 -2.37
CA GLN A 12 -1.67 24.41 -1.78
C GLN A 12 -1.75 24.38 -0.25
N ALA A 13 -2.95 24.17 0.26
CA ALA A 13 -3.17 24.12 1.71
C ALA A 13 -2.74 22.76 2.28
N VAL A 14 -3.11 21.70 1.59
CA VAL A 14 -2.76 20.35 2.02
C VAL A 14 -1.25 20.19 2.16
N LYS A 15 -0.50 20.92 1.35
CA LYS A 15 0.96 20.85 1.38
C LYS A 15 1.52 21.70 2.53
N ASP A 16 0.76 22.72 2.92
CA ASP A 16 1.19 23.60 4.00
C ASP A 16 0.80 23.03 5.37
N ASP A 17 0.63 21.71 5.43
CA ASP A 17 0.24 21.06 6.68
C ASP A 17 1.43 20.33 7.29
N PRO A 18 2.20 21.03 8.15
CA PRO A 18 3.37 20.45 8.82
C PRO A 18 3.00 19.40 9.85
N ALA A 19 2.43 18.29 9.37
CA ALA A 19 2.01 17.21 10.26
C ALA A 19 1.51 16.01 9.46
N ALA A 20 0.63 16.27 8.50
CA ALA A 20 0.07 15.21 7.67
C ALA A 20 1.07 14.78 6.60
N HIS A 21 1.80 15.75 6.06
CA HIS A 21 2.79 15.48 5.02
C HIS A 21 2.12 14.84 3.80
N ILE A 22 1.00 15.40 3.38
CA ILE A 22 0.26 14.88 2.23
C ILE A 22 0.84 15.43 0.92
N THR A 23 0.55 14.74 -0.17
CA THR A 23 1.03 15.15 -1.48
C THR A 23 -0.03 14.91 -2.55
N LEU A 24 -0.48 15.99 -3.17
CA LEU A 24 -1.50 15.91 -4.21
C LEU A 24 -0.90 16.12 -5.59
N GLU A 25 -0.74 15.03 -6.35
CA GLU A 25 -0.16 15.10 -7.68
C GLU A 25 -1.27 15.17 -8.75
N PHE A 26 -1.43 16.35 -9.34
CA PHE A 26 -2.44 16.55 -10.37
C PHE A 26 -1.84 16.42 -11.76
N VAL A 27 -2.48 15.62 -12.60
CA VAL A 27 -2.00 15.40 -13.96
C VAL A 27 -2.98 15.99 -14.98
N SER A 28 -2.57 17.08 -15.63
CA SER A 28 -3.42 17.73 -16.62
C SER A 28 -2.68 18.90 -17.27
N GLU A 29 -2.28 19.86 -16.45
CA GLU A 29 -1.57 21.04 -16.95
C GLU A 29 -2.45 21.83 -17.92
N SER A 30 -3.04 22.90 -17.44
CA SER A 30 -3.90 23.75 -18.27
C SER A 30 -5.10 22.95 -18.79
N ASP A 31 -5.48 21.92 -18.05
CA ASP A 31 -6.61 21.07 -18.43
C ASP A 31 -6.97 20.11 -17.30
N ILE A 32 -7.15 20.66 -16.11
CA ILE A 32 -7.50 19.85 -14.93
C ILE A 32 -8.62 18.86 -15.25
N HIS A 33 -8.47 17.64 -14.74
CA HIS A 33 -9.47 16.59 -14.97
C HIS A 33 -9.10 15.33 -14.20
N HIS A 34 -7.86 14.88 -14.38
CA HIS A 34 -7.38 13.68 -13.71
C HIS A 34 -6.49 14.04 -12.53
N LEU A 35 -6.93 13.70 -11.32
CA LEU A 35 -6.16 14.00 -10.12
C LEU A 35 -5.61 12.72 -9.49
N LYS A 36 -4.51 12.86 -8.77
CA LYS A 36 -3.88 11.72 -8.11
C LYS A 36 -3.37 12.12 -6.73
N GLY A 37 -4.16 11.84 -5.71
CA GLY A 37 -3.77 12.17 -4.34
C GLY A 37 -3.02 11.05 -3.67
N THR A 38 -1.96 11.41 -2.94
CA THR A 38 -1.15 10.42 -2.22
C THR A 38 -1.20 10.68 -0.72
N PHE A 39 -1.12 9.61 0.06
CA PHE A 39 -1.15 9.71 1.51
C PHE A 39 -0.04 8.88 2.15
N LEU A 40 0.64 9.47 3.13
CA LEU A 40 1.73 8.79 3.81
C LEU A 40 1.28 8.33 5.20
N GLY A 41 1.77 7.16 5.61
CA GLY A 41 1.42 6.63 6.91
C GLY A 41 1.81 5.17 7.08
N PRO A 42 2.67 4.86 8.06
CA PRO A 42 3.13 3.50 8.31
C PRO A 42 2.31 2.78 9.39
N PRO A 43 1.39 1.89 8.97
CA PRO A 43 0.54 1.13 9.89
C PRO A 43 1.21 -0.13 10.40
N GLY A 44 0.75 -0.63 11.54
CA GLY A 44 1.33 -1.83 12.11
C GLY A 44 0.55 -3.07 11.72
N THR A 45 -0.35 -2.94 10.75
CA THR A 45 -1.15 -4.06 10.29
C THR A 45 -0.72 -4.53 8.90
N PRO A 46 -0.56 -5.85 8.70
CA PRO A 46 -0.15 -6.40 7.40
C PRO A 46 -1.17 -6.15 6.30
N TYR A 47 -1.30 -4.89 5.90
CA TYR A 47 -2.23 -4.51 4.85
C TYR A 47 -1.75 -3.28 4.10
N GLU A 48 -1.33 -2.26 4.85
CA GLU A 48 -0.83 -1.03 4.27
C GLU A 48 0.49 -0.64 4.93
N GLY A 49 1.35 0.05 4.17
CA GLY A 49 2.63 0.46 4.70
C GLY A 49 3.46 1.25 3.70
N GLY A 50 3.51 2.56 3.89
CA GLY A 50 4.28 3.40 3.00
C GLY A 50 3.43 4.46 2.32
N LYS A 51 3.78 4.79 1.08
CA LYS A 51 3.05 5.78 0.31
C LYS A 51 2.25 5.12 -0.80
N PHE A 52 0.94 5.12 -0.66
CA PHE A 52 0.05 4.51 -1.66
C PHE A 52 -0.53 5.58 -2.58
N VAL A 53 -0.72 5.22 -3.85
CA VAL A 53 -1.26 6.14 -4.83
C VAL A 53 -2.76 5.92 -5.01
N VAL A 54 -3.50 7.02 -5.16
CA VAL A 54 -4.94 6.96 -5.34
C VAL A 54 -5.37 7.64 -6.64
N ASP A 55 -5.81 6.84 -7.61
CA ASP A 55 -6.26 7.38 -8.88
C ASP A 55 -7.57 8.13 -8.72
N ILE A 56 -7.58 9.41 -9.09
CA ILE A 56 -8.77 10.23 -8.96
C ILE A 56 -9.14 10.90 -10.29
N GLU A 57 -10.43 10.96 -10.56
CA GLU A 57 -10.92 11.59 -11.79
C GLU A 57 -12.00 12.62 -11.45
N VAL A 58 -11.63 13.90 -11.51
CA VAL A 58 -12.57 14.97 -11.20
C VAL A 58 -13.01 15.71 -12.46
N PRO A 59 -14.15 15.31 -13.05
CA PRO A 59 -14.69 15.94 -14.25
C PRO A 59 -15.36 17.28 -13.97
N MET A 60 -15.42 17.66 -12.69
CA MET A 60 -16.03 18.92 -12.29
C MET A 60 -17.53 18.91 -12.55
N GLU A 61 -18.31 19.10 -11.49
CA GLU A 61 -19.76 19.11 -11.61
C GLU A 61 -20.41 19.73 -10.37
N TYR A 62 -21.72 19.62 -10.27
CA TYR A 62 -22.46 20.18 -9.13
C TYR A 62 -21.96 19.58 -7.82
N PRO A 63 -22.14 20.32 -6.71
CA PRO A 63 -21.70 19.87 -5.38
C PRO A 63 -22.27 18.50 -5.01
N PHE A 64 -23.39 18.14 -5.65
CA PHE A 64 -24.03 16.86 -5.39
C PHE A 64 -23.61 15.81 -6.42
N LYS A 65 -22.41 15.95 -6.95
CA LYS A 65 -21.90 15.02 -7.94
C LYS A 65 -20.62 14.33 -7.45
N PRO A 66 -20.78 13.23 -6.70
CA PRO A 66 -19.64 12.48 -6.16
C PRO A 66 -18.65 12.06 -7.25
N PRO A 67 -17.33 12.32 -7.05
CA PRO A 67 -16.31 11.98 -8.02
C PRO A 67 -16.03 10.48 -8.06
N LYS A 68 -15.14 10.07 -8.96
CA LYS A 68 -14.79 8.66 -9.10
C LYS A 68 -13.36 8.40 -8.61
N MET A 69 -13.24 7.81 -7.43
CA MET A 69 -11.94 7.52 -6.84
C MET A 69 -11.49 6.10 -7.20
N GLN A 70 -10.20 5.83 -7.01
CA GLN A 70 -9.65 4.52 -7.31
C GLN A 70 -8.32 4.31 -6.58
N PHE A 71 -7.69 3.17 -6.82
CA PHE A 71 -6.41 2.86 -6.19
C PHE A 71 -5.40 2.38 -7.23
N ASP A 72 -4.26 3.07 -7.30
CA ASP A 72 -3.21 2.72 -8.24
C ASP A 72 -2.35 1.58 -7.70
N THR A 73 -1.82 1.77 -6.50
CA THR A 73 -0.97 0.76 -5.87
C THR A 73 -1.75 -0.53 -5.64
N LYS A 74 -3.07 -0.42 -5.56
CA LYS A 74 -3.93 -1.58 -5.34
C LYS A 74 -3.65 -2.21 -3.99
N VAL A 75 -4.72 -2.57 -3.27
CA VAL A 75 -4.59 -3.18 -1.95
C VAL A 75 -5.49 -4.40 -1.84
N TYR A 76 -5.06 -5.38 -1.04
CA TYR A 76 -5.83 -6.60 -0.84
C TYR A 76 -6.80 -6.44 0.32
N HIS A 77 -7.64 -5.40 0.27
CA HIS A 77 -8.61 -5.14 1.31
C HIS A 77 -10.04 -5.38 0.81
N PRO A 78 -10.87 -6.09 1.60
CA PRO A 78 -12.25 -6.38 1.22
C PRO A 78 -13.00 -5.13 0.75
N ASN A 79 -12.73 -4.01 1.40
CA ASN A 79 -13.37 -2.75 1.04
C ASN A 79 -12.81 -2.19 -0.26
N ILE A 80 -11.49 -2.10 -0.33
CA ILE A 80 -10.83 -1.58 -1.52
C ILE A 80 -10.28 -2.71 -2.38
N SER A 81 -11.07 -3.11 -3.39
CA SER A 81 -10.68 -4.17 -4.30
C SER A 81 -11.73 -4.37 -5.39
N SER A 82 -12.81 -5.05 -5.04
CA SER A 82 -13.90 -5.31 -5.98
C SER A 82 -13.39 -5.96 -7.26
N VAL A 83 -12.96 -5.14 -8.22
CA VAL A 83 -12.44 -5.65 -9.49
C VAL A 83 -11.14 -4.96 -9.86
N THR A 84 -11.12 -3.64 -9.74
CA THR A 84 -9.92 -2.85 -10.07
C THR A 84 -9.72 -1.74 -9.06
N GLY A 85 -10.13 -1.97 -7.82
CA GLY A 85 -9.97 -0.97 -6.77
C GLY A 85 -11.20 -0.10 -6.63
N ALA A 86 -12.13 -0.53 -5.77
CA ALA A 86 -13.36 0.22 -5.54
C ALA A 86 -13.65 0.35 -4.04
N ILE A 87 -13.66 1.59 -3.56
CA ILE A 87 -13.92 1.85 -2.16
C ILE A 87 -15.32 2.41 -1.95
N CYS A 88 -15.80 2.33 -0.72
CA CYS A 88 -17.12 2.85 -0.36
C CYS A 88 -17.01 3.80 0.82
N LEU A 89 -16.93 5.09 0.53
CA LEU A 89 -16.82 6.10 1.58
C LEU A 89 -17.74 7.28 1.32
N ASP A 90 -18.92 7.24 1.94
CA ASP A 90 -19.91 8.31 1.81
C ASP A 90 -20.19 8.65 0.34
N ILE A 91 -19.42 9.59 -0.22
CA ILE A 91 -19.61 10.00 -1.61
C ILE A 91 -19.06 8.96 -2.58
N LEU A 92 -19.64 7.77 -2.53
CA LEU A 92 -19.24 6.69 -3.41
C LEU A 92 -20.40 5.73 -3.64
N ARG A 93 -21.49 6.27 -4.15
CA ARG A 93 -22.71 5.51 -4.44
C ARG A 93 -23.60 5.44 -3.20
N ASN A 94 -23.86 6.60 -2.61
CA ASN A 94 -24.69 6.71 -1.42
C ASN A 94 -24.74 8.15 -0.92
N ALA A 95 -23.58 8.65 -0.50
CA ALA A 95 -23.46 10.02 -0.02
C ALA A 95 -24.32 10.25 1.22
N TRP A 96 -23.78 11.00 2.17
CA TRP A 96 -24.49 11.30 3.41
C TRP A 96 -23.93 12.57 4.05
N SER A 97 -23.36 13.45 3.23
CA SER A 97 -22.78 14.70 3.72
C SER A 97 -22.15 15.49 2.57
N PRO A 98 -22.81 16.57 2.12
CA PRO A 98 -22.30 17.40 1.02
C PRO A 98 -20.85 17.85 1.24
N VAL A 99 -20.43 17.87 2.51
CA VAL A 99 -19.07 18.29 2.84
C VAL A 99 -18.16 17.08 3.05
N ILE A 100 -17.61 16.57 1.96
CA ILE A 100 -16.71 15.42 2.02
C ILE A 100 -15.63 15.53 0.95
N THR A 101 -14.77 16.54 1.08
CA THR A 101 -13.69 16.76 0.11
C THR A 101 -12.81 15.52 -0.01
N LEU A 102 -11.90 15.53 -0.99
CA LEU A 102 -11.00 14.41 -1.22
C LEU A 102 -10.17 14.12 0.03
N LYS A 103 -9.90 15.15 0.83
CA LYS A 103 -9.12 15.00 2.04
C LYS A 103 -9.80 14.02 3.00
N SER A 104 -11.12 14.09 3.08
CA SER A 104 -11.89 13.22 3.95
C SER A 104 -11.96 11.79 3.39
N ALA A 105 -11.93 11.69 2.06
CA ALA A 105 -11.99 10.39 1.40
C ALA A 105 -10.69 9.62 1.58
N LEU A 106 -9.57 10.31 1.44
CA LEU A 106 -8.26 9.70 1.59
C LEU A 106 -7.97 9.37 3.05
N ILE A 107 -8.11 10.36 3.92
CA ILE A 107 -7.86 10.18 5.34
C ILE A 107 -8.71 9.05 5.91
N SER A 108 -9.98 9.01 5.53
CA SER A 108 -10.89 7.98 6.01
C SER A 108 -10.45 6.60 5.53
N LEU A 109 -9.84 6.55 4.35
CA LEU A 109 -9.37 5.29 3.78
C LEU A 109 -8.28 4.67 4.65
N GLN A 110 -7.43 5.51 5.22
CA GLN A 110 -6.35 5.05 6.08
C GLN A 110 -6.89 4.28 7.28
N ALA A 111 -7.87 4.87 7.96
CA ALA A 111 -8.47 4.25 9.13
C ALA A 111 -9.20 2.96 8.74
N LEU A 112 -9.73 2.92 7.52
CA LEU A 112 -10.44 1.75 7.03
C LEU A 112 -9.49 0.57 6.87
N LEU A 113 -8.26 0.86 6.44
CA LEU A 113 -7.26 -0.17 6.23
C LEU A 113 -6.85 -0.81 7.56
N GLN A 114 -6.92 -0.03 8.63
CA GLN A 114 -6.56 -0.52 9.96
C GLN A 114 -7.80 -0.91 10.75
N SER A 115 -8.79 -1.47 10.06
CA SER A 115 -10.02 -1.89 10.71
C SER A 115 -10.76 -2.93 9.85
N PRO A 116 -10.15 -4.11 9.65
CA PRO A 116 -10.75 -5.19 8.87
C PRO A 116 -12.09 -5.63 9.42
N GLU A 117 -13.11 -5.68 8.56
CA GLU A 117 -14.45 -6.08 8.97
C GLU A 117 -15.10 -6.95 7.90
N PRO A 118 -14.59 -8.17 7.69
CA PRO A 118 -15.14 -9.09 6.69
C PRO A 118 -16.64 -9.30 6.85
N ASN A 119 -17.27 -9.85 5.82
CA ASN A 119 -18.71 -10.09 5.85
C ASN A 119 -19.48 -8.78 6.00
N ASP A 120 -19.23 -7.85 5.09
CA ASP A 120 -19.91 -6.56 5.13
C ASP A 120 -19.71 -5.80 3.82
N PRO A 121 -18.46 -5.57 3.40
CA PRO A 121 -18.15 -4.86 2.15
C PRO A 121 -18.79 -5.52 0.93
N GLN A 122 -18.31 -5.18 -0.24
CA GLN A 122 -18.83 -5.73 -1.48
C GLN A 122 -18.12 -7.04 -1.83
N ASP A 123 -16.85 -7.14 -1.44
CA ASP A 123 -16.07 -8.34 -1.70
C ASP A 123 -16.35 -9.42 -0.66
N ALA A 124 -17.43 -10.18 -0.87
CA ALA A 124 -17.81 -11.25 0.04
C ALA A 124 -16.89 -12.45 -0.11
N GLU A 125 -16.70 -12.89 -1.36
CA GLU A 125 -15.85 -14.04 -1.64
C GLU A 125 -14.43 -13.82 -1.11
N VAL A 126 -13.91 -12.62 -1.32
CA VAL A 126 -12.57 -12.29 -0.87
C VAL A 126 -12.42 -12.48 0.65
N ALA A 127 -13.43 -12.02 1.39
CA ALA A 127 -13.42 -12.15 2.84
C ALA A 127 -13.50 -13.61 3.28
N GLN A 128 -14.16 -14.43 2.46
CA GLN A 128 -14.30 -15.85 2.75
C GLN A 128 -12.94 -16.53 2.77
N HIS A 129 -12.17 -16.34 1.71
CA HIS A 129 -10.84 -16.94 1.61
C HIS A 129 -9.92 -16.41 2.70
N TYR A 130 -10.07 -15.12 3.02
CA TYR A 130 -9.25 -14.50 4.05
C TYR A 130 -9.67 -14.95 5.45
N LEU A 131 -10.94 -15.33 5.59
CA LEU A 131 -11.46 -15.78 6.86
C LEU A 131 -10.85 -17.13 7.26
N ARG A 132 -10.95 -18.10 6.37
CA ARG A 132 -10.40 -19.43 6.62
C ARG A 132 -8.90 -19.37 6.87
N ASP A 133 -8.15 -19.02 5.84
CA ASP A 133 -6.69 -18.92 5.94
C ASP A 133 -6.25 -17.47 6.07
N ARG A 134 -6.04 -17.03 7.30
CA ARG A 134 -5.61 -15.65 7.56
C ARG A 134 -4.10 -15.51 7.46
N GLU A 135 -3.38 -16.32 8.23
CA GLU A 135 -1.92 -16.28 8.22
C GLU A 135 -1.37 -16.66 6.86
N SER A 136 -2.13 -17.45 6.10
CA SER A 136 -1.71 -17.88 4.78
C SER A 136 -1.73 -16.73 3.78
N PHE A 137 -2.83 -15.98 3.78
CA PHE A 137 -2.99 -14.86 2.87
C PHE A 137 -2.31 -13.60 3.42
N ASN A 138 -2.25 -13.49 4.74
CA ASN A 138 -1.63 -12.35 5.39
C ASN A 138 -0.18 -12.19 4.95
N LYS A 139 0.45 -13.30 4.59
CA LYS A 139 1.84 -13.29 4.15
C LYS A 139 1.98 -12.63 2.78
N THR A 140 1.02 -12.89 1.91
CA THR A 140 1.03 -12.32 0.56
C THR A 140 0.48 -10.90 0.57
N ALA A 141 -0.47 -10.64 1.45
CA ALA A 141 -1.09 -9.32 1.55
C ALA A 141 -0.04 -8.26 1.87
N ALA A 142 0.78 -8.52 2.88
CA ALA A 142 1.82 -7.58 3.30
C ALA A 142 2.95 -7.54 2.27
N LEU A 143 3.18 -8.65 1.59
CA LEU A 143 4.24 -8.73 0.58
C LEU A 143 3.91 -7.86 -0.62
N TRP A 144 2.61 -7.72 -0.91
CA TRP A 144 2.16 -6.92 -2.04
C TRP A 144 2.35 -5.43 -1.77
N THR A 145 2.22 -5.05 -0.50
CA THR A 145 2.37 -3.66 -0.10
C THR A 145 3.84 -3.29 0.08
N ARG A 146 4.59 -4.16 0.75
CA ARG A 146 6.00 -3.93 0.99
C ARG A 146 6.79 -3.98 -0.31
N LEU A 147 6.29 -4.74 -1.28
CA LEU A 147 6.96 -4.87 -2.57
C LEU A 147 6.55 -3.75 -3.51
N TYR A 148 5.24 -3.50 -3.59
CA TYR A 148 4.72 -2.44 -4.45
C TYR A 148 4.19 -1.28 -3.63
N ALA A 149 4.94 -0.88 -2.61
CA ALA A 149 4.53 0.22 -1.75
C ALA A 149 4.56 1.54 -2.50
N SER A 150 5.76 2.04 -2.78
CA SER A 150 5.93 3.29 -3.51
C SER A 150 7.13 3.24 -4.45
N GLU A 151 7.60 2.03 -4.75
CA GLU A 151 8.74 1.85 -5.63
C GLU A 151 9.92 2.74 -5.21
N THR A 152 10.80 2.18 -4.39
CA THR A 152 11.98 2.91 -3.91
C THR A 152 11.60 4.34 -3.48
N SER A 153 12.61 5.19 -3.33
CA SER A 153 12.39 6.58 -2.92
C SER A 153 11.78 6.63 -1.52
N ASN A 154 12.25 5.76 -0.64
CA ASN A 154 11.76 5.70 0.73
C ASN A 154 12.92 5.64 1.72
N GLY A 155 14.04 6.25 1.35
CA GLY A 155 15.21 6.24 2.22
C GLY A 155 16.48 5.90 1.47
N GLN A 156 17.43 5.29 2.17
CA GLN A 156 18.70 4.90 1.56
C GLN A 156 19.10 3.49 1.97
N LYS A 157 18.51 2.50 1.30
CA LYS A 157 18.80 1.10 1.59
C LYS A 157 18.20 0.19 0.53
N GLY A 158 16.90 0.33 0.28
CA GLY A 158 16.23 -0.48 -0.72
C GLY A 158 15.20 -1.40 -0.11
N ASN A 159 14.20 -1.76 -0.90
CA ASN A 159 13.13 -2.65 -0.44
C ASN A 159 13.65 -4.07 -0.26
N VAL A 160 14.07 -4.69 -1.35
CA VAL A 160 14.58 -6.05 -1.32
C VAL A 160 16.05 -6.09 -1.75
N GLU A 161 16.88 -6.76 -0.95
CA GLU A 161 18.30 -6.86 -1.24
C GLU A 161 18.64 -8.26 -1.77
N GLU A 162 19.64 -8.32 -2.65
CA GLU A 162 20.06 -9.59 -3.24
C GLU A 162 21.07 -10.30 -2.34
N SER A 163 20.71 -11.51 -1.91
CA SER A 163 21.58 -12.29 -1.05
C SER A 163 21.33 -13.80 -1.24
N ASP A 164 20.07 -14.19 -1.17
CA ASP A 164 19.69 -15.59 -1.33
C ASP A 164 19.88 -16.03 -2.77
N LEU A 165 19.42 -15.20 -3.71
CA LEU A 165 19.53 -15.51 -5.13
C LEU A 165 20.99 -15.46 -5.58
N TYR A 166 21.29 -16.15 -6.68
CA TYR A 166 22.64 -16.19 -7.21
C TYR A 166 23.13 -14.79 -7.57
N GLY A 167 24.34 -14.72 -8.13
CA GLY A 167 24.89 -13.43 -8.51
C GLY A 167 24.29 -12.89 -9.80
N ILE A 168 24.78 -13.40 -10.93
CA ILE A 168 24.28 -12.95 -12.23
C ILE A 168 24.58 -11.47 -12.45
N ASP A 169 25.84 -11.16 -12.74
CA ASP A 169 26.24 -9.79 -12.98
C ASP A 169 27.51 -9.72 -13.84
N HIS A 170 28.66 -9.52 -13.20
CA HIS A 170 29.92 -9.44 -13.91
C HIS A 170 30.54 -10.82 -14.15
N ASP A 171 30.08 -11.83 -13.42
CA ASP A 171 30.60 -13.18 -13.57
C ASP A 171 30.10 -13.79 -14.89
N LEU A 172 28.79 -13.71 -15.10
CA LEU A 172 28.19 -14.22 -16.32
C LEU A 172 28.58 -13.31 -17.48
N ILE A 173 28.79 -12.03 -17.17
CA ILE A 173 29.19 -11.07 -18.14
C ILE A 173 30.62 -11.34 -18.59
N ASP A 174 31.46 -11.69 -17.63
CA ASP A 174 32.86 -12.00 -17.91
C ASP A 174 32.96 -13.06 -18.99
N GLU A 175 31.98 -13.96 -19.03
CA GLU A 175 31.99 -15.03 -20.02
C GLU A 175 31.85 -14.48 -21.44
N PHE A 176 30.79 -13.71 -21.69
CA PHE A 176 30.59 -13.14 -23.02
C PHE A 176 31.62 -12.09 -23.32
N GLU A 177 32.02 -11.35 -22.29
CA GLU A 177 33.00 -10.30 -22.47
C GLU A 177 34.32 -10.88 -22.98
N SER A 178 34.77 -11.94 -22.33
CA SER A 178 36.02 -12.59 -22.71
C SER A 178 35.88 -13.29 -24.06
N GLN A 179 34.67 -13.77 -24.36
CA GLN A 179 34.40 -14.46 -25.61
C GLN A 179 34.88 -13.63 -26.79
N GLY A 180 34.76 -12.32 -26.65
CA GLY A 180 35.18 -11.42 -27.71
C GLY A 180 34.37 -10.14 -27.71
N PHE A 181 33.23 -10.17 -27.04
CA PHE A 181 32.35 -9.02 -26.96
C PHE A 181 32.57 -8.25 -25.65
N GLU A 182 31.74 -7.23 -25.45
CA GLU A 182 31.84 -6.41 -24.26
C GLU A 182 30.61 -6.55 -23.36
N LYS A 183 30.57 -5.74 -22.31
CA LYS A 183 29.46 -5.76 -21.36
C LYS A 183 28.15 -5.28 -22.00
N ASP A 184 28.26 -4.29 -22.88
CA ASP A 184 27.08 -3.72 -23.54
C ASP A 184 26.19 -4.79 -24.17
N LYS A 185 26.80 -5.73 -24.88
CA LYS A 185 26.04 -6.81 -25.52
C LYS A 185 25.35 -7.67 -24.47
N ILE A 186 26.11 -8.15 -23.48
CA ILE A 186 25.54 -8.99 -22.43
C ILE A 186 24.38 -8.28 -21.73
N VAL A 187 24.59 -7.04 -21.33
CA VAL A 187 23.56 -6.26 -20.64
C VAL A 187 22.24 -6.28 -21.43
N GLU A 188 22.32 -5.92 -22.71
CA GLU A 188 21.14 -5.89 -23.57
C GLU A 188 20.38 -7.22 -23.54
N VAL A 189 21.13 -8.31 -23.40
CA VAL A 189 20.52 -9.64 -23.37
C VAL A 189 20.10 -10.02 -21.95
N LEU A 190 20.85 -9.55 -20.97
CA LEU A 190 20.55 -9.84 -19.57
C LEU A 190 19.37 -9.02 -19.08
N ARG A 191 19.48 -7.70 -19.19
CA ARG A 191 18.43 -6.80 -18.75
C ARG A 191 17.11 -7.06 -19.48
N ARG A 192 17.17 -7.16 -20.81
CA ARG A 192 15.97 -7.38 -21.60
C ARG A 192 15.12 -8.51 -21.03
N LEU A 193 15.74 -9.68 -20.81
CA LEU A 193 15.01 -10.82 -20.27
C LEU A 193 14.67 -10.60 -18.79
N GLY A 194 15.65 -10.82 -17.92
CA GLY A 194 15.42 -10.64 -16.49
C GLY A 194 15.81 -11.86 -15.69
N VAL A 195 15.89 -13.01 -16.35
CA VAL A 195 16.25 -14.25 -15.68
C VAL A 195 17.57 -14.11 -14.94
N LYS A 196 17.81 -15.00 -13.97
CA LYS A 196 19.04 -14.97 -13.20
C LYS A 196 19.28 -16.31 -12.50
N SER A 197 18.22 -16.85 -11.91
CA SER A 197 18.33 -18.13 -11.20
C SER A 197 18.75 -19.24 -12.14
N LEU A 198 18.30 -19.14 -13.38
CA LEU A 198 18.62 -20.12 -14.42
C LEU A 198 18.64 -21.55 -13.87
N ASP A 199 19.30 -22.45 -14.59
CA ASP A 199 19.39 -23.84 -14.18
C ASP A 199 20.83 -24.20 -13.79
N PRO A 200 21.08 -24.49 -12.50
CA PRO A 200 22.42 -24.83 -12.02
C PRO A 200 23.03 -26.03 -12.74
N ASN A 201 22.17 -26.90 -13.27
CA ASN A 201 22.64 -28.09 -13.97
C ASN A 201 22.77 -27.83 -15.48
N ASP A 202 21.77 -27.17 -16.05
CA ASP A 202 21.77 -26.88 -17.48
C ASP A 202 21.70 -25.36 -17.73
N ASN A 203 22.37 -24.92 -18.79
CA ASN A 203 22.37 -23.50 -19.14
C ASN A 203 21.44 -23.24 -20.32
N ASN A 204 20.16 -23.03 -20.01
CA ASN A 204 19.15 -22.78 -21.03
C ASN A 204 19.01 -21.29 -21.31
N THR A 205 19.31 -20.47 -20.31
CA THR A 205 19.21 -19.02 -20.46
C THR A 205 20.32 -18.50 -21.36
N ALA A 206 21.56 -18.87 -21.05
CA ALA A 206 22.70 -18.43 -21.83
C ALA A 206 22.52 -18.75 -23.30
N ASN A 207 22.01 -19.94 -23.59
CA ASN A 207 21.78 -20.37 -24.96
C ASN A 207 21.05 -19.28 -25.75
N ARG A 208 19.82 -18.97 -25.34
CA ARG A 208 19.03 -17.94 -26.01
C ARG A 208 19.75 -16.59 -25.99
N ILE A 209 20.51 -16.35 -24.93
CA ILE A 209 21.25 -15.11 -24.78
C ILE A 209 22.27 -14.93 -25.91
N ILE A 210 23.15 -15.91 -26.07
CA ILE A 210 24.17 -15.85 -27.09
C ILE A 210 23.56 -15.54 -28.45
N GLU A 211 22.32 -15.95 -28.62
CA GLU A 211 21.60 -15.71 -29.87
C GLU A 211 21.60 -14.21 -30.18
N GLU A 212 21.17 -13.43 -29.19
CA GLU A 212 21.12 -11.98 -29.31
C GLU A 212 22.51 -11.38 -29.11
N LEU A 213 23.38 -12.10 -28.39
CA LEU A 213 24.73 -11.62 -28.12
C LEU A 213 25.45 -11.21 -29.40
N LEU A 214 25.52 -12.14 -30.37
CA LEU A 214 26.19 -11.85 -31.63
C LEU A 214 25.23 -11.21 -32.64
N LYS A 215 24.53 -10.17 -32.20
CA LYS A 215 23.58 -9.47 -33.06
C LYS A 215 23.90 -7.98 -33.13
N SER A 1 -5.54 28.10 -15.97
CA SER A 1 -5.05 27.88 -14.58
C SER A 1 -6.15 28.08 -13.56
N SER A 2 -7.10 28.94 -13.89
CA SER A 2 -8.23 29.23 -13.00
C SER A 2 -9.07 27.98 -12.78
N ARG A 3 -9.13 27.13 -13.80
CA ARG A 3 -9.90 25.89 -13.71
C ARG A 3 -9.30 24.94 -12.69
N ALA A 4 -7.98 24.75 -12.77
CA ALA A 4 -7.28 23.86 -11.85
C ALA A 4 -7.23 24.46 -10.45
N LYS A 5 -7.24 25.78 -10.37
CA LYS A 5 -7.19 26.49 -9.09
C LYS A 5 -8.33 26.05 -8.17
N ARG A 6 -9.42 25.55 -8.78
CA ARG A 6 -10.57 25.10 -8.02
C ARG A 6 -10.19 24.02 -7.02
N ILE A 7 -9.45 23.02 -7.48
CA ILE A 7 -9.02 21.92 -6.62
C ILE A 7 -7.70 22.25 -5.92
N MET A 8 -6.91 23.12 -6.53
CA MET A 8 -5.63 23.52 -5.96
C MET A 8 -5.79 24.04 -4.53
N LYS A 9 -6.96 24.61 -4.25
CA LYS A 9 -7.24 25.14 -2.92
C LYS A 9 -7.11 24.05 -1.86
N GLU A 10 -7.60 22.86 -2.17
CA GLU A 10 -7.54 21.74 -1.24
C GLU A 10 -6.12 21.18 -1.16
N ILE A 11 -5.38 21.30 -2.25
CA ILE A 11 -4.01 20.81 -2.30
C ILE A 11 -3.08 21.73 -1.52
N GLN A 12 -3.46 22.99 -1.39
CA GLN A 12 -2.65 23.97 -0.66
C GLN A 12 -2.82 23.79 0.84
N ALA A 13 -4.03 23.39 1.25
CA ALA A 13 -4.32 23.19 2.66
C ALA A 13 -3.70 21.90 3.18
N VAL A 14 -3.92 20.81 2.44
CA VAL A 14 -3.39 19.50 2.83
C VAL A 14 -1.87 19.55 2.99
N LYS A 15 -1.22 20.42 2.22
CA LYS A 15 0.22 20.57 2.28
C LYS A 15 0.64 21.40 3.48
N ASP A 16 -0.23 22.33 3.89
CA ASP A 16 0.04 23.20 5.03
C ASP A 16 0.09 22.39 6.32
N ASP A 17 1.17 21.63 6.50
CA ASP A 17 1.33 20.80 7.70
C ASP A 17 0.27 19.70 7.74
N PRO A 18 0.39 18.69 6.87
CA PRO A 18 -0.54 17.58 6.81
C PRO A 18 -0.58 16.76 8.10
N ALA A 19 0.54 16.78 8.83
CA ALA A 19 0.64 16.05 10.10
C ALA A 19 0.79 14.55 9.85
N ALA A 20 -0.22 13.96 9.19
CA ALA A 20 -0.20 12.54 8.89
C ALA A 20 0.52 12.24 7.58
N HIS A 21 1.24 13.24 7.05
CA HIS A 21 1.98 13.07 5.81
C HIS A 21 1.05 12.76 4.64
N ILE A 22 0.74 13.79 3.86
CA ILE A 22 -0.14 13.64 2.70
C ILE A 22 0.53 14.15 1.44
N THR A 23 0.12 13.61 0.30
CA THR A 23 0.68 14.02 -0.99
C THR A 23 -0.35 13.94 -2.09
N LEU A 24 -0.57 15.06 -2.78
CA LEU A 24 -1.53 15.12 -3.87
C LEU A 24 -0.85 15.46 -5.18
N GLU A 25 -0.85 14.51 -6.12
CA GLU A 25 -0.22 14.72 -7.42
C GLU A 25 -1.28 14.87 -8.51
N PHE A 26 -1.15 15.93 -9.29
CA PHE A 26 -2.09 16.21 -10.38
C PHE A 26 -1.40 16.14 -11.74
N VAL A 27 -2.13 15.67 -12.74
CA VAL A 27 -1.59 15.56 -14.09
C VAL A 27 -1.13 16.92 -14.62
N SER A 28 -1.91 17.96 -14.32
CA SER A 28 -1.58 19.31 -14.76
C SER A 28 -1.52 19.38 -16.29
N GLU A 29 -1.24 20.57 -16.81
CA GLU A 29 -1.16 20.79 -18.24
C GLU A 29 -2.51 20.52 -18.92
N SER A 30 -2.95 21.45 -19.75
CA SER A 30 -4.22 21.33 -20.45
C SER A 30 -5.39 21.43 -19.49
N ASP A 31 -5.54 20.43 -18.62
CA ASP A 31 -6.62 20.40 -17.65
C ASP A 31 -6.43 19.28 -16.64
N ILE A 32 -7.08 19.40 -15.49
CA ILE A 32 -6.99 18.40 -14.44
C ILE A 32 -8.25 17.53 -14.39
N HIS A 33 -8.16 16.34 -14.98
CA HIS A 33 -9.29 15.41 -15.00
C HIS A 33 -9.00 14.20 -14.12
N HIS A 34 -7.73 13.82 -14.03
CA HIS A 34 -7.33 12.67 -13.24
C HIS A 34 -6.37 13.08 -12.12
N LEU A 35 -6.64 12.62 -10.90
CA LEU A 35 -5.80 12.95 -9.77
C LEU A 35 -5.40 11.68 -9.00
N LYS A 36 -4.37 11.79 -8.18
CA LYS A 36 -3.89 10.66 -7.40
C LYS A 36 -3.52 11.10 -5.99
N GLY A 37 -4.29 10.63 -5.00
CA GLY A 37 -4.02 10.98 -3.63
C GLY A 37 -3.25 9.90 -2.89
N THR A 38 -2.07 10.26 -2.38
CA THR A 38 -1.24 9.32 -1.65
C THR A 38 -1.32 9.57 -0.15
N PHE A 39 -0.93 8.57 0.63
CA PHE A 39 -0.97 8.68 2.09
C PHE A 39 0.14 7.86 2.73
N LEU A 40 0.91 8.50 3.60
CA LEU A 40 2.01 7.83 4.28
C LEU A 40 1.72 7.70 5.77
N GLY A 41 1.91 6.49 6.31
CA GLY A 41 1.66 6.25 7.72
C GLY A 41 2.63 5.27 8.33
N PRO A 42 2.92 5.40 9.64
CA PRO A 42 3.85 4.49 10.33
C PRO A 42 3.40 3.03 10.25
N PRO A 43 4.20 2.10 10.78
CA PRO A 43 3.87 0.67 10.76
C PRO A 43 2.74 0.32 11.70
N GLY A 44 2.66 -0.96 12.07
CA GLY A 44 1.62 -1.41 12.97
C GLY A 44 0.64 -2.35 12.28
N THR A 45 1.10 -2.97 11.20
CA THR A 45 0.27 -3.90 10.43
C THR A 45 1.06 -4.47 9.25
N PRO A 46 0.70 -5.69 8.80
CA PRO A 46 1.38 -6.33 7.67
C PRO A 46 1.64 -5.38 6.51
N TYR A 47 0.74 -4.42 6.33
CA TYR A 47 0.88 -3.45 5.25
C TYR A 47 2.17 -2.64 5.41
N GLU A 48 2.59 -2.45 6.66
CA GLU A 48 3.81 -1.70 6.95
C GLU A 48 3.65 -0.24 6.55
N GLY A 49 2.42 0.26 6.60
CA GLY A 49 2.16 1.64 6.23
C GLY A 49 2.64 1.96 4.83
N GLY A 50 3.61 2.87 4.73
CA GLY A 50 4.14 3.25 3.45
C GLY A 50 3.23 4.21 2.70
N LYS A 51 3.56 4.46 1.43
CA LYS A 51 2.76 5.37 0.60
C LYS A 51 1.87 4.57 -0.35
N PHE A 52 0.57 4.85 -0.30
CA PHE A 52 -0.39 4.16 -1.15
C PHE A 52 -1.08 5.16 -2.09
N VAL A 53 -0.96 4.92 -3.39
CA VAL A 53 -1.57 5.80 -4.39
C VAL A 53 -3.03 5.44 -4.60
N VAL A 54 -3.86 6.47 -4.81
CA VAL A 54 -5.28 6.27 -5.03
C VAL A 54 -5.73 6.88 -6.35
N ASP A 55 -6.20 6.03 -7.27
CA ASP A 55 -6.65 6.48 -8.57
C ASP A 55 -7.92 7.32 -8.44
N ILE A 56 -7.80 8.62 -8.69
CA ILE A 56 -8.94 9.52 -8.60
C ILE A 56 -9.29 10.10 -9.97
N GLU A 57 -10.57 10.39 -10.17
CA GLU A 57 -11.04 10.95 -11.43
C GLU A 57 -12.04 12.06 -11.16
N VAL A 58 -11.61 13.30 -11.33
CA VAL A 58 -12.48 14.45 -11.10
C VAL A 58 -12.75 15.21 -12.40
N PRO A 59 -13.86 14.88 -13.10
CA PRO A 59 -14.23 15.54 -14.35
C PRO A 59 -14.88 16.90 -14.14
N MET A 60 -15.47 17.44 -15.19
CA MET A 60 -16.13 18.74 -15.11
C MET A 60 -17.63 18.58 -14.88
N GLU A 61 -18.06 18.89 -13.66
CA GLU A 61 -19.48 18.78 -13.31
C GLU A 61 -19.77 19.51 -12.00
N TYR A 62 -21.05 19.74 -11.74
CA TYR A 62 -21.48 20.44 -10.54
C TYR A 62 -21.01 19.70 -9.29
N PRO A 63 -21.08 20.35 -8.11
CA PRO A 63 -20.67 19.75 -6.84
C PRO A 63 -21.73 18.84 -6.23
N PHE A 64 -22.79 18.57 -6.98
CA PHE A 64 -23.87 17.73 -6.50
C PHE A 64 -23.55 16.25 -6.74
N LYS A 65 -22.82 15.97 -7.81
CA LYS A 65 -22.44 14.60 -8.13
C LYS A 65 -20.93 14.40 -7.97
N PRO A 66 -20.49 13.95 -6.79
CA PRO A 66 -19.07 13.71 -6.52
C PRO A 66 -18.41 12.84 -7.58
N PRO A 67 -17.07 12.92 -7.70
CA PRO A 67 -16.31 12.14 -8.68
C PRO A 67 -16.26 10.65 -8.33
N LYS A 68 -15.39 9.91 -9.01
CA LYS A 68 -15.24 8.49 -8.76
C LYS A 68 -13.83 8.17 -8.28
N MET A 69 -13.74 7.42 -7.18
CA MET A 69 -12.45 7.05 -6.62
C MET A 69 -12.13 5.58 -6.90
N GLN A 70 -10.85 5.27 -7.06
CA GLN A 70 -10.42 3.91 -7.34
C GLN A 70 -9.03 3.64 -6.76
N PHE A 71 -8.70 2.37 -6.58
CA PHE A 71 -7.40 1.99 -6.03
C PHE A 71 -6.38 1.80 -7.15
N ASP A 72 -5.14 2.19 -6.88
CA ASP A 72 -4.07 2.05 -7.86
C ASP A 72 -2.98 1.10 -7.36
N THR A 73 -2.67 1.19 -6.07
CA THR A 73 -1.66 0.34 -5.47
C THR A 73 -2.19 -1.07 -5.22
N LYS A 74 -3.51 -1.25 -5.35
CA LYS A 74 -4.14 -2.55 -5.14
C LYS A 74 -4.03 -2.97 -3.67
N VAL A 75 -5.05 -2.63 -2.88
CA VAL A 75 -5.06 -2.98 -1.46
C VAL A 75 -5.72 -4.33 -1.24
N TYR A 76 -6.68 -4.67 -2.09
CA TYR A 76 -7.39 -5.94 -1.97
C TYR A 76 -8.09 -6.05 -0.62
N HIS A 77 -9.24 -5.42 -0.50
CA HIS A 77 -10.00 -5.44 0.75
C HIS A 77 -11.50 -5.51 0.47
N PRO A 78 -12.27 -6.15 1.37
CA PRO A 78 -13.72 -6.29 1.21
C PRO A 78 -14.40 -4.97 0.85
N ASN A 79 -13.78 -3.87 1.28
CA ASN A 79 -14.31 -2.54 0.99
C ASN A 79 -13.82 -2.04 -0.36
N ILE A 80 -12.51 -2.08 -0.54
CA ILE A 80 -11.90 -1.62 -1.78
C ILE A 80 -11.56 -2.80 -2.69
N SER A 81 -12.60 -3.54 -3.09
CA SER A 81 -12.42 -4.70 -3.96
C SER A 81 -13.77 -5.32 -4.30
N SER A 82 -14.28 -5.02 -5.49
CA SER A 82 -15.56 -5.56 -5.94
C SER A 82 -15.49 -5.99 -7.40
N VAL A 83 -15.08 -5.07 -8.27
CA VAL A 83 -14.96 -5.36 -9.69
C VAL A 83 -13.82 -4.57 -10.31
N THR A 84 -13.77 -3.27 -10.01
CA THR A 84 -12.73 -2.40 -10.54
C THR A 84 -12.48 -1.23 -9.60
N GLY A 85 -12.67 -1.46 -8.31
CA GLY A 85 -12.47 -0.41 -7.32
C GLY A 85 -13.76 0.25 -6.91
N ALA A 86 -14.34 -0.23 -5.80
CA ALA A 86 -15.60 0.32 -5.30
C ALA A 86 -15.58 0.42 -3.78
N ILE A 87 -15.27 1.60 -3.27
CA ILE A 87 -15.22 1.82 -1.83
C ILE A 87 -16.53 2.40 -1.30
N CYS A 88 -16.84 2.12 -0.04
CA CYS A 88 -18.04 2.63 0.59
C CYS A 88 -17.70 3.78 1.52
N LEU A 89 -17.86 5.00 1.00
CA LEU A 89 -17.55 6.20 1.78
C LEU A 89 -18.60 7.28 1.56
N ASP A 90 -18.29 8.50 1.99
CA ASP A 90 -19.21 9.62 1.85
C ASP A 90 -19.47 9.92 0.38
N ILE A 91 -18.45 10.42 -0.32
CA ILE A 91 -18.58 10.75 -1.74
C ILE A 91 -18.30 9.52 -2.60
N LEU A 92 -19.02 8.43 -2.34
CA LEU A 92 -18.86 7.20 -3.08
C LEU A 92 -20.21 6.59 -3.41
N ARG A 93 -21.09 6.54 -2.41
CA ARG A 93 -22.42 5.98 -2.58
C ARG A 93 -23.47 6.89 -1.93
N ASN A 94 -23.19 7.32 -0.71
CA ASN A 94 -24.10 8.20 0.02
C ASN A 94 -23.37 9.42 0.57
N ALA A 95 -23.25 10.44 -0.26
CA ALA A 95 -22.57 11.67 0.14
C ALA A 95 -23.52 12.63 0.84
N TRP A 96 -23.01 13.32 1.85
CA TRP A 96 -23.81 14.28 2.61
C TRP A 96 -23.28 15.69 2.43
N SER A 97 -21.95 15.82 2.44
CA SER A 97 -21.32 17.13 2.29
C SER A 97 -20.96 17.39 0.83
N PRO A 98 -21.52 18.46 0.22
CA PRO A 98 -21.26 18.81 -1.18
C PRO A 98 -19.78 19.06 -1.46
N VAL A 99 -19.02 19.31 -0.40
CA VAL A 99 -17.58 19.57 -0.55
C VAL A 99 -16.75 18.30 -0.39
N ILE A 100 -16.58 17.86 0.86
CA ILE A 100 -15.81 16.66 1.16
C ILE A 100 -14.51 16.64 0.36
N THR A 101 -13.49 17.34 0.87
CA THR A 101 -12.19 17.40 0.20
C THR A 101 -11.59 16.01 0.05
N LEU A 102 -10.62 15.90 -0.84
CA LEU A 102 -9.95 14.62 -1.09
C LEU A 102 -9.22 14.13 0.15
N LYS A 103 -8.79 15.07 0.99
CA LYS A 103 -8.08 14.74 2.22
C LYS A 103 -8.90 13.79 3.09
N SER A 104 -10.20 14.04 3.18
CA SER A 104 -11.09 13.20 3.97
C SER A 104 -11.18 11.80 3.39
N ALA A 105 -11.45 11.71 2.09
CA ALA A 105 -11.57 10.42 1.42
C ALA A 105 -10.29 9.60 1.58
N LEU A 106 -9.16 10.30 1.63
CA LEU A 106 -7.87 9.63 1.77
C LEU A 106 -7.69 9.06 3.16
N ILE A 107 -7.91 9.89 4.19
CA ILE A 107 -7.78 9.46 5.57
C ILE A 107 -8.73 8.32 5.89
N SER A 108 -9.90 8.34 5.25
CA SER A 108 -10.91 7.30 5.47
C SER A 108 -10.48 5.98 4.85
N LEU A 109 -9.93 6.05 3.64
CA LEU A 109 -9.48 4.85 2.94
C LEU A 109 -8.45 4.09 3.77
N GLN A 110 -7.54 4.82 4.40
CA GLN A 110 -6.50 4.20 5.23
C GLN A 110 -7.10 3.60 6.49
N ALA A 111 -8.08 4.30 7.06
CA ALA A 111 -8.74 3.84 8.28
C ALA A 111 -9.52 2.56 8.03
N LEU A 112 -10.09 2.45 6.84
CA LEU A 112 -10.87 1.27 6.46
C LEU A 112 -9.99 0.02 6.45
N LEU A 113 -8.73 0.21 6.11
CA LEU A 113 -7.79 -0.90 6.05
C LEU A 113 -7.49 -1.44 7.45
N GLN A 114 -7.44 -0.54 8.42
CA GLN A 114 -7.18 -0.92 9.81
C GLN A 114 -8.47 -1.03 10.61
N SER A 115 -9.54 -1.44 9.93
CA SER A 115 -10.84 -1.58 10.57
C SER A 115 -11.56 -2.83 10.08
N PRO A 116 -11.17 -4.01 10.58
CA PRO A 116 -11.79 -5.28 10.18
C PRO A 116 -13.31 -5.25 10.30
N GLU A 117 -13.99 -5.32 9.16
CA GLU A 117 -15.45 -5.30 9.14
C GLU A 117 -15.99 -6.18 8.01
N PRO A 118 -15.71 -7.50 8.06
CA PRO A 118 -16.17 -8.44 7.04
C PRO A 118 -17.63 -8.84 7.20
N ASN A 119 -18.30 -8.24 8.19
CA ASN A 119 -19.70 -8.54 8.45
C ASN A 119 -20.62 -7.84 7.45
N ASP A 120 -20.28 -6.60 7.12
CA ASP A 120 -21.07 -5.81 6.18
C ASP A 120 -20.17 -5.15 5.12
N PRO A 121 -19.40 -5.96 4.39
CA PRO A 121 -18.50 -5.46 3.35
C PRO A 121 -19.22 -5.25 2.02
N GLN A 122 -18.44 -5.05 0.95
CA GLN A 122 -19.00 -4.84 -0.37
C GLN A 122 -19.02 -6.15 -1.17
N ASP A 123 -18.05 -7.01 -0.89
CA ASP A 123 -17.95 -8.30 -1.58
C ASP A 123 -17.67 -9.42 -0.58
N ALA A 124 -18.54 -10.41 -0.56
CA ALA A 124 -18.39 -11.54 0.35
C ALA A 124 -17.20 -12.41 -0.05
N GLU A 125 -16.98 -12.53 -1.36
CA GLU A 125 -15.87 -13.33 -1.88
C GLU A 125 -14.54 -12.82 -1.36
N VAL A 126 -14.39 -11.50 -1.29
CA VAL A 126 -13.15 -10.89 -0.81
C VAL A 126 -12.96 -11.17 0.67
N ALA A 127 -14.00 -10.93 1.47
CA ALA A 127 -13.94 -11.15 2.90
C ALA A 127 -13.71 -12.63 3.22
N GLN A 128 -14.30 -13.49 2.41
CA GLN A 128 -14.16 -14.94 2.61
C GLN A 128 -12.71 -15.36 2.53
N HIS A 129 -11.95 -14.72 1.64
CA HIS A 129 -10.54 -15.03 1.46
C HIS A 129 -9.73 -14.59 2.67
N TYR A 130 -10.02 -13.39 3.17
CA TYR A 130 -9.31 -12.85 4.32
C TYR A 130 -9.64 -13.64 5.58
N LEU A 131 -10.93 -13.90 5.80
CA LEU A 131 -11.38 -14.64 6.97
C LEU A 131 -10.77 -16.04 6.98
N ARG A 132 -10.88 -16.74 5.86
CA ARG A 132 -10.35 -18.10 5.74
C ARG A 132 -8.82 -18.07 5.74
N ASP A 133 -8.24 -17.18 4.95
CA ASP A 133 -6.79 -17.06 4.87
C ASP A 133 -6.33 -15.73 5.43
N ARG A 134 -6.18 -15.67 6.75
CA ARG A 134 -5.74 -14.46 7.43
C ARG A 134 -4.21 -14.37 7.44
N GLU A 135 -3.55 -15.51 7.61
CA GLU A 135 -2.10 -15.56 7.64
C GLU A 135 -1.50 -15.43 6.25
N SER A 136 -2.24 -15.95 5.26
CA SER A 136 -1.79 -15.89 3.87
C SER A 136 -1.99 -14.50 3.28
N PHE A 137 -2.95 -13.76 3.83
CA PHE A 137 -3.25 -12.42 3.34
C PHE A 137 -2.15 -11.43 3.74
N ASN A 138 -1.80 -11.41 5.03
CA ASN A 138 -0.78 -10.51 5.53
C ASN A 138 0.55 -10.75 4.83
N LYS A 139 0.76 -11.97 4.33
CA LYS A 139 1.99 -12.32 3.64
C LYS A 139 2.01 -11.76 2.23
N THR A 140 0.83 -11.66 1.62
CA THR A 140 0.71 -11.14 0.26
C THR A 140 0.67 -9.62 0.26
N ALA A 141 -0.23 -9.04 1.05
CA ALA A 141 -0.36 -7.59 1.14
C ALA A 141 0.94 -6.94 1.55
N ALA A 142 1.58 -7.48 2.58
CA ALA A 142 2.84 -6.95 3.08
C ALA A 142 3.93 -7.03 2.01
N LEU A 143 3.90 -8.09 1.21
CA LEU A 143 4.88 -8.28 0.15
C LEU A 143 4.58 -7.37 -1.05
N TRP A 144 3.31 -7.08 -1.26
CA TRP A 144 2.88 -6.23 -2.37
C TRP A 144 3.19 -4.77 -2.10
N THR A 145 3.15 -4.37 -0.83
CA THR A 145 3.41 -2.98 -0.46
C THR A 145 4.87 -2.61 -0.69
N ARG A 146 5.79 -3.44 -0.20
CA ARG A 146 7.22 -3.18 -0.35
C ARG A 146 7.66 -3.33 -1.81
N LEU A 147 6.95 -4.16 -2.56
CA LEU A 147 7.27 -4.39 -3.97
C LEU A 147 6.58 -3.36 -4.86
N TYR A 148 5.41 -2.89 -4.43
CA TYR A 148 4.65 -1.92 -5.20
C TYR A 148 4.66 -0.55 -4.52
N ALA A 149 4.06 -0.47 -3.33
CA ALA A 149 4.00 0.77 -2.58
C ALA A 149 5.38 1.43 -2.46
N SER A 150 6.42 0.60 -2.47
CA SER A 150 7.79 1.09 -2.35
C SER A 150 8.65 0.57 -3.50
N GLU A 151 9.09 1.48 -4.37
CA GLU A 151 9.91 1.11 -5.50
C GLU A 151 11.39 1.36 -5.20
N THR A 152 11.70 2.60 -4.84
CA THR A 152 13.08 2.98 -4.52
C THR A 152 13.12 3.96 -3.35
N SER A 153 12.25 3.76 -2.39
CA SER A 153 12.19 4.63 -1.22
C SER A 153 12.23 3.82 0.07
N ASN A 154 12.90 4.36 1.09
CA ASN A 154 13.02 3.69 2.38
C ASN A 154 13.73 2.34 2.22
N GLY A 155 14.67 2.28 1.28
CA GLY A 155 15.40 1.04 1.05
C GLY A 155 16.39 1.16 -0.09
N GLN A 156 15.89 1.50 -1.28
CA GLN A 156 16.74 1.63 -2.45
C GLN A 156 17.47 0.34 -2.77
N LYS A 157 16.83 -0.79 -2.42
CA LYS A 157 17.42 -2.10 -2.67
C LYS A 157 16.45 -3.21 -2.25
N GLY A 158 16.28 -4.19 -3.12
CA GLY A 158 15.39 -5.30 -2.82
C GLY A 158 15.27 -6.28 -3.97
N ASN A 159 14.05 -6.72 -4.26
CA ASN A 159 13.81 -7.66 -5.33
C ASN A 159 14.56 -8.96 -5.11
N VAL A 160 13.86 -9.94 -4.52
CA VAL A 160 14.46 -11.23 -4.23
C VAL A 160 14.96 -11.91 -5.51
N GLU A 161 16.19 -12.41 -5.46
CA GLU A 161 16.78 -13.07 -6.62
C GLU A 161 17.48 -14.36 -6.22
N GLU A 162 18.27 -14.29 -5.16
CA GLU A 162 19.00 -15.45 -4.67
C GLU A 162 19.09 -15.44 -3.14
N SER A 163 18.10 -14.81 -2.50
CA SER A 163 18.06 -14.72 -1.04
C SER A 163 19.36 -14.16 -0.47
N ASP A 164 20.33 -15.04 -0.24
CA ASP A 164 21.63 -14.61 0.30
C ASP A 164 22.72 -14.72 -0.76
N LEU A 165 23.95 -14.42 -0.36
CA LEU A 165 25.10 -14.48 -1.28
C LEU A 165 26.19 -15.38 -0.71
N TYR A 166 25.79 -16.38 0.06
CA TYR A 166 26.75 -17.31 0.67
C TYR A 166 26.32 -18.75 0.44
N GLY A 167 25.05 -19.03 0.67
CA GLY A 167 24.54 -20.38 0.49
C GLY A 167 24.09 -21.01 1.79
N ILE A 168 24.64 -20.54 2.90
CA ILE A 168 24.28 -21.07 4.22
C ILE A 168 24.78 -22.51 4.37
N ASP A 169 25.81 -22.70 5.19
CA ASP A 169 26.37 -24.02 5.42
C ASP A 169 27.14 -24.08 6.73
N HIS A 170 28.41 -23.75 6.68
CA HIS A 170 29.25 -23.80 7.87
C HIS A 170 29.13 -22.52 8.70
N ASP A 171 28.92 -21.39 8.03
CA ASP A 171 28.78 -20.12 8.75
C ASP A 171 27.54 -20.16 9.63
N LEU A 172 26.47 -20.72 9.07
CA LEU A 172 25.23 -20.89 9.79
C LEU A 172 25.43 -21.95 10.87
N ILE A 173 26.33 -22.88 10.58
CA ILE A 173 26.65 -23.96 11.48
C ILE A 173 27.44 -23.45 12.67
N ASP A 174 28.40 -22.58 12.40
CA ASP A 174 29.24 -22.00 13.45
C ASP A 174 28.38 -21.37 14.54
N GLU A 175 27.23 -20.86 14.16
CA GLU A 175 26.32 -20.22 15.11
C GLU A 175 25.76 -21.24 16.11
N PHE A 176 25.16 -22.31 15.59
CA PHE A 176 24.59 -23.35 16.45
C PHE A 176 25.68 -24.17 17.11
N GLU A 177 26.78 -24.37 16.40
CA GLU A 177 27.87 -25.17 16.93
C GLU A 177 28.46 -24.54 18.19
N SER A 178 28.98 -23.33 18.03
CA SER A 178 29.61 -22.62 19.14
C SER A 178 28.67 -22.51 20.34
N GLN A 179 27.37 -22.46 20.08
CA GLN A 179 26.38 -22.35 21.15
C GLN A 179 26.53 -23.50 22.14
N GLY A 180 25.64 -24.49 22.03
CA GLY A 180 25.69 -25.64 22.93
C GLY A 180 25.16 -26.88 22.25
N PHE A 181 25.16 -26.87 20.92
CA PHE A 181 24.67 -28.01 20.15
C PHE A 181 25.81 -28.76 19.49
N GLU A 182 26.43 -28.10 18.51
CA GLU A 182 27.57 -28.64 17.74
C GLU A 182 27.18 -28.83 16.28
N LYS A 183 28.19 -29.10 15.45
CA LYS A 183 27.98 -29.31 14.02
C LYS A 183 26.97 -30.43 13.77
N ASP A 184 27.21 -31.58 14.40
CA ASP A 184 26.32 -32.73 14.24
C ASP A 184 24.86 -32.36 14.49
N LYS A 185 24.64 -31.53 15.52
CA LYS A 185 23.29 -31.10 15.87
C LYS A 185 22.64 -30.37 14.69
N ILE A 186 23.35 -29.38 14.16
CA ILE A 186 22.85 -28.59 13.04
C ILE A 186 22.53 -29.46 11.83
N VAL A 187 23.47 -30.32 11.45
CA VAL A 187 23.30 -31.19 10.28
C VAL A 187 21.95 -31.93 10.32
N GLU A 188 21.64 -32.55 11.44
CA GLU A 188 20.39 -33.29 11.58
C GLU A 188 19.19 -32.38 11.33
N VAL A 189 19.36 -31.09 11.63
CA VAL A 189 18.28 -30.13 11.47
C VAL A 189 18.20 -29.58 10.04
N LEU A 190 19.29 -29.65 9.30
CA LEU A 190 19.31 -29.15 7.92
C LEU A 190 18.59 -30.10 6.98
N ARG A 191 18.87 -31.39 7.10
CA ARG A 191 18.25 -32.40 6.25
C ARG A 191 16.76 -32.53 6.51
N ARG A 192 16.35 -32.25 7.75
CA ARG A 192 14.94 -32.33 8.13
C ARG A 192 14.20 -31.04 7.80
N LEU A 193 14.94 -29.98 7.48
CA LEU A 193 14.33 -28.70 7.14
C LEU A 193 14.57 -28.37 5.66
N GLY A 194 15.83 -28.27 5.28
CA GLY A 194 16.17 -27.97 3.90
C GLY A 194 15.98 -26.50 3.56
N VAL A 195 16.15 -25.64 4.55
CA VAL A 195 15.99 -24.20 4.34
C VAL A 195 17.15 -23.63 3.54
N LYS A 196 18.33 -23.57 4.16
CA LYS A 196 19.52 -23.05 3.51
C LYS A 196 19.25 -21.68 2.89
N SER A 197 18.32 -20.94 3.49
CA SER A 197 17.97 -19.61 3.00
C SER A 197 17.35 -18.76 4.11
N LEU A 198 18.22 -18.08 4.86
CA LEU A 198 17.76 -17.23 5.96
C LEU A 198 17.76 -15.76 5.54
N ASP A 199 16.65 -15.06 5.85
CA ASP A 199 16.53 -13.65 5.51
C ASP A 199 16.47 -12.80 6.76
N PRO A 200 17.07 -11.59 6.73
CA PRO A 200 17.07 -10.68 7.88
C PRO A 200 15.67 -10.26 8.29
N ASN A 201 14.72 -10.39 7.36
CA ASN A 201 13.33 -10.01 7.63
C ASN A 201 12.63 -11.07 8.48
N ASP A 202 12.86 -12.34 8.15
CA ASP A 202 12.23 -13.44 8.89
C ASP A 202 13.28 -14.41 9.43
N ASN A 203 13.09 -14.84 10.67
CA ASN A 203 14.01 -15.78 11.30
C ASN A 203 13.25 -16.97 11.87
N ASN A 204 12.17 -17.35 11.20
CA ASN A 204 11.35 -18.48 11.64
C ASN A 204 12.10 -19.79 11.47
N THR A 205 13.01 -19.83 10.50
CA THR A 205 13.79 -21.04 10.24
C THR A 205 14.53 -21.50 11.48
N ALA A 206 15.27 -20.57 12.11
CA ALA A 206 16.04 -20.90 13.30
C ALA A 206 15.16 -21.53 14.38
N ASN A 207 13.97 -20.95 14.60
CA ASN A 207 13.06 -21.46 15.61
C ASN A 207 12.87 -22.96 15.46
N ARG A 208 12.47 -23.39 14.27
CA ARG A 208 12.27 -24.81 14.00
C ARG A 208 13.60 -25.56 14.11
N ILE A 209 14.70 -24.86 13.86
CA ILE A 209 16.03 -25.46 13.92
C ILE A 209 16.43 -25.74 15.36
N ILE A 210 16.45 -24.69 16.19
CA ILE A 210 16.82 -24.85 17.58
C ILE A 210 15.95 -25.88 18.25
N GLU A 211 14.70 -25.95 17.80
CA GLU A 211 13.74 -26.91 18.33
C GLU A 211 14.38 -28.30 18.33
N GLU A 212 14.96 -28.66 17.19
CA GLU A 212 15.62 -29.96 17.05
C GLU A 212 17.02 -29.91 17.68
N LEU A 213 17.64 -28.74 17.64
CA LEU A 213 18.98 -28.56 18.21
C LEU A 213 19.03 -29.06 19.66
N LEU A 214 18.07 -28.62 20.46
CA LEU A 214 18.01 -29.03 21.87
C LEU A 214 17.28 -30.36 22.04
N LYS A 215 17.34 -31.21 21.02
CA LYS A 215 16.69 -32.51 21.08
C LYS A 215 17.71 -33.64 20.96
N SER A 1 -11.19 25.99 -14.01
CA SER A 1 -10.52 27.13 -13.34
C SER A 1 -11.27 27.58 -12.09
N SER A 2 -12.52 28.00 -12.28
CA SER A 2 -13.35 28.45 -11.18
C SER A 2 -13.68 27.29 -10.23
N ARG A 3 -14.03 26.15 -10.81
CA ARG A 3 -14.36 24.97 -10.02
C ARG A 3 -13.11 24.18 -9.66
N ALA A 4 -12.09 24.28 -10.50
CA ALA A 4 -10.84 23.57 -10.27
C ALA A 4 -10.10 24.16 -9.07
N LYS A 5 -10.28 25.46 -8.84
CA LYS A 5 -9.62 26.13 -7.73
C LYS A 5 -10.07 25.55 -6.38
N ARG A 6 -11.29 25.02 -6.36
CA ARG A 6 -11.83 24.44 -5.13
C ARG A 6 -10.95 23.31 -4.62
N ILE A 7 -10.62 22.37 -5.50
CA ILE A 7 -9.79 21.23 -5.13
C ILE A 7 -8.31 21.62 -5.12
N MET A 8 -7.94 22.59 -5.95
CA MET A 8 -6.57 23.05 -6.04
C MET A 8 -6.14 23.75 -4.75
N LYS A 9 -7.03 24.57 -4.21
CA LYS A 9 -6.75 25.30 -2.99
C LYS A 9 -6.43 24.34 -1.84
N GLU A 10 -6.96 23.12 -1.92
CA GLU A 10 -6.72 22.12 -0.89
C GLU A 10 -5.35 21.47 -1.05
N ILE A 11 -4.87 21.42 -2.29
CA ILE A 11 -3.57 20.82 -2.58
C ILE A 11 -2.44 21.55 -1.86
N GLN A 12 -2.59 22.86 -1.70
CA GLN A 12 -1.59 23.67 -1.03
C GLN A 12 -1.65 23.49 0.48
N ALA A 13 -2.87 23.32 1.00
CA ALA A 13 -3.07 23.13 2.43
C ALA A 13 -2.76 21.69 2.84
N VAL A 14 -3.30 20.74 2.10
CA VAL A 14 -3.07 19.33 2.39
C VAL A 14 -1.58 18.99 2.38
N LYS A 15 -0.83 19.70 1.54
CA LYS A 15 0.61 19.48 1.42
C LYS A 15 1.36 20.21 2.53
N ASP A 16 0.84 21.37 2.91
CA ASP A 16 1.47 22.17 3.95
C ASP A 16 0.93 21.80 5.34
N ASP A 17 0.45 20.57 5.47
CA ASP A 17 -0.09 20.09 6.74
C ASP A 17 1.03 19.59 7.64
N PRO A 18 1.28 20.29 8.78
CA PRO A 18 2.33 19.89 9.73
C PRO A 18 1.97 18.61 10.50
N ALA A 19 0.71 18.20 10.40
CA ALA A 19 0.26 16.99 11.09
C ALA A 19 0.70 15.73 10.36
N ALA A 20 0.25 15.59 9.12
CA ALA A 20 0.61 14.42 8.30
C ALA A 20 1.39 14.84 7.06
N HIS A 21 1.88 13.84 6.32
CA HIS A 21 2.65 14.10 5.11
C HIS A 21 1.87 13.67 3.88
N ILE A 22 0.95 14.52 3.43
CA ILE A 22 0.14 14.22 2.26
C ILE A 22 0.78 14.79 1.00
N THR A 23 0.49 14.16 -0.14
CA THR A 23 1.03 14.61 -1.41
C THR A 23 0.04 14.36 -2.54
N LEU A 24 -0.41 15.44 -3.18
CA LEU A 24 -1.36 15.33 -4.28
C LEU A 24 -0.68 15.60 -5.62
N GLU A 25 -1.09 14.86 -6.64
CA GLU A 25 -0.52 15.03 -7.97
C GLU A 25 -1.61 15.11 -9.03
N PHE A 26 -1.47 16.07 -9.95
CA PHE A 26 -2.45 16.26 -11.01
C PHE A 26 -1.84 15.93 -12.37
N VAL A 27 -2.61 15.24 -13.20
CA VAL A 27 -2.14 14.86 -14.54
C VAL A 27 -2.48 15.94 -15.56
N SER A 28 -1.65 16.05 -16.59
CA SER A 28 -1.86 17.04 -17.64
C SER A 28 -3.15 16.77 -18.40
N GLU A 29 -3.95 17.80 -18.58
CA GLU A 29 -5.22 17.67 -19.29
C GLU A 29 -5.74 19.03 -19.73
N SER A 30 -4.82 19.89 -20.19
CA SER A 30 -5.19 21.23 -20.64
C SER A 30 -5.62 22.10 -19.47
N ASP A 31 -6.75 21.77 -18.87
CA ASP A 31 -7.27 22.53 -17.74
C ASP A 31 -7.67 21.59 -16.60
N ILE A 32 -6.75 20.70 -16.23
CA ILE A 32 -6.98 19.73 -15.15
C ILE A 32 -8.27 18.95 -15.35
N HIS A 33 -8.36 17.79 -14.70
CA HIS A 33 -9.55 16.94 -14.80
C HIS A 33 -9.39 15.69 -13.96
N HIS A 34 -8.18 15.13 -13.96
CA HIS A 34 -7.90 13.91 -13.20
C HIS A 34 -6.81 14.17 -12.16
N LEU A 35 -7.01 13.62 -10.96
CA LEU A 35 -6.04 13.80 -9.88
C LEU A 35 -5.67 12.45 -9.26
N LYS A 36 -4.55 12.43 -8.53
CA LYS A 36 -4.08 11.21 -7.89
C LYS A 36 -3.64 11.50 -6.46
N GLY A 37 -4.38 10.97 -5.49
CA GLY A 37 -4.04 11.18 -4.10
C GLY A 37 -3.13 10.11 -3.56
N THR A 38 -1.98 10.52 -3.03
CA THR A 38 -1.02 9.57 -2.48
C THR A 38 -0.74 9.86 -1.00
N PHE A 39 -0.08 8.92 -0.34
CA PHE A 39 0.25 9.07 1.08
C PHE A 39 1.62 8.46 1.38
N LEU A 40 2.53 9.29 1.89
CA LEU A 40 3.87 8.84 2.22
C LEU A 40 3.97 8.43 3.69
N GLY A 41 4.50 7.24 3.93
CA GLY A 41 4.63 6.74 5.29
C GLY A 41 5.35 5.41 5.37
N PRO A 42 6.30 5.24 6.30
CA PRO A 42 7.05 3.99 6.46
C PRO A 42 6.17 2.86 7.00
N PRO A 43 6.66 1.61 6.91
CA PRO A 43 5.93 0.44 7.41
C PRO A 43 5.94 0.33 8.92
N GLY A 44 4.83 -0.13 9.49
CA GLY A 44 4.75 -0.28 10.94
C GLY A 44 3.80 -1.39 11.35
N THR A 45 3.54 -2.32 10.43
CA THR A 45 2.64 -3.45 10.70
C THR A 45 2.45 -4.28 9.43
N PRO A 46 1.94 -5.51 9.56
CA PRO A 46 1.72 -6.43 8.43
C PRO A 46 1.20 -5.74 7.18
N TYR A 47 0.44 -4.66 7.35
CA TYR A 47 -0.12 -3.93 6.21
C TYR A 47 0.97 -3.28 5.37
N GLU A 48 2.18 -3.21 5.90
CA GLU A 48 3.31 -2.61 5.19
C GLU A 48 3.07 -1.12 4.94
N GLY A 49 4.10 -0.43 4.47
CA GLY A 49 3.99 0.99 4.19
C GLY A 49 4.67 1.39 2.91
N GLY A 50 4.38 2.60 2.43
CA GLY A 50 4.99 3.06 1.19
C GLY A 50 4.32 4.32 0.68
N LYS A 51 3.94 4.30 -0.60
CA LYS A 51 3.29 5.45 -1.23
C LYS A 51 1.96 5.05 -1.85
N PHE A 52 0.87 5.29 -1.12
CA PHE A 52 -0.46 4.94 -1.62
C PHE A 52 -0.78 5.71 -2.89
N VAL A 53 -1.65 5.13 -3.72
CA VAL A 53 -2.05 5.76 -4.97
C VAL A 53 -3.57 5.74 -5.12
N VAL A 54 -4.18 6.91 -5.08
CA VAL A 54 -5.63 7.02 -5.23
C VAL A 54 -6.00 7.72 -6.54
N ASP A 55 -6.55 6.96 -7.48
CA ASP A 55 -6.94 7.53 -8.77
C ASP A 55 -8.22 8.35 -8.60
N ILE A 56 -8.08 9.67 -8.71
CA ILE A 56 -9.21 10.57 -8.56
C ILE A 56 -9.66 11.15 -9.90
N GLU A 57 -10.98 11.26 -10.06
CA GLU A 57 -11.54 11.81 -11.29
C GLU A 57 -12.55 12.91 -10.95
N VAL A 58 -12.15 14.16 -11.16
CA VAL A 58 -13.01 15.29 -10.88
C VAL A 58 -13.48 15.98 -12.17
N PRO A 59 -14.68 15.63 -12.66
CA PRO A 59 -15.23 16.22 -13.88
C PRO A 59 -15.71 17.65 -13.68
N MET A 60 -16.45 17.88 -12.62
CA MET A 60 -16.97 19.20 -12.31
C MET A 60 -17.53 19.27 -10.90
N GLU A 61 -18.15 20.40 -10.55
CA GLU A 61 -18.72 20.58 -9.23
C GLU A 61 -19.81 21.66 -9.23
N TYR A 62 -21.03 21.24 -8.91
CA TYR A 62 -22.17 22.16 -8.87
C TYR A 62 -23.33 21.55 -8.10
N PRO A 63 -23.92 20.45 -8.61
CA PRO A 63 -25.03 19.78 -7.93
C PRO A 63 -24.55 18.90 -6.79
N PHE A 64 -23.38 18.30 -6.98
CA PHE A 64 -22.78 17.43 -5.98
C PHE A 64 -21.26 17.45 -6.08
N LYS A 65 -20.60 16.52 -5.39
CA LYS A 65 -19.15 16.45 -5.44
C LYS A 65 -18.66 15.01 -5.23
N PRO A 66 -19.18 14.05 -6.01
CA PRO A 66 -18.79 12.65 -5.90
C PRO A 66 -17.53 12.33 -6.70
N PRO A 67 -16.39 12.11 -6.02
CA PRO A 67 -15.12 11.80 -6.68
C PRO A 67 -15.01 10.33 -7.05
N LYS A 68 -14.23 10.03 -8.09
CA LYS A 68 -14.05 8.66 -8.53
C LYS A 68 -12.70 8.12 -8.08
N MET A 69 -12.70 7.28 -7.06
CA MET A 69 -11.48 6.69 -6.53
C MET A 69 -11.16 5.37 -7.24
N GLN A 70 -9.90 5.19 -7.58
CA GLN A 70 -9.47 3.97 -8.27
C GLN A 70 -7.99 3.69 -8.01
N PHE A 71 -7.45 2.69 -8.68
CA PHE A 71 -6.04 2.32 -8.53
C PHE A 71 -5.78 1.81 -7.11
N ASP A 72 -5.62 2.74 -6.17
CA ASP A 72 -5.39 2.38 -4.77
C ASP A 72 -4.07 1.64 -4.59
N THR A 73 -3.20 1.73 -5.58
CA THR A 73 -1.90 1.06 -5.53
C THR A 73 -2.06 -0.45 -5.67
N LYS A 74 -3.04 -0.86 -6.48
CA LYS A 74 -3.32 -2.28 -6.72
C LYS A 74 -3.21 -3.11 -5.43
N VAL A 75 -3.98 -2.72 -4.42
CA VAL A 75 -3.98 -3.43 -3.14
C VAL A 75 -5.06 -4.49 -3.10
N TYR A 76 -4.76 -5.60 -2.43
CA TYR A 76 -5.72 -6.70 -2.32
C TYR A 76 -6.36 -6.71 -0.94
N HIS A 77 -7.44 -5.94 -0.80
CA HIS A 77 -8.16 -5.85 0.47
C HIS A 77 -9.68 -5.97 0.25
N PRO A 78 -10.39 -6.63 1.17
CA PRO A 78 -11.85 -6.80 1.07
C PRO A 78 -12.55 -5.50 0.71
N ASN A 79 -11.95 -4.38 1.10
CA ASN A 79 -12.52 -3.07 0.81
C ASN A 79 -12.16 -2.63 -0.60
N ILE A 80 -10.89 -2.81 -0.94
CA ILE A 80 -10.39 -2.43 -2.26
C ILE A 80 -10.10 -3.66 -3.11
N SER A 81 -11.03 -4.02 -3.98
CA SER A 81 -10.88 -5.18 -4.84
C SER A 81 -12.09 -5.36 -5.75
N SER A 82 -12.03 -4.77 -6.94
CA SER A 82 -13.13 -4.87 -7.90
C SER A 82 -12.59 -5.15 -9.30
N VAL A 83 -11.88 -4.17 -9.86
CA VAL A 83 -11.32 -4.31 -11.20
C VAL A 83 -9.88 -3.82 -11.24
N THR A 84 -9.71 -2.51 -11.02
CA THR A 84 -8.38 -1.91 -11.03
C THR A 84 -7.97 -1.48 -9.63
N GLY A 85 -8.95 -1.13 -8.81
CA GLY A 85 -8.67 -0.71 -7.45
C GLY A 85 -9.63 0.35 -6.96
N ALA A 86 -10.91 0.02 -6.89
CA ALA A 86 -11.93 0.96 -6.43
C ALA A 86 -12.48 0.55 -5.07
N ILE A 87 -12.50 1.50 -4.13
CA ILE A 87 -13.00 1.22 -2.79
C ILE A 87 -14.48 1.55 -2.68
N CYS A 88 -15.10 1.11 -1.59
CA CYS A 88 -16.50 1.40 -1.34
C CYS A 88 -16.61 2.36 -0.16
N LEU A 89 -16.74 3.64 -0.46
CA LEU A 89 -16.83 4.66 0.57
C LEU A 89 -18.08 5.53 0.37
N ASP A 90 -18.27 6.48 1.28
CA ASP A 90 -19.43 7.36 1.23
C ASP A 90 -19.46 8.15 -0.08
N ILE A 91 -18.33 8.78 -0.42
CA ILE A 91 -18.24 9.56 -1.65
C ILE A 91 -17.83 8.70 -2.84
N LEU A 92 -18.43 7.52 -2.96
CA LEU A 92 -18.13 6.61 -4.06
C LEU A 92 -19.39 6.20 -4.80
N ARG A 93 -20.42 7.04 -4.72
CA ARG A 93 -21.69 6.76 -5.39
C ARG A 93 -22.70 7.87 -5.13
N ASN A 94 -22.69 8.41 -3.92
CA ASN A 94 -23.62 9.48 -3.55
C ASN A 94 -23.16 10.21 -2.29
N ALA A 95 -22.82 9.43 -1.26
CA ALA A 95 -22.36 9.99 0.00
C ALA A 95 -23.51 10.65 0.76
N TRP A 96 -23.20 11.23 1.92
CA TRP A 96 -24.20 11.90 2.74
C TRP A 96 -23.64 13.16 3.37
N SER A 97 -22.74 13.83 2.65
CA SER A 97 -22.11 15.06 3.15
C SER A 97 -21.18 15.65 2.11
N PRO A 98 -21.66 16.65 1.33
CA PRO A 98 -20.86 17.31 0.30
C PRO A 98 -19.51 17.80 0.83
N VAL A 99 -19.46 18.06 2.14
CA VAL A 99 -18.23 18.56 2.75
C VAL A 99 -17.10 17.55 2.65
N ILE A 100 -17.44 16.29 2.36
CA ILE A 100 -16.44 15.24 2.23
C ILE A 100 -15.44 15.57 1.12
N THR A 101 -14.44 16.38 1.46
CA THR A 101 -13.42 16.78 0.50
C THR A 101 -12.46 15.63 0.20
N LEU A 102 -11.44 15.93 -0.60
CA LEU A 102 -10.44 14.92 -0.96
C LEU A 102 -9.69 14.41 0.26
N LYS A 103 -9.49 15.30 1.24
CA LYS A 103 -8.79 14.94 2.46
C LYS A 103 -9.45 13.75 3.16
N SER A 104 -10.78 13.74 3.16
CA SER A 104 -11.54 12.68 3.80
C SER A 104 -11.36 11.36 3.04
N ALA A 105 -11.33 11.44 1.71
CA ALA A 105 -11.17 10.26 0.88
C ALA A 105 -9.87 9.53 1.21
N LEU A 106 -8.79 10.28 1.36
CA LEU A 106 -7.49 9.70 1.67
C LEU A 106 -7.44 9.19 3.11
N ILE A 107 -7.88 10.03 4.05
CA ILE A 107 -7.89 9.65 5.46
C ILE A 107 -8.80 8.45 5.72
N SER A 108 -9.78 8.25 4.84
CA SER A 108 -10.71 7.15 4.97
C SER A 108 -10.02 5.81 4.76
N LEU A 109 -9.35 5.67 3.61
CA LEU A 109 -8.65 4.43 3.28
C LEU A 109 -7.62 4.09 4.35
N GLN A 110 -7.03 5.11 4.95
CA GLN A 110 -6.04 4.91 6.00
C GLN A 110 -6.60 4.06 7.13
N ALA A 111 -7.70 4.53 7.73
CA ALA A 111 -8.33 3.80 8.83
C ALA A 111 -9.04 2.55 8.32
N LEU A 112 -9.53 2.61 7.09
CA LEU A 112 -10.23 1.48 6.48
C LEU A 112 -9.27 0.33 6.21
N LEU A 113 -8.01 0.66 5.93
CA LEU A 113 -6.99 -0.35 5.66
C LEU A 113 -6.63 -1.10 6.93
N GLN A 114 -6.46 -0.37 8.03
CA GLN A 114 -6.11 -0.97 9.31
C GLN A 114 -7.35 -1.18 10.18
N SER A 115 -8.47 -1.49 9.54
CA SER A 115 -9.72 -1.71 10.25
C SER A 115 -10.59 -2.75 9.52
N PRO A 116 -10.19 -4.03 9.58
CA PRO A 116 -10.93 -5.12 8.93
C PRO A 116 -12.41 -5.11 9.28
N GLU A 117 -13.25 -4.87 8.28
CA GLU A 117 -14.70 -4.82 8.48
C GLU A 117 -15.42 -5.59 7.38
N PRO A 118 -15.27 -6.93 7.35
CA PRO A 118 -15.92 -7.78 6.34
C PRO A 118 -17.44 -7.79 6.48
N ASN A 119 -18.05 -6.63 6.24
CA ASN A 119 -19.50 -6.51 6.32
C ASN A 119 -20.15 -6.62 4.95
N ASP A 120 -19.70 -5.76 4.02
CA ASP A 120 -20.24 -5.76 2.66
C ASP A 120 -19.19 -5.29 1.67
N PRO A 121 -18.11 -6.05 1.50
CA PRO A 121 -17.02 -5.70 0.57
C PRO A 121 -17.45 -5.81 -0.90
N GLN A 122 -16.53 -5.50 -1.80
CA GLN A 122 -16.82 -5.56 -3.23
C GLN A 122 -16.45 -6.93 -3.79
N ASP A 123 -15.39 -7.53 -3.23
CA ASP A 123 -14.92 -8.84 -3.68
C ASP A 123 -15.43 -9.94 -2.74
N ALA A 124 -16.20 -10.86 -3.29
CA ALA A 124 -16.75 -11.96 -2.51
C ALA A 124 -15.66 -12.96 -2.15
N GLU A 125 -14.65 -13.08 -3.01
CA GLU A 125 -13.55 -14.00 -2.77
C GLU A 125 -12.62 -13.49 -1.68
N VAL A 126 -12.27 -12.20 -1.76
CA VAL A 126 -11.39 -11.59 -0.77
C VAL A 126 -11.99 -11.68 0.63
N ALA A 127 -13.29 -11.47 0.73
CA ALA A 127 -13.98 -11.53 2.02
C ALA A 127 -13.98 -12.94 2.58
N GLN A 128 -14.50 -13.89 1.79
CA GLN A 128 -14.55 -15.28 2.21
C GLN A 128 -13.17 -15.83 2.52
N HIS A 129 -12.16 -15.30 1.82
CA HIS A 129 -10.78 -15.74 2.02
C HIS A 129 -10.19 -15.11 3.28
N TYR A 130 -10.58 -13.87 3.56
CA TYR A 130 -10.09 -13.15 4.73
C TYR A 130 -10.65 -13.75 6.01
N LEU A 131 -11.86 -14.28 5.92
CA LEU A 131 -12.52 -14.89 7.08
C LEU A 131 -11.80 -16.16 7.50
N ARG A 132 -11.69 -17.11 6.57
CA ARG A 132 -11.03 -18.38 6.84
C ARG A 132 -9.52 -18.20 6.94
N ASP A 133 -8.94 -17.53 5.94
CA ASP A 133 -7.51 -17.28 5.92
C ASP A 133 -7.18 -15.86 6.35
N ARG A 134 -7.20 -15.63 7.67
CA ARG A 134 -6.91 -14.31 8.22
C ARG A 134 -5.41 -14.11 8.39
N GLU A 135 -4.74 -15.09 8.99
CA GLU A 135 -3.31 -15.01 9.22
C GLU A 135 -2.54 -15.18 7.91
N SER A 136 -3.13 -15.89 6.96
CA SER A 136 -2.50 -16.13 5.67
C SER A 136 -2.63 -14.90 4.77
N PHE A 137 -3.67 -14.12 4.99
CA PHE A 137 -3.90 -12.91 4.20
C PHE A 137 -2.97 -11.79 4.63
N ASN A 138 -2.58 -11.79 5.90
CA ASN A 138 -1.69 -10.77 6.44
C ASN A 138 -0.31 -10.87 5.80
N LYS A 139 0.29 -12.05 5.87
CA LYS A 139 1.62 -12.27 5.31
C LYS A 139 1.64 -11.98 3.81
N THR A 140 0.50 -12.18 3.16
CA THR A 140 0.39 -11.92 1.72
C THR A 140 0.28 -10.44 1.44
N ALA A 141 -0.65 -9.77 2.13
CA ALA A 141 -0.85 -8.33 1.94
C ALA A 141 0.40 -7.55 2.29
N ALA A 142 1.20 -8.08 3.20
CA ALA A 142 2.44 -7.43 3.63
C ALA A 142 3.46 -7.41 2.50
N LEU A 143 3.59 -8.53 1.80
CA LEU A 143 4.54 -8.63 0.70
C LEU A 143 4.00 -7.93 -0.55
N TRP A 144 2.68 -8.02 -0.75
CA TRP A 144 2.05 -7.39 -1.90
C TRP A 144 2.20 -5.88 -1.86
N THR A 145 2.22 -5.32 -0.65
CA THR A 145 2.37 -3.89 -0.47
C THR A 145 3.82 -3.45 -0.58
N ARG A 146 4.73 -4.35 -0.20
CA ARG A 146 6.16 -4.05 -0.26
C ARG A 146 6.66 -3.98 -1.69
N LEU A 147 5.99 -4.71 -2.59
CA LEU A 147 6.39 -4.74 -3.99
C LEU A 147 5.92 -3.49 -4.74
N TYR A 148 4.63 -3.16 -4.60
CA TYR A 148 4.07 -1.99 -5.27
C TYR A 148 4.22 -0.73 -4.41
N ALA A 149 4.35 -0.92 -3.11
CA ALA A 149 4.50 0.20 -2.18
C ALA A 149 3.21 0.99 -2.05
N SER A 150 2.67 1.05 -0.83
CA SER A 150 1.43 1.77 -0.57
C SER A 150 1.18 1.88 0.92
N GLU A 151 -0.06 2.21 1.29
CA GLU A 151 -0.44 2.35 2.70
C GLU A 151 0.20 3.58 3.32
N THR A 152 -0.24 3.93 4.52
CA THR A 152 0.28 5.09 5.24
C THR A 152 1.36 4.67 6.24
N SER A 153 1.63 5.54 7.20
CA SER A 153 2.65 5.25 8.22
C SER A 153 1.99 4.69 9.48
N ASN A 154 2.81 4.44 10.51
CA ASN A 154 2.30 3.91 11.77
C ASN A 154 3.43 3.78 12.79
N GLY A 155 4.60 3.33 12.34
CA GLY A 155 5.73 3.18 13.22
C GLY A 155 7.01 2.86 12.47
N GLN A 156 7.58 1.69 12.75
CA GLN A 156 8.81 1.27 12.09
C GLN A 156 9.00 -0.24 12.22
N LYS A 157 8.56 -0.97 11.20
CA LYS A 157 8.68 -2.42 11.19
C LYS A 157 9.57 -2.88 10.03
N GLY A 158 9.91 -4.17 10.04
CA GLY A 158 10.74 -4.72 8.97
C GLY A 158 9.96 -5.01 7.71
N ASN A 159 10.53 -5.86 6.86
CA ASN A 159 9.88 -6.23 5.60
C ASN A 159 9.98 -7.73 5.37
N VAL A 160 9.57 -8.18 4.19
CA VAL A 160 9.61 -9.60 3.84
C VAL A 160 10.98 -9.99 3.28
N GLU A 161 12.05 -9.59 3.96
CA GLU A 161 13.40 -9.89 3.52
C GLU A 161 14.38 -9.82 4.70
N GLU A 162 13.87 -10.07 5.90
CA GLU A 162 14.70 -10.01 7.09
C GLU A 162 14.43 -11.23 7.99
N SER A 163 14.24 -12.39 7.37
CA SER A 163 13.98 -13.62 8.11
C SER A 163 15.27 -14.43 8.31
N ASP A 164 16.37 -13.72 8.55
CA ASP A 164 17.66 -14.37 8.76
C ASP A 164 18.11 -14.22 10.21
N LEU A 165 17.72 -13.12 10.83
CA LEU A 165 18.10 -12.86 12.22
C LEU A 165 17.15 -13.56 13.18
N TYR A 166 15.90 -13.73 12.77
CA TYR A 166 14.89 -14.38 13.60
C TYR A 166 13.92 -15.20 12.75
N GLY A 167 14.14 -16.50 12.70
CA GLY A 167 13.26 -17.37 11.92
C GLY A 167 12.07 -17.84 12.72
N ILE A 168 12.05 -19.14 13.04
CA ILE A 168 10.96 -19.72 13.81
C ILE A 168 9.62 -19.53 13.08
N ASP A 169 8.62 -20.28 13.53
CA ASP A 169 7.29 -20.21 12.94
C ASP A 169 7.28 -20.66 11.49
N HIS A 170 7.83 -19.84 10.62
CA HIS A 170 7.88 -20.15 9.19
C HIS A 170 9.03 -21.11 8.86
N ASP A 171 10.12 -21.03 9.61
CA ASP A 171 11.27 -21.90 9.39
C ASP A 171 10.87 -23.34 9.73
N LEU A 172 10.30 -23.50 10.91
CA LEU A 172 9.83 -24.81 11.36
C LEU A 172 8.70 -25.27 10.45
N ILE A 173 7.97 -24.29 9.90
CA ILE A 173 6.88 -24.55 9.01
C ILE A 173 7.40 -25.05 7.67
N ASP A 174 8.55 -24.52 7.26
CA ASP A 174 9.17 -24.90 6.00
C ASP A 174 9.41 -26.40 5.96
N GLU A 175 9.68 -26.99 7.12
CA GLU A 175 9.94 -28.42 7.22
C GLU A 175 8.67 -29.22 6.90
N PHE A 176 7.60 -28.96 7.65
CA PHE A 176 6.34 -29.66 7.43
C PHE A 176 5.64 -29.19 6.18
N GLU A 177 5.86 -27.93 5.83
CA GLU A 177 5.21 -27.35 4.68
C GLU A 177 5.67 -28.02 3.37
N SER A 178 6.82 -28.67 3.40
CA SER A 178 7.34 -29.32 2.20
C SER A 178 7.89 -30.72 2.49
N GLN A 179 7.71 -31.20 3.71
CA GLN A 179 8.20 -32.53 4.07
C GLN A 179 7.16 -33.32 4.88
N GLY A 180 5.89 -32.95 4.74
CA GLY A 180 4.85 -33.65 5.45
C GLY A 180 3.46 -33.13 5.14
N PHE A 181 3.38 -31.84 4.84
CA PHE A 181 2.11 -31.21 4.52
C PHE A 181 2.30 -29.73 4.19
N GLU A 182 1.24 -28.95 4.34
CA GLU A 182 1.28 -27.52 4.04
C GLU A 182 1.43 -26.70 5.32
N LYS A 183 1.72 -25.42 5.16
CA LYS A 183 1.90 -24.51 6.30
C LYS A 183 0.66 -24.51 7.20
N ASP A 184 -0.53 -24.48 6.58
CA ASP A 184 -1.78 -24.45 7.33
C ASP A 184 -1.84 -25.58 8.36
N LYS A 185 -1.43 -26.78 7.94
CA LYS A 185 -1.43 -27.93 8.83
C LYS A 185 -0.54 -27.66 10.04
N ILE A 186 0.67 -27.19 9.78
CA ILE A 186 1.63 -26.88 10.83
C ILE A 186 1.06 -25.87 11.83
N VAL A 187 0.53 -24.76 11.31
CA VAL A 187 -0.04 -23.71 12.15
C VAL A 187 -0.97 -24.28 13.21
N GLU A 188 -1.99 -25.01 12.76
CA GLU A 188 -2.96 -25.61 13.67
C GLU A 188 -2.27 -26.40 14.79
N VAL A 189 -1.10 -26.91 14.49
CA VAL A 189 -0.34 -27.71 15.46
C VAL A 189 0.52 -26.84 16.36
N LEU A 190 0.92 -25.66 15.87
CA LEU A 190 1.76 -24.77 16.66
C LEU A 190 0.93 -24.05 17.73
N ARG A 191 -0.23 -23.54 17.34
CA ARG A 191 -1.09 -22.80 18.26
C ARG A 191 -1.40 -23.61 19.51
N ARG A 192 -1.80 -24.86 19.34
CA ARG A 192 -2.12 -25.69 20.50
C ARG A 192 -0.90 -25.84 21.40
N LEU A 193 0.21 -26.29 20.84
CA LEU A 193 1.44 -26.48 21.60
C LEU A 193 2.14 -25.14 21.86
N GLY A 194 2.87 -24.67 20.86
CA GLY A 194 3.58 -23.41 20.98
C GLY A 194 5.09 -23.57 20.88
N VAL A 195 5.57 -24.81 20.90
CA VAL A 195 6.99 -25.08 20.81
C VAL A 195 7.58 -24.48 19.54
N LYS A 196 8.52 -23.55 19.70
CA LYS A 196 9.16 -22.90 18.57
C LYS A 196 9.96 -23.90 17.73
N SER A 197 10.65 -24.81 18.42
CA SER A 197 11.45 -25.82 17.75
C SER A 197 11.01 -27.23 18.15
N LEU A 198 11.88 -28.21 17.91
CA LEU A 198 11.58 -29.59 18.25
C LEU A 198 12.71 -30.22 19.06
N ASP A 199 12.36 -31.08 20.01
CA ASP A 199 13.35 -31.74 20.85
C ASP A 199 14.44 -32.41 20.00
N PRO A 200 15.63 -31.80 19.93
CA PRO A 200 16.75 -32.35 19.15
C PRO A 200 17.36 -33.59 19.79
N ASN A 201 16.91 -33.94 20.99
CA ASN A 201 17.42 -35.10 21.70
C ASN A 201 16.58 -36.35 21.43
N ASP A 202 15.25 -36.19 21.50
CA ASP A 202 14.35 -37.31 21.27
C ASP A 202 13.47 -37.07 20.04
N ASN A 203 13.20 -35.81 19.74
CA ASN A 203 12.38 -35.45 18.59
C ASN A 203 10.93 -35.88 18.82
N ASN A 204 10.50 -35.84 20.08
CA ASN A 204 9.14 -36.22 20.44
C ASN A 204 8.13 -35.15 20.01
N THR A 205 8.59 -33.90 19.95
CA THR A 205 7.73 -32.79 19.57
C THR A 205 7.11 -33.03 18.20
N ALA A 206 7.95 -33.36 17.22
CA ALA A 206 7.48 -33.60 15.86
C ALA A 206 6.38 -34.65 15.84
N ASN A 207 6.61 -35.78 16.52
CA ASN A 207 5.61 -36.84 16.56
C ASN A 207 4.23 -36.30 16.87
N ARG A 208 4.12 -35.58 17.98
CA ARG A 208 2.84 -34.99 18.38
C ARG A 208 2.37 -34.00 17.33
N ILE A 209 3.31 -33.34 16.66
CA ILE A 209 2.98 -32.37 15.63
C ILE A 209 2.42 -33.03 14.39
N ILE A 210 3.18 -33.95 13.79
CA ILE A 210 2.73 -34.64 12.61
C ILE A 210 1.38 -35.30 12.84
N GLU A 211 1.14 -35.68 14.08
CA GLU A 211 -0.13 -36.30 14.45
C GLU A 211 -1.29 -35.43 13.99
N GLU A 212 -1.24 -34.16 14.38
CA GLU A 212 -2.27 -33.21 14.00
C GLU A 212 -2.07 -32.74 12.55
N LEU A 213 -0.81 -32.71 12.12
CA LEU A 213 -0.48 -32.28 10.76
C LEU A 213 -1.39 -32.95 9.73
N LEU A 214 -1.51 -34.27 9.82
CA LEU A 214 -2.35 -35.04 8.89
C LEU A 214 -3.74 -35.24 9.47
N LYS A 215 -4.28 -34.22 10.13
CA LYS A 215 -5.61 -34.30 10.72
C LYS A 215 -6.49 -33.17 10.21
N SER A 1 -11.28 31.60 -12.40
CA SER A 1 -10.99 30.53 -11.42
C SER A 1 -11.17 29.14 -12.06
N SER A 2 -12.27 28.97 -12.78
CA SER A 2 -12.56 27.71 -13.43
C SER A 2 -12.66 26.58 -12.42
N ARG A 3 -12.79 25.34 -12.91
CA ARG A 3 -12.90 24.18 -12.04
C ARG A 3 -11.53 23.64 -11.66
N ALA A 4 -10.55 23.86 -12.55
CA ALA A 4 -9.19 23.40 -12.30
C ALA A 4 -8.62 24.01 -11.02
N LYS A 5 -8.74 25.33 -10.90
CA LYS A 5 -8.24 26.03 -9.73
C LYS A 5 -9.13 25.79 -8.51
N ARG A 6 -10.40 25.47 -8.76
CA ARG A 6 -11.35 25.21 -7.69
C ARG A 6 -10.86 24.07 -6.80
N ILE A 7 -10.60 22.92 -7.42
CA ILE A 7 -10.13 21.76 -6.67
C ILE A 7 -8.72 21.98 -6.13
N MET A 8 -7.93 22.79 -6.84
CA MET A 8 -6.57 23.09 -6.43
C MET A 8 -6.55 23.68 -5.02
N LYS A 9 -7.55 24.50 -4.72
CA LYS A 9 -7.65 25.14 -3.41
C LYS A 9 -7.72 24.09 -2.31
N GLU A 10 -8.34 22.96 -2.61
CA GLU A 10 -8.48 21.88 -1.64
C GLU A 10 -7.13 21.23 -1.36
N ILE A 11 -6.26 21.24 -2.36
CA ILE A 11 -4.92 20.65 -2.21
C ILE A 11 -4.11 21.39 -1.16
N GLN A 12 -4.41 22.68 -0.98
CA GLN A 12 -3.70 23.50 0.00
C GLN A 12 -3.97 22.98 1.41
N ALA A 13 -5.16 22.46 1.64
CA ALA A 13 -5.53 21.93 2.95
C ALA A 13 -4.75 20.67 3.28
N VAL A 14 -4.79 19.70 2.37
CA VAL A 14 -4.08 18.43 2.56
C VAL A 14 -2.58 18.68 2.72
N LYS A 15 -2.07 19.67 2.02
CA LYS A 15 -0.65 19.99 2.09
C LYS A 15 -0.34 20.80 3.35
N ASP A 16 -1.33 21.55 3.82
CA ASP A 16 -1.16 22.37 5.01
C ASP A 16 -1.05 21.50 6.26
N ASP A 17 0.02 20.71 6.32
CA ASP A 17 0.26 19.82 7.45
C ASP A 17 1.75 19.59 7.67
N PRO A 18 2.33 20.21 8.71
CA PRO A 18 3.76 20.06 9.03
C PRO A 18 4.21 18.61 9.02
N ALA A 19 3.28 17.70 9.31
CA ALA A 19 3.58 16.28 9.33
C ALA A 19 3.97 15.77 7.94
N ALA A 20 3.32 16.30 6.92
CA ALA A 20 3.58 15.89 5.54
C ALA A 20 3.35 14.40 5.36
N HIS A 21 2.11 13.97 5.53
CA HIS A 21 1.75 12.56 5.39
C HIS A 21 0.85 12.35 4.17
N ILE A 22 0.09 13.38 3.81
CA ILE A 22 -0.81 13.30 2.66
C ILE A 22 -0.55 14.45 1.68
N THR A 23 -0.58 14.14 0.40
CA THR A 23 -0.35 15.13 -0.64
C THR A 23 -1.11 14.79 -1.92
N LEU A 24 -1.44 15.81 -2.70
CA LEU A 24 -2.17 15.62 -3.95
C LEU A 24 -1.34 16.09 -5.14
N GLU A 25 -1.15 15.22 -6.12
CA GLU A 25 -0.38 15.54 -7.30
C GLU A 25 -1.24 15.44 -8.57
N PHE A 26 -1.72 16.58 -9.04
CA PHE A 26 -2.55 16.62 -10.24
C PHE A 26 -1.76 16.17 -11.46
N VAL A 27 -2.47 15.74 -12.50
CA VAL A 27 -1.83 15.28 -13.73
C VAL A 27 -1.90 16.34 -14.82
N SER A 28 -2.97 17.13 -14.80
CA SER A 28 -3.17 18.19 -15.79
C SER A 28 -3.29 19.54 -15.13
N GLU A 29 -2.85 20.58 -15.82
CA GLU A 29 -2.91 21.95 -15.31
C GLU A 29 -4.26 22.59 -15.64
N SER A 30 -4.53 22.73 -16.93
CA SER A 30 -5.78 23.33 -17.38
C SER A 30 -6.86 22.26 -17.57
N ASP A 31 -8.06 22.53 -17.07
CA ASP A 31 -9.16 21.59 -17.18
C ASP A 31 -8.84 20.28 -16.48
N ILE A 32 -9.08 20.23 -15.18
CA ILE A 32 -8.81 19.03 -14.39
C ILE A 32 -9.59 17.83 -14.92
N HIS A 33 -9.35 16.66 -14.34
CA HIS A 33 -10.03 15.45 -14.75
C HIS A 33 -9.59 14.25 -13.89
N HIS A 34 -8.30 14.19 -13.59
CA HIS A 34 -7.76 13.11 -12.77
C HIS A 34 -6.90 13.65 -11.64
N LEU A 35 -7.13 13.16 -10.43
CA LEU A 35 -6.37 13.59 -9.27
C LEU A 35 -5.59 12.42 -8.66
N LYS A 36 -4.27 12.43 -8.86
CA LYS A 36 -3.42 11.39 -8.33
C LYS A 36 -2.72 11.85 -7.06
N GLY A 37 -3.22 11.39 -5.91
CA GLY A 37 -2.63 11.78 -4.64
C GLY A 37 -1.72 10.70 -4.07
N THR A 38 -0.85 11.09 -3.16
CA THR A 38 0.07 10.16 -2.53
C THR A 38 0.18 10.40 -1.03
N PHE A 39 0.01 9.34 -0.25
CA PHE A 39 0.08 9.45 1.20
C PHE A 39 0.88 8.30 1.79
N LEU A 40 1.70 8.60 2.79
CA LEU A 40 2.53 7.59 3.44
C LEU A 40 2.37 7.65 4.96
N GLY A 41 2.68 6.55 5.62
CA GLY A 41 2.57 6.50 7.07
C GLY A 41 3.62 5.60 7.70
N PRO A 42 3.78 5.68 9.03
CA PRO A 42 4.76 4.86 9.75
C PRO A 42 4.36 3.38 9.79
N PRO A 43 5.32 2.49 10.10
CA PRO A 43 5.06 1.06 10.17
C PRO A 43 4.23 0.68 11.40
N GLY A 44 4.31 -0.59 11.78
CA GLY A 44 3.57 -1.06 12.94
C GLY A 44 2.48 -2.05 12.54
N THR A 45 2.60 -2.61 11.35
CA THR A 45 1.62 -3.56 10.84
C THR A 45 2.15 -4.27 9.60
N PRO A 46 1.49 -5.38 9.18
CA PRO A 46 1.90 -6.14 8.00
C PRO A 46 2.09 -5.25 6.78
N TYR A 47 1.40 -4.11 6.76
CA TYR A 47 1.49 -3.17 5.65
C TYR A 47 2.84 -2.46 5.64
N GLU A 48 3.37 -2.20 6.83
CA GLU A 48 4.65 -1.53 6.96
C GLU A 48 4.60 -0.13 6.35
N GLY A 49 5.57 0.70 6.71
CA GLY A 49 5.61 2.06 6.18
C GLY A 49 5.70 2.09 4.66
N GLY A 50 5.07 3.10 4.06
CA GLY A 50 5.10 3.22 2.62
C GLY A 50 4.04 4.19 2.10
N LYS A 51 4.16 4.54 0.83
CA LYS A 51 3.21 5.47 0.21
C LYS A 51 2.23 4.72 -0.69
N PHE A 52 1.13 5.37 -1.03
CA PHE A 52 0.11 4.78 -1.89
C PHE A 52 -0.43 5.78 -2.89
N VAL A 53 -0.65 5.31 -4.12
CA VAL A 53 -1.17 6.17 -5.18
C VAL A 53 -2.69 6.04 -5.29
N VAL A 54 -3.37 7.17 -5.46
CA VAL A 54 -4.82 7.18 -5.57
C VAL A 54 -5.29 7.67 -6.94
N ASP A 55 -5.81 6.77 -7.75
CA ASP A 55 -6.32 7.14 -9.07
C ASP A 55 -7.74 7.64 -8.91
N ILE A 56 -7.94 8.94 -9.10
CA ILE A 56 -9.26 9.52 -8.94
C ILE A 56 -9.60 10.50 -10.06
N GLU A 57 -10.89 10.62 -10.36
CA GLU A 57 -11.36 11.52 -11.40
C GLU A 57 -12.41 12.47 -10.85
N VAL A 58 -12.35 13.73 -11.27
CA VAL A 58 -13.30 14.74 -10.81
C VAL A 58 -14.16 15.25 -11.96
N PRO A 59 -15.35 14.65 -12.17
CA PRO A 59 -16.27 15.06 -13.22
C PRO A 59 -16.71 16.52 -13.08
N MET A 60 -17.85 16.85 -13.68
CA MET A 60 -18.37 18.20 -13.61
C MET A 60 -19.50 18.31 -12.58
N GLU A 61 -19.40 17.49 -11.53
CA GLU A 61 -20.41 17.49 -10.48
C GLU A 61 -19.83 18.01 -9.17
N TYR A 62 -20.64 18.00 -8.12
CA TYR A 62 -20.20 18.48 -6.81
C TYR A 62 -21.30 18.31 -5.76
N PRO A 63 -22.45 18.99 -5.94
CA PRO A 63 -23.58 18.90 -5.00
C PRO A 63 -24.07 17.47 -4.84
N PHE A 64 -24.72 16.93 -5.86
CA PHE A 64 -25.25 15.58 -5.82
C PHE A 64 -24.25 14.59 -6.40
N LYS A 65 -23.95 13.53 -5.66
CA LYS A 65 -23.01 12.52 -6.11
C LYS A 65 -21.62 13.13 -6.36
N PRO A 66 -20.77 13.16 -5.32
CA PRO A 66 -19.42 13.73 -5.43
C PRO A 66 -18.52 12.86 -6.31
N PRO A 67 -17.32 13.37 -6.65
CA PRO A 67 -16.36 12.64 -7.49
C PRO A 67 -16.08 11.23 -6.96
N LYS A 68 -15.41 10.42 -7.77
CA LYS A 68 -15.08 9.06 -7.39
C LYS A 68 -13.61 8.94 -7.02
N MET A 69 -13.28 7.95 -6.19
CA MET A 69 -11.91 7.72 -5.76
C MET A 69 -11.52 6.26 -5.96
N GLN A 70 -10.33 6.04 -6.52
CA GLN A 70 -9.83 4.68 -6.75
C GLN A 70 -8.35 4.58 -6.40
N PHE A 71 -7.86 3.35 -6.31
CA PHE A 71 -6.46 3.12 -5.97
C PHE A 71 -5.67 2.69 -7.21
N ASP A 72 -4.36 2.95 -7.18
CA ASP A 72 -3.50 2.59 -8.29
C ASP A 72 -2.40 1.63 -7.84
N THR A 73 -1.83 1.90 -6.67
CA THR A 73 -0.77 1.05 -6.12
C THR A 73 -1.28 -0.34 -5.81
N LYS A 74 -2.59 -0.47 -5.66
CA LYS A 74 -3.20 -1.77 -5.36
C LYS A 74 -2.73 -2.30 -4.01
N VAL A 75 -3.67 -2.47 -3.09
CA VAL A 75 -3.36 -2.97 -1.76
C VAL A 75 -3.91 -4.38 -1.54
N TYR A 76 -4.96 -4.72 -2.29
CA TYR A 76 -5.58 -6.04 -2.17
C TYR A 76 -6.22 -6.20 -0.80
N HIS A 77 -7.23 -5.39 -0.52
CA HIS A 77 -7.93 -5.45 0.77
C HIS A 77 -9.44 -5.45 0.56
N PRO A 78 -10.19 -6.06 1.50
CA PRO A 78 -11.66 -6.13 1.41
C PRO A 78 -12.28 -4.75 1.22
N ASN A 79 -11.57 -3.72 1.65
CA ASN A 79 -12.07 -2.35 1.51
C ASN A 79 -11.59 -1.74 0.19
N ILE A 80 -10.31 -1.90 -0.10
CA ILE A 80 -9.73 -1.35 -1.31
C ILE A 80 -9.16 -2.45 -2.20
N SER A 81 -9.87 -2.76 -3.27
CA SER A 81 -9.44 -3.79 -4.21
C SER A 81 -10.43 -3.91 -5.38
N SER A 82 -11.60 -4.48 -5.08
CA SER A 82 -12.64 -4.66 -6.10
C SER A 82 -12.09 -5.41 -7.32
N VAL A 83 -11.51 -4.66 -8.25
CA VAL A 83 -10.94 -5.25 -9.46
C VAL A 83 -9.75 -4.44 -9.97
N THR A 84 -9.92 -3.12 -10.01
CA THR A 84 -8.86 -2.23 -10.46
C THR A 84 -8.35 -1.36 -9.32
N GLY A 85 -9.26 -0.98 -8.42
CA GLY A 85 -8.89 -0.15 -7.28
C GLY A 85 -10.05 0.68 -6.76
N ALA A 86 -11.12 0.00 -6.37
CA ALA A 86 -12.31 0.68 -5.85
C ALA A 86 -12.29 0.72 -4.33
N ILE A 87 -13.05 1.65 -3.76
CA ILE A 87 -13.11 1.81 -2.31
C ILE A 87 -14.50 2.25 -1.86
N CYS A 88 -14.79 2.04 -0.58
CA CYS A 88 -16.07 2.44 -0.01
C CYS A 88 -15.85 3.51 1.04
N LEU A 89 -16.01 4.77 0.63
CA LEU A 89 -15.81 5.90 1.53
C LEU A 89 -16.99 6.86 1.49
N ASP A 90 -16.79 8.06 2.02
CA ASP A 90 -17.85 9.07 2.05
C ASP A 90 -18.09 9.68 0.67
N ILE A 91 -17.02 9.88 -0.09
CA ILE A 91 -17.13 10.46 -1.42
C ILE A 91 -17.21 9.38 -2.50
N LEU A 92 -17.90 8.29 -2.18
CA LEU A 92 -18.06 7.19 -3.12
C LEU A 92 -19.40 6.48 -2.93
N ARG A 93 -19.74 6.21 -1.66
CA ARG A 93 -21.00 5.54 -1.35
C ARG A 93 -21.73 6.27 -0.21
N ASN A 94 -23.04 6.47 -0.40
CA ASN A 94 -23.86 7.14 0.60
C ASN A 94 -23.48 8.61 0.72
N ALA A 95 -22.30 8.89 1.24
CA ALA A 95 -21.82 10.25 1.40
C ALA A 95 -22.70 11.03 2.37
N TRP A 96 -22.08 11.86 3.20
CA TRP A 96 -22.80 12.66 4.18
C TRP A 96 -22.75 14.14 3.82
N SER A 97 -21.56 14.61 3.46
CA SER A 97 -21.38 16.01 3.08
C SER A 97 -21.13 16.14 1.57
N PRO A 98 -21.84 17.06 0.90
CA PRO A 98 -21.68 17.27 -0.55
C PRO A 98 -20.23 17.53 -0.95
N VAL A 99 -19.41 17.95 0.01
CA VAL A 99 -18.01 18.23 -0.26
C VAL A 99 -17.10 17.19 0.38
N ILE A 100 -16.74 17.40 1.65
CA ILE A 100 -15.87 16.48 2.39
C ILE A 100 -14.40 16.73 2.10
N THR A 101 -14.11 17.42 1.00
CA THR A 101 -12.74 17.73 0.61
C THR A 101 -11.92 16.45 0.42
N LEU A 102 -10.85 16.55 -0.36
CA LEU A 102 -9.98 15.41 -0.62
C LEU A 102 -9.22 14.99 0.65
N LYS A 103 -9.02 15.96 1.55
CA LYS A 103 -8.32 15.69 2.80
C LYS A 103 -8.93 14.50 3.53
N SER A 104 -10.25 14.51 3.66
CA SER A 104 -10.97 13.43 4.34
C SER A 104 -10.92 12.15 3.51
N ALA A 105 -10.88 12.32 2.19
CA ALA A 105 -10.83 11.17 1.28
C ALA A 105 -9.53 10.40 1.42
N LEU A 106 -8.41 11.12 1.49
CA LEU A 106 -7.10 10.49 1.61
C LEU A 106 -6.89 9.90 3.01
N ILE A 107 -7.11 10.71 4.03
CA ILE A 107 -6.95 10.25 5.41
C ILE A 107 -7.87 9.08 5.72
N SER A 108 -9.01 9.02 5.04
CA SER A 108 -9.96 7.94 5.25
C SER A 108 -9.49 6.63 4.62
N LEU A 109 -8.85 6.75 3.45
CA LEU A 109 -8.36 5.58 2.75
C LEU A 109 -7.21 4.92 3.51
N GLN A 110 -6.42 5.74 4.20
CA GLN A 110 -5.29 5.24 4.98
C GLN A 110 -5.77 4.52 6.23
N ALA A 111 -6.72 5.13 6.94
CA ALA A 111 -7.26 4.55 8.16
C ALA A 111 -8.00 3.24 7.87
N LEU A 112 -8.59 3.15 6.69
CA LEU A 112 -9.31 1.95 6.29
C LEU A 112 -8.41 0.72 6.30
N LEU A 113 -7.22 0.87 5.72
CA LEU A 113 -6.26 -0.22 5.66
C LEU A 113 -5.88 -0.70 7.07
N GLN A 114 -5.81 0.25 8.00
CA GLN A 114 -5.46 -0.07 9.38
C GLN A 114 -6.70 -0.21 10.25
N SER A 115 -7.78 -0.74 9.66
CA SER A 115 -9.03 -0.92 10.39
C SER A 115 -9.70 -2.24 9.99
N PRO A 116 -9.38 -3.33 10.71
CA PRO A 116 -9.96 -4.65 10.43
C PRO A 116 -11.45 -4.72 10.76
N GLU A 117 -12.28 -4.67 9.72
CA GLU A 117 -13.72 -4.72 9.89
C GLU A 117 -14.38 -5.34 8.66
N PRO A 118 -14.13 -6.64 8.41
CA PRO A 118 -14.71 -7.35 7.26
C PRO A 118 -16.17 -7.71 7.48
N ASN A 119 -17.00 -6.70 7.74
CA ASN A 119 -18.43 -6.92 7.97
C ASN A 119 -19.21 -6.74 6.67
N ASP A 120 -18.90 -5.67 5.94
CA ASP A 120 -19.58 -5.39 4.68
C ASP A 120 -18.58 -4.89 3.64
N PRO A 121 -17.61 -5.73 3.25
CA PRO A 121 -16.59 -5.36 2.26
C PRO A 121 -17.19 -5.14 0.87
N GLN A 122 -16.33 -4.98 -0.12
CA GLN A 122 -16.76 -4.76 -1.49
C GLN A 122 -16.64 -6.06 -2.30
N ASP A 123 -15.65 -6.87 -1.97
CA ASP A 123 -15.43 -8.14 -2.65
C ASP A 123 -15.89 -9.30 -1.80
N ALA A 124 -16.72 -10.16 -2.37
CA ALA A 124 -17.25 -11.32 -1.67
C ALA A 124 -16.18 -12.41 -1.52
N GLU A 125 -15.37 -12.58 -2.57
CA GLU A 125 -14.32 -13.58 -2.57
C GLU A 125 -13.22 -13.21 -1.58
N VAL A 126 -12.96 -11.92 -1.44
CA VAL A 126 -11.93 -11.44 -0.53
C VAL A 126 -12.35 -11.64 0.93
N ALA A 127 -13.60 -11.31 1.23
CA ALA A 127 -14.12 -11.44 2.59
C ALA A 127 -14.19 -12.91 3.01
N GLN A 128 -14.48 -13.79 2.05
CA GLN A 128 -14.56 -15.21 2.32
C GLN A 128 -13.20 -15.78 2.71
N HIS A 129 -12.18 -15.41 1.94
CA HIS A 129 -10.82 -15.88 2.20
C HIS A 129 -10.26 -15.25 3.47
N TYR A 130 -10.66 -14.02 3.74
CA TYR A 130 -10.20 -13.30 4.91
C TYR A 130 -10.84 -13.85 6.19
N LEU A 131 -12.01 -14.46 6.04
CA LEU A 131 -12.73 -15.03 7.17
C LEU A 131 -12.28 -16.46 7.44
N ARG A 132 -11.98 -17.19 6.37
CA ARG A 132 -11.54 -18.58 6.49
C ARG A 132 -10.04 -18.66 6.75
N ASP A 133 -9.25 -18.26 5.77
CA ASP A 133 -7.80 -18.29 5.88
C ASP A 133 -7.22 -16.88 5.87
N ARG A 134 -7.14 -16.26 7.05
CA ARG A 134 -6.61 -14.91 7.16
C ARG A 134 -5.09 -14.93 7.29
N GLU A 135 -4.57 -15.96 7.95
CA GLU A 135 -3.13 -16.11 8.14
C GLU A 135 -2.43 -16.38 6.82
N SER A 136 -3.15 -17.00 5.89
CA SER A 136 -2.59 -17.32 4.58
C SER A 136 -2.57 -16.09 3.67
N PHE A 137 -3.62 -15.28 3.75
CA PHE A 137 -3.73 -14.07 2.95
C PHE A 137 -2.96 -12.92 3.59
N ASN A 138 -3.05 -12.82 4.90
CA ASN A 138 -2.37 -11.74 5.63
C ASN A 138 -0.87 -11.80 5.41
N LYS A 139 -0.34 -13.02 5.23
CA LYS A 139 1.08 -13.20 5.01
C LYS A 139 1.50 -12.65 3.64
N THR A 140 0.73 -13.00 2.62
CA THR A 140 1.03 -12.53 1.27
C THR A 140 0.70 -11.05 1.11
N ALA A 141 -0.29 -10.58 1.86
CA ALA A 141 -0.69 -9.18 1.80
C ALA A 141 0.45 -8.26 2.18
N ALA A 142 1.25 -8.68 3.16
CA ALA A 142 2.39 -7.89 3.60
C ALA A 142 3.46 -7.79 2.52
N LEU A 143 3.77 -8.92 1.91
CA LEU A 143 4.79 -8.98 0.85
C LEU A 143 4.38 -8.10 -0.32
N TRP A 144 3.12 -8.19 -0.74
CA TRP A 144 2.61 -7.41 -1.85
C TRP A 144 2.94 -5.93 -1.69
N THR A 145 2.67 -5.39 -0.51
CA THR A 145 2.93 -3.98 -0.23
C THR A 145 4.44 -3.70 -0.24
N ARG A 146 5.23 -4.70 0.12
CA ARG A 146 6.68 -4.57 0.18
C ARG A 146 7.29 -4.38 -1.21
N LEU A 147 7.02 -5.33 -2.11
CA LEU A 147 7.58 -5.27 -3.46
C LEU A 147 6.66 -4.52 -4.44
N TYR A 148 5.63 -3.87 -3.93
CA TYR A 148 4.72 -3.12 -4.80
C TYR A 148 4.44 -1.73 -4.25
N ALA A 149 4.32 -1.61 -2.93
CA ALA A 149 4.07 -0.32 -2.29
C ALA A 149 5.37 0.35 -1.85
N SER A 150 6.47 0.00 -2.51
CA SER A 150 7.77 0.57 -2.18
C SER A 150 8.15 0.26 -0.74
N GLU A 151 9.45 0.32 -0.45
CA GLU A 151 9.94 0.05 0.90
C GLU A 151 10.54 1.32 1.51
N THR A 152 10.19 1.57 2.77
CA THR A 152 10.69 2.74 3.49
C THR A 152 12.20 2.68 3.66
N SER A 153 12.92 3.43 2.84
CA SER A 153 14.38 3.45 2.90
C SER A 153 14.91 4.88 2.79
N ASN A 154 16.22 5.03 2.91
CA ASN A 154 16.85 6.34 2.82
C ASN A 154 17.64 6.49 1.53
N GLY A 155 17.60 7.69 0.94
CA GLY A 155 18.31 7.93 -0.30
C GLY A 155 17.38 8.04 -1.49
N GLN A 156 17.84 7.55 -2.64
CA GLN A 156 17.05 7.60 -3.86
C GLN A 156 17.07 6.25 -4.58
N LYS A 157 18.26 5.68 -4.68
CA LYS A 157 18.41 4.39 -5.36
C LYS A 157 17.88 3.25 -4.50
N GLY A 158 17.77 2.06 -5.08
CA GLY A 158 17.28 0.91 -4.34
C GLY A 158 15.92 0.45 -4.85
N ASN A 159 15.92 -0.16 -6.04
CA ASN A 159 14.68 -0.66 -6.64
C ASN A 159 14.74 -2.18 -6.81
N VAL A 160 13.76 -2.71 -7.52
CA VAL A 160 13.69 -4.15 -7.76
C VAL A 160 14.70 -4.59 -8.82
N GLU A 161 15.35 -3.62 -9.44
CA GLU A 161 16.35 -3.90 -10.46
C GLU A 161 17.65 -3.17 -10.18
N GLU A 162 18.75 -3.91 -10.10
CA GLU A 162 20.05 -3.32 -9.82
C GLU A 162 20.90 -3.25 -11.10
N SER A 163 20.27 -2.81 -12.19
CA SER A 163 20.97 -2.69 -13.47
C SER A 163 20.84 -1.28 -14.04
N ASP A 164 21.83 -0.45 -13.77
CA ASP A 164 21.84 0.93 -14.26
C ASP A 164 23.25 1.38 -14.61
N LEU A 165 23.34 2.55 -15.24
CA LEU A 165 24.63 3.09 -15.65
C LEU A 165 25.26 3.92 -14.52
N TYR A 166 26.57 3.83 -14.39
CA TYR A 166 27.29 4.57 -13.35
C TYR A 166 27.83 5.89 -13.90
N GLY A 167 28.55 6.62 -13.06
CA GLY A 167 29.11 7.89 -13.48
C GLY A 167 30.13 8.43 -12.47
N ILE A 168 31.20 7.67 -12.25
CA ILE A 168 32.23 8.08 -11.31
C ILE A 168 33.62 7.82 -11.89
N ASP A 169 34.13 8.78 -12.66
CA ASP A 169 35.45 8.65 -13.27
C ASP A 169 35.97 10.00 -13.73
N HIS A 170 35.39 10.51 -14.79
CA HIS A 170 35.81 11.79 -15.36
C HIS A 170 35.11 12.96 -14.66
N ASP A 171 33.95 12.71 -14.07
CA ASP A 171 33.22 13.76 -13.37
C ASP A 171 33.99 14.18 -12.12
N LEU A 172 34.39 13.20 -11.32
CA LEU A 172 35.16 13.46 -10.12
C LEU A 172 36.56 13.95 -10.53
N ILE A 173 37.01 13.47 -11.69
CA ILE A 173 38.30 13.84 -12.22
C ILE A 173 38.26 15.29 -12.68
N ASP A 174 37.12 15.68 -13.26
CA ASP A 174 36.93 17.04 -13.75
C ASP A 174 37.18 18.05 -12.63
N GLU A 175 36.88 17.64 -11.39
CA GLU A 175 37.08 18.51 -10.24
C GLU A 175 38.57 18.78 -10.02
N PHE A 176 39.36 17.72 -9.90
CA PHE A 176 40.80 17.88 -9.70
C PHE A 176 41.45 18.42 -10.96
N GLU A 177 40.95 17.99 -12.11
CA GLU A 177 41.49 18.42 -13.38
C GLU A 177 41.69 19.94 -13.41
N SER A 178 40.64 20.66 -13.06
CA SER A 178 40.69 22.12 -13.03
C SER A 178 41.05 22.61 -11.63
N GLN A 179 40.58 21.87 -10.61
CA GLN A 179 40.85 22.22 -9.23
C GLN A 179 41.49 21.04 -8.50
N GLY A 180 42.73 20.74 -8.87
CA GLY A 180 43.44 19.64 -8.24
C GLY A 180 44.31 18.87 -9.23
N PHE A 181 44.94 19.61 -10.15
CA PHE A 181 45.81 19.02 -11.17
C PHE A 181 45.02 18.26 -12.23
N GLU A 182 45.55 18.26 -13.45
CA GLU A 182 44.92 17.59 -14.59
C GLU A 182 44.50 16.15 -14.28
N LYS A 183 43.94 15.51 -15.30
CA LYS A 183 43.45 14.14 -15.20
C LYS A 183 44.58 13.16 -14.83
N ASP A 184 45.72 13.31 -15.48
CA ASP A 184 46.86 12.42 -15.23
C ASP A 184 47.18 12.32 -13.74
N LYS A 185 47.20 13.46 -13.06
CA LYS A 185 47.49 13.48 -11.63
C LYS A 185 46.45 12.69 -10.84
N ILE A 186 45.19 12.98 -11.11
CA ILE A 186 44.08 12.31 -10.43
C ILE A 186 44.15 10.80 -10.63
N VAL A 187 44.31 10.37 -11.87
CA VAL A 187 44.37 8.94 -12.18
C VAL A 187 45.35 8.23 -11.24
N GLU A 188 46.52 8.82 -11.06
CA GLU A 188 47.53 8.25 -10.18
C GLU A 188 46.99 8.06 -8.76
N VAL A 189 46.15 9.00 -8.33
CA VAL A 189 45.56 8.94 -7.00
C VAL A 189 44.25 8.14 -6.98
N LEU A 190 43.60 8.05 -8.13
CA LEU A 190 42.33 7.32 -8.22
C LEU A 190 42.56 5.81 -8.21
N ARG A 191 43.45 5.34 -9.08
CA ARG A 191 43.74 3.92 -9.19
C ARG A 191 44.12 3.29 -7.85
N ARG A 192 45.04 3.93 -7.12
CA ARG A 192 45.47 3.37 -5.83
C ARG A 192 44.26 3.14 -4.93
N LEU A 193 43.46 4.18 -4.72
CA LEU A 193 42.28 4.06 -3.87
C LEU A 193 41.14 3.37 -4.62
N GLY A 194 40.48 4.11 -5.50
CA GLY A 194 39.38 3.56 -6.25
C GLY A 194 38.02 3.96 -5.70
N VAL A 195 37.98 5.10 -5.00
CA VAL A 195 36.76 5.59 -4.41
C VAL A 195 35.71 5.89 -5.48
N LYS A 196 34.45 5.96 -5.06
CA LYS A 196 33.35 6.23 -5.99
C LYS A 196 32.25 7.04 -5.30
N SER A 197 31.87 6.59 -4.10
CA SER A 197 30.83 7.26 -3.33
C SER A 197 31.43 8.33 -2.43
N LEU A 198 31.48 9.57 -2.94
CA LEU A 198 32.03 10.68 -2.18
C LEU A 198 30.97 11.29 -1.26
N ASP A 199 31.39 11.64 -0.05
CA ASP A 199 30.47 12.23 0.92
C ASP A 199 30.92 13.64 1.29
N PRO A 200 30.09 14.66 1.00
CA PRO A 200 30.41 16.06 1.31
C PRO A 200 30.49 16.31 2.82
N ASN A 201 29.78 15.50 3.58
CA ASN A 201 29.76 15.63 5.04
C ASN A 201 31.09 15.19 5.63
N ASP A 202 31.77 14.27 4.95
CA ASP A 202 33.05 13.77 5.42
C ASP A 202 34.21 14.56 4.83
N ASN A 203 34.32 14.54 3.50
CA ASN A 203 35.38 15.26 2.81
C ASN A 203 36.76 14.78 3.27
N ASN A 204 36.84 13.49 3.62
CA ASN A 204 38.09 12.90 4.07
C ASN A 204 38.80 12.18 2.92
N THR A 205 38.03 11.71 1.96
CA THR A 205 38.59 11.00 0.80
C THR A 205 39.42 11.95 -0.05
N ALA A 206 38.84 13.09 -0.41
CA ALA A 206 39.52 14.08 -1.23
C ALA A 206 40.85 14.49 -0.61
N ASN A 207 40.86 14.69 0.71
CA ASN A 207 42.07 15.11 1.40
C ASN A 207 43.25 14.22 1.01
N ARG A 208 43.09 12.91 1.18
CA ARG A 208 44.14 11.97 0.80
C ARG A 208 44.36 12.01 -0.71
N ILE A 209 43.29 12.35 -1.44
CA ILE A 209 43.35 12.44 -2.88
C ILE A 209 44.24 13.60 -3.33
N ILE A 210 43.91 14.80 -2.88
CA ILE A 210 44.68 15.97 -3.24
C ILE A 210 46.11 15.85 -2.76
N GLU A 211 46.29 15.14 -1.65
CA GLU A 211 47.62 14.93 -1.08
C GLU A 211 48.60 14.50 -2.16
N GLU A 212 48.27 13.41 -2.85
CA GLU A 212 49.12 12.90 -3.92
C GLU A 212 48.98 13.76 -5.18
N LEU A 213 47.79 14.32 -5.38
CA LEU A 213 47.52 15.17 -6.54
C LEU A 213 48.63 16.22 -6.73
N LEU A 214 49.02 16.86 -5.64
CA LEU A 214 50.05 17.90 -5.69
C LEU A 214 51.47 17.33 -5.69
N LYS A 215 51.63 16.06 -6.05
CA LYS A 215 52.94 15.45 -6.10
C LYS A 215 52.98 14.28 -7.07
N SER A 1 -10.88 29.77 -15.33
CA SER A 1 -10.95 28.45 -14.66
C SER A 1 -11.47 28.57 -13.24
N SER A 2 -12.75 28.91 -13.11
CA SER A 2 -13.37 29.06 -11.80
C SER A 2 -13.57 27.71 -11.12
N ARG A 3 -13.79 26.68 -11.93
CA ARG A 3 -14.00 25.34 -11.41
C ARG A 3 -12.68 24.71 -10.97
N ALA A 4 -11.63 24.94 -11.77
CA ALA A 4 -10.31 24.40 -11.46
C ALA A 4 -9.78 24.97 -10.15
N LYS A 5 -10.10 26.24 -9.89
CA LYS A 5 -9.65 26.91 -8.68
C LYS A 5 -10.20 26.22 -7.44
N ARG A 6 -11.39 25.62 -7.57
CA ARG A 6 -12.03 24.93 -6.45
C ARG A 6 -11.15 23.79 -5.95
N ILE A 7 -10.52 23.08 -6.88
CA ILE A 7 -9.65 21.96 -6.53
C ILE A 7 -8.34 22.46 -5.92
N MET A 8 -7.82 23.55 -6.47
CA MET A 8 -6.57 24.13 -5.98
C MET A 8 -6.66 24.47 -4.50
N LYS A 9 -7.86 24.81 -4.04
CA LYS A 9 -8.08 25.16 -2.65
C LYS A 9 -7.78 23.98 -1.74
N GLU A 10 -8.30 22.80 -2.11
CA GLU A 10 -8.08 21.59 -1.32
C GLU A 10 -6.61 21.21 -1.31
N ILE A 11 -5.94 21.38 -2.45
CA ILE A 11 -4.53 21.05 -2.57
C ILE A 11 -3.67 22.00 -1.74
N GLN A 12 -4.18 23.20 -1.50
CA GLN A 12 -3.45 24.18 -0.70
C GLN A 12 -3.44 23.80 0.77
N ALA A 13 -4.64 23.60 1.34
CA ALA A 13 -4.76 23.22 2.75
C ALA A 13 -3.93 21.99 3.06
N VAL A 14 -4.01 20.99 2.18
CA VAL A 14 -3.26 19.75 2.37
C VAL A 14 -1.77 19.98 2.25
N LYS A 15 -1.38 20.97 1.43
CA LYS A 15 0.02 21.30 1.22
C LYS A 15 0.70 21.64 2.54
N ASP A 16 -0.08 22.16 3.48
CA ASP A 16 0.44 22.52 4.79
C ASP A 16 0.70 21.28 5.65
N ASP A 17 0.44 20.10 5.09
CA ASP A 17 0.63 18.84 5.80
C ASP A 17 -0.28 18.76 7.03
N PRO A 18 -1.60 18.88 6.82
CA PRO A 18 -2.58 18.81 7.91
C PRO A 18 -2.81 17.37 8.39
N ALA A 19 -2.78 16.44 7.45
CA ALA A 19 -2.99 15.03 7.78
C ALA A 19 -1.66 14.30 7.97
N ALA A 20 -0.61 15.05 8.25
CA ALA A 20 0.71 14.48 8.47
C ALA A 20 1.30 13.93 7.17
N HIS A 21 2.22 14.68 6.58
CA HIS A 21 2.88 14.28 5.34
C HIS A 21 1.87 13.88 4.27
N ILE A 22 1.37 14.86 3.53
CA ILE A 22 0.40 14.60 2.47
C ILE A 22 0.89 15.21 1.15
N THR A 23 1.04 14.35 0.14
CA THR A 23 1.50 14.80 -1.17
C THR A 23 0.53 14.38 -2.26
N LEU A 24 0.10 15.34 -3.08
CA LEU A 24 -0.83 15.07 -4.17
C LEU A 24 -0.66 16.08 -5.30
N GLU A 25 -0.91 15.63 -6.52
CA GLU A 25 -0.78 16.50 -7.68
C GLU A 25 -1.83 16.14 -8.75
N PHE A 26 -2.18 17.13 -9.57
CA PHE A 26 -3.18 16.92 -10.61
C PHE A 26 -2.50 16.68 -11.96
N VAL A 27 -2.79 15.53 -12.56
CA VAL A 27 -2.21 15.17 -13.85
C VAL A 27 -3.28 15.14 -14.95
N SER A 28 -3.34 16.21 -15.74
CA SER A 28 -4.31 16.30 -16.82
C SER A 28 -3.66 16.75 -18.11
N GLU A 29 -4.45 16.83 -19.18
CA GLU A 29 -3.93 17.25 -20.48
C GLU A 29 -4.57 18.56 -20.92
N SER A 30 -5.86 18.72 -20.64
CA SER A 30 -6.58 19.94 -21.00
C SER A 30 -6.40 21.02 -19.94
N ASP A 31 -6.81 20.70 -18.71
CA ASP A 31 -6.69 21.65 -17.60
C ASP A 31 -6.48 20.92 -16.28
N ILE A 32 -7.53 20.25 -15.81
CA ILE A 32 -7.46 19.51 -14.55
C ILE A 32 -8.71 18.66 -14.34
N HIS A 33 -8.60 17.38 -14.69
CA HIS A 33 -9.72 16.46 -14.54
C HIS A 33 -9.33 15.24 -13.71
N HIS A 34 -8.10 14.77 -13.89
CA HIS A 34 -7.60 13.62 -13.15
C HIS A 34 -6.73 14.05 -11.98
N LEU A 35 -7.04 13.52 -10.80
CA LEU A 35 -6.29 13.86 -9.58
C LEU A 35 -5.54 12.64 -9.06
N LYS A 36 -4.43 12.90 -8.36
CA LYS A 36 -3.62 11.82 -7.79
C LYS A 36 -3.39 12.04 -6.30
N GLY A 37 -3.98 11.17 -5.49
CA GLY A 37 -3.84 11.27 -4.05
C GLY A 37 -2.71 10.41 -3.52
N THR A 38 -1.73 11.05 -2.89
CA THR A 38 -0.59 10.34 -2.32
C THR A 38 -0.35 10.75 -0.88
N PHE A 39 0.23 9.84 -0.09
CA PHE A 39 0.51 10.12 1.30
C PHE A 39 1.47 9.08 1.88
N LEU A 40 2.30 9.51 2.82
CA LEU A 40 3.26 8.61 3.46
C LEU A 40 2.57 7.67 4.43
N GLY A 41 3.10 6.46 4.56
CA GLY A 41 2.51 5.48 5.46
C GLY A 41 3.55 4.70 6.24
N PRO A 42 3.81 5.09 7.50
CA PRO A 42 4.79 4.41 8.35
C PRO A 42 4.38 2.98 8.65
N PRO A 43 5.35 2.11 9.00
CA PRO A 43 5.07 0.71 9.31
C PRO A 43 4.26 0.54 10.60
N GLY A 44 4.33 -0.65 11.18
CA GLY A 44 3.60 -0.92 12.40
C GLY A 44 2.51 -1.96 12.18
N THR A 45 2.47 -2.50 10.96
CA THR A 45 1.47 -3.50 10.61
C THR A 45 1.79 -4.12 9.26
N PRO A 46 1.32 -5.36 9.01
CA PRO A 46 1.56 -6.06 7.74
C PRO A 46 0.95 -5.34 6.55
N TYR A 47 0.03 -4.42 6.82
CA TYR A 47 -0.64 -3.66 5.75
C TYR A 47 0.04 -2.33 5.51
N GLU A 48 0.49 -1.68 6.58
CA GLU A 48 1.16 -0.38 6.46
C GLU A 48 2.66 -0.56 6.30
N GLY A 49 3.31 0.40 5.63
CA GLY A 49 4.73 0.34 5.42
C GLY A 49 5.13 0.69 3.99
N GLY A 50 5.07 1.97 3.67
CA GLY A 50 5.43 2.41 2.32
C GLY A 50 4.54 3.53 1.81
N LYS A 51 4.79 3.95 0.57
CA LYS A 51 4.00 5.03 -0.02
C LYS A 51 2.73 4.48 -0.68
N PHE A 52 1.74 5.34 -0.84
CA PHE A 52 0.47 4.92 -1.45
C PHE A 52 0.07 5.88 -2.56
N VAL A 53 -0.20 5.32 -3.75
CA VAL A 53 -0.59 6.12 -4.90
C VAL A 53 -2.06 5.85 -5.26
N VAL A 54 -2.92 6.81 -4.95
CA VAL A 54 -4.34 6.66 -5.26
C VAL A 54 -4.73 7.43 -6.51
N ASP A 55 -5.05 6.70 -7.58
CA ASP A 55 -5.46 7.32 -8.83
C ASP A 55 -6.88 7.88 -8.69
N ILE A 56 -6.99 9.20 -8.66
CA ILE A 56 -8.29 9.85 -8.49
C ILE A 56 -8.84 10.37 -9.81
N GLU A 57 -10.16 10.41 -9.90
CA GLU A 57 -10.84 10.91 -11.09
C GLU A 57 -12.04 11.76 -10.68
N VAL A 58 -11.90 13.07 -10.81
CA VAL A 58 -12.98 13.98 -10.43
C VAL A 58 -13.66 14.59 -11.66
N PRO A 59 -14.77 13.98 -12.11
CA PRO A 59 -15.51 14.45 -13.28
C PRO A 59 -16.38 15.67 -12.95
N MET A 60 -17.27 16.02 -13.87
CA MET A 60 -18.16 17.16 -13.67
C MET A 60 -19.54 16.70 -13.23
N GLU A 61 -19.82 16.81 -11.94
CA GLU A 61 -21.11 16.41 -11.40
C GLU A 61 -21.61 17.40 -10.36
N TYR A 62 -22.64 17.02 -9.63
CA TYR A 62 -23.21 17.88 -8.58
C TYR A 62 -24.40 17.21 -7.90
N PRO A 63 -25.39 16.72 -8.69
CA PRO A 63 -26.57 16.06 -8.13
C PRO A 63 -26.21 14.85 -7.28
N PHE A 64 -25.21 14.10 -7.72
CA PHE A 64 -24.77 12.91 -7.00
C PHE A 64 -23.58 12.25 -7.69
N LYS A 65 -23.20 11.08 -7.22
CA LYS A 65 -22.08 10.35 -7.80
C LYS A 65 -20.78 11.16 -7.70
N PRO A 66 -20.30 11.39 -6.47
CA PRO A 66 -19.07 12.16 -6.23
C PRO A 66 -17.85 11.47 -6.83
N PRO A 67 -16.68 12.15 -6.83
CA PRO A 67 -15.44 11.59 -7.39
C PRO A 67 -15.08 10.25 -6.76
N LYS A 68 -14.50 9.36 -7.55
CA LYS A 68 -14.12 8.04 -7.06
C LYS A 68 -12.63 7.78 -7.27
N MET A 69 -12.05 6.98 -6.38
CA MET A 69 -10.64 6.64 -6.47
C MET A 69 -10.46 5.18 -6.90
N GLN A 70 -9.25 4.82 -7.29
CA GLN A 70 -8.98 3.44 -7.72
C GLN A 70 -7.49 3.12 -7.65
N PHE A 71 -7.17 1.83 -7.81
CA PHE A 71 -5.79 1.35 -7.78
C PHE A 71 -5.18 1.50 -6.38
N ASP A 72 -4.51 2.62 -6.14
CA ASP A 72 -3.86 2.87 -4.85
C ASP A 72 -3.15 1.64 -4.32
N THR A 73 -1.86 1.56 -4.63
CA THR A 73 -1.02 0.44 -4.20
C THR A 73 -1.75 -0.90 -4.28
N LYS A 74 -2.69 -1.01 -5.23
CA LYS A 74 -3.48 -2.24 -5.42
C LYS A 74 -3.76 -2.95 -4.09
N VAL A 75 -4.23 -2.19 -3.10
CA VAL A 75 -4.53 -2.75 -1.80
C VAL A 75 -5.51 -3.91 -1.90
N TYR A 76 -5.14 -5.04 -1.32
CA TYR A 76 -5.99 -6.23 -1.34
C TYR A 76 -6.70 -6.41 0.00
N HIS A 77 -7.85 -5.76 0.15
CA HIS A 77 -8.62 -5.85 1.39
C HIS A 77 -10.11 -5.97 1.09
N PRO A 78 -10.86 -6.66 1.95
CA PRO A 78 -12.31 -6.85 1.78
C PRO A 78 -13.06 -5.51 1.74
N ASN A 79 -12.41 -4.46 2.23
CA ASN A 79 -13.02 -3.14 2.26
C ASN A 79 -12.63 -2.34 1.02
N ILE A 80 -11.36 -2.42 0.65
CA ILE A 80 -10.86 -1.69 -0.50
C ILE A 80 -10.41 -2.64 -1.61
N SER A 81 -10.75 -2.28 -2.85
CA SER A 81 -10.38 -3.09 -4.02
C SER A 81 -11.18 -4.39 -4.06
N SER A 82 -12.16 -4.44 -4.94
CA SER A 82 -12.99 -5.64 -5.10
C SER A 82 -12.57 -6.42 -6.33
N VAL A 83 -12.13 -5.70 -7.35
CA VAL A 83 -11.69 -6.33 -8.59
C VAL A 83 -10.61 -5.48 -9.28
N THR A 84 -10.85 -4.18 -9.34
CA THR A 84 -9.90 -3.26 -9.96
C THR A 84 -9.28 -2.33 -8.92
N GLY A 85 -10.06 -1.99 -7.89
CA GLY A 85 -9.56 -1.11 -6.85
C GLY A 85 -10.63 -0.17 -6.32
N ALA A 86 -11.84 -0.69 -6.13
CA ALA A 86 -12.94 0.13 -5.62
C ALA A 86 -12.89 0.24 -4.11
N ILE A 87 -12.98 1.47 -3.61
CA ILE A 87 -12.96 1.72 -2.17
C ILE A 87 -14.35 1.73 -1.58
N CYS A 88 -14.41 1.70 -0.25
CA CYS A 88 -15.68 1.73 0.46
C CYS A 88 -15.66 2.85 1.49
N LEU A 89 -16.21 4.01 1.13
CA LEU A 89 -16.22 5.15 2.03
C LEU A 89 -17.56 5.88 1.97
N ASP A 90 -17.57 7.13 2.47
CA ASP A 90 -18.79 7.94 2.48
C ASP A 90 -18.94 8.72 1.17
N ILE A 91 -18.22 8.29 0.13
CA ILE A 91 -18.29 8.95 -1.17
C ILE A 91 -18.33 7.92 -2.29
N LEU A 92 -18.60 6.66 -1.92
CA LEU A 92 -18.67 5.57 -2.90
C LEU A 92 -20.08 5.01 -2.97
N ARG A 93 -20.70 5.15 -4.14
CA ARG A 93 -22.05 4.65 -4.36
C ARG A 93 -23.04 5.36 -3.43
N ASN A 94 -23.85 6.24 -4.00
CA ASN A 94 -24.84 6.98 -3.24
C ASN A 94 -24.16 7.89 -2.21
N ALA A 95 -23.79 7.31 -1.06
CA ALA A 95 -23.13 8.06 0.00
C ALA A 95 -23.84 9.38 0.28
N TRP A 96 -23.19 10.24 1.06
CA TRP A 96 -23.75 11.54 1.40
C TRP A 96 -22.82 12.67 0.98
N SER A 97 -23.16 13.90 1.36
CA SER A 97 -22.36 15.06 1.02
C SER A 97 -22.19 15.19 -0.50
N PRO A 98 -23.00 16.05 -1.14
CA PRO A 98 -22.95 16.25 -2.59
C PRO A 98 -21.63 16.87 -3.07
N VAL A 99 -20.82 17.35 -2.13
CA VAL A 99 -19.54 17.96 -2.48
C VAL A 99 -18.36 17.08 -2.04
N ILE A 100 -18.12 17.05 -0.74
CA ILE A 100 -17.01 16.26 -0.20
C ILE A 100 -15.68 16.70 -0.79
N THR A 101 -14.58 16.31 -0.15
CA THR A 101 -13.25 16.66 -0.61
C THR A 101 -12.38 15.42 -0.80
N LEU A 102 -11.49 15.47 -1.78
CA LEU A 102 -10.61 14.34 -2.07
C LEU A 102 -9.71 14.02 -0.87
N LYS A 103 -9.61 14.96 0.07
CA LYS A 103 -8.79 14.76 1.26
C LYS A 103 -9.46 13.79 2.23
N SER A 104 -10.78 13.84 2.28
CA SER A 104 -11.55 12.97 3.17
C SER A 104 -11.48 11.52 2.69
N ALA A 105 -11.41 11.34 1.38
CA ALA A 105 -11.34 10.01 0.79
C ALA A 105 -10.04 9.30 1.15
N LEU A 106 -8.93 10.03 1.06
CA LEU A 106 -7.61 9.47 1.38
C LEU A 106 -7.44 9.25 2.88
N ILE A 107 -7.70 10.29 3.66
CA ILE A 107 -7.57 10.21 5.12
C ILE A 107 -8.32 9.01 5.68
N SER A 108 -9.52 8.76 5.17
CA SER A 108 -10.34 7.64 5.63
C SER A 108 -9.74 6.31 5.20
N LEU A 109 -9.15 6.29 4.00
CA LEU A 109 -8.55 5.06 3.47
C LEU A 109 -7.46 4.55 4.40
N GLN A 110 -6.75 5.46 5.05
CA GLN A 110 -5.67 5.10 5.96
C GLN A 110 -6.20 4.23 7.10
N ALA A 111 -7.27 4.70 7.75
CA ALA A 111 -7.88 3.97 8.86
C ALA A 111 -8.54 2.68 8.37
N LEU A 112 -9.02 2.71 7.14
CA LEU A 112 -9.69 1.55 6.56
C LEU A 112 -8.73 0.36 6.48
N LEU A 113 -7.47 0.64 6.16
CA LEU A 113 -6.46 -0.40 6.05
C LEU A 113 -6.20 -1.04 7.41
N GLN A 114 -6.20 -0.23 8.46
CA GLN A 114 -5.96 -0.71 9.81
C GLN A 114 -7.27 -0.88 10.57
N SER A 115 -8.29 -1.36 9.88
CA SER A 115 -9.60 -1.56 10.49
C SER A 115 -10.26 -2.84 9.97
N PRO A 116 -9.96 -3.99 10.60
CA PRO A 116 -10.52 -5.29 10.20
C PRO A 116 -12.00 -5.40 10.55
N GLU A 117 -12.85 -5.35 9.52
CA GLU A 117 -14.28 -5.44 9.71
C GLU A 117 -14.95 -6.16 8.55
N PRO A 118 -14.98 -7.51 8.58
CA PRO A 118 -15.58 -8.32 7.53
C PRO A 118 -17.09 -8.44 7.67
N ASN A 119 -17.77 -7.32 7.84
CA ASN A 119 -19.22 -7.30 7.99
C ASN A 119 -19.88 -6.51 6.86
N ASP A 120 -19.30 -5.36 6.54
CA ASP A 120 -19.83 -4.52 5.47
C ASP A 120 -18.78 -4.27 4.40
N PRO A 121 -18.18 -5.35 3.86
CA PRO A 121 -17.15 -5.24 2.83
C PRO A 121 -17.71 -4.79 1.48
N GLN A 122 -16.84 -4.63 0.50
CA GLN A 122 -17.26 -4.20 -0.84
C GLN A 122 -17.70 -5.39 -1.68
N ASP A 123 -17.07 -6.54 -1.45
CA ASP A 123 -17.40 -7.75 -2.19
C ASP A 123 -17.32 -8.97 -1.29
N ALA A 124 -18.27 -9.90 -1.47
CA ALA A 124 -18.31 -11.12 -0.67
C ALA A 124 -17.17 -12.06 -1.04
N GLU A 125 -16.74 -11.98 -2.30
CA GLU A 125 -15.66 -12.83 -2.79
C GLU A 125 -14.36 -12.53 -2.04
N VAL A 126 -14.03 -11.24 -1.94
CA VAL A 126 -12.81 -10.82 -1.26
C VAL A 126 -12.83 -11.24 0.21
N ALA A 127 -13.92 -10.92 0.89
CA ALA A 127 -14.07 -11.27 2.30
C ALA A 127 -13.99 -12.78 2.51
N GLN A 128 -14.35 -13.53 1.48
CA GLN A 128 -14.33 -14.99 1.56
C GLN A 128 -12.93 -15.50 1.91
N HIS A 129 -11.92 -14.89 1.30
CA HIS A 129 -10.53 -15.27 1.55
C HIS A 129 -10.02 -14.69 2.87
N TYR A 130 -10.60 -13.57 3.28
CA TYR A 130 -10.19 -12.90 4.51
C TYR A 130 -10.35 -13.80 5.73
N LEU A 131 -11.57 -14.30 5.94
CA LEU A 131 -11.83 -15.17 7.09
C LEU A 131 -11.43 -16.62 6.80
N ARG A 132 -11.25 -16.96 5.53
CA ARG A 132 -10.88 -18.31 5.14
C ARG A 132 -9.41 -18.58 5.48
N ASP A 133 -8.53 -17.70 5.01
CA ASP A 133 -7.10 -17.83 5.26
C ASP A 133 -6.56 -16.60 5.99
N ARG A 134 -7.06 -16.36 7.19
CA ARG A 134 -6.65 -15.22 8.00
C ARG A 134 -5.13 -15.17 8.18
N GLU A 135 -4.56 -16.26 8.70
CA GLU A 135 -3.12 -16.32 8.94
C GLU A 135 -2.35 -16.45 7.63
N SER A 136 -3.00 -16.95 6.59
CA SER A 136 -2.36 -17.13 5.29
C SER A 136 -2.20 -15.79 4.57
N PHE A 137 -3.27 -15.02 4.52
CA PHE A 137 -3.23 -13.71 3.85
C PHE A 137 -2.34 -12.73 4.59
N ASN A 138 -2.12 -12.98 5.88
CA ASN A 138 -1.29 -12.11 6.70
C ASN A 138 0.08 -11.88 6.07
N LYS A 139 0.77 -12.98 5.78
CA LYS A 139 2.10 -12.92 5.18
C LYS A 139 2.03 -12.46 3.73
N THR A 140 1.13 -13.07 2.96
CA THR A 140 0.96 -12.71 1.56
C THR A 140 0.51 -11.27 1.40
N ALA A 141 -0.15 -10.73 2.42
CA ALA A 141 -0.63 -9.36 2.39
C ALA A 141 0.53 -8.37 2.33
N ALA A 142 1.54 -8.60 3.14
CA ALA A 142 2.71 -7.73 3.19
C ALA A 142 3.55 -7.85 1.92
N LEU A 143 3.37 -8.96 1.19
CA LEU A 143 4.13 -9.18 -0.04
C LEU A 143 3.70 -8.21 -1.14
N TRP A 144 2.39 -8.08 -1.35
CA TRP A 144 1.88 -7.19 -2.39
C TRP A 144 2.11 -5.73 -2.00
N THR A 145 2.10 -5.44 -0.71
CA THR A 145 2.30 -4.08 -0.22
C THR A 145 3.67 -3.57 -0.63
N ARG A 146 4.70 -4.36 -0.38
CA ARG A 146 6.07 -3.98 -0.71
C ARG A 146 6.29 -3.99 -2.23
N LEU A 147 5.52 -4.83 -2.92
CA LEU A 147 5.63 -4.94 -4.38
C LEU A 147 5.31 -3.61 -5.06
N TYR A 148 4.37 -2.86 -4.49
CA TYR A 148 3.97 -1.58 -5.06
C TYR A 148 4.36 -0.41 -4.17
N ALA A 149 4.57 -0.69 -2.88
CA ALA A 149 4.94 0.36 -1.93
C ALA A 149 6.11 1.19 -2.43
N SER A 150 7.01 0.55 -3.17
CA SER A 150 8.17 1.22 -3.73
C SER A 150 9.01 0.26 -4.57
N GLU A 151 9.79 0.83 -5.48
CA GLU A 151 10.64 0.03 -6.36
C GLU A 151 12.10 0.04 -5.87
N THR A 152 12.49 1.14 -5.24
CA THR A 152 13.84 1.28 -4.72
C THR A 152 13.96 0.63 -3.35
N SER A 153 13.67 -0.66 -3.27
CA SER A 153 13.75 -1.39 -2.02
C SER A 153 13.80 -2.89 -2.27
N ASN A 154 12.90 -3.36 -3.14
CA ASN A 154 12.84 -4.79 -3.46
C ASN A 154 13.88 -5.15 -4.52
N GLY A 155 14.18 -6.44 -4.61
CA GLY A 155 15.17 -6.90 -5.58
C GLY A 155 14.98 -8.35 -5.95
N GLN A 156 13.73 -8.79 -6.02
CA GLN A 156 13.41 -10.18 -6.36
C GLN A 156 11.97 -10.30 -6.84
N LYS A 157 11.56 -11.52 -7.15
CA LYS A 157 10.21 -11.78 -7.61
C LYS A 157 9.34 -12.36 -6.49
N GLY A 158 8.15 -12.82 -6.85
CA GLY A 158 7.25 -13.38 -5.85
C GLY A 158 5.83 -13.49 -6.36
N ASN A 159 5.51 -14.60 -7.03
CA ASN A 159 4.17 -14.80 -7.56
C ASN A 159 3.24 -15.36 -6.49
N VAL A 160 1.94 -15.11 -6.66
CA VAL A 160 0.95 -15.59 -5.70
C VAL A 160 0.09 -16.69 -6.31
N GLU A 161 0.00 -17.82 -5.61
CA GLU A 161 -0.78 -18.95 -6.08
C GLU A 161 -1.46 -19.66 -4.90
N GLU A 162 -0.71 -19.89 -3.83
CA GLU A 162 -1.24 -20.55 -2.65
C GLU A 162 -1.58 -22.02 -2.94
N SER A 163 -1.10 -22.53 -4.07
CA SER A 163 -1.35 -23.92 -4.46
C SER A 163 -2.85 -24.23 -4.42
N ASP A 164 -3.49 -24.17 -5.59
CA ASP A 164 -4.91 -24.45 -5.69
C ASP A 164 -5.20 -25.93 -5.41
N LEU A 165 -5.79 -26.20 -4.25
CA LEU A 165 -6.12 -27.57 -3.87
C LEU A 165 -7.54 -27.66 -3.33
N TYR A 166 -8.44 -26.86 -3.89
CA TYR A 166 -9.83 -26.85 -3.47
C TYR A 166 -10.74 -27.46 -4.53
N GLY A 167 -11.85 -28.04 -4.09
CA GLY A 167 -12.78 -28.65 -5.03
C GLY A 167 -13.63 -27.63 -5.75
N ILE A 168 -14.22 -28.05 -6.87
CA ILE A 168 -15.06 -27.15 -7.67
C ILE A 168 -16.48 -27.69 -7.78
N ASP A 169 -17.37 -27.20 -6.92
CA ASP A 169 -18.76 -27.64 -6.93
C ASP A 169 -19.65 -26.63 -6.23
N HIS A 170 -19.28 -26.29 -5.01
CA HIS A 170 -20.04 -25.33 -4.21
C HIS A 170 -19.91 -23.91 -4.75
N ASP A 171 -18.78 -23.61 -5.38
CA ASP A 171 -18.56 -22.28 -5.94
C ASP A 171 -19.50 -22.07 -7.14
N LEU A 172 -19.49 -23.04 -8.03
CA LEU A 172 -20.35 -23.02 -9.20
C LEU A 172 -21.80 -23.17 -8.76
N ILE A 173 -21.98 -23.87 -7.65
CA ILE A 173 -23.29 -24.10 -7.09
C ILE A 173 -23.88 -22.82 -6.52
N ASP A 174 -23.05 -22.08 -5.80
CA ASP A 174 -23.48 -20.83 -5.17
C ASP A 174 -24.10 -19.89 -6.20
N GLU A 175 -23.62 -19.95 -7.43
CA GLU A 175 -24.15 -19.08 -8.48
C GLU A 175 -25.59 -19.45 -8.84
N PHE A 176 -25.82 -20.71 -9.19
CA PHE A 176 -27.15 -21.17 -9.57
C PHE A 176 -28.06 -21.27 -8.36
N GLU A 177 -27.50 -21.60 -7.20
CA GLU A 177 -28.31 -21.76 -6.02
C GLU A 177 -29.04 -20.47 -5.65
N SER A 178 -28.29 -19.37 -5.60
CA SER A 178 -28.86 -18.07 -5.27
C SER A 178 -29.75 -17.54 -6.40
N GLN A 179 -29.43 -17.94 -7.63
CA GLN A 179 -30.20 -17.51 -8.80
C GLN A 179 -31.68 -17.86 -8.64
N GLY A 180 -31.94 -19.05 -8.10
CA GLY A 180 -33.29 -19.50 -7.92
C GLY A 180 -33.38 -21.02 -8.01
N PHE A 181 -32.41 -21.60 -8.70
CA PHE A 181 -32.36 -23.05 -8.86
C PHE A 181 -31.82 -23.70 -7.59
N GLU A 182 -32.22 -24.94 -7.36
CA GLU A 182 -31.79 -25.68 -6.18
C GLU A 182 -30.54 -26.50 -6.46
N LYS A 183 -29.88 -26.94 -5.40
CA LYS A 183 -28.67 -27.75 -5.53
C LYS A 183 -28.84 -28.87 -6.54
N ASP A 184 -29.96 -29.59 -6.44
CA ASP A 184 -30.24 -30.70 -7.34
C ASP A 184 -30.11 -30.26 -8.80
N LYS A 185 -30.31 -28.98 -9.05
CA LYS A 185 -30.22 -28.44 -10.40
C LYS A 185 -28.76 -28.34 -10.85
N ILE A 186 -27.95 -27.67 -10.03
CA ILE A 186 -26.53 -27.50 -10.34
C ILE A 186 -25.83 -28.84 -10.49
N VAL A 187 -26.01 -29.72 -9.52
CA VAL A 187 -25.39 -31.05 -9.55
C VAL A 187 -25.69 -31.78 -10.86
N GLU A 188 -26.98 -31.82 -11.22
CA GLU A 188 -27.41 -32.50 -12.43
C GLU A 188 -26.74 -31.93 -13.68
N VAL A 189 -26.60 -30.61 -13.72
CA VAL A 189 -25.98 -29.95 -14.86
C VAL A 189 -24.46 -29.87 -14.75
N LEU A 190 -23.96 -29.86 -13.52
CA LEU A 190 -22.53 -29.78 -13.27
C LEU A 190 -21.86 -31.12 -13.55
N ARG A 191 -22.36 -32.18 -12.91
CA ARG A 191 -21.81 -33.51 -13.06
C ARG A 191 -21.73 -33.93 -14.52
N ARG A 192 -22.82 -33.76 -15.26
CA ARG A 192 -22.84 -34.15 -16.67
C ARG A 192 -21.65 -33.55 -17.41
N LEU A 193 -21.48 -32.23 -17.32
CA LEU A 193 -20.37 -31.57 -17.99
C LEU A 193 -19.05 -31.84 -17.27
N GLY A 194 -18.87 -31.21 -16.13
CA GLY A 194 -17.65 -31.39 -15.36
C GLY A 194 -16.86 -30.10 -15.21
N VAL A 195 -17.58 -28.99 -15.05
CA VAL A 195 -16.95 -27.68 -14.89
C VAL A 195 -15.88 -27.71 -13.80
N LYS A 196 -14.86 -26.88 -13.96
CA LYS A 196 -13.77 -26.80 -12.99
C LYS A 196 -13.20 -25.38 -12.93
N SER A 197 -12.97 -24.78 -14.09
CA SER A 197 -12.43 -23.43 -14.16
C SER A 197 -13.36 -22.52 -14.95
N LEU A 198 -14.32 -21.90 -14.26
CA LEU A 198 -15.27 -21.00 -14.90
C LEU A 198 -14.84 -19.56 -14.75
N ASP A 199 -15.03 -18.78 -15.80
CA ASP A 199 -14.66 -17.36 -15.79
C ASP A 199 -15.87 -16.47 -16.04
N PRO A 200 -15.85 -15.24 -15.49
CA PRO A 200 -16.96 -14.29 -15.66
C PRO A 200 -17.06 -13.75 -17.08
N ASN A 201 -15.90 -13.66 -17.75
CA ASN A 201 -15.86 -13.17 -19.12
C ASN A 201 -16.42 -14.19 -20.09
N ASP A 202 -16.25 -15.47 -19.77
CA ASP A 202 -16.74 -16.55 -20.61
C ASP A 202 -17.98 -17.20 -20.00
N ASN A 203 -19.15 -16.68 -20.35
CA ASN A 203 -20.41 -17.21 -19.84
C ASN A 203 -21.07 -18.12 -20.87
N ASN A 204 -20.27 -18.92 -21.56
CA ASN A 204 -20.78 -19.84 -22.57
C ASN A 204 -21.21 -21.16 -21.94
N THR A 205 -20.53 -21.55 -20.88
CA THR A 205 -20.84 -22.80 -20.19
C THR A 205 -22.12 -22.67 -19.38
N ALA A 206 -22.21 -21.59 -18.61
CA ALA A 206 -23.38 -21.35 -17.78
C ALA A 206 -24.66 -21.39 -18.60
N ASN A 207 -24.65 -20.69 -19.74
CA ASN A 207 -25.83 -20.65 -20.61
C ASN A 207 -26.35 -22.06 -20.85
N ARG A 208 -25.48 -22.95 -21.33
CA ARG A 208 -25.86 -24.33 -21.58
C ARG A 208 -26.30 -25.00 -20.29
N ILE A 209 -25.73 -24.56 -19.17
CA ILE A 209 -26.06 -25.13 -17.87
C ILE A 209 -27.45 -24.69 -17.41
N ILE A 210 -27.66 -23.37 -17.32
CA ILE A 210 -28.94 -22.85 -16.89
C ILE A 210 -30.07 -23.47 -17.71
N GLU A 211 -29.76 -23.81 -18.95
CA GLU A 211 -30.72 -24.42 -19.84
C GLU A 211 -31.28 -25.69 -19.20
N GLU A 212 -30.39 -26.57 -18.76
CA GLU A 212 -30.78 -27.81 -18.10
C GLU A 212 -31.11 -27.55 -16.63
N LEU A 213 -30.41 -26.58 -16.03
CA LEU A 213 -30.60 -26.22 -14.62
C LEU A 213 -32.07 -26.32 -14.22
N LEU A 214 -32.95 -25.93 -15.13
CA LEU A 214 -34.39 -25.99 -14.87
C LEU A 214 -34.93 -27.35 -15.31
N LYS A 215 -35.32 -27.45 -16.58
CA LYS A 215 -35.85 -28.70 -17.12
C LYS A 215 -34.89 -29.86 -16.89
#